data_8RJX
#
_entry.id   8RJX
#
_entity_poly.entity_id   1
_entity_poly.type   'polypeptide(L)'
_entity_poly.pdbx_seq_one_letter_code
;ENNAQTTNESAGQKVDSSMNKVGNFMDDSAITAKVKAALVDHDNIKSTDISVKTDQKVVTLSGFVESQAQAEEAVKVAKG
VEGVTSVSDKLHVRDAKEGSVKGYAGDTATTSEIKAKLLADDIVPSRHVKVETTDGVVQLSGTVDSQAQSDRAESIAKAV
DGVKSVKNDLKTKGGGHHHHHH
;
_entity_poly.pdbx_strand_id   A
#
# COMPACT_ATOMS: atom_id res chain seq x y z
N GLU A 1 48.57 26.47 45.92
CA GLU A 1 49.62 25.80 46.68
C GLU A 1 50.66 25.19 45.74
N ASN A 2 50.32 24.05 45.18
CA ASN A 2 51.22 23.35 44.27
C ASN A 2 50.43 22.72 43.13
N ASN A 3 51.13 22.08 42.21
CA ASN A 3 50.50 21.44 41.07
C ASN A 3 49.88 20.11 41.48
N ALA A 4 48.68 19.84 40.98
CA ALA A 4 47.99 18.60 41.27
C ALA A 4 47.53 17.92 39.99
N GLN A 5 46.83 18.69 39.15
CA GLN A 5 46.32 18.19 37.86
C GLN A 5 45.32 17.05 38.06
N THR A 6 45.02 16.33 36.99
CA THR A 6 44.07 15.23 37.07
C THR A 6 44.55 14.05 36.24
N THR A 7 44.17 12.85 36.66
CA THR A 7 44.54 11.64 35.96
C THR A 7 43.38 11.17 35.07
N ASN A 8 43.61 11.13 33.77
CA ASN A 8 42.58 10.71 32.83
C ASN A 8 43.16 9.71 31.83
N GLU A 9 42.43 8.65 31.58
CA GLU A 9 42.85 7.61 30.65
C GLU A 9 42.56 8.02 29.20
N SER A 10 42.95 7.16 28.27
CA SER A 10 42.72 7.41 26.86
C SER A 10 42.20 6.15 26.18
N ALA A 11 41.34 6.31 25.19
CA ALA A 11 40.77 5.16 24.49
C ALA A 11 40.87 5.33 22.97
N GLY A 12 41.30 4.28 22.29
CA GLY A 12 41.42 4.31 20.85
C GLY A 12 40.29 3.56 20.18
N GLN A 13 39.21 4.27 19.90
CA GLN A 13 38.04 3.67 19.27
C GLN A 13 38.27 3.43 17.78
N LYS A 14 38.93 4.36 17.12
CA LYS A 14 39.19 4.25 15.69
C LYS A 14 40.63 3.86 15.41
N VAL A 15 40.86 2.56 15.24
CA VAL A 15 42.19 2.04 14.95
C VAL A 15 42.19 1.44 13.54
N ASP A 16 43.36 1.31 12.93
CA ASP A 16 43.46 0.75 11.59
C ASP A 16 43.31 -0.77 11.62
N SER A 17 42.82 -1.33 10.52
CA SER A 17 42.61 -2.75 10.40
C SER A 17 42.54 -3.13 8.92
N SER A 18 43.69 -3.13 8.26
CA SER A 18 43.77 -3.46 6.86
C SER A 18 43.66 -4.97 6.64
N MET A 19 42.43 -5.46 6.64
CA MET A 19 42.17 -6.89 6.44
C MET A 19 41.24 -7.09 5.25
N ASN A 20 41.04 -8.35 4.87
CA ASN A 20 40.17 -8.67 3.74
C ASN A 20 39.50 -10.03 3.92
N LYS A 21 38.95 -10.58 2.85
CA LYS A 21 38.25 -11.85 2.87
C LYS A 21 39.23 -13.04 2.89
N VAL A 22 39.53 -13.54 4.07
CA VAL A 22 40.45 -14.67 4.20
C VAL A 22 39.69 -15.99 4.28
N GLY A 23 38.47 -15.94 4.79
CA GLY A 23 37.66 -17.13 4.90
C GLY A 23 36.32 -16.85 5.58
N ASN A 24 35.49 -16.06 4.90
CA ASN A 24 34.18 -15.70 5.44
C ASN A 24 33.10 -15.95 4.40
N PHE A 25 31.86 -16.12 4.84
CA PHE A 25 30.74 -16.37 3.94
C PHE A 25 30.07 -15.05 3.54
N MET A 26 30.10 -14.75 2.24
CA MET A 26 29.51 -13.52 1.73
C MET A 26 29.10 -13.72 0.28
N ASP A 27 27.95 -14.35 0.10
CA ASP A 27 27.45 -14.64 -1.23
C ASP A 27 26.02 -14.14 -1.43
N ASP A 28 25.04 -14.76 -0.76
CA ASP A 28 23.65 -14.33 -0.88
C ASP A 28 23.47 -13.04 -0.10
N SER A 29 24.17 -12.95 1.01
CA SER A 29 24.12 -11.78 1.87
C SER A 29 24.58 -10.54 1.11
N ALA A 30 25.43 -10.75 0.11
CA ALA A 30 25.94 -9.66 -0.69
C ALA A 30 24.91 -9.16 -1.69
N ILE A 31 23.89 -9.96 -1.97
CA ILE A 31 22.86 -9.58 -2.92
C ILE A 31 21.88 -8.58 -2.30
N THR A 32 21.58 -8.78 -1.02
CA THR A 32 20.66 -7.90 -0.30
C THR A 32 21.22 -6.47 -0.23
N ALA A 33 22.55 -6.36 -0.25
CA ALA A 33 23.24 -5.08 -0.18
C ALA A 33 22.78 -4.12 -1.29
N LYS A 34 22.57 -4.63 -2.49
CA LYS A 34 22.14 -3.78 -3.60
C LYS A 34 20.63 -3.68 -3.64
N VAL A 35 19.95 -4.73 -3.19
CA VAL A 35 18.49 -4.74 -3.17
C VAL A 35 17.92 -3.65 -2.26
N LYS A 36 18.53 -3.46 -1.08
CA LYS A 36 18.06 -2.44 -0.15
C LYS A 36 18.24 -1.04 -0.74
N ALA A 37 19.13 -0.94 -1.72
CA ALA A 37 19.40 0.34 -2.37
C ALA A 37 18.34 0.61 -3.41
N ALA A 38 17.87 -0.46 -4.04
CA ALA A 38 16.84 -0.35 -5.08
C ALA A 38 15.47 -0.07 -4.45
N LEU A 39 15.31 -0.45 -3.19
CA LEU A 39 14.06 -0.25 -2.49
C LEU A 39 13.97 1.18 -1.96
N VAL A 40 15.08 1.69 -1.43
CA VAL A 40 15.11 3.05 -0.89
C VAL A 40 15.16 4.09 -2.01
N ASP A 41 15.62 3.67 -3.18
CA ASP A 41 15.70 4.54 -4.36
C ASP A 41 14.30 4.95 -4.82
N HIS A 42 13.36 4.04 -4.66
CA HIS A 42 12.00 4.27 -5.08
C HIS A 42 11.14 4.87 -3.99
N ASP A 43 10.79 6.14 -4.16
CA ASP A 43 9.92 6.85 -3.22
C ASP A 43 8.59 6.11 -3.08
N ASN A 44 8.17 5.50 -4.19
CA ASN A 44 6.93 4.74 -4.26
C ASN A 44 6.95 3.51 -3.35
N ILE A 45 8.12 3.20 -2.80
CA ILE A 45 8.27 2.04 -1.93
C ILE A 45 8.85 2.42 -0.58
N LYS A 46 8.11 2.13 0.47
CA LYS A 46 8.57 2.44 1.83
C LYS A 46 9.38 1.26 2.38
N SER A 47 10.68 1.28 2.13
CA SER A 47 11.57 0.22 2.59
C SER A 47 11.68 0.18 4.11
N THR A 48 11.10 1.18 4.77
CA THR A 48 11.12 1.26 6.23
C THR A 48 10.40 0.09 6.86
N ASP A 49 9.33 -0.36 6.21
CA ASP A 49 8.52 -1.46 6.70
C ASP A 49 8.74 -2.71 5.86
N ILE A 50 9.84 -2.72 5.12
CA ILE A 50 10.16 -3.85 4.26
C ILE A 50 11.46 -4.52 4.66
N SER A 51 11.38 -5.81 4.91
CA SER A 51 12.55 -6.59 5.29
C SER A 51 13.06 -7.39 4.10
N VAL A 52 14.25 -7.02 3.65
CA VAL A 52 14.89 -7.71 2.53
C VAL A 52 15.88 -8.74 3.04
N LYS A 53 15.89 -9.91 2.43
CA LYS A 53 16.78 -10.98 2.83
C LYS A 53 16.97 -11.95 1.66
N THR A 54 18.19 -12.35 1.43
CA THR A 54 18.50 -13.28 0.36
C THR A 54 18.83 -14.66 0.92
N ASP A 55 18.14 -15.66 0.42
CA ASP A 55 18.34 -17.03 0.84
C ASP A 55 18.44 -17.91 -0.39
N GLN A 56 19.64 -18.42 -0.64
CA GLN A 56 19.91 -19.29 -1.77
C GLN A 56 19.62 -18.58 -3.10
N LYS A 57 20.21 -17.37 -3.23
CA LYS A 57 20.06 -16.54 -4.45
C LYS A 57 18.62 -16.09 -4.65
N VAL A 58 17.79 -16.26 -3.65
CA VAL A 58 16.40 -15.87 -3.71
C VAL A 58 16.14 -14.76 -2.69
N VAL A 59 15.74 -13.60 -3.19
CA VAL A 59 15.46 -12.46 -2.32
C VAL A 59 14.00 -12.48 -1.85
N THR A 60 13.82 -12.58 -0.54
CA THR A 60 12.48 -12.58 0.04
C THR A 60 12.09 -11.19 0.53
N LEU A 61 10.95 -10.71 0.07
CA LEU A 61 10.44 -9.41 0.44
C LEU A 61 9.26 -9.58 1.38
N SER A 62 9.44 -9.21 2.64
CA SER A 62 8.37 -9.34 3.61
C SER A 62 8.26 -8.08 4.45
N GLY A 63 7.04 -7.68 4.71
CA GLY A 63 6.79 -6.49 5.49
C GLY A 63 5.38 -5.96 5.27
N PHE A 64 5.22 -4.66 5.40
CA PHE A 64 3.90 -4.04 5.21
C PHE A 64 3.99 -2.84 4.27
N VAL A 65 3.18 -2.86 3.23
CA VAL A 65 3.16 -1.78 2.26
C VAL A 65 1.85 -1.02 2.36
N GLU A 66 1.77 0.10 1.67
CA GLU A 66 0.58 0.93 1.69
C GLU A 66 -0.45 0.39 0.69
N SER A 67 0.02 -0.02 -0.48
CA SER A 67 -0.86 -0.55 -1.51
C SER A 67 -0.21 -1.73 -2.21
N GLN A 68 -0.95 -2.33 -3.15
CA GLN A 68 -0.46 -3.46 -3.91
C GLN A 68 0.72 -3.04 -4.78
N ALA A 69 0.55 -1.90 -5.46
CA ALA A 69 1.58 -1.36 -6.33
C ALA A 69 2.91 -1.19 -5.61
N GLN A 70 2.85 -0.80 -4.34
CA GLN A 70 4.05 -0.62 -3.54
C GLN A 70 4.83 -1.92 -3.46
N ALA A 71 4.11 -3.01 -3.28
CA ALA A 71 4.73 -4.32 -3.21
C ALA A 71 5.16 -4.80 -4.59
N GLU A 72 4.32 -4.58 -5.59
CA GLU A 72 4.61 -5.00 -6.97
C GLU A 72 5.89 -4.34 -7.49
N GLU A 73 6.11 -3.09 -7.10
CA GLU A 73 7.31 -2.37 -7.53
C GLU A 73 8.52 -2.86 -6.75
N ALA A 74 8.30 -3.27 -5.49
CA ALA A 74 9.36 -3.76 -4.62
C ALA A 74 10.00 -5.02 -5.20
N VAL A 75 9.16 -5.97 -5.62
CA VAL A 75 9.66 -7.22 -6.18
C VAL A 75 10.38 -6.99 -7.50
N LYS A 76 10.00 -5.92 -8.20
CA LYS A 76 10.61 -5.60 -9.47
C LYS A 76 12.01 -5.03 -9.28
N VAL A 77 12.14 -4.07 -8.36
CA VAL A 77 13.43 -3.46 -8.09
C VAL A 77 14.40 -4.45 -7.46
N ALA A 78 13.87 -5.40 -6.69
CA ALA A 78 14.69 -6.42 -6.05
C ALA A 78 15.30 -7.34 -7.10
N LYS A 79 14.49 -7.70 -8.10
CA LYS A 79 14.93 -8.57 -9.17
C LYS A 79 15.71 -7.78 -10.22
N GLY A 80 15.78 -6.47 -10.03
CA GLY A 80 16.50 -5.62 -10.96
C GLY A 80 18.00 -5.66 -10.74
N VAL A 81 18.41 -6.01 -9.52
CA VAL A 81 19.81 -6.09 -9.19
C VAL A 81 20.43 -7.38 -9.73
N GLU A 82 21.71 -7.32 -10.10
CA GLU A 82 22.39 -8.50 -10.62
C GLU A 82 22.81 -9.42 -9.48
N GLY A 83 22.59 -10.71 -9.65
CA GLY A 83 22.96 -11.67 -8.64
C GLY A 83 21.77 -12.45 -8.12
N VAL A 84 20.61 -11.80 -8.06
CA VAL A 84 19.40 -12.45 -7.59
C VAL A 84 18.83 -13.36 -8.67
N THR A 85 18.53 -14.60 -8.31
CA THR A 85 17.97 -15.55 -9.25
C THR A 85 16.45 -15.50 -9.23
N SER A 86 15.88 -15.41 -8.04
CA SER A 86 14.43 -15.37 -7.89
C SER A 86 14.03 -14.46 -6.72
N VAL A 87 12.80 -13.96 -6.76
CA VAL A 87 12.29 -13.09 -5.70
C VAL A 87 10.99 -13.65 -5.14
N SER A 88 10.90 -13.73 -3.82
CA SER A 88 9.73 -14.26 -3.17
C SER A 88 8.96 -13.12 -2.50
N ASP A 89 7.77 -12.85 -3.00
CA ASP A 89 6.95 -11.79 -2.45
C ASP A 89 6.14 -12.30 -1.28
N LYS A 90 6.40 -11.72 -0.13
CA LYS A 90 5.69 -12.08 1.08
C LYS A 90 5.20 -10.81 1.77
N LEU A 91 5.29 -9.71 1.03
CA LEU A 91 4.82 -8.41 1.51
C LEU A 91 3.31 -8.44 1.67
N HIS A 92 2.79 -7.63 2.57
CA HIS A 92 1.37 -7.59 2.79
C HIS A 92 0.88 -6.16 2.90
N VAL A 93 -0.23 -5.87 2.24
CA VAL A 93 -0.83 -4.55 2.30
C VAL A 93 -1.50 -4.40 3.66
N ARG A 94 -1.33 -3.24 4.27
CA ARG A 94 -1.93 -2.99 5.59
C ARG A 94 -3.11 -2.03 5.50
N ASP A 95 -3.13 -1.22 4.45
CA ASP A 95 -4.21 -0.25 4.27
C ASP A 95 -5.36 -0.85 3.47
N ALA A 96 -6.45 -0.11 3.39
CA ALA A 96 -7.64 -0.54 2.69
C ALA A 96 -7.73 0.10 1.31
N LYS A 97 -8.16 -0.68 0.32
CA LYS A 97 -8.32 -0.19 -1.03
C LYS A 97 -9.64 -0.71 -1.59
N GLU A 98 -10.26 0.08 -2.47
CA GLU A 98 -11.53 -0.31 -3.06
C GLU A 98 -11.32 -0.70 -4.52
N GLY A 99 -12.40 -0.72 -5.28
CA GLY A 99 -12.32 -1.09 -6.68
C GLY A 99 -13.37 -0.42 -7.52
N SER A 100 -14.61 -0.44 -7.06
CA SER A 100 -15.71 0.16 -7.80
C SER A 100 -16.41 1.23 -6.98
N VAL A 101 -16.12 2.49 -7.27
CA VAL A 101 -16.74 3.60 -6.56
C VAL A 101 -18.05 4.01 -7.23
N LYS A 102 -18.95 4.61 -6.47
CA LYS A 102 -20.23 5.05 -6.98
C LYS A 102 -20.60 6.40 -6.37
N GLY A 103 -21.61 7.04 -6.95
CA GLY A 103 -22.05 8.33 -6.45
C GLY A 103 -23.38 8.24 -5.73
N TYR A 104 -24.33 9.05 -6.16
CA TYR A 104 -25.65 9.06 -5.56
C TYR A 104 -26.70 9.46 -6.58
N ALA A 105 -27.97 9.37 -6.20
CA ALA A 105 -29.06 9.73 -7.09
C ALA A 105 -29.33 11.23 -7.04
N GLY A 106 -28.88 11.93 -8.07
CA GLY A 106 -29.08 13.36 -8.15
C GLY A 106 -28.84 13.87 -9.55
N ASP A 107 -29.87 14.45 -10.14
CA ASP A 107 -29.79 14.97 -11.51
C ASP A 107 -28.79 16.12 -11.59
N THR A 108 -28.56 16.75 -10.45
CA THR A 108 -27.64 17.88 -10.37
C THR A 108 -26.25 17.51 -10.93
N ALA A 109 -25.95 16.22 -10.96
CA ALA A 109 -24.67 15.74 -11.48
C ALA A 109 -24.49 16.18 -12.92
N THR A 110 -25.58 16.14 -13.70
CA THR A 110 -25.55 16.56 -15.09
C THR A 110 -25.19 18.03 -15.17
N THR A 111 -25.81 18.82 -14.31
CA THR A 111 -25.55 20.26 -14.27
C THR A 111 -24.09 20.52 -13.91
N SER A 112 -23.61 19.81 -12.91
CA SER A 112 -22.22 19.95 -12.45
C SER A 112 -21.22 19.78 -13.59
N GLU A 113 -21.39 18.73 -14.38
CA GLU A 113 -20.46 18.47 -15.47
C GLU A 113 -20.74 19.34 -16.69
N ILE A 114 -22.02 19.55 -17.01
CA ILE A 114 -22.39 20.36 -18.17
C ILE A 114 -21.74 21.74 -18.08
N LYS A 115 -21.61 22.24 -16.86
CA LYS A 115 -21.00 23.55 -16.62
C LYS A 115 -19.50 23.49 -16.91
N ALA A 116 -18.88 22.39 -16.48
CA ALA A 116 -17.45 22.18 -16.68
C ALA A 116 -17.09 22.14 -18.17
N LYS A 117 -18.05 21.75 -19.00
CA LYS A 117 -17.80 21.68 -20.45
C LYS A 117 -18.02 23.05 -21.09
N LEU A 118 -19.08 23.73 -20.66
CA LEU A 118 -19.42 25.04 -21.21
C LEU A 118 -18.34 26.08 -20.91
N LEU A 119 -17.80 26.06 -19.71
CA LEU A 119 -16.77 27.02 -19.33
C LEU A 119 -15.46 26.68 -20.00
N ALA A 120 -15.31 25.42 -20.37
CA ALA A 120 -14.11 24.95 -21.01
C ALA A 120 -14.13 25.24 -22.50
N ASP A 121 -15.30 25.61 -23.01
CA ASP A 121 -15.47 25.91 -24.43
C ASP A 121 -14.74 27.21 -24.79
N ASP A 122 -14.48 27.42 -26.07
CA ASP A 122 -13.76 28.60 -26.52
C ASP A 122 -14.71 29.74 -26.90
N ILE A 123 -16.01 29.45 -26.98
CA ILE A 123 -16.97 30.47 -27.35
C ILE A 123 -18.13 30.59 -26.35
N VAL A 124 -18.64 29.46 -25.85
CA VAL A 124 -19.74 29.47 -24.90
C VAL A 124 -19.38 30.26 -23.64
N PRO A 125 -20.00 31.44 -23.46
CA PRO A 125 -19.75 32.30 -22.31
C PRO A 125 -20.46 31.80 -21.05
N SER A 126 -20.00 30.67 -20.53
CA SER A 126 -20.58 30.08 -19.31
C SER A 126 -20.37 31.00 -18.10
N ARG A 127 -19.55 32.03 -18.26
CA ARG A 127 -19.30 32.97 -17.18
C ARG A 127 -20.51 33.87 -16.96
N HIS A 128 -21.34 34.02 -17.99
CA HIS A 128 -22.54 34.84 -17.91
C HIS A 128 -23.80 33.99 -18.08
N VAL A 129 -23.62 32.79 -18.62
CA VAL A 129 -24.72 31.86 -18.85
C VAL A 129 -24.69 30.75 -17.82
N LYS A 130 -25.83 30.49 -17.21
CA LYS A 130 -25.92 29.44 -16.21
C LYS A 130 -26.78 28.30 -16.73
N VAL A 131 -26.54 27.11 -16.20
CA VAL A 131 -27.28 25.95 -16.62
C VAL A 131 -27.79 25.17 -15.41
N GLU A 132 -28.99 24.63 -15.54
CA GLU A 132 -29.62 23.84 -14.49
C GLU A 132 -30.43 22.72 -15.13
N THR A 133 -30.41 21.56 -14.52
CA THR A 133 -31.13 20.41 -15.04
C THR A 133 -32.27 20.02 -14.10
N THR A 134 -33.38 19.61 -14.68
CA THR A 134 -34.54 19.20 -13.91
C THR A 134 -35.13 17.93 -14.52
N ASP A 135 -35.02 16.82 -13.78
CA ASP A 135 -35.55 15.54 -14.26
C ASP A 135 -34.79 15.12 -15.53
N GLY A 136 -33.57 15.62 -15.67
CA GLY A 136 -32.75 15.28 -16.82
C GLY A 136 -32.87 16.31 -17.93
N VAL A 137 -33.69 17.33 -17.70
CA VAL A 137 -33.87 18.39 -18.68
C VAL A 137 -32.85 19.49 -18.43
N VAL A 138 -31.88 19.62 -19.32
CA VAL A 138 -30.86 20.63 -19.16
C VAL A 138 -31.34 21.97 -19.73
N GLN A 139 -31.37 22.97 -18.87
CA GLN A 139 -31.81 24.29 -19.25
C GLN A 139 -30.66 25.28 -19.17
N LEU A 140 -30.50 26.08 -20.21
CA LEU A 140 -29.44 27.07 -20.26
C LEU A 140 -30.05 28.47 -20.28
N SER A 141 -29.80 29.25 -19.24
CA SER A 141 -30.34 30.60 -19.16
C SER A 141 -29.20 31.61 -19.03
N GLY A 142 -29.32 32.73 -19.73
CA GLY A 142 -28.29 33.74 -19.65
C GLY A 142 -28.23 34.61 -20.87
N THR A 143 -27.03 34.94 -21.30
CA THR A 143 -26.84 35.78 -22.47
C THR A 143 -25.53 35.44 -23.20
N VAL A 144 -25.60 35.40 -24.53
CA VAL A 144 -24.43 35.10 -25.34
C VAL A 144 -24.26 36.18 -26.41
N ASP A 145 -23.09 36.21 -27.02
CA ASP A 145 -22.79 37.21 -28.04
C ASP A 145 -23.41 36.87 -29.40
N SER A 146 -23.51 35.58 -29.72
CA SER A 146 -24.06 35.18 -31.00
C SER A 146 -24.60 33.75 -30.93
N GLN A 147 -25.29 33.35 -32.00
CA GLN A 147 -25.89 32.03 -32.08
C GLN A 147 -24.82 30.94 -32.07
N ALA A 148 -23.64 31.25 -32.59
CA ALA A 148 -22.54 30.30 -32.64
C ALA A 148 -22.20 29.79 -31.24
N GLN A 149 -22.30 30.69 -30.26
CA GLN A 149 -22.00 30.35 -28.88
C GLN A 149 -23.22 29.71 -28.23
N SER A 150 -24.40 30.09 -28.69
CA SER A 150 -25.66 29.55 -28.17
C SER A 150 -25.79 28.07 -28.55
N ASP A 151 -25.67 27.81 -29.85
CA ASP A 151 -25.78 26.47 -30.41
C ASP A 151 -24.79 25.51 -29.77
N ARG A 152 -23.55 25.97 -29.62
CA ARG A 152 -22.51 25.14 -29.02
C ARG A 152 -22.91 24.70 -27.62
N ALA A 153 -23.40 25.66 -26.82
CA ALA A 153 -23.83 25.38 -25.47
C ALA A 153 -24.80 24.21 -25.43
N GLU A 154 -25.83 24.26 -26.29
CA GLU A 154 -26.82 23.19 -26.34
C GLU A 154 -26.18 21.91 -26.87
N SER A 155 -25.30 22.06 -27.86
CA SER A 155 -24.61 20.93 -28.47
C SER A 155 -23.99 20.03 -27.40
N ILE A 156 -23.38 20.65 -26.40
CA ILE A 156 -22.75 19.88 -25.33
C ILE A 156 -23.78 19.45 -24.29
N ALA A 157 -24.81 20.27 -24.09
CA ALA A 157 -25.86 19.99 -23.12
C ALA A 157 -26.57 18.67 -23.44
N LYS A 158 -26.81 18.42 -24.72
CA LYS A 158 -27.47 17.19 -25.13
C LYS A 158 -26.46 16.05 -25.25
N ALA A 159 -25.19 16.41 -25.37
CA ALA A 159 -24.13 15.42 -25.48
C ALA A 159 -23.79 14.78 -24.14
N VAL A 160 -24.19 15.41 -23.04
CA VAL A 160 -23.92 14.88 -21.71
C VAL A 160 -24.90 13.76 -21.38
N ASP A 161 -24.36 12.58 -21.07
CA ASP A 161 -25.17 11.41 -20.77
C ASP A 161 -26.08 11.67 -19.57
N GLY A 162 -27.35 11.31 -19.72
CA GLY A 162 -28.31 11.53 -18.64
C GLY A 162 -29.34 12.58 -18.97
N VAL A 163 -29.10 13.34 -20.02
CA VAL A 163 -30.03 14.38 -20.43
C VAL A 163 -31.14 13.81 -21.32
N LYS A 164 -32.36 14.25 -21.09
CA LYS A 164 -33.49 13.79 -21.88
C LYS A 164 -33.90 14.85 -22.90
N SER A 165 -33.65 16.11 -22.58
CA SER A 165 -33.98 17.21 -23.46
C SER A 165 -33.24 18.47 -23.04
N VAL A 166 -33.03 19.36 -23.99
CA VAL A 166 -32.34 20.61 -23.72
C VAL A 166 -33.26 21.79 -23.98
N LYS A 167 -33.14 22.82 -23.16
CA LYS A 167 -33.95 24.01 -23.32
C LYS A 167 -33.06 25.24 -23.36
N ASN A 168 -32.76 25.70 -24.56
CA ASN A 168 -31.91 26.87 -24.76
C ASN A 168 -32.71 28.15 -24.50
N ASP A 169 -32.45 28.79 -23.36
CA ASP A 169 -33.16 30.01 -23.01
C ASP A 169 -32.20 31.20 -22.92
N LEU A 170 -30.92 30.95 -23.22
CA LEU A 170 -29.93 32.01 -23.20
C LEU A 170 -30.19 32.96 -24.37
N LYS A 171 -30.28 34.24 -24.08
CA LYS A 171 -30.56 35.23 -25.11
C LYS A 171 -29.28 35.72 -25.78
N THR A 172 -29.44 36.40 -26.90
CA THR A 172 -28.32 36.94 -27.65
C THR A 172 -28.25 38.46 -27.50
N LYS A 173 -27.07 39.02 -27.68
CA LYS A 173 -26.88 40.47 -27.58
C LYS A 173 -27.02 41.11 -28.97
N GLU A 1 -16.32 -7.49 -15.32
CA GLU A 1 -17.39 -8.01 -14.46
C GLU A 1 -17.23 -7.50 -13.04
N ASN A 2 -18.05 -8.03 -12.14
CA ASN A 2 -18.01 -7.68 -10.73
C ASN A 2 -18.42 -8.88 -9.91
N ASN A 3 -17.84 -9.02 -8.72
CA ASN A 3 -18.14 -10.16 -7.87
C ASN A 3 -19.21 -9.84 -6.83
N ALA A 4 -20.18 -10.73 -6.73
CA ALA A 4 -21.28 -10.58 -5.78
C ALA A 4 -21.19 -11.65 -4.70
N GLN A 5 -20.58 -11.30 -3.58
CA GLN A 5 -20.41 -12.21 -2.46
C GLN A 5 -20.20 -11.42 -1.18
N THR A 6 -20.44 -12.05 -0.03
CA THR A 6 -20.27 -11.41 1.25
C THR A 6 -20.18 -12.43 2.38
N THR A 7 -19.02 -12.47 3.03
CA THR A 7 -18.79 -13.38 4.15
C THR A 7 -18.25 -12.59 5.33
N ASN A 8 -19.06 -12.44 6.37
CA ASN A 8 -18.65 -11.69 7.54
C ASN A 8 -19.06 -12.39 8.82
N GLU A 9 -18.08 -12.67 9.68
CA GLU A 9 -18.33 -13.33 10.95
C GLU A 9 -17.44 -12.70 12.02
N SER A 10 -17.58 -13.15 13.26
CA SER A 10 -16.80 -12.61 14.36
C SER A 10 -15.62 -13.52 14.70
N ALA A 11 -14.72 -13.71 13.74
CA ALA A 11 -13.54 -14.55 13.93
C ALA A 11 -12.32 -13.94 13.26
N GLY A 12 -11.19 -13.96 13.96
CA GLY A 12 -9.96 -13.40 13.40
C GLY A 12 -8.87 -13.25 14.45
N GLN A 13 -7.80 -14.01 14.28
CA GLN A 13 -6.68 -13.96 15.21
C GLN A 13 -5.62 -12.97 14.75
N LYS A 14 -4.71 -12.64 15.66
CA LYS A 14 -3.63 -11.71 15.37
C LYS A 14 -2.31 -12.29 15.90
N VAL A 15 -1.64 -13.05 15.07
CA VAL A 15 -0.37 -13.67 15.43
C VAL A 15 0.70 -13.34 14.40
N ASP A 16 1.68 -12.55 14.79
CA ASP A 16 2.76 -12.16 13.90
C ASP A 16 3.79 -13.28 13.76
N SER A 17 4.63 -13.17 12.76
CA SER A 17 5.65 -14.18 12.51
C SER A 17 6.99 -13.75 13.11
N SER A 18 7.87 -14.72 13.31
CA SER A 18 9.19 -14.45 13.87
C SER A 18 10.24 -14.60 12.78
N MET A 19 11.49 -14.30 13.10
CA MET A 19 12.56 -14.39 12.14
C MET A 19 13.74 -15.18 12.71
N ASN A 20 14.64 -15.64 11.83
CA ASN A 20 15.79 -16.41 12.25
C ASN A 20 16.83 -16.50 11.13
N LYS A 21 16.40 -17.03 9.98
CA LYS A 21 17.26 -17.18 8.80
C LYS A 21 18.53 -17.98 9.10
N VAL A 22 18.40 -19.30 9.11
CA VAL A 22 19.53 -20.19 9.38
C VAL A 22 20.35 -20.45 8.12
N GLY A 23 21.67 -20.28 8.23
CA GLY A 23 22.54 -20.51 7.08
C GLY A 23 22.97 -19.22 6.41
N ASN A 24 22.82 -18.12 7.14
CA ASN A 24 23.17 -16.81 6.62
C ASN A 24 24.59 -16.43 7.02
N PHE A 25 25.42 -16.17 6.02
CA PHE A 25 26.81 -15.79 6.27
C PHE A 25 27.32 -14.86 5.17
N MET A 26 27.42 -15.37 3.94
CA MET A 26 27.92 -14.58 2.84
C MET A 26 27.21 -14.99 1.55
N ASP A 27 27.56 -14.29 0.46
CA ASP A 27 26.99 -14.51 -0.89
C ASP A 27 25.58 -13.95 -0.97
N ASP A 28 24.67 -14.56 -0.22
CA ASP A 28 23.28 -14.12 -0.20
C ASP A 28 23.22 -12.70 0.35
N SER A 29 24.04 -12.43 1.36
CA SER A 29 24.12 -11.13 1.98
C SER A 29 24.71 -10.10 1.03
N ALA A 30 25.51 -10.59 0.10
CA ALA A 30 26.15 -9.74 -0.89
C ALA A 30 25.12 -9.21 -1.87
N ILE A 31 24.04 -9.95 -2.04
CA ILE A 31 22.97 -9.53 -2.93
C ILE A 31 22.06 -8.57 -2.18
N THR A 32 21.72 -8.93 -0.94
CA THR A 32 20.86 -8.12 -0.09
C THR A 32 21.43 -6.71 0.06
N ALA A 33 22.75 -6.61 0.01
CA ALA A 33 23.46 -5.33 0.14
C ALA A 33 22.98 -4.28 -0.86
N LYS A 34 22.81 -4.66 -2.12
CA LYS A 34 22.36 -3.72 -3.13
C LYS A 34 20.84 -3.68 -3.24
N VAL A 35 20.19 -4.78 -2.89
CA VAL A 35 18.72 -4.85 -2.94
C VAL A 35 18.09 -3.80 -2.04
N LYS A 36 18.68 -3.57 -0.88
CA LYS A 36 18.16 -2.56 0.04
C LYS A 36 18.32 -1.16 -0.53
N ALA A 37 19.24 -1.01 -1.49
CA ALA A 37 19.48 0.29 -2.12
C ALA A 37 18.46 0.53 -3.23
N ALA A 38 18.02 -0.56 -3.86
CA ALA A 38 17.03 -0.48 -4.92
C ALA A 38 15.69 -0.03 -4.37
N LEU A 39 15.49 -0.29 -3.09
CA LEU A 39 14.26 0.09 -2.41
C LEU A 39 14.28 1.57 -2.06
N VAL A 40 15.48 2.11 -1.87
CA VAL A 40 15.65 3.50 -1.52
C VAL A 40 15.49 4.39 -2.75
N ASP A 41 15.89 3.87 -3.89
CA ASP A 41 15.79 4.59 -5.16
C ASP A 41 14.35 4.99 -5.47
N HIS A 42 13.40 4.08 -5.24
CA HIS A 42 12.02 4.40 -5.58
C HIS A 42 11.28 5.00 -4.40
N ASP A 43 10.88 6.25 -4.63
CA ASP A 43 10.15 7.07 -3.65
C ASP A 43 8.90 6.38 -3.10
N ASN A 44 8.12 5.76 -3.98
CA ASN A 44 6.86 5.10 -3.58
C ASN A 44 7.05 3.91 -2.65
N ILE A 45 8.26 3.42 -2.50
CA ILE A 45 8.49 2.24 -1.70
C ILE A 45 9.02 2.57 -0.31
N LYS A 46 8.20 2.26 0.69
CA LYS A 46 8.55 2.47 2.08
C LYS A 46 9.36 1.29 2.59
N SER A 47 10.67 1.36 2.42
CA SER A 47 11.56 0.29 2.84
C SER A 47 11.63 0.21 4.37
N THR A 48 11.03 1.20 5.02
CA THR A 48 10.99 1.28 6.46
C THR A 48 10.25 0.09 7.07
N ASP A 49 9.25 -0.39 6.35
CA ASP A 49 8.43 -1.49 6.80
C ASP A 49 8.71 -2.73 5.96
N ILE A 50 9.81 -2.72 5.24
CA ILE A 50 10.17 -3.83 4.37
C ILE A 50 11.49 -4.46 4.77
N SER A 51 11.43 -5.73 5.04
CA SER A 51 12.60 -6.49 5.41
C SER A 51 13.11 -7.29 4.20
N VAL A 52 14.31 -6.96 3.74
CA VAL A 52 14.89 -7.64 2.61
C VAL A 52 15.83 -8.73 3.12
N LYS A 53 15.77 -9.89 2.49
CA LYS A 53 16.60 -11.00 2.88
C LYS A 53 16.76 -11.97 1.72
N THR A 54 18.00 -12.29 1.40
CA THR A 54 18.28 -13.22 0.33
C THR A 54 18.47 -14.63 0.90
N ASP A 55 17.82 -15.59 0.28
CA ASP A 55 17.91 -16.97 0.69
C ASP A 55 18.15 -17.83 -0.53
N GLN A 56 19.39 -18.29 -0.68
CA GLN A 56 19.78 -19.14 -1.80
C GLN A 56 19.51 -18.48 -3.15
N LYS A 57 20.07 -17.27 -3.31
CA LYS A 57 19.93 -16.49 -4.55
C LYS A 57 18.48 -16.05 -4.80
N VAL A 58 17.66 -16.17 -3.77
CA VAL A 58 16.27 -15.78 -3.86
C VAL A 58 16.00 -14.66 -2.87
N VAL A 59 15.65 -13.48 -3.35
CA VAL A 59 15.39 -12.35 -2.48
C VAL A 59 13.93 -12.33 -2.07
N THR A 60 13.69 -12.40 -0.77
CA THR A 60 12.34 -12.39 -0.25
C THR A 60 11.96 -11.01 0.25
N LEU A 61 10.84 -10.51 -0.24
CA LEU A 61 10.34 -9.22 0.16
C LEU A 61 9.21 -9.42 1.14
N SER A 62 9.42 -9.01 2.37
CA SER A 62 8.40 -9.18 3.37
C SER A 62 8.24 -7.93 4.22
N GLY A 63 7.03 -7.69 4.69
CA GLY A 63 6.76 -6.52 5.49
C GLY A 63 5.37 -6.00 5.25
N PHE A 64 5.17 -4.72 5.49
CA PHE A 64 3.87 -4.10 5.30
C PHE A 64 3.96 -2.96 4.29
N VAL A 65 3.16 -3.06 3.24
CA VAL A 65 3.14 -2.07 2.18
C VAL A 65 1.82 -1.31 2.18
N GLU A 66 1.78 -0.18 1.49
CA GLU A 66 0.57 0.63 1.45
C GLU A 66 -0.50 -0.02 0.57
N SER A 67 -0.06 -0.64 -0.52
CA SER A 67 -0.98 -1.31 -1.44
C SER A 67 -0.25 -2.39 -2.21
N GLN A 68 -1.02 -3.22 -2.92
CA GLN A 68 -0.46 -4.32 -3.71
C GLN A 68 0.58 -3.83 -4.73
N ALA A 69 0.32 -2.67 -5.35
CA ALA A 69 1.23 -2.11 -6.35
C ALA A 69 2.57 -1.73 -5.73
N GLN A 70 2.54 -1.25 -4.49
CA GLN A 70 3.74 -0.85 -3.78
C GLN A 70 4.65 -2.06 -3.60
N ALA A 71 4.03 -3.21 -3.41
CA ALA A 71 4.73 -4.46 -3.26
C ALA A 71 5.32 -4.87 -4.61
N GLU A 72 4.53 -4.72 -5.66
CA GLU A 72 4.95 -5.06 -7.02
C GLU A 72 6.19 -4.24 -7.41
N GLU A 73 6.26 -2.99 -6.98
CA GLU A 73 7.41 -2.15 -7.30
C GLU A 73 8.63 -2.62 -6.53
N ALA A 74 8.41 -3.10 -5.30
CA ALA A 74 9.49 -3.55 -4.44
C ALA A 74 10.15 -4.82 -4.98
N VAL A 75 9.34 -5.78 -5.39
CA VAL A 75 9.89 -7.01 -5.93
C VAL A 75 10.44 -6.77 -7.33
N LYS A 76 9.92 -5.76 -8.00
CA LYS A 76 10.37 -5.43 -9.34
C LYS A 76 11.80 -4.89 -9.31
N VAL A 77 12.06 -3.97 -8.38
CA VAL A 77 13.40 -3.41 -8.25
C VAL A 77 14.37 -4.44 -7.67
N ALA A 78 13.84 -5.37 -6.88
CA ALA A 78 14.64 -6.42 -6.28
C ALA A 78 15.07 -7.42 -7.35
N LYS A 79 14.15 -7.74 -8.25
CA LYS A 79 14.42 -8.68 -9.33
C LYS A 79 15.37 -8.08 -10.36
N GLY A 80 15.52 -6.76 -10.30
CA GLY A 80 16.41 -6.08 -11.23
C GLY A 80 17.84 -6.07 -10.75
N VAL A 81 18.05 -6.45 -9.50
CA VAL A 81 19.39 -6.50 -8.94
C VAL A 81 20.20 -7.65 -9.50
N GLU A 82 21.36 -7.34 -10.06
CA GLU A 82 22.24 -8.34 -10.63
C GLU A 82 22.69 -9.33 -9.56
N GLY A 83 22.49 -10.61 -9.82
CA GLY A 83 22.91 -11.63 -8.89
C GLY A 83 21.76 -12.49 -8.39
N VAL A 84 20.58 -11.89 -8.29
CA VAL A 84 19.41 -12.62 -7.82
C VAL A 84 18.89 -13.54 -8.92
N THR A 85 18.50 -14.75 -8.51
CA THR A 85 17.97 -15.72 -9.46
C THR A 85 16.44 -15.66 -9.48
N SER A 86 15.84 -15.37 -8.34
CA SER A 86 14.40 -15.28 -8.23
C SER A 86 13.99 -14.43 -7.02
N VAL A 87 12.82 -13.81 -7.08
CA VAL A 87 12.35 -12.99 -5.99
C VAL A 87 11.04 -13.55 -5.42
N SER A 88 10.98 -13.66 -4.10
CA SER A 88 9.80 -14.19 -3.43
C SER A 88 9.08 -13.07 -2.69
N ASP A 89 7.87 -12.77 -3.13
CA ASP A 89 7.10 -11.73 -2.49
C ASP A 89 6.30 -12.28 -1.33
N LYS A 90 6.49 -11.66 -0.18
CA LYS A 90 5.80 -12.04 1.04
C LYS A 90 5.32 -10.79 1.74
N LEU A 91 5.30 -9.69 0.99
CA LEU A 91 4.83 -8.40 1.50
C LEU A 91 3.34 -8.44 1.77
N HIS A 92 2.86 -7.55 2.64
CA HIS A 92 1.46 -7.53 2.97
C HIS A 92 0.93 -6.11 3.07
N VAL A 93 -0.22 -5.87 2.43
CA VAL A 93 -0.84 -4.57 2.47
C VAL A 93 -1.40 -4.28 3.86
N ARG A 94 -1.15 -3.07 4.35
CA ARG A 94 -1.62 -2.64 5.67
C ARG A 94 -3.11 -2.29 5.62
N ASP A 95 -3.56 -1.86 4.45
CA ASP A 95 -4.93 -1.46 4.26
C ASP A 95 -5.81 -2.63 3.85
N ALA A 96 -7.12 -2.42 3.92
CA ALA A 96 -8.09 -3.44 3.56
C ALA A 96 -8.03 -3.78 2.08
N LYS A 97 -8.50 -2.85 1.25
CA LYS A 97 -8.53 -3.01 -0.21
C LYS A 97 -9.42 -4.18 -0.63
N GLU A 98 -8.88 -5.39 -0.57
CA GLU A 98 -9.60 -6.59 -0.97
C GLU A 98 -9.54 -7.63 0.14
N GLY A 99 -9.17 -7.17 1.33
CA GLY A 99 -9.05 -8.05 2.47
C GLY A 99 -10.35 -8.72 2.86
N SER A 100 -10.26 -9.98 3.25
CA SER A 100 -11.42 -10.75 3.67
C SER A 100 -11.18 -11.35 5.06
N VAL A 101 -12.12 -12.16 5.53
CA VAL A 101 -11.99 -12.78 6.84
C VAL A 101 -11.11 -14.03 6.77
N LYS A 102 -10.73 -14.55 7.93
CA LYS A 102 -9.88 -15.72 8.01
C LYS A 102 -10.20 -16.51 9.28
N GLY A 103 -10.69 -17.73 9.09
CA GLY A 103 -11.03 -18.57 10.22
C GLY A 103 -12.53 -18.67 10.38
N TYR A 104 -13.05 -19.88 10.46
CA TYR A 104 -14.48 -20.09 10.59
C TYR A 104 -14.79 -20.91 11.84
N ALA A 105 -15.94 -20.65 12.44
CA ALA A 105 -16.35 -21.35 13.64
C ALA A 105 -17.04 -22.66 13.31
N GLY A 106 -16.45 -23.77 13.75
CA GLY A 106 -17.02 -25.07 13.49
C GLY A 106 -15.95 -26.08 13.18
N ASP A 107 -16.27 -27.03 12.32
CA ASP A 107 -15.32 -28.06 11.95
C ASP A 107 -14.38 -27.53 10.89
N THR A 108 -13.45 -26.71 11.32
CA THR A 108 -12.47 -26.16 10.42
C THR A 108 -11.50 -27.26 9.99
N ALA A 109 -11.52 -28.37 10.73
CA ALA A 109 -10.66 -29.52 10.46
C ALA A 109 -10.79 -29.95 9.01
N THR A 110 -12.02 -30.20 8.58
CA THR A 110 -12.27 -30.62 7.21
C THR A 110 -11.63 -29.64 6.22
N THR A 111 -11.79 -28.35 6.48
CA THR A 111 -11.24 -27.31 5.62
C THR A 111 -9.71 -27.28 5.68
N SER A 112 -9.14 -27.33 6.88
CA SER A 112 -7.68 -27.28 7.04
C SER A 112 -6.99 -28.44 6.32
N GLU A 113 -7.59 -29.62 6.39
CA GLU A 113 -7.01 -30.79 5.78
C GLU A 113 -7.35 -30.87 4.29
N ILE A 114 -8.55 -30.47 3.90
CA ILE A 114 -8.94 -30.50 2.50
C ILE A 114 -8.08 -29.56 1.65
N LYS A 115 -7.71 -28.43 2.22
CA LYS A 115 -6.88 -27.45 1.52
C LYS A 115 -5.52 -28.03 1.18
N ALA A 116 -5.05 -28.89 2.06
CA ALA A 116 -3.76 -29.55 1.91
C ALA A 116 -3.75 -30.47 0.67
N LYS A 117 -4.90 -31.04 0.34
CA LYS A 117 -4.99 -31.95 -0.80
C LYS A 117 -5.22 -31.20 -2.10
N LEU A 118 -5.97 -30.11 -2.03
CA LEU A 118 -6.29 -29.30 -3.21
C LEU A 118 -5.05 -28.73 -3.87
N LEU A 119 -4.15 -28.16 -3.08
CA LEU A 119 -2.93 -27.57 -3.62
C LEU A 119 -1.90 -28.62 -3.96
N ALA A 120 -2.09 -29.78 -3.39
CA ALA A 120 -1.16 -30.88 -3.61
C ALA A 120 -1.49 -31.67 -4.86
N ASP A 121 -2.73 -31.55 -5.35
CA ASP A 121 -3.14 -32.26 -6.55
C ASP A 121 -2.50 -31.58 -7.77
N ASP A 122 -2.27 -32.34 -8.83
CA ASP A 122 -1.60 -31.83 -10.03
C ASP A 122 -2.50 -30.99 -10.92
N ILE A 123 -3.80 -31.13 -10.79
CA ILE A 123 -4.70 -30.38 -11.66
C ILE A 123 -5.59 -29.39 -10.92
N VAL A 124 -6.02 -29.72 -9.70
CA VAL A 124 -6.86 -28.82 -8.93
C VAL A 124 -6.14 -27.51 -8.61
N PRO A 125 -6.57 -26.41 -9.25
CA PRO A 125 -5.97 -25.09 -9.03
C PRO A 125 -6.44 -24.42 -7.75
N SER A 126 -5.91 -24.86 -6.61
CA SER A 126 -6.28 -24.27 -5.33
C SER A 126 -5.70 -22.86 -5.19
N ARG A 127 -4.95 -22.43 -6.19
CA ARG A 127 -4.34 -21.11 -6.17
C ARG A 127 -5.38 -20.06 -6.51
N HIS A 128 -6.45 -20.48 -7.18
CA HIS A 128 -7.52 -19.57 -7.57
C HIS A 128 -8.84 -19.99 -6.92
N VAL A 129 -8.92 -21.23 -6.46
CA VAL A 129 -10.13 -21.74 -5.83
C VAL A 129 -9.96 -21.84 -4.33
N LYS A 130 -10.98 -21.44 -3.61
CA LYS A 130 -10.95 -21.50 -2.16
C LYS A 130 -12.01 -22.45 -1.66
N VAL A 131 -11.74 -23.09 -0.53
CA VAL A 131 -12.68 -24.03 0.05
C VAL A 131 -12.87 -23.75 1.53
N GLU A 132 -14.13 -23.73 1.94
CA GLU A 132 -14.50 -23.49 3.31
C GLU A 132 -15.68 -24.40 3.67
N THR A 133 -15.73 -24.87 4.90
CA THR A 133 -16.81 -25.73 5.32
C THR A 133 -17.73 -25.00 6.31
N THR A 134 -19.02 -25.17 6.10
CA THR A 134 -20.02 -24.56 6.94
C THR A 134 -20.87 -25.65 7.57
N ASP A 135 -20.64 -25.91 8.85
CA ASP A 135 -21.38 -26.95 9.58
C ASP A 135 -21.08 -28.33 8.96
N GLY A 136 -19.97 -28.42 8.24
CA GLY A 136 -19.57 -29.67 7.63
C GLY A 136 -19.82 -29.69 6.15
N VAL A 137 -20.47 -28.65 5.64
CA VAL A 137 -20.73 -28.55 4.22
C VAL A 137 -19.52 -27.93 3.53
N VAL A 138 -18.80 -28.72 2.77
CA VAL A 138 -17.61 -28.23 2.09
C VAL A 138 -18.00 -27.45 0.84
N GLN A 139 -17.64 -26.19 0.85
CA GLN A 139 -17.96 -25.29 -0.23
C GLN A 139 -16.72 -24.98 -1.07
N LEU A 140 -16.84 -25.11 -2.39
CA LEU A 140 -15.73 -24.81 -3.28
C LEU A 140 -16.14 -23.70 -4.23
N SER A 141 -15.53 -22.54 -4.06
CA SER A 141 -15.84 -21.41 -4.92
C SER A 141 -14.54 -20.86 -5.52
N GLY A 142 -14.61 -20.44 -6.77
CA GLY A 142 -13.46 -19.90 -7.44
C GLY A 142 -13.53 -20.09 -8.93
N THR A 143 -12.43 -20.50 -9.53
CA THR A 143 -12.38 -20.70 -10.96
C THR A 143 -11.33 -21.75 -11.33
N VAL A 144 -11.67 -22.60 -12.29
CA VAL A 144 -10.76 -23.63 -12.75
C VAL A 144 -10.60 -23.56 -14.27
N ASP A 145 -9.64 -24.31 -14.78
CA ASP A 145 -9.37 -24.33 -16.21
C ASP A 145 -10.43 -25.14 -16.96
N SER A 146 -10.73 -26.33 -16.45
CA SER A 146 -11.68 -27.20 -17.09
C SER A 146 -12.47 -27.99 -16.05
N GLN A 147 -13.45 -28.74 -16.53
CA GLN A 147 -14.31 -29.55 -15.68
C GLN A 147 -13.52 -30.63 -14.96
N ALA A 148 -12.51 -31.18 -15.64
CA ALA A 148 -11.68 -32.24 -15.06
C ALA A 148 -11.07 -31.82 -13.73
N GLN A 149 -10.58 -30.59 -13.66
CA GLN A 149 -9.96 -30.07 -12.46
C GLN A 149 -11.03 -29.68 -11.43
N SER A 150 -12.21 -29.37 -11.95
CA SER A 150 -13.35 -28.98 -11.10
C SER A 150 -13.88 -30.17 -10.30
N ASP A 151 -14.22 -31.27 -10.99
CA ASP A 151 -14.77 -32.46 -10.34
C ASP A 151 -13.76 -33.05 -9.36
N ARG A 152 -12.50 -33.06 -9.77
CA ARG A 152 -11.44 -33.58 -8.93
C ARG A 152 -11.45 -32.89 -7.57
N ALA A 153 -11.41 -31.57 -7.58
CA ALA A 153 -11.45 -30.78 -6.35
C ALA A 153 -12.56 -31.24 -5.42
N GLU A 154 -13.79 -31.32 -5.95
CA GLU A 154 -14.93 -31.75 -5.15
C GLU A 154 -14.75 -33.20 -4.68
N SER A 155 -14.27 -34.06 -5.58
CA SER A 155 -14.07 -35.47 -5.24
C SER A 155 -13.15 -35.61 -4.03
N ILE A 156 -12.14 -34.76 -3.96
CA ILE A 156 -11.20 -34.78 -2.84
C ILE A 156 -11.83 -34.18 -1.58
N ALA A 157 -12.83 -33.33 -1.77
CA ALA A 157 -13.52 -32.68 -0.66
C ALA A 157 -14.25 -33.69 0.21
N LYS A 158 -15.11 -34.50 -0.40
CA LYS A 158 -15.87 -35.49 0.33
C LYS A 158 -14.97 -36.64 0.80
N ALA A 159 -13.75 -36.65 0.27
CA ALA A 159 -12.76 -37.68 0.62
C ALA A 159 -12.34 -37.60 2.09
N VAL A 160 -12.36 -36.41 2.69
CA VAL A 160 -11.99 -36.27 4.09
C VAL A 160 -13.22 -36.43 4.97
N ASP A 161 -13.12 -37.28 5.99
CA ASP A 161 -14.22 -37.54 6.91
C ASP A 161 -14.66 -36.25 7.62
N GLY A 162 -15.93 -36.21 8.02
CA GLY A 162 -16.46 -35.05 8.70
C GLY A 162 -17.42 -34.26 7.83
N VAL A 163 -17.15 -34.25 6.53
CA VAL A 163 -17.99 -33.53 5.58
C VAL A 163 -19.35 -34.21 5.41
N LYS A 164 -20.41 -33.45 5.62
CA LYS A 164 -21.76 -33.98 5.48
C LYS A 164 -22.28 -33.77 4.07
N SER A 165 -21.74 -32.77 3.39
CA SER A 165 -22.15 -32.47 2.02
C SER A 165 -21.13 -31.55 1.36
N VAL A 166 -20.99 -31.65 0.05
CA VAL A 166 -20.06 -30.80 -0.68
C VAL A 166 -20.83 -29.98 -1.72
N LYS A 167 -20.43 -28.72 -1.89
CA LYS A 167 -21.11 -27.83 -2.82
C LYS A 167 -20.14 -27.24 -3.83
N ASN A 168 -20.12 -27.79 -5.03
CA ASN A 168 -19.26 -27.29 -6.09
C ASN A 168 -19.81 -25.98 -6.62
N ASP A 169 -19.01 -24.93 -6.54
CA ASP A 169 -19.43 -23.61 -6.97
C ASP A 169 -18.34 -22.87 -7.71
N LEU A 170 -17.25 -23.54 -8.01
CA LEU A 170 -16.17 -22.91 -8.73
C LEU A 170 -16.56 -22.79 -10.21
N LYS A 171 -16.24 -21.65 -10.84
CA LYS A 171 -16.60 -21.45 -12.25
C LYS A 171 -15.48 -21.98 -13.15
N THR A 172 -15.86 -22.47 -14.32
CA THR A 172 -14.89 -23.03 -15.24
C THR A 172 -14.42 -22.02 -16.27
N LYS A 173 -13.35 -22.37 -16.98
CA LYS A 173 -12.78 -21.52 -18.01
C LYS A 173 -13.07 -22.11 -19.39
N GLU A 1 27.55 5.32 46.40
CA GLU A 1 27.36 6.58 45.70
C GLU A 1 28.16 7.70 46.38
N ASN A 2 27.72 8.94 46.23
CA ASN A 2 28.41 10.07 46.84
C ASN A 2 27.43 10.92 47.65
N ASN A 3 26.40 11.42 46.98
CA ASN A 3 25.39 12.26 47.62
C ASN A 3 24.35 12.71 46.61
N ALA A 4 24.65 12.53 45.33
CA ALA A 4 23.75 12.92 44.26
C ALA A 4 23.29 11.71 43.46
N GLN A 5 22.02 11.36 43.61
CA GLN A 5 21.45 10.23 42.89
C GLN A 5 21.00 10.64 41.50
N THR A 6 21.19 9.76 40.53
CA THR A 6 20.81 9.99 39.14
C THR A 6 21.69 11.07 38.50
N THR A 7 22.75 10.63 37.82
CA THR A 7 23.65 11.53 37.15
C THR A 7 23.07 11.98 35.81
N ASN A 8 23.25 13.25 35.47
CA ASN A 8 22.72 13.78 34.22
C ASN A 8 23.73 13.58 33.10
N GLU A 9 23.30 12.92 32.03
CA GLU A 9 24.16 12.66 30.89
C GLU A 9 23.73 13.49 29.69
N SER A 10 24.22 13.12 28.52
CA SER A 10 23.90 13.82 27.28
C SER A 10 23.90 12.85 26.11
N ALA A 11 23.01 13.06 25.15
CA ALA A 11 22.91 12.20 23.99
C ALA A 11 22.70 13.03 22.72
N GLY A 12 22.57 12.35 21.60
CA GLY A 12 22.36 13.04 20.34
C GLY A 12 21.87 12.10 19.26
N GLN A 13 22.49 12.14 18.10
CA GLN A 13 22.11 11.30 16.98
C GLN A 13 22.71 9.91 17.12
N LYS A 14 22.09 8.94 16.48
CA LYS A 14 22.56 7.56 16.54
C LYS A 14 23.64 7.32 15.47
N VAL A 15 24.88 7.32 15.92
CA VAL A 15 26.01 7.10 15.03
C VAL A 15 26.20 5.61 14.74
N ASP A 16 25.58 4.78 15.57
CA ASP A 16 25.68 3.33 15.43
C ASP A 16 24.56 2.80 14.52
N SER A 17 24.70 1.56 14.06
CA SER A 17 23.72 0.96 13.18
C SER A 17 23.38 -0.47 13.61
N SER A 18 22.17 -0.90 13.27
CA SER A 18 21.71 -2.24 13.60
C SER A 18 22.21 -3.25 12.58
N MET A 19 22.99 -4.21 13.05
CA MET A 19 23.52 -5.24 12.18
C MET A 19 23.60 -6.56 12.93
N ASN A 20 24.32 -7.52 12.37
CA ASN A 20 24.48 -8.83 13.00
C ASN A 20 25.74 -8.86 13.84
N LYS A 21 25.66 -9.54 14.98
CA LYS A 21 26.79 -9.62 15.89
C LYS A 21 27.87 -10.56 15.36
N VAL A 22 27.48 -11.47 14.47
CA VAL A 22 28.43 -12.42 13.89
C VAL A 22 28.42 -12.32 12.37
N GLY A 23 27.23 -12.21 11.80
CA GLY A 23 27.10 -12.10 10.36
C GLY A 23 26.82 -13.43 9.69
N ASN A 24 27.09 -13.50 8.40
CA ASN A 24 26.87 -14.72 7.61
C ASN A 24 27.95 -14.80 6.55
N PHE A 25 27.70 -15.57 5.50
CA PHE A 25 28.66 -15.69 4.40
C PHE A 25 28.55 -14.44 3.52
N MET A 26 29.29 -14.39 2.43
CA MET A 26 29.25 -13.22 1.56
C MET A 26 28.62 -13.54 0.22
N ASP A 27 27.74 -14.54 0.18
CA ASP A 27 27.08 -14.93 -1.06
C ASP A 27 25.71 -14.27 -1.18
N ASP A 28 24.74 -14.81 -0.47
CA ASP A 28 23.37 -14.29 -0.50
C ASP A 28 23.30 -12.91 0.14
N SER A 29 24.02 -12.76 1.24
CA SER A 29 24.05 -11.50 1.98
C SER A 29 24.59 -10.36 1.11
N ALA A 30 25.35 -10.72 0.09
CA ALA A 30 25.93 -9.73 -0.80
C ALA A 30 24.90 -9.22 -1.80
N ILE A 31 23.87 -10.01 -2.04
CA ILE A 31 22.82 -9.62 -2.97
C ILE A 31 21.91 -8.60 -2.30
N THR A 32 21.61 -8.83 -1.04
CA THR A 32 20.76 -7.93 -0.26
C THR A 32 21.39 -6.53 -0.18
N ALA A 33 22.72 -6.50 -0.23
CA ALA A 33 23.47 -5.24 -0.15
C ALA A 33 23.05 -4.25 -1.23
N LYS A 34 22.80 -4.73 -2.44
CA LYS A 34 22.38 -3.84 -3.53
C LYS A 34 20.86 -3.68 -3.54
N VAL A 35 20.16 -4.75 -3.15
CA VAL A 35 18.71 -4.73 -3.11
C VAL A 35 18.18 -3.64 -2.20
N LYS A 36 18.80 -3.45 -1.04
CA LYS A 36 18.36 -2.42 -0.10
C LYS A 36 18.55 -1.03 -0.70
N ALA A 37 19.42 -0.92 -1.68
CA ALA A 37 19.67 0.34 -2.35
C ALA A 37 18.60 0.62 -3.38
N ALA A 38 18.12 -0.44 -4.03
CA ALA A 38 17.09 -0.32 -5.05
C ALA A 38 15.74 0.02 -4.43
N LEU A 39 15.56 -0.36 -3.18
CA LEU A 39 14.32 -0.10 -2.46
C LEU A 39 14.26 1.36 -2.00
N VAL A 40 15.36 1.85 -1.41
CA VAL A 40 15.42 3.22 -0.92
C VAL A 40 15.49 4.22 -2.07
N ASP A 41 15.87 3.73 -3.25
CA ASP A 41 15.97 4.56 -4.44
C ASP A 41 14.57 4.99 -4.90
N HIS A 42 13.61 4.13 -4.63
CA HIS A 42 12.24 4.39 -5.02
C HIS A 42 11.43 5.06 -3.92
N ASP A 43 11.10 6.34 -4.14
CA ASP A 43 10.31 7.13 -3.18
C ASP A 43 8.94 6.51 -2.89
N ASN A 44 8.33 5.91 -3.91
CA ASN A 44 7.01 5.31 -3.75
C ASN A 44 7.08 3.99 -3.02
N ILE A 45 8.28 3.43 -2.90
CA ILE A 45 8.47 2.17 -2.22
C ILE A 45 8.91 2.41 -0.79
N LYS A 46 8.04 2.07 0.15
CA LYS A 46 8.32 2.26 1.55
C LYS A 46 9.14 1.10 2.09
N SER A 47 10.45 1.22 2.00
CA SER A 47 11.33 0.17 2.48
C SER A 47 11.44 0.21 4.00
N THR A 48 10.90 1.26 4.60
CA THR A 48 10.91 1.44 6.03
C THR A 48 10.14 0.33 6.73
N ASP A 49 9.13 -0.19 6.03
CA ASP A 49 8.30 -1.24 6.56
C ASP A 49 8.60 -2.56 5.86
N ILE A 50 9.72 -2.62 5.17
CA ILE A 50 10.08 -3.82 4.43
C ILE A 50 11.46 -4.35 4.83
N SER A 51 11.49 -5.64 5.11
CA SER A 51 12.70 -6.33 5.47
C SER A 51 13.19 -7.16 4.30
N VAL A 52 14.39 -6.87 3.83
CA VAL A 52 14.97 -7.58 2.70
C VAL A 52 15.91 -8.69 3.19
N LYS A 53 15.83 -9.84 2.53
CA LYS A 53 16.65 -10.99 2.88
C LYS A 53 16.78 -11.91 1.67
N THR A 54 17.98 -12.43 1.47
CA THR A 54 18.25 -13.33 0.36
C THR A 54 18.51 -14.74 0.87
N ASP A 55 17.78 -15.70 0.32
CA ASP A 55 17.90 -17.09 0.70
C ASP A 55 18.04 -17.94 -0.54
N GLN A 56 19.25 -18.44 -0.75
CA GLN A 56 19.58 -19.28 -1.89
C GLN A 56 19.34 -18.57 -3.22
N LYS A 57 19.94 -17.37 -3.34
CA LYS A 57 19.86 -16.53 -4.54
C LYS A 57 18.42 -16.08 -4.81
N VAL A 58 17.59 -16.19 -3.78
CA VAL A 58 16.19 -15.80 -3.87
C VAL A 58 15.93 -14.68 -2.87
N VAL A 59 15.59 -13.51 -3.38
CA VAL A 59 15.34 -12.36 -2.53
C VAL A 59 13.88 -12.32 -2.09
N THR A 60 13.66 -12.33 -0.79
CA THR A 60 12.32 -12.31 -0.22
C THR A 60 12.00 -10.92 0.33
N LEU A 61 10.91 -10.36 -0.14
CA LEU A 61 10.45 -9.05 0.30
C LEU A 61 9.26 -9.21 1.20
N SER A 62 9.46 -8.91 2.47
CA SER A 62 8.42 -9.03 3.47
C SER A 62 8.31 -7.77 4.31
N GLY A 63 7.09 -7.47 4.75
CA GLY A 63 6.86 -6.30 5.55
C GLY A 63 5.45 -5.75 5.36
N PHE A 64 5.33 -4.43 5.29
CA PHE A 64 4.04 -3.78 5.13
C PHE A 64 4.05 -2.77 3.98
N VAL A 65 3.07 -2.85 3.11
CA VAL A 65 2.97 -1.92 1.99
C VAL A 65 1.65 -1.18 2.04
N GLU A 66 1.58 -0.10 1.28
CA GLU A 66 0.38 0.71 1.22
C GLU A 66 -0.70 -0.05 0.47
N SER A 67 -0.28 -0.67 -0.62
CA SER A 67 -1.18 -1.45 -1.44
C SER A 67 -0.40 -2.50 -2.22
N GLN A 68 -1.13 -3.33 -2.94
CA GLN A 68 -0.55 -4.41 -3.76
C GLN A 68 0.47 -3.84 -4.74
N ALA A 69 0.12 -2.70 -5.35
CA ALA A 69 0.98 -2.04 -6.33
C ALA A 69 2.38 -1.76 -5.78
N GLN A 70 2.45 -1.40 -4.50
CA GLN A 70 3.71 -1.10 -3.86
C GLN A 70 4.58 -2.35 -3.74
N ALA A 71 3.96 -3.47 -3.36
CA ALA A 71 4.67 -4.73 -3.21
C ALA A 71 5.20 -5.23 -4.55
N GLU A 72 4.37 -5.06 -5.58
CA GLU A 72 4.72 -5.46 -6.94
C GLU A 72 5.98 -4.75 -7.43
N GLU A 73 6.20 -3.54 -6.97
CA GLU A 73 7.38 -2.80 -7.39
C GLU A 73 8.57 -3.15 -6.53
N ALA A 74 8.30 -3.52 -5.29
CA ALA A 74 9.35 -3.90 -4.35
C ALA A 74 10.12 -5.10 -4.88
N VAL A 75 9.41 -6.07 -5.45
CA VAL A 75 10.04 -7.25 -6.01
C VAL A 75 10.69 -6.92 -7.34
N LYS A 76 10.18 -5.89 -8.00
CA LYS A 76 10.72 -5.47 -9.28
C LYS A 76 12.10 -4.85 -9.11
N VAL A 77 12.23 -3.98 -8.12
CA VAL A 77 13.50 -3.32 -7.86
C VAL A 77 14.51 -4.29 -7.26
N ALA A 78 14.02 -5.21 -6.44
CA ALA A 78 14.87 -6.21 -5.82
C ALA A 78 15.42 -7.15 -6.89
N LYS A 79 14.55 -7.55 -7.81
CA LYS A 79 14.93 -8.43 -8.90
C LYS A 79 15.70 -7.65 -9.97
N GLY A 80 15.80 -6.35 -9.79
CA GLY A 80 16.49 -5.52 -10.73
C GLY A 80 18.00 -5.59 -10.58
N VAL A 81 18.45 -5.96 -9.38
CA VAL A 81 19.86 -6.07 -9.11
C VAL A 81 20.42 -7.39 -9.66
N GLU A 82 21.67 -7.36 -10.09
CA GLU A 82 22.31 -8.55 -10.63
C GLU A 82 22.67 -9.50 -9.50
N GLY A 83 22.41 -10.78 -9.70
CA GLY A 83 22.72 -11.78 -8.69
C GLY A 83 21.48 -12.52 -8.25
N VAL A 84 20.35 -11.82 -8.26
CA VAL A 84 19.08 -12.40 -7.87
C VAL A 84 18.61 -13.40 -8.92
N THR A 85 18.54 -14.66 -8.55
CA THR A 85 18.09 -15.69 -9.46
C THR A 85 16.56 -15.80 -9.43
N SER A 86 15.98 -15.49 -8.28
CA SER A 86 14.54 -15.53 -8.12
C SER A 86 14.12 -14.57 -7.01
N VAL A 87 12.94 -14.01 -7.15
CA VAL A 87 12.42 -13.08 -6.17
C VAL A 87 11.08 -13.58 -5.63
N SER A 88 10.84 -13.37 -4.35
CA SER A 88 9.61 -13.84 -3.72
C SER A 88 8.92 -12.71 -2.96
N ASP A 89 7.65 -12.49 -3.26
CA ASP A 89 6.88 -11.46 -2.59
C ASP A 89 6.21 -12.02 -1.35
N LYS A 90 6.43 -11.38 -0.22
CA LYS A 90 5.83 -11.79 1.04
C LYS A 90 5.34 -10.57 1.80
N LEU A 91 5.28 -9.45 1.07
CA LEU A 91 4.79 -8.19 1.62
C LEU A 91 3.37 -8.34 2.14
N HIS A 92 3.01 -7.49 3.09
CA HIS A 92 1.68 -7.52 3.66
C HIS A 92 1.04 -6.16 3.53
N VAL A 93 -0.12 -6.11 2.87
CA VAL A 93 -0.83 -4.85 2.71
C VAL A 93 -1.39 -4.39 4.05
N ARG A 94 -1.36 -3.08 4.27
CA ARG A 94 -1.86 -2.48 5.50
C ARG A 94 -3.32 -2.80 5.73
N ASP A 95 -4.14 -2.37 4.79
CA ASP A 95 -5.58 -2.59 4.86
C ASP A 95 -5.96 -3.94 4.26
N ALA A 96 -7.21 -4.33 4.47
CA ALA A 96 -7.71 -5.58 3.93
C ALA A 96 -8.46 -5.29 2.64
N LYS A 97 -7.77 -5.46 1.51
CA LYS A 97 -8.33 -5.19 0.20
C LYS A 97 -9.50 -6.11 -0.14
N GLU A 98 -10.66 -5.78 0.39
CA GLU A 98 -11.88 -6.55 0.13
C GLU A 98 -12.51 -6.12 -1.19
N GLY A 99 -12.60 -4.82 -1.39
CA GLY A 99 -13.17 -4.31 -2.62
C GLY A 99 -13.46 -2.83 -2.56
N SER A 100 -14.30 -2.42 -1.61
CA SER A 100 -14.66 -1.01 -1.47
C SER A 100 -13.54 -0.20 -0.82
N VAL A 101 -13.12 0.87 -1.47
CA VAL A 101 -12.07 1.72 -0.95
C VAL A 101 -12.68 2.86 -0.14
N LYS A 102 -12.82 2.63 1.16
CA LYS A 102 -13.39 3.63 2.06
C LYS A 102 -12.96 3.32 3.49
N GLY A 103 -11.74 3.70 3.82
CA GLY A 103 -11.23 3.44 5.16
C GLY A 103 -11.18 4.69 6.02
N TYR A 104 -10.58 4.55 7.18
CA TYR A 104 -10.45 5.68 8.12
C TYR A 104 -9.19 6.49 7.79
N ALA A 105 -8.98 7.55 8.55
CA ALA A 105 -7.82 8.40 8.36
C ALA A 105 -7.42 9.05 9.68
N GLY A 106 -6.19 8.81 10.11
CA GLY A 106 -5.71 9.38 11.35
C GLY A 106 -4.34 8.84 11.71
N ASP A 107 -3.58 8.50 10.68
CA ASP A 107 -2.25 7.94 10.85
C ASP A 107 -1.21 9.04 11.00
N THR A 108 0.04 8.66 10.86
CA THR A 108 1.17 9.59 10.98
C THR A 108 1.08 10.74 9.97
N ALA A 109 0.21 10.60 8.97
CA ALA A 109 0.02 11.63 7.96
C ALA A 109 -0.39 12.95 8.60
N THR A 110 -1.27 12.86 9.60
CA THR A 110 -1.74 14.04 10.31
C THR A 110 -0.59 14.76 10.99
N THR A 111 0.29 13.98 11.62
CA THR A 111 1.46 14.52 12.29
C THR A 111 2.40 15.17 11.28
N SER A 112 2.53 14.53 10.13
CA SER A 112 3.41 15.02 9.06
C SER A 112 3.04 16.44 8.66
N GLU A 113 1.76 16.67 8.39
CA GLU A 113 1.30 17.98 7.96
C GLU A 113 1.16 18.95 9.12
N ILE A 114 0.69 18.47 10.27
CA ILE A 114 0.48 19.32 11.44
C ILE A 114 1.79 20.03 11.81
N LYS A 115 2.91 19.37 11.55
CA LYS A 115 4.21 19.94 11.86
C LYS A 115 4.54 21.05 10.87
N ALA A 116 4.21 20.79 9.61
CA ALA A 116 4.46 21.75 8.54
C ALA A 116 3.68 23.05 8.76
N LYS A 117 2.54 22.96 9.45
CA LYS A 117 1.72 24.13 9.73
C LYS A 117 2.26 24.88 10.93
N LEU A 118 2.55 24.12 11.98
CA LEU A 118 3.05 24.69 13.23
C LEU A 118 4.40 25.37 13.05
N LEU A 119 5.22 24.87 12.14
CA LEU A 119 6.53 25.47 11.90
C LEU A 119 6.41 26.67 10.99
N ALA A 120 5.34 26.69 10.22
CA ALA A 120 5.10 27.76 9.28
C ALA A 120 4.44 28.95 9.96
N ASP A 121 3.93 28.73 11.16
CA ASP A 121 3.27 29.78 11.93
C ASP A 121 4.29 30.80 12.43
N ASP A 122 3.87 32.05 12.62
CA ASP A 122 4.77 33.12 13.04
C ASP A 122 4.99 33.13 14.56
N ILE A 123 4.17 32.41 15.31
CA ILE A 123 4.32 32.39 16.76
C ILE A 123 4.52 31.00 17.33
N VAL A 124 3.82 30.00 16.81
CA VAL A 124 3.94 28.63 17.28
C VAL A 124 5.39 28.14 17.17
N PRO A 125 6.08 27.99 18.32
CA PRO A 125 7.46 27.52 18.35
C PRO A 125 7.56 26.01 18.15
N SER A 126 7.27 25.57 16.94
CA SER A 126 7.33 24.16 16.60
C SER A 126 8.77 23.62 16.65
N ARG A 127 9.73 24.50 16.89
CA ARG A 127 11.13 24.10 16.99
C ARG A 127 11.40 23.48 18.37
N HIS A 128 10.56 23.85 19.33
CA HIS A 128 10.70 23.34 20.70
C HIS A 128 9.48 22.51 21.08
N VAL A 129 8.48 22.50 20.21
CA VAL A 129 7.26 21.74 20.45
C VAL A 129 7.09 20.65 19.39
N LYS A 130 6.89 19.45 19.86
CA LYS A 130 6.71 18.31 18.97
C LYS A 130 5.25 17.88 19.00
N VAL A 131 4.81 17.25 17.94
CA VAL A 131 3.44 16.79 17.86
C VAL A 131 3.41 15.37 17.33
N GLU A 132 2.58 14.56 17.94
CA GLU A 132 2.43 13.17 17.53
C GLU A 132 0.95 12.78 17.58
N THR A 133 0.54 11.95 16.64
CA THR A 133 -0.86 11.52 16.58
C THR A 133 -0.99 10.02 16.84
N THR A 134 -2.04 9.66 17.55
CA THR A 134 -2.31 8.28 17.88
C THR A 134 -3.79 7.96 17.62
N ASP A 135 -4.05 7.18 16.55
CA ASP A 135 -5.41 6.79 16.20
C ASP A 135 -6.23 8.03 15.79
N GLY A 136 -5.52 9.09 15.43
CA GLY A 136 -6.20 10.30 15.01
C GLY A 136 -6.17 11.36 16.09
N VAL A 137 -5.66 10.99 17.25
CA VAL A 137 -5.56 11.91 18.36
C VAL A 137 -4.24 12.67 18.27
N VAL A 138 -4.34 13.97 18.01
CA VAL A 138 -3.15 14.79 17.88
C VAL A 138 -2.73 15.31 19.25
N GLN A 139 -1.50 15.02 19.62
CA GLN A 139 -0.96 15.44 20.89
C GLN A 139 0.22 16.38 20.68
N LEU A 140 0.18 17.53 21.33
CA LEU A 140 1.25 18.50 21.20
C LEU A 140 2.01 18.61 22.51
N SER A 141 3.26 18.19 22.51
CA SER A 141 4.06 18.25 23.73
C SER A 141 5.29 19.11 23.51
N GLY A 142 5.69 19.87 24.52
CA GLY A 142 6.85 20.71 24.39
C GLY A 142 6.80 21.90 25.31
N THR A 143 7.24 23.03 24.81
CA THR A 143 7.25 24.24 25.60
C THR A 143 7.10 25.47 24.71
N VAL A 144 6.21 26.37 25.10
CA VAL A 144 5.98 27.60 24.35
C VAL A 144 6.29 28.82 25.20
N ASP A 145 6.22 29.98 24.60
CA ASP A 145 6.49 31.21 25.30
C ASP A 145 5.27 31.65 26.12
N SER A 146 4.10 31.64 25.48
CA SER A 146 2.88 32.07 26.14
C SER A 146 1.67 31.29 25.61
N GLN A 147 0.51 31.49 26.26
CA GLN A 147 -0.74 30.83 25.90
C GLN A 147 -1.15 31.13 24.47
N ALA A 148 -0.80 32.33 23.99
CA ALA A 148 -1.15 32.74 22.63
C ALA A 148 -0.57 31.79 21.59
N GLN A 149 0.68 31.39 21.79
CA GLN A 149 1.35 30.49 20.86
C GLN A 149 0.93 29.05 21.13
N SER A 150 0.48 28.81 22.36
CA SER A 150 0.03 27.49 22.75
C SER A 150 -1.30 27.15 22.09
N ASP A 151 -2.25 28.10 22.16
CA ASP A 151 -3.57 27.91 21.56
C ASP A 151 -3.48 27.75 20.05
N ARG A 152 -2.69 28.60 19.40
CA ARG A 152 -2.54 28.54 17.95
C ARG A 152 -2.17 27.14 17.49
N ALA A 153 -1.14 26.57 18.12
CA ALA A 153 -0.71 25.22 17.80
C ALA A 153 -1.88 24.23 17.81
N GLU A 154 -2.69 24.28 18.86
CA GLU A 154 -3.84 23.41 18.99
C GLU A 154 -4.92 23.80 18.00
N SER A 155 -5.12 25.11 17.84
CA SER A 155 -6.11 25.63 16.91
C SER A 155 -5.91 25.07 15.51
N ILE A 156 -4.65 24.90 15.12
CA ILE A 156 -4.34 24.35 13.81
C ILE A 156 -4.39 22.82 13.83
N ALA A 157 -4.11 22.23 14.99
CA ALA A 157 -4.12 20.78 15.15
C ALA A 157 -5.50 20.18 14.87
N LYS A 158 -6.54 20.80 15.41
CA LYS A 158 -7.90 20.31 15.21
C LYS A 158 -8.41 20.72 13.83
N ALA A 159 -7.68 21.62 13.19
CA ALA A 159 -8.05 22.12 11.88
C ALA A 159 -7.56 21.19 10.76
N VAL A 160 -6.70 20.24 11.11
CA VAL A 160 -6.19 19.30 10.13
C VAL A 160 -7.15 18.12 9.98
N ASP A 161 -7.58 17.87 8.75
CA ASP A 161 -8.51 16.77 8.48
C ASP A 161 -7.90 15.43 8.87
N GLY A 162 -8.65 14.65 9.65
CA GLY A 162 -8.17 13.36 10.08
C GLY A 162 -7.95 13.29 11.58
N VAL A 163 -8.20 14.40 12.26
CA VAL A 163 -8.03 14.46 13.71
C VAL A 163 -9.37 14.25 14.41
N LYS A 164 -9.37 13.37 15.41
CA LYS A 164 -10.59 13.11 16.17
C LYS A 164 -10.55 13.87 17.49
N SER A 165 -9.36 14.10 18.02
CA SER A 165 -9.18 14.81 19.26
C SER A 165 -7.78 15.40 19.34
N VAL A 166 -7.64 16.54 20.01
CA VAL A 166 -6.35 17.19 20.15
C VAL A 166 -6.04 17.37 21.64
N LYS A 167 -4.77 17.29 22.01
CA LYS A 167 -4.38 17.42 23.40
C LYS A 167 -3.18 18.34 23.56
N ASN A 168 -3.41 19.50 24.17
CA ASN A 168 -2.36 20.47 24.42
C ASN A 168 -1.57 20.10 25.66
N ASP A 169 -0.38 19.53 25.46
CA ASP A 169 0.47 19.12 26.56
C ASP A 169 1.71 20.01 26.65
N LEU A 170 1.85 20.92 25.69
CA LEU A 170 2.97 21.83 25.67
C LEU A 170 2.84 22.82 26.82
N LYS A 171 3.89 22.96 27.60
CA LYS A 171 3.88 23.86 28.74
C LYS A 171 4.42 25.23 28.38
N THR A 172 4.03 26.25 29.14
CA THR A 172 4.50 27.59 28.91
C THR A 172 5.76 27.83 29.74
N LYS A 173 6.58 28.77 29.32
CA LYS A 173 7.81 29.08 30.03
C LYS A 173 7.51 29.89 31.31
N GLU A 1 -18.88 -35.93 25.93
CA GLU A 1 -19.37 -35.98 24.55
C GLU A 1 -19.66 -34.57 24.02
N ASN A 2 -20.27 -34.50 22.85
CA ASN A 2 -20.60 -33.22 22.23
C ASN A 2 -21.97 -33.29 21.58
N ASN A 3 -22.55 -32.14 21.29
CA ASN A 3 -23.88 -32.10 20.67
C ASN A 3 -23.83 -31.46 19.28
N ALA A 4 -22.68 -30.89 18.93
CA ALA A 4 -22.54 -30.23 17.64
C ALA A 4 -21.08 -30.16 17.21
N GLN A 5 -20.86 -29.90 15.93
CA GLN A 5 -19.53 -29.79 15.36
C GLN A 5 -18.81 -28.55 15.89
N THR A 6 -17.55 -28.70 16.22
CA THR A 6 -16.76 -27.59 16.72
C THR A 6 -15.46 -27.45 15.93
N THR A 7 -14.52 -28.34 16.19
CA THR A 7 -13.24 -28.32 15.50
C THR A 7 -12.95 -29.65 14.83
N ASN A 8 -13.56 -29.88 13.66
CA ASN A 8 -13.35 -31.12 12.91
C ASN A 8 -13.64 -30.90 11.43
N GLU A 9 -13.78 -29.64 11.03
CA GLU A 9 -14.06 -29.31 9.65
C GLU A 9 -13.43 -27.97 9.29
N SER A 10 -13.62 -27.54 8.03
CA SER A 10 -13.06 -26.28 7.53
C SER A 10 -11.58 -26.13 7.91
N ALA A 11 -10.81 -27.19 7.72
CA ALA A 11 -9.40 -27.19 8.06
C ALA A 11 -8.56 -26.66 6.90
N GLY A 12 -7.64 -25.77 7.21
CA GLY A 12 -6.78 -25.20 6.19
C GLY A 12 -5.40 -25.83 6.21
N GLN A 13 -4.52 -25.32 5.35
CA GLN A 13 -3.16 -25.84 5.26
C GLN A 13 -2.16 -24.85 5.86
N LYS A 14 -0.89 -25.01 5.52
CA LYS A 14 0.16 -24.13 6.02
C LYS A 14 0.80 -23.38 4.86
N VAL A 15 1.83 -22.60 5.15
CA VAL A 15 2.50 -21.83 4.11
C VAL A 15 3.96 -22.28 3.96
N ASP A 16 4.56 -21.89 2.84
CA ASP A 16 5.95 -22.24 2.56
C ASP A 16 6.90 -21.57 3.54
N SER A 17 7.79 -22.35 4.12
CA SER A 17 8.74 -21.83 5.08
C SER A 17 10.18 -22.03 4.62
N SER A 18 10.66 -23.28 4.72
CA SER A 18 12.02 -23.65 4.34
C SER A 18 13.05 -22.99 5.27
N MET A 19 13.58 -23.76 6.21
CA MET A 19 14.57 -23.24 7.15
C MET A 19 15.92 -23.92 6.95
N ASN A 20 16.78 -23.30 6.17
CA ASN A 20 18.13 -23.82 5.90
C ASN A 20 18.95 -22.76 5.17
N LYS A 21 20.24 -22.69 5.45
CA LYS A 21 21.09 -21.70 4.80
C LYS A 21 22.54 -22.15 4.80
N VAL A 22 23.20 -21.94 3.67
CA VAL A 22 24.61 -22.32 3.52
C VAL A 22 25.43 -21.10 3.09
N GLY A 23 26.07 -20.47 4.06
CA GLY A 23 26.89 -19.31 3.76
C GLY A 23 28.35 -19.58 4.02
N ASN A 24 29.16 -19.53 2.98
CA ASN A 24 30.59 -19.80 3.12
C ASN A 24 31.30 -18.59 3.70
N PHE A 25 30.97 -17.41 3.20
CA PHE A 25 31.60 -16.19 3.69
C PHE A 25 30.66 -15.00 3.51
N MET A 26 30.33 -14.68 2.27
CA MET A 26 29.45 -13.55 1.99
C MET A 26 28.86 -13.69 0.60
N ASP A 27 28.02 -14.70 0.43
CA ASP A 27 27.38 -14.98 -0.86
C ASP A 27 26.05 -14.27 -1.00
N ASP A 28 25.00 -14.85 -0.44
CA ASP A 28 23.65 -14.29 -0.52
C ASP A 28 23.54 -12.97 0.23
N SER A 29 24.32 -12.85 1.30
CA SER A 29 24.31 -11.65 2.11
C SER A 29 24.77 -10.44 1.30
N ALA A 30 25.48 -10.71 0.21
CA ALA A 30 25.99 -9.66 -0.66
C ALA A 30 24.93 -9.18 -1.64
N ILE A 31 23.94 -10.03 -1.91
CA ILE A 31 22.87 -9.68 -2.84
C ILE A 31 21.92 -8.68 -2.18
N THR A 32 21.63 -8.93 -0.91
CA THR A 32 20.75 -8.07 -0.12
C THR A 32 21.31 -6.65 -0.05
N ALA A 33 22.63 -6.55 -0.14
CA ALA A 33 23.32 -5.27 -0.08
C ALA A 33 22.88 -4.30 -1.19
N LYS A 34 22.66 -4.81 -2.39
CA LYS A 34 22.24 -3.95 -3.49
C LYS A 34 20.72 -3.80 -3.51
N VAL A 35 20.04 -4.81 -3.02
CA VAL A 35 18.58 -4.79 -2.98
C VAL A 35 18.06 -3.68 -2.06
N LYS A 36 18.74 -3.46 -0.94
CA LYS A 36 18.32 -2.43 0.02
C LYS A 36 18.45 -1.04 -0.61
N ALA A 37 19.26 -0.93 -1.65
CA ALA A 37 19.46 0.32 -2.36
C ALA A 37 18.35 0.53 -3.37
N ALA A 38 17.98 -0.54 -4.07
CA ALA A 38 16.95 -0.47 -5.10
C ALA A 38 15.60 -0.13 -4.49
N LEU A 39 15.38 -0.56 -3.26
CA LEU A 39 14.13 -0.30 -2.56
C LEU A 39 14.04 1.16 -2.14
N VAL A 40 15.14 1.70 -1.60
CA VAL A 40 15.15 3.08 -1.14
C VAL A 40 15.23 4.07 -2.31
N ASP A 41 15.83 3.61 -3.41
CA ASP A 41 15.97 4.43 -4.62
C ASP A 41 14.60 4.85 -5.14
N HIS A 42 13.62 3.97 -4.96
CA HIS A 42 12.27 4.24 -5.41
C HIS A 42 11.44 4.88 -4.30
N ASP A 43 11.13 6.16 -4.45
CA ASP A 43 10.33 6.90 -3.45
C ASP A 43 8.95 6.25 -3.24
N ASN A 44 8.42 5.66 -4.32
CA ASN A 44 7.11 5.00 -4.26
C ASN A 44 7.15 3.74 -3.39
N ILE A 45 8.35 3.31 -3.03
CA ILE A 45 8.51 2.12 -2.21
C ILE A 45 9.07 2.48 -0.83
N LYS A 46 8.28 2.21 0.19
CA LYS A 46 8.68 2.51 1.55
C LYS A 46 9.38 1.31 2.15
N SER A 47 10.70 1.27 1.99
CA SER A 47 11.50 0.19 2.52
C SER A 47 11.54 0.25 4.05
N THR A 48 11.00 1.32 4.61
CA THR A 48 10.95 1.51 6.04
C THR A 48 10.13 0.41 6.71
N ASP A 49 9.11 -0.06 6.00
CA ASP A 49 8.22 -1.12 6.49
C ASP A 49 8.54 -2.43 5.81
N ILE A 50 9.68 -2.49 5.14
CA ILE A 50 10.06 -3.67 4.40
C ILE A 50 11.39 -4.26 4.87
N SER A 51 11.41 -5.58 4.96
CA SER A 51 12.61 -6.30 5.36
C SER A 51 13.09 -7.17 4.19
N VAL A 52 14.30 -6.91 3.73
CA VAL A 52 14.87 -7.65 2.63
C VAL A 52 15.78 -8.77 3.12
N LYS A 53 15.69 -9.92 2.48
CA LYS A 53 16.50 -11.07 2.86
C LYS A 53 16.71 -12.01 1.67
N THR A 54 17.96 -12.36 1.42
CA THR A 54 18.29 -13.28 0.33
C THR A 54 18.57 -14.66 0.88
N ASP A 55 17.99 -15.66 0.23
CA ASP A 55 18.16 -17.04 0.61
C ASP A 55 18.19 -17.92 -0.62
N GLN A 56 19.37 -18.47 -0.91
CA GLN A 56 19.57 -19.36 -2.05
C GLN A 56 19.35 -18.63 -3.37
N LYS A 57 19.93 -17.44 -3.48
CA LYS A 57 19.83 -16.60 -4.68
C LYS A 57 18.40 -16.12 -4.89
N VAL A 58 17.60 -16.23 -3.83
CA VAL A 58 16.21 -15.81 -3.86
C VAL A 58 15.98 -14.66 -2.89
N VAL A 59 15.54 -13.53 -3.41
CA VAL A 59 15.30 -12.36 -2.58
C VAL A 59 13.83 -12.31 -2.15
N THR A 60 13.60 -12.42 -0.87
CA THR A 60 12.25 -12.38 -0.32
C THR A 60 11.95 -11.00 0.25
N LEU A 61 10.86 -10.41 -0.21
CA LEU A 61 10.44 -9.12 0.28
C LEU A 61 9.27 -9.31 1.23
N SER A 62 9.51 -9.07 2.49
CA SER A 62 8.48 -9.24 3.50
C SER A 62 8.38 -8.00 4.37
N GLY A 63 7.16 -7.70 4.80
CA GLY A 63 6.94 -6.53 5.62
C GLY A 63 5.55 -5.99 5.44
N PHE A 64 5.42 -4.68 5.46
CA PHE A 64 4.14 -4.02 5.29
C PHE A 64 4.20 -2.98 4.18
N VAL A 65 3.27 -3.07 3.25
CA VAL A 65 3.23 -2.12 2.14
C VAL A 65 1.93 -1.33 2.23
N GLU A 66 1.89 -0.18 1.59
CA GLU A 66 0.70 0.66 1.66
C GLU A 66 -0.37 0.16 0.68
N SER A 67 0.05 -0.58 -0.33
CA SER A 67 -0.89 -1.10 -1.32
C SER A 67 -0.26 -2.24 -2.12
N GLN A 68 -1.09 -2.90 -2.93
CA GLN A 68 -0.64 -4.02 -3.76
C GLN A 68 0.43 -3.55 -4.74
N ALA A 69 0.15 -2.45 -5.42
CA ALA A 69 1.07 -1.87 -6.40
C ALA A 69 2.42 -1.54 -5.77
N GLN A 70 2.42 -1.29 -4.48
CA GLN A 70 3.63 -0.96 -3.76
C GLN A 70 4.48 -2.21 -3.53
N ALA A 71 3.82 -3.33 -3.31
CA ALA A 71 4.50 -4.59 -3.08
C ALA A 71 5.09 -5.16 -4.36
N GLU A 72 4.34 -5.11 -5.44
CA GLU A 72 4.80 -5.63 -6.74
C GLU A 72 5.99 -4.82 -7.25
N GLU A 73 6.07 -3.56 -6.87
CA GLU A 73 7.17 -2.72 -7.29
C GLU A 73 8.43 -3.07 -6.49
N ALA A 74 8.23 -3.50 -5.24
CA ALA A 74 9.33 -3.87 -4.37
C ALA A 74 10.11 -5.05 -4.92
N VAL A 75 9.41 -6.08 -5.36
CA VAL A 75 10.06 -7.25 -5.92
C VAL A 75 10.68 -6.91 -7.28
N LYS A 76 10.08 -5.93 -7.95
CA LYS A 76 10.54 -5.49 -9.25
C LYS A 76 11.92 -4.85 -9.13
N VAL A 77 12.05 -3.89 -8.21
CA VAL A 77 13.33 -3.21 -8.01
C VAL A 77 14.35 -4.17 -7.40
N ALA A 78 13.86 -5.12 -6.60
CA ALA A 78 14.73 -6.11 -5.98
C ALA A 78 15.31 -7.04 -7.02
N LYS A 79 14.48 -7.45 -7.97
CA LYS A 79 14.91 -8.34 -9.04
C LYS A 79 15.74 -7.58 -10.06
N GLY A 80 15.78 -6.26 -9.93
CA GLY A 80 16.53 -5.43 -10.84
C GLY A 80 18.03 -5.49 -10.57
N VAL A 81 18.40 -5.91 -9.36
CA VAL A 81 19.79 -6.02 -9.00
C VAL A 81 20.41 -7.27 -9.60
N GLU A 82 21.69 -7.20 -9.93
CA GLU A 82 22.38 -8.35 -10.50
C GLU A 82 22.79 -9.31 -9.39
N GLY A 83 22.50 -10.59 -9.61
CA GLY A 83 22.84 -11.60 -8.62
C GLY A 83 21.64 -12.38 -8.15
N VAL A 84 20.47 -11.73 -8.16
CA VAL A 84 19.24 -12.39 -7.75
C VAL A 84 18.70 -13.29 -8.86
N THR A 85 18.52 -14.55 -8.54
CA THR A 85 18.01 -15.52 -9.50
C THR A 85 16.48 -15.55 -9.45
N SER A 86 15.93 -15.44 -8.26
CA SER A 86 14.49 -15.44 -8.09
C SER A 86 14.08 -14.48 -6.99
N VAL A 87 12.90 -13.92 -7.11
CA VAL A 87 12.39 -12.97 -6.15
C VAL A 87 11.02 -13.44 -5.65
N SER A 88 10.73 -13.19 -4.38
CA SER A 88 9.47 -13.62 -3.80
C SER A 88 8.84 -12.51 -2.97
N ASP A 89 7.59 -12.18 -3.29
CA ASP A 89 6.86 -11.15 -2.56
C ASP A 89 6.06 -11.79 -1.42
N LYS A 90 6.44 -11.47 -0.20
CA LYS A 90 5.75 -11.97 0.97
C LYS A 90 5.29 -10.79 1.82
N LEU A 91 5.33 -9.61 1.20
CA LEU A 91 4.90 -8.38 1.83
C LEU A 91 3.41 -8.44 2.19
N HIS A 92 3.05 -7.85 3.30
CA HIS A 92 1.68 -7.85 3.74
C HIS A 92 1.09 -6.45 3.65
N VAL A 93 0.04 -6.29 2.87
CA VAL A 93 -0.61 -5.00 2.71
C VAL A 93 -1.35 -4.64 4.00
N ARG A 94 -1.34 -3.36 4.36
CA ARG A 94 -2.02 -2.91 5.58
C ARG A 94 -3.27 -2.10 5.27
N ASP A 95 -3.20 -1.24 4.27
CA ASP A 95 -4.33 -0.39 3.90
C ASP A 95 -5.22 -1.05 2.85
N ALA A 96 -6.36 -0.42 2.60
CA ALA A 96 -7.33 -0.92 1.65
C ALA A 96 -7.17 -0.25 0.29
N LYS A 97 -7.31 -1.03 -0.77
CA LYS A 97 -7.19 -0.50 -2.13
C LYS A 97 -8.57 -0.08 -2.66
N GLU A 98 -9.30 0.64 -1.83
CA GLU A 98 -10.64 1.12 -2.20
C GLU A 98 -10.58 2.58 -2.63
N GLY A 99 -9.42 3.00 -3.13
CA GLY A 99 -9.25 4.36 -3.57
C GLY A 99 -8.23 5.10 -2.74
N SER A 100 -7.75 6.22 -3.24
CA SER A 100 -6.77 7.03 -2.53
C SER A 100 -7.21 8.49 -2.52
N VAL A 101 -7.23 9.10 -3.71
CA VAL A 101 -7.63 10.50 -3.88
C VAL A 101 -6.63 11.45 -3.23
N LYS A 102 -5.76 12.03 -4.05
CA LYS A 102 -4.75 12.98 -3.58
C LYS A 102 -3.79 12.32 -2.58
N GLY A 103 -3.16 11.24 -3.00
CA GLY A 103 -2.22 10.54 -2.14
C GLY A 103 -0.86 10.48 -2.76
N TYR A 104 -0.03 11.49 -2.47
CA TYR A 104 1.32 11.57 -3.05
C TYR A 104 2.20 12.46 -2.18
N ALA A 105 3.43 12.66 -2.62
CA ALA A 105 4.36 13.52 -1.90
C ALA A 105 5.20 14.34 -2.87
N GLY A 106 6.32 13.77 -3.32
CA GLY A 106 7.19 14.46 -4.25
C GLY A 106 7.97 15.59 -3.61
N ASP A 107 8.86 16.18 -4.38
CA ASP A 107 9.69 17.28 -3.93
C ASP A 107 9.01 18.60 -4.26
N THR A 108 8.25 19.09 -3.31
CA THR A 108 7.52 20.33 -3.50
C THR A 108 8.44 21.50 -3.79
N ALA A 109 9.68 21.42 -3.34
CA ALA A 109 10.65 22.48 -3.58
C ALA A 109 10.83 22.74 -5.07
N THR A 110 11.05 21.67 -5.82
CA THR A 110 11.25 21.76 -7.25
C THR A 110 9.97 22.17 -7.97
N THR A 111 8.90 21.44 -7.66
CA THR A 111 7.60 21.69 -8.27
C THR A 111 7.11 23.12 -8.01
N SER A 112 7.33 23.62 -6.80
CA SER A 112 6.90 24.97 -6.44
C SER A 112 7.53 26.00 -7.36
N GLU A 113 8.82 25.85 -7.59
CA GLU A 113 9.52 26.79 -8.45
C GLU A 113 9.23 26.51 -9.92
N ILE A 114 9.12 25.23 -10.27
CA ILE A 114 8.87 24.85 -11.66
C ILE A 114 7.56 25.47 -12.13
N LYS A 115 6.59 25.56 -11.22
CA LYS A 115 5.31 26.14 -11.55
C LYS A 115 5.45 27.63 -11.80
N ALA A 116 6.25 28.25 -10.95
CA ALA A 116 6.53 29.67 -11.04
C ALA A 116 7.13 30.05 -12.40
N LYS A 117 7.96 29.17 -12.96
CA LYS A 117 8.59 29.41 -14.25
C LYS A 117 7.57 29.21 -15.37
N LEU A 118 6.80 28.14 -15.25
CA LEU A 118 5.81 27.80 -16.27
C LEU A 118 4.69 28.83 -16.34
N LEU A 119 4.30 29.38 -15.20
CA LEU A 119 3.24 30.38 -15.18
C LEU A 119 3.75 31.72 -15.63
N ALA A 120 5.03 31.92 -15.45
CA ALA A 120 5.65 33.18 -15.83
C ALA A 120 5.89 33.24 -17.34
N ASP A 121 5.78 32.09 -18.00
CA ASP A 121 5.97 32.02 -19.45
C ASP A 121 4.77 32.64 -20.16
N ASP A 122 4.98 33.09 -21.38
CA ASP A 122 3.94 33.74 -22.16
C ASP A 122 3.13 32.72 -22.96
N ILE A 123 3.68 31.52 -23.14
CA ILE A 123 2.99 30.49 -23.92
C ILE A 123 2.60 29.28 -23.09
N VAL A 124 3.50 28.81 -22.24
CA VAL A 124 3.21 27.64 -21.41
C VAL A 124 1.98 27.85 -20.53
N PRO A 125 0.89 27.13 -20.84
CA PRO A 125 -0.36 27.21 -20.08
C PRO A 125 -0.29 26.47 -18.75
N SER A 126 0.50 27.01 -17.82
CA SER A 126 0.66 26.41 -16.50
C SER A 126 -0.66 26.34 -15.72
N ARG A 127 -1.65 27.10 -16.17
CA ARG A 127 -2.96 27.11 -15.52
C ARG A 127 -3.80 25.92 -15.98
N HIS A 128 -3.35 25.27 -17.05
CA HIS A 128 -4.07 24.12 -17.60
C HIS A 128 -3.20 22.87 -17.49
N VAL A 129 -1.92 23.06 -17.23
CA VAL A 129 -0.99 21.95 -17.09
C VAL A 129 -0.47 21.86 -15.67
N LYS A 130 -0.57 20.67 -15.10
CA LYS A 130 -0.12 20.42 -13.75
C LYS A 130 1.21 19.68 -13.77
N VAL A 131 2.10 20.05 -12.88
CA VAL A 131 3.42 19.45 -12.81
C VAL A 131 3.70 18.91 -11.42
N GLU A 132 4.24 17.71 -11.36
CA GLU A 132 4.57 17.07 -10.10
C GLU A 132 5.95 16.41 -10.24
N THR A 133 6.83 16.68 -9.28
CA THR A 133 8.16 16.09 -9.31
C THR A 133 8.29 15.04 -8.22
N THR A 134 8.90 13.93 -8.57
CA THR A 134 9.10 12.84 -7.64
C THR A 134 10.53 12.33 -7.69
N ASP A 135 11.31 12.63 -6.65
CA ASP A 135 12.71 12.20 -6.55
C ASP A 135 13.54 12.97 -7.58
N GLY A 136 13.00 14.09 -8.03
CA GLY A 136 13.73 14.88 -8.99
C GLY A 136 13.21 14.63 -10.39
N VAL A 137 12.23 13.74 -10.50
CA VAL A 137 11.64 13.42 -11.79
C VAL A 137 10.43 14.31 -12.02
N VAL A 138 10.55 15.27 -12.92
CA VAL A 138 9.45 16.18 -13.21
C VAL A 138 8.46 15.57 -14.18
N GLN A 139 7.22 15.51 -13.78
CA GLN A 139 6.17 14.95 -14.61
C GLN A 139 5.15 16.04 -14.98
N LEU A 140 5.03 16.31 -16.28
CA LEU A 140 4.08 17.33 -16.74
C LEU A 140 2.88 16.67 -17.39
N SER A 141 1.69 17.00 -16.90
CA SER A 141 0.47 16.47 -17.45
C SER A 141 -0.59 17.56 -17.55
N GLY A 142 -1.39 17.51 -18.60
CA GLY A 142 -2.43 18.52 -18.78
C GLY A 142 -2.74 18.75 -20.25
N THR A 143 -3.16 19.96 -20.59
CA THR A 143 -3.49 20.27 -21.98
C THR A 143 -3.00 21.66 -22.38
N VAL A 144 -2.37 21.73 -23.55
CA VAL A 144 -1.85 22.96 -24.09
C VAL A 144 -2.49 23.26 -25.44
N ASP A 145 -2.12 24.39 -26.03
CA ASP A 145 -2.66 24.77 -27.33
C ASP A 145 -1.84 24.21 -28.48
N SER A 146 -0.53 24.07 -28.28
CA SER A 146 0.34 23.58 -29.33
C SER A 146 1.62 22.98 -28.75
N GLN A 147 2.28 22.15 -29.56
CA GLN A 147 3.52 21.47 -29.15
C GLN A 147 4.58 22.46 -28.68
N ALA A 148 4.59 23.66 -29.26
CA ALA A 148 5.55 24.69 -28.90
C ALA A 148 5.48 25.02 -27.42
N GLN A 149 4.25 25.15 -26.91
CA GLN A 149 4.04 25.46 -25.50
C GLN A 149 4.31 24.25 -24.64
N SER A 150 4.09 23.08 -25.22
CA SER A 150 4.32 21.82 -24.54
C SER A 150 5.83 21.58 -24.30
N ASP A 151 6.62 21.84 -25.34
CA ASP A 151 8.08 21.66 -25.28
C ASP A 151 8.70 22.66 -24.30
N ARG A 152 8.32 23.92 -24.43
CA ARG A 152 8.85 24.97 -23.57
C ARG A 152 8.71 24.58 -22.10
N ALA A 153 7.54 24.10 -21.72
CA ALA A 153 7.30 23.66 -20.36
C ALA A 153 8.36 22.65 -19.91
N GLU A 154 8.60 21.63 -20.75
CA GLU A 154 9.58 20.61 -20.44
C GLU A 154 10.99 21.19 -20.45
N SER A 155 11.25 22.06 -21.42
CA SER A 155 12.54 22.72 -21.55
C SER A 155 12.92 23.44 -20.26
N ILE A 156 11.93 23.98 -19.56
CA ILE A 156 12.17 24.69 -18.31
C ILE A 156 12.25 23.72 -17.13
N ALA A 157 11.47 22.65 -17.21
CA ALA A 157 11.43 21.63 -16.16
C ALA A 157 12.82 21.04 -15.90
N LYS A 158 13.54 20.72 -16.97
CA LYS A 158 14.87 20.16 -16.85
C LYS A 158 15.89 21.24 -16.51
N ALA A 159 15.53 22.48 -16.77
CA ALA A 159 16.40 23.63 -16.50
C ALA A 159 16.43 23.97 -15.01
N VAL A 160 15.56 23.34 -14.23
CA VAL A 160 15.50 23.58 -12.80
C VAL A 160 16.42 22.63 -12.05
N ASP A 161 17.13 23.16 -11.06
CA ASP A 161 18.07 22.37 -10.26
C ASP A 161 17.34 21.31 -9.43
N GLY A 162 18.02 20.22 -9.14
CA GLY A 162 17.42 19.15 -8.36
C GLY A 162 16.70 18.14 -9.24
N VAL A 163 16.43 18.52 -10.48
CA VAL A 163 15.74 17.65 -11.41
C VAL A 163 16.70 16.68 -12.08
N LYS A 164 16.37 15.39 -12.03
CA LYS A 164 17.20 14.37 -12.64
C LYS A 164 16.62 13.96 -13.99
N SER A 165 15.30 13.99 -14.10
CA SER A 165 14.62 13.62 -15.33
C SER A 165 13.29 14.34 -15.46
N VAL A 166 12.77 14.43 -16.68
CA VAL A 166 11.51 15.11 -16.94
C VAL A 166 10.66 14.27 -17.90
N LYS A 167 9.32 14.33 -17.76
CA LYS A 167 8.43 13.56 -18.61
C LYS A 167 7.32 14.44 -19.19
N ASN A 168 7.37 14.64 -20.50
CA ASN A 168 6.37 15.44 -21.20
C ASN A 168 5.16 14.58 -21.49
N ASP A 169 4.23 14.55 -20.56
CA ASP A 169 3.04 13.73 -20.68
C ASP A 169 1.79 14.57 -20.96
N LEU A 170 1.98 15.89 -21.01
CA LEU A 170 0.90 16.82 -21.30
C LEU A 170 0.45 16.63 -22.76
N LYS A 171 -0.78 17.00 -23.07
CA LYS A 171 -1.30 16.84 -24.42
C LYS A 171 -1.69 18.18 -25.05
N THR A 172 -1.83 18.19 -26.35
CA THR A 172 -2.21 19.40 -27.08
C THR A 172 -3.71 19.37 -27.41
N LYS A 173 -4.23 20.49 -27.86
CA LYS A 173 -5.64 20.57 -28.25
C LYS A 173 -5.82 20.14 -29.70
N GLU A 1 0.30 0.92 59.22
CA GLU A 1 -0.73 -0.10 59.10
C GLU A 1 -0.11 -1.49 59.12
N ASN A 2 -0.85 -2.48 58.66
CA ASN A 2 -0.38 -3.85 58.63
C ASN A 2 -0.66 -4.48 57.27
N ASN A 3 -0.05 -5.60 56.99
CA ASN A 3 -0.24 -6.28 55.71
C ASN A 3 -1.04 -7.56 55.90
N ALA A 4 -2.35 -7.46 55.71
CA ALA A 4 -3.24 -8.61 55.86
C ALA A 4 -4.52 -8.37 55.07
N GLN A 5 -4.58 -8.92 53.88
CA GLN A 5 -5.74 -8.78 53.01
C GLN A 5 -5.89 -10.02 52.13
N THR A 6 -6.90 -10.01 51.27
CA THR A 6 -7.15 -11.13 50.37
C THR A 6 -6.31 -10.97 49.09
N THR A 7 -6.17 -12.05 48.35
CA THR A 7 -5.39 -12.02 47.12
C THR A 7 -6.06 -12.91 46.07
N ASN A 8 -5.91 -12.53 44.81
CA ASN A 8 -6.49 -13.28 43.71
C ASN A 8 -5.83 -12.88 42.40
N GLU A 9 -5.50 -13.88 41.59
CA GLU A 9 -4.88 -13.64 40.29
C GLU A 9 -5.47 -14.59 39.25
N SER A 10 -5.88 -14.04 38.12
CA SER A 10 -6.46 -14.84 37.05
C SER A 10 -6.43 -14.07 35.74
N ALA A 11 -5.64 -14.55 34.78
CA ALA A 11 -5.52 -13.91 33.49
C ALA A 11 -4.89 -14.87 32.46
N GLY A 12 -3.59 -14.74 32.28
CA GLY A 12 -2.90 -15.59 31.32
C GLY A 12 -2.48 -14.81 30.10
N GLN A 13 -1.21 -14.95 29.70
CA GLN A 13 -0.70 -14.23 28.55
C GLN A 13 0.17 -15.15 27.70
N LYS A 14 0.63 -14.64 26.57
CA LYS A 14 1.47 -15.40 25.67
C LYS A 14 2.55 -14.49 25.09
N VAL A 15 3.77 -15.00 25.01
CA VAL A 15 4.88 -14.22 24.49
C VAL A 15 5.34 -14.78 23.16
N ASP A 16 5.79 -13.90 22.26
CA ASP A 16 6.27 -14.32 20.95
C ASP A 16 7.64 -14.95 21.06
N SER A 17 7.90 -15.94 20.23
CA SER A 17 9.18 -16.63 20.23
C SER A 17 9.61 -16.95 18.81
N SER A 18 9.93 -15.91 18.04
CA SER A 18 10.35 -16.07 16.67
C SER A 18 11.87 -16.22 16.56
N MET A 19 12.30 -17.10 15.66
CA MET A 19 13.72 -17.33 15.45
C MET A 19 13.96 -17.66 13.98
N ASN A 20 15.04 -17.13 13.42
CA ASN A 20 15.39 -17.36 12.02
C ASN A 20 16.81 -16.87 11.76
N LYS A 21 17.30 -17.09 10.54
CA LYS A 21 18.65 -16.67 10.18
C LYS A 21 18.61 -15.61 9.07
N VAL A 22 19.75 -15.02 8.78
CA VAL A 22 19.85 -13.98 7.76
C VAL A 22 20.59 -14.48 6.51
N GLY A 23 20.43 -15.76 6.21
CA GLY A 23 21.08 -16.33 5.04
C GLY A 23 22.08 -17.41 5.41
N ASN A 24 22.99 -17.70 4.48
CA ASN A 24 24.03 -18.70 4.69
C ASN A 24 25.24 -18.08 5.36
N PHE A 25 25.95 -17.23 4.63
CA PHE A 25 27.15 -16.59 5.14
C PHE A 25 27.50 -15.39 4.29
N MET A 26 27.87 -15.66 3.04
CA MET A 26 28.24 -14.63 2.10
C MET A 26 27.61 -14.93 0.76
N ASP A 27 27.90 -14.08 -0.20
CA ASP A 27 27.41 -14.20 -1.58
C ASP A 27 25.93 -13.85 -1.68
N ASP A 28 25.08 -14.57 -0.95
CA ASP A 28 23.66 -14.27 -0.97
C ASP A 28 23.41 -12.99 -0.21
N SER A 29 24.07 -12.86 0.93
CA SER A 29 23.98 -11.67 1.77
C SER A 29 24.48 -10.45 1.00
N ALA A 30 25.38 -10.69 0.07
CA ALA A 30 25.97 -9.64 -0.75
C ALA A 30 24.97 -9.08 -1.75
N ILE A 31 23.88 -9.80 -1.95
CA ILE A 31 22.84 -9.35 -2.86
C ILE A 31 21.89 -8.40 -2.15
N THR A 32 21.54 -8.75 -0.91
CA THR A 32 20.61 -7.96 -0.11
C THR A 32 21.15 -6.53 0.11
N ALA A 33 22.47 -6.42 0.16
CA ALA A 33 23.14 -5.14 0.37
C ALA A 33 22.69 -4.07 -0.65
N LYS A 34 22.53 -4.46 -1.90
CA LYS A 34 22.11 -3.52 -2.93
C LYS A 34 20.58 -3.49 -3.07
N VAL A 35 19.93 -4.61 -2.78
CA VAL A 35 18.46 -4.71 -2.89
C VAL A 35 17.77 -3.66 -2.03
N LYS A 36 18.28 -3.46 -0.81
CA LYS A 36 17.69 -2.48 0.10
C LYS A 36 17.85 -1.06 -0.45
N ALA A 37 18.80 -0.88 -1.35
CA ALA A 37 19.04 0.43 -1.96
C ALA A 37 18.08 0.65 -3.11
N ALA A 38 17.82 -0.42 -3.86
CA ALA A 38 16.92 -0.37 -5.00
C ALA A 38 15.50 -0.05 -4.55
N LEU A 39 15.20 -0.40 -3.31
CA LEU A 39 13.88 -0.17 -2.74
C LEU A 39 13.74 1.27 -2.25
N VAL A 40 14.71 1.73 -1.47
CA VAL A 40 14.69 3.07 -0.90
C VAL A 40 14.86 4.14 -1.98
N ASP A 41 15.54 3.80 -3.06
CA ASP A 41 15.75 4.74 -4.18
C ASP A 41 14.41 5.15 -4.78
N HIS A 42 13.44 4.27 -4.61
CA HIS A 42 12.10 4.52 -5.10
C HIS A 42 11.28 5.21 -4.01
N ASP A 43 11.01 6.50 -4.21
CA ASP A 43 10.23 7.29 -3.25
C ASP A 43 8.89 6.63 -2.91
N ASN A 44 8.24 6.07 -3.91
CA ASN A 44 6.94 5.41 -3.73
C ASN A 44 7.07 4.11 -2.92
N ILE A 45 8.30 3.64 -2.74
CA ILE A 45 8.53 2.41 -2.00
C ILE A 45 9.08 2.70 -0.61
N LYS A 46 8.32 2.31 0.40
CA LYS A 46 8.73 2.50 1.79
C LYS A 46 9.56 1.30 2.24
N SER A 47 10.87 1.39 2.02
CA SER A 47 11.78 0.31 2.39
C SER A 47 11.91 0.21 3.91
N THR A 48 11.42 1.22 4.61
CA THR A 48 11.48 1.25 6.07
C THR A 48 10.66 0.11 6.67
N ASP A 49 9.56 -0.26 6.00
CA ASP A 49 8.68 -1.33 6.48
C ASP A 49 8.92 -2.61 5.69
N ILE A 50 10.04 -2.67 4.98
CA ILE A 50 10.36 -3.83 4.16
C ILE A 50 11.65 -4.50 4.60
N SER A 51 11.55 -5.78 4.91
CA SER A 51 12.68 -6.59 5.33
C SER A 51 13.22 -7.42 4.17
N VAL A 52 14.45 -7.16 3.78
CA VAL A 52 15.09 -7.87 2.70
C VAL A 52 15.99 -8.99 3.21
N LYS A 53 15.93 -10.14 2.56
CA LYS A 53 16.75 -11.28 2.95
C LYS A 53 16.93 -12.23 1.77
N THR A 54 18.17 -12.52 1.43
CA THR A 54 18.49 -13.41 0.33
C THR A 54 18.92 -14.77 0.86
N ASP A 55 18.23 -15.81 0.43
CA ASP A 55 18.54 -17.17 0.83
C ASP A 55 18.62 -18.02 -0.42
N GLN A 56 19.84 -18.43 -0.73
CA GLN A 56 20.11 -19.27 -1.90
C GLN A 56 19.71 -18.58 -3.20
N LYS A 57 20.19 -17.34 -3.37
CA LYS A 57 19.92 -16.54 -4.57
C LYS A 57 18.44 -16.17 -4.71
N VAL A 58 17.70 -16.36 -3.63
CA VAL A 58 16.28 -16.04 -3.61
C VAL A 58 16.04 -14.90 -2.63
N VAL A 59 15.62 -13.77 -3.16
CA VAL A 59 15.36 -12.60 -2.34
C VAL A 59 13.92 -12.61 -1.84
N THR A 60 13.76 -12.73 -0.54
CA THR A 60 12.44 -12.73 0.07
C THR A 60 12.07 -11.33 0.54
N LEU A 61 11.01 -10.80 -0.04
CA LEU A 61 10.53 -9.46 0.30
C LEU A 61 9.35 -9.59 1.24
N SER A 62 9.54 -9.20 2.48
CA SER A 62 8.48 -9.28 3.46
C SER A 62 8.40 -8.02 4.32
N GLY A 63 7.19 -7.59 4.60
CA GLY A 63 6.96 -6.40 5.38
C GLY A 63 5.58 -5.86 5.14
N PHE A 64 5.38 -4.58 5.38
CA PHE A 64 4.08 -3.96 5.19
C PHE A 64 4.15 -2.81 4.21
N VAL A 65 3.32 -2.87 3.18
CA VAL A 65 3.32 -1.84 2.15
C VAL A 65 2.01 -1.06 2.18
N GLU A 66 1.98 0.04 1.42
CA GLU A 66 0.79 0.89 1.37
C GLU A 66 -0.33 0.19 0.63
N SER A 67 0.00 -0.36 -0.52
CA SER A 67 -0.96 -1.05 -1.35
C SER A 67 -0.30 -2.18 -2.12
N GLN A 68 -1.11 -2.96 -2.82
CA GLN A 68 -0.62 -4.07 -3.62
C GLN A 68 0.33 -3.58 -4.70
N ALA A 69 0.02 -2.41 -5.27
CA ALA A 69 0.83 -1.81 -6.33
C ALA A 69 2.24 -1.47 -5.83
N GLN A 70 2.34 -1.13 -4.55
CA GLN A 70 3.61 -0.78 -3.94
C GLN A 70 4.54 -1.99 -3.86
N ALA A 71 3.98 -3.15 -3.54
CA ALA A 71 4.77 -4.38 -3.44
C ALA A 71 5.24 -4.80 -4.83
N GLU A 72 4.45 -4.44 -5.83
CA GLU A 72 4.76 -4.73 -7.22
C GLU A 72 6.03 -4.02 -7.65
N GLU A 73 6.26 -2.87 -7.06
CA GLU A 73 7.44 -2.11 -7.39
C GLU A 73 8.65 -2.66 -6.65
N ALA A 74 8.41 -3.14 -5.43
CA ALA A 74 9.46 -3.73 -4.61
C ALA A 74 10.05 -4.97 -5.26
N VAL A 75 9.18 -5.86 -5.74
CA VAL A 75 9.63 -7.11 -6.36
C VAL A 75 10.28 -6.84 -7.71
N LYS A 76 9.89 -5.75 -8.34
CA LYS A 76 10.42 -5.38 -9.64
C LYS A 76 11.86 -4.91 -9.52
N VAL A 77 12.11 -3.99 -8.60
CA VAL A 77 13.45 -3.48 -8.38
C VAL A 77 14.35 -4.56 -7.79
N ALA A 78 13.77 -5.48 -7.02
CA ALA A 78 14.53 -6.57 -6.41
C ALA A 78 15.05 -7.51 -7.48
N LYS A 79 14.23 -7.72 -8.50
CA LYS A 79 14.59 -8.61 -9.60
C LYS A 79 15.61 -7.95 -10.51
N GLY A 80 15.69 -6.63 -10.45
CA GLY A 80 16.65 -5.89 -11.27
C GLY A 80 18.04 -5.90 -10.67
N VAL A 81 18.14 -6.37 -9.44
CA VAL A 81 19.40 -6.45 -8.74
C VAL A 81 20.26 -7.62 -9.23
N GLU A 82 21.50 -7.32 -9.58
CA GLU A 82 22.43 -8.34 -10.06
C GLU A 82 22.75 -9.35 -8.96
N GLY A 83 22.65 -10.63 -9.30
CA GLY A 83 22.93 -11.69 -8.35
C GLY A 83 21.69 -12.46 -7.94
N VAL A 84 20.53 -11.85 -8.11
CA VAL A 84 19.27 -12.50 -7.75
C VAL A 84 18.86 -13.51 -8.81
N THR A 85 18.42 -14.67 -8.37
CA THR A 85 17.98 -15.70 -9.28
C THR A 85 16.46 -15.84 -9.20
N SER A 86 15.91 -15.62 -8.01
CA SER A 86 14.47 -15.70 -7.81
C SER A 86 14.03 -14.73 -6.70
N VAL A 87 12.81 -14.23 -6.82
CA VAL A 87 12.26 -13.29 -5.84
C VAL A 87 10.99 -13.87 -5.23
N SER A 88 10.82 -13.69 -3.93
CA SER A 88 9.65 -14.20 -3.24
C SER A 88 8.90 -13.05 -2.59
N ASP A 89 7.68 -12.81 -3.07
CA ASP A 89 6.83 -11.75 -2.56
C ASP A 89 6.05 -12.23 -1.33
N LYS A 90 6.39 -11.69 -0.17
CA LYS A 90 5.71 -12.04 1.06
C LYS A 90 5.23 -10.77 1.74
N LEU A 91 5.38 -9.65 1.02
CA LEU A 91 4.93 -8.34 1.50
C LEU A 91 3.42 -8.35 1.67
N HIS A 92 2.93 -7.59 2.63
CA HIS A 92 1.49 -7.54 2.86
C HIS A 92 1.00 -6.12 2.98
N VAL A 93 -0.14 -5.86 2.38
CA VAL A 93 -0.74 -4.54 2.46
C VAL A 93 -1.28 -4.33 3.88
N ARG A 94 -1.09 -3.13 4.40
CA ARG A 94 -1.53 -2.80 5.75
C ARG A 94 -2.88 -2.10 5.74
N ASP A 95 -3.13 -1.34 4.69
CA ASP A 95 -4.37 -0.60 4.58
C ASP A 95 -5.45 -1.39 3.86
N ALA A 96 -6.67 -0.86 3.90
CA ALA A 96 -7.80 -1.47 3.26
C ALA A 96 -7.86 -1.01 1.81
N LYS A 97 -8.34 -1.86 0.92
CA LYS A 97 -8.42 -1.53 -0.50
C LYS A 97 -9.58 -0.59 -0.77
N GLU A 98 -10.57 -0.67 0.08
CA GLU A 98 -11.78 0.13 -0.01
C GLU A 98 -11.69 1.32 0.95
N GLY A 99 -11.77 1.02 2.25
CA GLY A 99 -11.70 2.05 3.26
C GLY A 99 -13.05 2.66 3.58
N SER A 100 -13.57 2.37 4.75
CA SER A 100 -14.86 2.89 5.18
C SER A 100 -14.74 3.63 6.50
N VAL A 101 -15.48 4.71 6.64
CA VAL A 101 -15.45 5.51 7.87
C VAL A 101 -16.31 4.86 8.95
N LYS A 102 -15.71 4.63 10.11
CA LYS A 102 -16.42 4.02 11.22
C LYS A 102 -15.87 4.52 12.55
N GLY A 103 -16.73 4.57 13.55
CA GLY A 103 -16.33 5.02 14.86
C GLY A 103 -17.52 5.18 15.77
N TYR A 104 -17.33 5.87 16.88
CA TYR A 104 -18.39 6.12 17.84
C TYR A 104 -17.95 7.23 18.79
N ALA A 105 -18.84 7.65 19.68
CA ALA A 105 -18.53 8.69 20.64
C ALA A 105 -19.10 8.34 22.01
N GLY A 106 -18.45 8.81 23.06
CA GLY A 106 -18.93 8.54 24.40
C GLY A 106 -18.04 7.57 25.14
N ASP A 107 -17.49 8.01 26.27
CA ASP A 107 -16.61 7.18 27.09
C ASP A 107 -17.44 6.25 27.98
N THR A 108 -18.40 5.56 27.37
CA THR A 108 -19.30 4.64 28.07
C THR A 108 -18.51 3.62 28.91
N ALA A 109 -17.25 3.40 28.55
CA ALA A 109 -16.39 2.48 29.28
C ALA A 109 -16.31 2.85 30.76
N THR A 110 -16.20 4.15 31.02
CA THR A 110 -16.14 4.66 32.39
C THR A 110 -17.40 4.26 33.15
N THR A 111 -18.54 4.51 32.53
CA THR A 111 -19.82 4.18 33.13
C THR A 111 -19.93 2.66 33.32
N SER A 112 -19.40 1.92 32.37
CA SER A 112 -19.44 0.46 32.43
C SER A 112 -18.78 -0.07 33.70
N GLU A 113 -17.60 0.44 34.03
CA GLU A 113 -16.89 -0.01 35.21
C GLU A 113 -17.43 0.63 36.47
N ILE A 114 -17.72 1.94 36.39
CA ILE A 114 -18.22 2.69 37.54
C ILE A 114 -19.45 2.00 38.13
N LYS A 115 -20.27 1.41 37.27
CA LYS A 115 -21.48 0.73 37.71
C LYS A 115 -21.15 -0.56 38.45
N ALA A 116 -20.12 -1.25 37.95
CA ALA A 116 -19.67 -2.49 38.55
C ALA A 116 -19.12 -2.26 39.95
N LYS A 117 -18.75 -1.01 40.22
CA LYS A 117 -18.22 -0.66 41.53
C LYS A 117 -19.35 -0.27 42.48
N LEU A 118 -20.23 0.59 41.97
CA LEU A 118 -21.37 1.09 42.74
C LEU A 118 -22.20 -0.04 43.34
N LEU A 119 -22.54 -1.03 42.52
CA LEU A 119 -23.37 -2.15 42.98
C LEU A 119 -22.60 -3.08 43.91
N ALA A 120 -21.29 -3.05 43.76
CA ALA A 120 -20.42 -3.89 44.56
C ALA A 120 -20.12 -3.26 45.92
N ASP A 121 -20.40 -1.96 46.02
CA ASP A 121 -20.18 -1.22 47.26
C ASP A 121 -21.23 -1.62 48.29
N ASP A 122 -20.86 -1.60 49.56
CA ASP A 122 -21.77 -2.03 50.63
C ASP A 122 -22.66 -0.87 51.11
N ILE A 123 -22.37 0.35 50.70
CA ILE A 123 -23.17 1.48 51.13
C ILE A 123 -23.83 2.22 49.96
N VAL A 124 -23.09 2.46 48.88
CA VAL A 124 -23.64 3.15 47.71
C VAL A 124 -24.83 2.38 47.15
N PRO A 125 -26.03 2.95 47.27
CA PRO A 125 -27.25 2.32 46.79
C PRO A 125 -27.38 2.39 45.27
N SER A 126 -26.60 1.57 44.57
CA SER A 126 -26.61 1.53 43.10
C SER A 126 -27.98 1.15 42.54
N ARG A 127 -28.86 0.64 43.39
CA ARG A 127 -30.18 0.26 42.95
C ARG A 127 -31.13 1.45 43.04
N HIS A 128 -30.66 2.52 43.67
CA HIS A 128 -31.47 3.72 43.85
C HIS A 128 -30.85 4.93 43.14
N VAL A 129 -29.59 4.79 42.78
CA VAL A 129 -28.88 5.87 42.10
C VAL A 129 -28.28 5.38 40.78
N LYS A 130 -28.36 6.22 39.76
CA LYS A 130 -27.83 5.88 38.45
C LYS A 130 -26.65 6.77 38.11
N VAL A 131 -25.74 6.25 37.32
CA VAL A 131 -24.57 6.99 36.91
C VAL A 131 -24.36 6.90 35.41
N GLU A 132 -24.13 8.05 34.80
CA GLU A 132 -23.91 8.13 33.37
C GLU A 132 -22.80 9.14 33.09
N THR A 133 -21.96 8.85 32.11
CA THR A 133 -20.84 9.73 31.75
C THR A 133 -21.13 10.48 30.46
N THR A 134 -20.68 11.71 30.40
CA THR A 134 -20.86 12.56 29.25
C THR A 134 -19.54 13.24 28.90
N ASP A 135 -18.87 12.71 27.87
CA ASP A 135 -17.58 13.24 27.39
C ASP A 135 -16.50 13.14 28.47
N GLY A 136 -16.65 12.15 29.34
CA GLY A 136 -15.70 11.94 30.39
C GLY A 136 -16.16 12.52 31.70
N VAL A 137 -17.35 13.09 31.69
CA VAL A 137 -17.92 13.66 32.89
C VAL A 137 -18.89 12.68 33.52
N VAL A 138 -18.48 12.06 34.62
CA VAL A 138 -19.31 11.07 35.29
C VAL A 138 -20.35 11.77 36.18
N GLN A 139 -21.61 11.62 35.82
CA GLN A 139 -22.70 12.22 36.56
C GLN A 139 -23.44 11.17 37.37
N LEU A 140 -23.75 11.49 38.61
CA LEU A 140 -24.48 10.59 39.49
C LEU A 140 -25.80 11.24 39.88
N SER A 141 -26.91 10.68 39.44
CA SER A 141 -28.21 11.23 39.77
C SER A 141 -29.07 10.15 40.44
N GLY A 142 -29.85 10.55 41.43
CA GLY A 142 -30.69 9.59 42.12
C GLY A 142 -30.92 9.96 43.55
N THR A 143 -30.86 8.99 44.44
CA THR A 143 -31.06 9.24 45.84
C THR A 143 -30.28 8.26 46.70
N VAL A 144 -29.72 8.76 47.79
CA VAL A 144 -28.97 7.95 48.74
C VAL A 144 -29.56 8.16 50.12
N ASP A 145 -29.19 7.33 51.08
CA ASP A 145 -29.74 7.48 52.43
C ASP A 145 -28.90 8.42 53.28
N SER A 146 -27.61 8.52 53.00
CA SER A 146 -26.73 9.41 53.77
C SER A 146 -25.59 9.95 52.93
N GLN A 147 -24.85 10.90 53.50
CA GLN A 147 -23.72 11.53 52.83
C GLN A 147 -22.60 10.51 52.60
N ALA A 148 -22.48 9.55 53.53
CA ALA A 148 -21.45 8.52 53.44
C ALA A 148 -21.55 7.77 52.12
N GLN A 149 -22.78 7.45 51.72
CA GLN A 149 -23.02 6.73 50.47
C GLN A 149 -22.80 7.66 49.28
N SER A 150 -23.23 8.90 49.42
CA SER A 150 -23.10 9.90 48.36
C SER A 150 -21.62 10.13 48.01
N ASP A 151 -20.83 10.48 49.03
CA ASP A 151 -19.41 10.74 48.86
C ASP A 151 -18.69 9.53 48.28
N ARG A 152 -19.01 8.35 48.79
CA ARG A 152 -18.38 7.11 48.32
C ARG A 152 -18.62 6.95 46.82
N ALA A 153 -19.87 7.11 46.40
CA ALA A 153 -20.23 7.00 44.99
C ALA A 153 -19.35 7.89 44.13
N GLU A 154 -19.17 9.15 44.55
CA GLU A 154 -18.34 10.09 43.82
C GLU A 154 -16.88 9.65 43.86
N SER A 155 -16.42 9.26 45.04
CA SER A 155 -15.04 8.82 45.23
C SER A 155 -14.68 7.71 44.25
N ILE A 156 -15.64 6.84 43.94
CA ILE A 156 -15.40 5.75 43.01
C ILE A 156 -15.52 6.24 41.56
N ALA A 157 -16.31 7.29 41.35
CA ALA A 157 -16.50 7.85 40.01
C ALA A 157 -15.19 8.36 39.43
N LYS A 158 -14.41 9.05 40.25
CA LYS A 158 -13.12 9.59 39.79
C LYS A 158 -12.02 8.53 39.92
N ALA A 159 -12.33 7.44 40.60
CA ALA A 159 -11.37 6.36 40.79
C ALA A 159 -11.04 5.65 39.48
N VAL A 160 -12.00 5.62 38.55
CA VAL A 160 -11.77 4.98 37.26
C VAL A 160 -11.22 5.99 36.25
N ASP A 161 -10.09 5.66 35.64
CA ASP A 161 -9.42 6.52 34.65
C ASP A 161 -10.36 6.85 33.48
N GLY A 162 -10.14 8.00 32.87
CA GLY A 162 -10.96 8.44 31.75
C GLY A 162 -11.84 9.60 32.11
N VAL A 163 -12.25 9.65 33.36
CA VAL A 163 -13.12 10.70 33.84
C VAL A 163 -12.37 12.02 34.02
N LYS A 164 -12.97 13.10 33.52
CA LYS A 164 -12.37 14.43 33.63
C LYS A 164 -12.99 15.21 34.78
N SER A 165 -14.25 14.90 35.09
CA SER A 165 -14.96 15.59 36.16
C SER A 165 -16.15 14.76 36.64
N VAL A 166 -16.49 14.91 37.91
CA VAL A 166 -17.61 14.20 38.50
C VAL A 166 -18.74 15.18 38.83
N LYS A 167 -19.97 14.73 38.72
CA LYS A 167 -21.12 15.56 39.00
C LYS A 167 -22.05 14.83 39.96
N ASN A 168 -21.92 15.12 41.24
CA ASN A 168 -22.75 14.50 42.26
C ASN A 168 -24.08 15.23 42.37
N ASP A 169 -25.08 14.70 41.68
CA ASP A 169 -26.40 15.30 41.65
C ASP A 169 -27.39 14.49 42.47
N LEU A 170 -26.94 13.36 42.98
CA LEU A 170 -27.78 12.49 43.78
C LEU A 170 -28.18 13.19 45.08
N LYS A 171 -29.43 13.02 45.49
CA LYS A 171 -29.94 13.66 46.69
C LYS A 171 -30.03 12.65 47.82
N THR A 172 -30.34 13.14 49.00
CA THR A 172 -30.48 12.30 50.16
C THR A 172 -31.94 12.17 50.54
N LYS A 173 -32.35 10.97 50.90
CA LYS A 173 -33.73 10.72 51.29
C LYS A 173 -34.10 11.48 52.55
N GLU A 1 75.25 -55.42 -16.27
CA GLU A 1 74.02 -54.84 -15.76
C GLU A 1 73.56 -55.55 -14.48
N ASN A 2 72.34 -55.26 -14.07
CA ASN A 2 71.77 -55.87 -12.86
C ASN A 2 70.26 -55.67 -12.86
N ASN A 3 69.58 -56.21 -11.86
CA ASN A 3 68.12 -56.12 -11.75
C ASN A 3 67.64 -54.68 -11.56
N ALA A 4 68.49 -53.83 -11.00
CA ALA A 4 68.15 -52.44 -10.77
C ALA A 4 68.54 -51.57 -11.95
N GLN A 5 67.62 -51.39 -12.88
CA GLN A 5 67.87 -50.57 -14.05
C GLN A 5 67.59 -49.10 -13.74
N THR A 6 67.95 -48.22 -14.65
CA THR A 6 67.75 -46.79 -14.45
C THR A 6 66.31 -46.37 -14.78
N THR A 7 65.40 -46.63 -13.84
CA THR A 7 64.01 -46.26 -14.01
C THR A 7 63.85 -44.76 -13.84
N ASN A 8 63.44 -44.07 -14.90
CA ASN A 8 63.27 -42.63 -14.84
C ASN A 8 61.96 -42.22 -15.50
N GLU A 9 61.04 -41.70 -14.68
CA GLU A 9 59.74 -41.26 -15.17
C GLU A 9 59.76 -39.77 -15.50
N SER A 10 60.24 -38.97 -14.54
CA SER A 10 60.34 -37.52 -14.69
C SER A 10 58.96 -36.85 -14.83
N ALA A 11 57.93 -37.51 -14.30
CA ALA A 11 56.58 -36.98 -14.38
C ALA A 11 55.98 -36.80 -12.99
N GLY A 12 55.19 -35.73 -12.82
CA GLY A 12 54.57 -35.46 -11.54
C GLY A 12 53.86 -34.12 -11.54
N GLN A 13 52.56 -34.13 -11.79
CA GLN A 13 51.77 -32.91 -11.83
C GLN A 13 50.39 -33.12 -11.22
N LYS A 14 49.68 -32.02 -10.99
CA LYS A 14 48.34 -32.06 -10.41
C LYS A 14 47.70 -30.68 -10.51
N VAL A 15 46.38 -30.62 -10.46
CA VAL A 15 45.67 -29.36 -10.53
C VAL A 15 44.63 -29.27 -9.42
N ASP A 16 44.46 -28.08 -8.86
CA ASP A 16 43.51 -27.86 -7.77
C ASP A 16 42.21 -27.29 -8.31
N SER A 17 41.17 -27.34 -7.48
CA SER A 17 39.87 -26.83 -7.85
C SER A 17 39.82 -25.30 -7.80
N SER A 18 39.65 -24.69 -8.96
CA SER A 18 39.59 -23.24 -9.05
C SER A 18 38.20 -22.72 -8.68
N MET A 19 38.07 -21.41 -8.56
CA MET A 19 36.79 -20.80 -8.21
C MET A 19 36.26 -20.00 -9.38
N ASN A 20 35.07 -19.44 -9.22
CA ASN A 20 34.43 -18.64 -10.27
C ASN A 20 35.15 -17.31 -10.44
N LYS A 21 35.30 -16.59 -9.33
CA LYS A 21 35.96 -15.29 -9.32
C LYS A 21 35.98 -14.72 -7.91
N VAL A 22 34.84 -14.81 -7.25
CA VAL A 22 34.70 -14.31 -5.89
C VAL A 22 35.15 -15.34 -4.88
N GLY A 23 35.72 -14.86 -3.78
CA GLY A 23 36.19 -15.74 -2.73
C GLY A 23 35.99 -15.10 -1.37
N ASN A 24 34.74 -14.77 -1.06
CA ASN A 24 34.42 -14.15 0.20
C ASN A 24 33.33 -14.93 0.94
N PHE A 25 33.24 -14.74 2.24
CA PHE A 25 32.26 -15.43 3.05
C PHE A 25 30.93 -14.69 3.05
N MET A 26 30.45 -14.35 1.85
CA MET A 26 29.19 -13.64 1.70
C MET A 26 28.73 -13.73 0.25
N ASP A 27 27.67 -14.49 0.02
CA ASP A 27 27.15 -14.67 -1.33
C ASP A 27 25.75 -14.08 -1.45
N ASP A 28 24.77 -14.68 -0.79
CA ASP A 28 23.40 -14.22 -0.82
C ASP A 28 23.27 -12.89 -0.06
N SER A 29 24.07 -12.76 0.98
CA SER A 29 24.09 -11.56 1.80
C SER A 29 24.66 -10.39 1.00
N ALA A 30 25.49 -10.73 0.01
CA ALA A 30 26.12 -9.73 -0.83
C ALA A 30 25.11 -9.14 -1.81
N ILE A 31 24.05 -9.89 -2.08
CA ILE A 31 23.01 -9.43 -2.99
C ILE A 31 22.09 -8.45 -2.28
N THR A 32 21.79 -8.76 -1.02
CA THR A 32 20.93 -7.93 -0.19
C THR A 32 21.49 -6.51 -0.11
N ALA A 33 22.82 -6.40 -0.14
CA ALA A 33 23.52 -5.12 -0.07
C ALA A 33 23.08 -4.14 -1.16
N LYS A 34 22.73 -4.68 -2.32
CA LYS A 34 22.27 -3.86 -3.43
C LYS A 34 20.78 -3.64 -3.33
N VAL A 35 20.08 -4.75 -3.18
CA VAL A 35 18.61 -4.77 -3.09
C VAL A 35 18.08 -3.73 -2.11
N LYS A 36 18.71 -3.60 -0.94
CA LYS A 36 18.25 -2.62 0.06
C LYS A 36 18.35 -1.19 -0.47
N ALA A 37 19.21 -0.96 -1.45
CA ALA A 37 19.37 0.35 -2.04
C ALA A 37 18.35 0.54 -3.15
N ALA A 38 18.05 -0.55 -3.85
CA ALA A 38 17.08 -0.53 -4.94
C ALA A 38 15.68 -0.29 -4.41
N LEU A 39 15.47 -0.62 -3.14
CA LEU A 39 14.18 -0.44 -2.51
C LEU A 39 14.00 0.99 -1.99
N VAL A 40 15.07 1.56 -1.43
CA VAL A 40 15.01 2.91 -0.88
C VAL A 40 15.12 3.96 -1.98
N ASP A 41 15.74 3.61 -3.10
CA ASP A 41 15.89 4.53 -4.24
C ASP A 41 14.51 4.89 -4.78
N HIS A 42 13.55 4.02 -4.49
CA HIS A 42 12.18 4.22 -4.93
C HIS A 42 11.37 4.97 -3.86
N ASP A 43 11.05 6.22 -4.14
CA ASP A 43 10.26 7.07 -3.23
C ASP A 43 8.90 6.46 -2.93
N ASN A 44 8.37 5.72 -3.90
CA ASN A 44 7.05 5.09 -3.78
C ASN A 44 7.11 3.84 -2.91
N ILE A 45 8.31 3.37 -2.59
CA ILE A 45 8.46 2.17 -1.79
C ILE A 45 8.99 2.50 -0.40
N LYS A 46 8.18 2.23 0.60
CA LYS A 46 8.57 2.48 1.98
C LYS A 46 9.43 1.32 2.49
N SER A 47 10.74 1.42 2.28
CA SER A 47 11.67 0.34 2.69
C SER A 47 11.80 0.28 4.20
N THR A 48 11.14 1.19 4.90
CA THR A 48 11.16 1.23 6.35
C THR A 48 10.27 0.14 6.90
N ASP A 49 9.20 -0.14 6.18
CA ASP A 49 8.22 -1.15 6.57
C ASP A 49 8.52 -2.45 5.84
N ILE A 50 9.70 -2.54 5.24
CA ILE A 50 10.10 -3.73 4.48
C ILE A 50 11.38 -4.36 5.00
N SER A 51 11.39 -5.68 5.00
CA SER A 51 12.54 -6.45 5.43
C SER A 51 13.11 -7.23 4.24
N VAL A 52 14.33 -6.90 3.84
CA VAL A 52 14.95 -7.58 2.71
C VAL A 52 15.87 -8.69 3.22
N LYS A 53 15.86 -9.81 2.52
CA LYS A 53 16.69 -10.96 2.88
C LYS A 53 16.86 -11.86 1.67
N THR A 54 18.08 -12.34 1.46
CA THR A 54 18.37 -13.24 0.36
C THR A 54 18.76 -14.62 0.88
N ASP A 55 18.10 -15.63 0.34
CA ASP A 55 18.33 -17.00 0.71
C ASP A 55 18.47 -17.84 -0.55
N GLN A 56 19.70 -18.28 -0.80
CA GLN A 56 20.01 -19.11 -1.97
C GLN A 56 19.74 -18.36 -3.27
N LYS A 57 20.29 -17.14 -3.37
CA LYS A 57 20.13 -16.29 -4.55
C LYS A 57 18.68 -15.84 -4.75
N VAL A 58 17.84 -16.11 -3.76
CA VAL A 58 16.44 -15.73 -3.84
C VAL A 58 16.15 -14.64 -2.81
N VAL A 59 15.74 -13.48 -3.29
CA VAL A 59 15.44 -12.37 -2.42
C VAL A 59 13.97 -12.38 -2.00
N THR A 60 13.75 -12.36 -0.71
CA THR A 60 12.41 -12.36 -0.17
C THR A 60 12.03 -10.98 0.35
N LEU A 61 10.90 -10.46 -0.13
CA LEU A 61 10.42 -9.18 0.30
C LEU A 61 9.22 -9.36 1.21
N SER A 62 9.39 -9.08 2.49
CA SER A 62 8.30 -9.23 3.45
C SER A 62 8.16 -8.00 4.30
N GLY A 63 6.93 -7.69 4.66
CA GLY A 63 6.67 -6.54 5.48
C GLY A 63 5.31 -5.96 5.21
N PHE A 64 5.21 -4.65 5.26
CA PHE A 64 3.94 -3.99 5.03
C PHE A 64 4.10 -2.88 4.01
N VAL A 65 3.14 -2.83 3.11
CA VAL A 65 3.13 -1.84 2.07
C VAL A 65 1.81 -1.11 2.06
N GLU A 66 1.76 0.00 1.34
CA GLU A 66 0.56 0.81 1.25
C GLU A 66 -0.54 0.07 0.49
N SER A 67 -0.14 -0.56 -0.61
CA SER A 67 -1.09 -1.29 -1.44
C SER A 67 -0.36 -2.40 -2.21
N GLN A 68 -1.12 -3.27 -2.85
CA GLN A 68 -0.57 -4.38 -3.64
C GLN A 68 0.47 -3.88 -4.64
N ALA A 69 0.15 -2.80 -5.34
CA ALA A 69 1.05 -2.22 -6.34
C ALA A 69 2.42 -1.84 -5.76
N GLN A 70 2.44 -1.38 -4.52
CA GLN A 70 3.69 -0.99 -3.87
C GLN A 70 4.60 -2.20 -3.68
N ALA A 71 3.98 -3.33 -3.40
CA ALA A 71 4.70 -4.58 -3.23
C ALA A 71 5.24 -5.02 -4.58
N GLU A 72 4.37 -4.93 -5.59
CA GLU A 72 4.74 -5.25 -6.96
C GLU A 72 6.02 -4.49 -7.37
N GLU A 73 6.14 -3.26 -6.86
CA GLU A 73 7.31 -2.43 -7.15
C GLU A 73 8.55 -2.92 -6.41
N ALA A 74 8.38 -3.30 -5.14
CA ALA A 74 9.50 -3.77 -4.33
C ALA A 74 10.15 -5.00 -4.93
N VAL A 75 9.34 -5.97 -5.33
CA VAL A 75 9.89 -7.20 -5.91
C VAL A 75 10.34 -6.98 -7.35
N LYS A 76 9.75 -5.98 -8.01
CA LYS A 76 10.13 -5.68 -9.39
C LYS A 76 11.53 -5.10 -9.45
N VAL A 77 11.79 -4.13 -8.59
CA VAL A 77 13.07 -3.48 -8.54
C VAL A 77 14.13 -4.40 -7.93
N ALA A 78 13.70 -5.28 -7.03
CA ALA A 78 14.61 -6.23 -6.39
C ALA A 78 15.08 -7.25 -7.41
N LYS A 79 14.20 -7.63 -8.33
CA LYS A 79 14.49 -8.58 -9.38
C LYS A 79 15.58 -8.06 -10.31
N GLY A 80 15.65 -6.74 -10.43
CA GLY A 80 16.63 -6.11 -11.31
C GLY A 80 18.06 -6.18 -10.79
N VAL A 81 18.23 -6.51 -9.51
CA VAL A 81 19.57 -6.59 -8.92
C VAL A 81 20.36 -7.78 -9.45
N GLU A 82 21.61 -7.50 -9.82
CA GLU A 82 22.52 -8.50 -10.36
C GLU A 82 22.88 -9.51 -9.27
N GLY A 83 22.49 -10.76 -9.49
CA GLY A 83 22.78 -11.82 -8.54
C GLY A 83 21.51 -12.50 -8.08
N VAL A 84 20.40 -11.78 -8.17
CA VAL A 84 19.11 -12.32 -7.76
C VAL A 84 18.59 -13.30 -8.80
N THR A 85 18.59 -14.58 -8.46
CA THR A 85 18.11 -15.59 -9.38
C THR A 85 16.59 -15.62 -9.37
N SER A 86 16.00 -15.30 -8.23
CA SER A 86 14.54 -15.29 -8.09
C SER A 86 14.15 -14.37 -6.93
N VAL A 87 12.93 -13.86 -6.98
CA VAL A 87 12.43 -12.98 -5.92
C VAL A 87 11.09 -13.49 -5.42
N SER A 88 10.90 -13.44 -4.12
CA SER A 88 9.67 -13.91 -3.51
C SER A 88 8.96 -12.78 -2.78
N ASP A 89 7.72 -12.52 -3.18
CA ASP A 89 6.94 -11.48 -2.55
C ASP A 89 6.16 -12.04 -1.38
N LYS A 90 6.40 -11.47 -0.22
CA LYS A 90 5.73 -11.89 1.01
C LYS A 90 5.25 -10.65 1.76
N LEU A 91 5.29 -9.52 1.04
CA LEU A 91 4.83 -8.24 1.56
C LEU A 91 3.32 -8.27 1.74
N HIS A 92 2.80 -7.42 2.61
CA HIS A 92 1.38 -7.36 2.83
C HIS A 92 0.88 -5.93 2.91
N VAL A 93 -0.30 -5.69 2.38
CA VAL A 93 -0.91 -4.38 2.40
C VAL A 93 -1.42 -4.07 3.82
N ARG A 94 -1.22 -2.84 4.26
CA ARG A 94 -1.67 -2.43 5.59
C ARG A 94 -2.94 -1.59 5.50
N ASP A 95 -3.07 -0.85 4.41
CA ASP A 95 -4.23 0.03 4.22
C ASP A 95 -5.36 -0.70 3.51
N ALA A 96 -6.52 -0.06 3.48
CA ALA A 96 -7.70 -0.63 2.85
C ALA A 96 -7.49 -0.82 1.35
N LYS A 97 -7.92 -1.96 0.85
CA LYS A 97 -7.79 -2.27 -0.56
C LYS A 97 -8.74 -1.41 -1.40
N GLU A 98 -10.04 -1.50 -1.07
CA GLU A 98 -11.08 -0.72 -1.75
C GLU A 98 -11.11 -0.98 -3.26
N GLY A 99 -11.70 -0.05 -4.02
CA GLY A 99 -11.79 -0.20 -5.45
C GLY A 99 -12.81 0.72 -6.09
N SER A 100 -12.70 2.01 -5.79
CA SER A 100 -13.61 3.01 -6.32
C SER A 100 -13.52 3.14 -7.84
N VAL A 101 -14.68 3.33 -8.48
CA VAL A 101 -14.75 3.48 -9.91
C VAL A 101 -14.93 4.96 -10.28
N LYS A 102 -13.88 5.54 -10.84
CA LYS A 102 -13.91 6.94 -11.23
C LYS A 102 -12.91 7.18 -12.35
N GLY A 103 -13.25 8.08 -13.25
CA GLY A 103 -12.38 8.37 -14.36
C GLY A 103 -12.38 9.83 -14.74
N TYR A 104 -11.20 10.44 -14.72
CA TYR A 104 -11.05 11.84 -15.08
C TYR A 104 -9.64 12.05 -15.62
N ALA A 105 -9.54 12.41 -16.89
CA ALA A 105 -8.25 12.62 -17.52
C ALA A 105 -7.60 13.91 -17.02
N GLY A 106 -8.08 15.04 -17.51
CA GLY A 106 -7.52 16.31 -17.09
C GLY A 106 -6.20 16.59 -17.78
N ASP A 107 -5.19 16.91 -16.99
CA ASP A 107 -3.87 17.22 -17.54
C ASP A 107 -3.11 15.95 -17.88
N THR A 108 -3.43 14.86 -17.19
CA THR A 108 -2.76 13.58 -17.40
C THR A 108 -2.77 13.18 -18.87
N ALA A 109 -3.73 13.73 -19.64
CA ALA A 109 -3.87 13.45 -21.07
C ALA A 109 -2.56 13.79 -21.79
N THR A 110 -1.87 14.80 -21.30
CA THR A 110 -0.61 15.21 -21.89
C THR A 110 0.45 14.16 -21.61
N THR A 111 0.43 13.63 -20.39
CA THR A 111 1.37 12.61 -19.96
C THR A 111 1.11 11.29 -20.70
N SER A 112 -0.16 10.92 -20.84
CA SER A 112 -0.52 9.68 -21.52
C SER A 112 0.06 9.61 -22.93
N GLU A 113 -0.03 10.72 -23.67
CA GLU A 113 0.47 10.74 -25.04
C GLU A 113 1.97 11.00 -25.09
N ILE A 114 2.46 11.92 -24.24
CA ILE A 114 3.87 12.27 -24.22
C ILE A 114 4.73 11.01 -24.03
N LYS A 115 4.21 10.06 -23.28
CA LYS A 115 4.92 8.81 -23.02
C LYS A 115 4.89 7.93 -24.26
N ALA A 116 3.80 8.02 -25.00
CA ALA A 116 3.63 7.24 -26.22
C ALA A 116 4.58 7.71 -27.31
N LYS A 117 5.06 8.95 -27.20
CA LYS A 117 6.00 9.47 -28.18
C LYS A 117 7.43 9.13 -27.78
N LEU A 118 7.72 9.26 -26.49
CA LEU A 118 9.06 9.01 -25.96
C LEU A 118 9.50 7.56 -26.11
N LEU A 119 8.60 6.62 -25.85
CA LEU A 119 8.93 5.21 -25.94
C LEU A 119 9.07 4.78 -27.39
N ALA A 120 8.43 5.52 -28.25
CA ALA A 120 8.44 5.24 -29.67
C ALA A 120 9.69 5.83 -30.33
N ASP A 121 10.37 6.72 -29.61
CA ASP A 121 11.57 7.36 -30.12
C ASP A 121 12.70 6.35 -30.27
N ASP A 122 13.61 6.60 -31.20
CA ASP A 122 14.73 5.70 -31.45
C ASP A 122 15.86 5.93 -30.47
N ILE A 123 15.86 7.09 -29.81
CA ILE A 123 16.95 7.40 -28.88
C ILE A 123 16.46 7.64 -27.46
N VAL A 124 15.38 8.39 -27.30
CA VAL A 124 14.84 8.68 -25.96
C VAL A 124 14.56 7.41 -25.18
N PRO A 125 15.36 7.15 -24.13
CA PRO A 125 15.19 5.96 -23.29
C PRO A 125 14.04 6.13 -22.30
N SER A 126 12.80 6.08 -22.80
CA SER A 126 11.62 6.22 -21.96
C SER A 126 11.48 5.03 -21.01
N ARG A 127 12.33 4.02 -21.19
CA ARG A 127 12.31 2.85 -20.33
C ARG A 127 12.96 3.15 -19.00
N HIS A 128 13.75 4.22 -18.96
CA HIS A 128 14.43 4.63 -17.75
C HIS A 128 13.99 6.03 -17.34
N VAL A 129 13.38 6.75 -18.27
CA VAL A 129 12.92 8.11 -18.00
C VAL A 129 11.40 8.15 -17.86
N LYS A 130 10.94 8.85 -16.85
CA LYS A 130 9.52 8.97 -16.58
C LYS A 130 9.08 10.41 -16.80
N VAL A 131 7.81 10.59 -17.10
CA VAL A 131 7.27 11.91 -17.34
C VAL A 131 5.91 12.06 -16.68
N GLU A 132 5.70 13.20 -16.05
CA GLU A 132 4.46 13.50 -15.40
C GLU A 132 4.13 14.97 -15.63
N THR A 133 2.86 15.29 -15.78
CA THR A 133 2.44 16.65 -15.99
C THR A 133 1.62 17.15 -14.81
N THR A 134 1.81 18.39 -14.45
CA THR A 134 1.05 19.00 -13.38
C THR A 134 0.70 20.41 -13.79
N ASP A 135 -0.59 20.72 -13.86
CA ASP A 135 -1.03 22.06 -14.23
C ASP A 135 -0.60 22.38 -15.69
N GLY A 136 -0.31 21.32 -16.45
CA GLY A 136 0.10 21.49 -17.83
C GLY A 136 1.61 21.51 -17.95
N VAL A 137 2.27 21.45 -16.82
CA VAL A 137 3.72 21.44 -16.77
C VAL A 137 4.24 20.02 -16.90
N VAL A 138 4.88 19.72 -18.01
CA VAL A 138 5.42 18.39 -18.25
C VAL A 138 6.82 18.27 -17.65
N GLN A 139 6.97 17.32 -16.75
CA GLN A 139 8.23 17.10 -16.07
C GLN A 139 8.84 15.77 -16.49
N LEU A 140 10.12 15.77 -16.85
CA LEU A 140 10.82 14.55 -17.25
C LEU A 140 11.93 14.22 -16.25
N SER A 141 11.76 13.13 -15.52
CA SER A 141 12.75 12.71 -14.55
C SER A 141 13.25 11.30 -14.87
N GLY A 142 14.55 11.09 -14.75
CA GLY A 142 15.10 9.78 -15.03
C GLY A 142 16.57 9.84 -15.36
N THR A 143 16.99 9.03 -16.32
CA THR A 143 18.38 9.01 -16.71
C THR A 143 18.53 8.64 -18.19
N VAL A 144 19.39 9.37 -18.88
CA VAL A 144 19.65 9.13 -20.29
C VAL A 144 21.15 8.92 -20.47
N ASP A 145 21.55 8.46 -21.65
CA ASP A 145 22.97 8.21 -21.90
C ASP A 145 23.68 9.45 -22.45
N SER A 146 22.96 10.31 -23.14
CA SER A 146 23.56 11.51 -23.71
C SER A 146 22.56 12.65 -23.84
N GLN A 147 23.10 13.86 -23.95
CA GLN A 147 22.29 15.08 -24.07
C GLN A 147 21.38 15.01 -25.31
N ALA A 148 21.84 14.30 -26.33
CA ALA A 148 21.06 14.14 -27.57
C ALA A 148 19.72 13.46 -27.29
N GLN A 149 19.76 12.44 -26.44
CA GLN A 149 18.56 11.70 -26.09
C GLN A 149 17.75 12.48 -25.06
N SER A 150 18.44 13.35 -24.34
CA SER A 150 17.83 14.17 -23.30
C SER A 150 16.98 15.30 -23.91
N ASP A 151 17.54 16.05 -24.88
CA ASP A 151 16.81 17.15 -25.51
C ASP A 151 15.62 16.64 -26.32
N ARG A 152 15.83 15.60 -27.12
CA ARG A 152 14.75 15.03 -27.92
C ARG A 152 13.52 14.78 -27.06
N ALA A 153 13.73 14.17 -25.90
CA ALA A 153 12.64 13.91 -24.96
C ALA A 153 11.86 15.18 -24.64
N GLU A 154 12.59 16.23 -24.29
CA GLU A 154 11.98 17.52 -23.98
C GLU A 154 11.36 18.13 -25.23
N SER A 155 12.10 18.08 -26.33
CA SER A 155 11.65 18.61 -27.60
C SER A 155 10.24 18.10 -27.94
N ILE A 156 9.97 16.85 -27.61
CA ILE A 156 8.65 16.27 -27.89
C ILE A 156 7.66 16.71 -26.80
N ALA A 157 8.15 16.87 -25.58
CA ALA A 157 7.31 17.28 -24.45
C ALA A 157 6.63 18.63 -24.71
N LYS A 158 7.39 19.61 -25.17
CA LYS A 158 6.84 20.94 -25.45
C LYS A 158 6.11 20.93 -26.79
N ALA A 159 6.31 19.87 -27.55
CA ALA A 159 5.68 19.72 -28.87
C ALA A 159 4.25 19.19 -28.74
N VAL A 160 3.92 18.59 -27.61
CA VAL A 160 2.58 18.08 -27.37
C VAL A 160 1.64 19.22 -27.02
N ASP A 161 0.57 19.38 -27.79
CA ASP A 161 -0.40 20.45 -27.56
C ASP A 161 -1.02 20.34 -26.18
N GLY A 162 -1.15 21.46 -25.50
CA GLY A 162 -1.72 21.48 -24.17
C GLY A 162 -0.69 21.74 -23.08
N VAL A 163 0.58 21.63 -23.42
CA VAL A 163 1.64 21.86 -22.46
C VAL A 163 1.96 23.34 -22.34
N LYS A 164 2.18 23.80 -21.10
CA LYS A 164 2.50 25.19 -20.87
C LYS A 164 3.97 25.37 -20.50
N SER A 165 4.55 24.34 -19.91
CA SER A 165 5.95 24.38 -19.51
C SER A 165 6.51 22.96 -19.43
N VAL A 166 7.81 22.84 -19.63
CA VAL A 166 8.47 21.55 -19.57
C VAL A 166 9.72 21.67 -18.70
N LYS A 167 10.07 20.61 -18.00
CA LYS A 167 11.24 20.62 -17.15
C LYS A 167 12.09 19.38 -17.33
N ASN A 168 13.28 19.57 -17.89
CA ASN A 168 14.22 18.49 -18.12
C ASN A 168 15.01 18.23 -16.85
N ASP A 169 14.58 17.23 -16.10
CA ASP A 169 15.21 16.88 -14.85
C ASP A 169 15.91 15.52 -14.96
N LEU A 170 15.82 14.89 -16.12
CA LEU A 170 16.46 13.60 -16.36
C LEU A 170 17.99 13.82 -16.40
N LYS A 171 18.73 12.93 -15.75
CA LYS A 171 20.18 13.08 -15.69
C LYS A 171 20.89 12.22 -16.74
N THR A 172 22.13 12.56 -17.04
CA THR A 172 22.92 11.83 -18.01
C THR A 172 23.85 10.85 -17.31
N LYS A 173 24.26 9.79 -18.02
CA LYS A 173 25.18 8.81 -17.47
C LYS A 173 26.60 9.38 -17.39
N GLU A 1 5.14 8.18 51.15
CA GLU A 1 5.18 9.64 51.04
C GLU A 1 6.18 10.21 52.03
N ASN A 2 5.71 10.46 53.27
CA ASN A 2 6.55 11.00 54.34
C ASN A 2 7.08 12.39 53.98
N ASN A 3 8.08 12.85 54.72
CA ASN A 3 8.65 14.17 54.48
C ASN A 3 9.85 14.06 53.56
N ALA A 4 9.82 14.82 52.46
CA ALA A 4 10.90 14.82 51.50
C ALA A 4 12.10 15.59 52.06
N GLN A 5 13.16 14.86 52.37
CA GLN A 5 14.37 15.48 52.92
C GLN A 5 15.54 15.40 51.93
N THR A 6 15.61 14.31 51.18
CA THR A 6 16.69 14.12 50.23
C THR A 6 16.27 13.19 49.10
N THR A 7 16.94 13.30 47.96
CA THR A 7 16.64 12.46 46.81
C THR A 7 17.60 11.28 46.73
N ASN A 8 18.18 10.93 47.89
CA ASN A 8 19.14 9.82 48.00
C ASN A 8 20.49 10.20 47.39
N GLU A 9 21.47 9.31 47.52
CA GLU A 9 22.80 9.56 47.00
C GLU A 9 23.34 8.37 46.21
N SER A 10 24.55 8.54 45.67
CA SER A 10 25.23 7.52 44.87
C SER A 10 24.36 6.96 43.75
N ALA A 11 24.22 7.74 42.68
CA ALA A 11 23.42 7.32 41.54
C ALA A 11 24.25 6.43 40.62
N GLY A 12 23.68 5.32 40.19
CA GLY A 12 24.38 4.41 39.32
C GLY A 12 23.52 3.22 38.93
N GLN A 13 24.17 2.10 38.63
CA GLN A 13 23.48 0.86 38.22
C GLN A 13 22.82 1.02 36.85
N LYS A 14 23.32 0.29 35.87
CA LYS A 14 22.76 0.37 34.52
C LYS A 14 22.57 -1.02 33.95
N VAL A 15 21.85 -1.09 32.83
CA VAL A 15 21.57 -2.34 32.17
C VAL A 15 22.14 -2.32 30.76
N ASP A 16 23.37 -2.81 30.61
CA ASP A 16 24.03 -2.86 29.33
C ASP A 16 23.36 -3.90 28.43
N SER A 17 23.33 -3.62 27.14
CA SER A 17 22.71 -4.52 26.18
C SER A 17 23.60 -4.72 24.95
N SER A 18 23.55 -5.91 24.36
CA SER A 18 24.34 -6.21 23.19
C SER A 18 23.66 -7.27 22.33
N MET A 19 23.91 -7.23 21.03
CA MET A 19 23.33 -8.18 20.09
C MET A 19 24.01 -8.05 18.73
N ASN A 20 24.17 -9.17 18.04
CA ASN A 20 24.80 -9.20 16.72
C ASN A 20 24.49 -10.52 16.04
N LYS A 21 24.52 -10.54 14.71
CA LYS A 21 24.24 -11.75 13.96
C LYS A 21 24.85 -11.66 12.55
N VAL A 22 25.32 -12.79 12.05
CA VAL A 22 25.93 -12.85 10.73
C VAL A 22 25.15 -13.81 9.81
N GLY A 23 25.45 -13.79 8.52
CA GLY A 23 24.79 -14.65 7.57
C GLY A 23 25.70 -15.05 6.44
N ASN A 24 25.99 -16.35 6.34
CA ASN A 24 26.89 -16.88 5.30
C ASN A 24 28.24 -16.17 5.37
N PHE A 25 28.81 -15.86 4.21
CA PHE A 25 30.07 -15.16 4.13
C PHE A 25 29.82 -13.79 3.51
N MET A 26 29.80 -13.76 2.18
CA MET A 26 29.55 -12.53 1.46
C MET A 26 29.02 -12.87 0.06
N ASP A 27 28.16 -13.89 0.01
CA ASP A 27 27.57 -14.32 -1.27
C ASP A 27 26.12 -13.88 -1.38
N ASP A 28 25.22 -14.56 -0.65
CA ASP A 28 23.80 -14.21 -0.67
C ASP A 28 23.61 -12.91 0.05
N SER A 29 24.40 -12.76 1.10
CA SER A 29 24.42 -11.60 1.94
C SER A 29 24.85 -10.35 1.16
N ALA A 30 25.57 -10.58 0.07
CA ALA A 30 26.06 -9.50 -0.76
C ALA A 30 24.99 -8.99 -1.73
N ILE A 31 23.96 -9.81 -1.95
CA ILE A 31 22.88 -9.43 -2.85
C ILE A 31 21.91 -8.49 -2.14
N THR A 32 21.63 -8.79 -0.89
CA THR A 32 20.71 -7.98 -0.10
C THR A 32 21.24 -6.55 0.04
N ALA A 33 22.57 -6.42 0.01
CA ALA A 33 23.24 -5.14 0.14
C ALA A 33 22.80 -4.16 -0.95
N LYS A 34 22.48 -4.69 -2.13
CA LYS A 34 22.05 -3.85 -3.24
C LYS A 34 20.55 -3.64 -3.18
N VAL A 35 19.85 -4.74 -3.04
CA VAL A 35 18.38 -4.75 -3.00
C VAL A 35 17.81 -3.71 -2.03
N LYS A 36 18.42 -3.56 -0.85
CA LYS A 36 17.92 -2.59 0.13
C LYS A 36 18.10 -1.16 -0.36
N ALA A 37 19.02 -0.97 -1.30
CA ALA A 37 19.27 0.36 -1.85
C ALA A 37 18.33 0.62 -3.02
N ALA A 38 17.97 -0.45 -3.73
CA ALA A 38 17.07 -0.34 -4.88
C ALA A 38 15.65 -0.04 -4.43
N LEU A 39 15.35 -0.40 -3.20
CA LEU A 39 14.05 -0.16 -2.62
C LEU A 39 13.94 1.24 -2.04
N VAL A 40 15.00 1.69 -1.36
CA VAL A 40 14.99 3.01 -0.75
C VAL A 40 15.17 4.11 -1.81
N ASP A 41 15.71 3.72 -2.97
CA ASP A 41 15.90 4.63 -4.08
C ASP A 41 14.55 5.10 -4.60
N HIS A 42 13.59 4.19 -4.49
CA HIS A 42 12.25 4.44 -4.96
C HIS A 42 11.40 5.14 -3.92
N ASP A 43 11.10 6.41 -4.20
CA ASP A 43 10.27 7.25 -3.32
C ASP A 43 8.90 6.62 -3.09
N ASN A 44 8.36 6.03 -4.15
CA ASN A 44 7.05 5.39 -4.11
C ASN A 44 7.06 4.04 -3.42
N ILE A 45 8.21 3.63 -2.92
CA ILE A 45 8.33 2.37 -2.19
C ILE A 45 8.87 2.61 -0.78
N LYS A 46 8.05 2.36 0.23
CA LYS A 46 8.47 2.56 1.60
C LYS A 46 9.23 1.34 2.12
N SER A 47 10.54 1.36 1.92
CA SER A 47 11.44 0.26 2.33
C SER A 47 11.61 0.23 3.85
N THR A 48 11.07 1.22 4.53
CA THR A 48 11.18 1.33 5.97
C THR A 48 10.39 0.24 6.67
N ASP A 49 9.37 -0.19 5.98
CA ASP A 49 8.45 -1.19 6.47
C ASP A 49 8.68 -2.50 5.73
N ILE A 50 9.80 -2.58 5.02
CA ILE A 50 10.15 -3.75 4.24
C ILE A 50 11.48 -4.33 4.67
N SER A 51 11.48 -5.62 4.89
CA SER A 51 12.66 -6.35 5.29
C SER A 51 13.20 -7.15 4.11
N VAL A 52 14.51 -7.15 3.92
CA VAL A 52 15.12 -7.85 2.80
C VAL A 52 16.05 -8.98 3.27
N LYS A 53 16.07 -10.07 2.51
CA LYS A 53 16.92 -11.22 2.81
C LYS A 53 17.05 -12.11 1.59
N THR A 54 18.22 -12.71 1.45
CA THR A 54 18.51 -13.60 0.33
C THR A 54 18.85 -14.99 0.81
N ASP A 55 18.13 -15.98 0.31
CA ASP A 55 18.35 -17.37 0.67
C ASP A 55 18.42 -18.21 -0.58
N GLN A 56 19.63 -18.63 -0.94
CA GLN A 56 19.86 -19.45 -2.11
C GLN A 56 19.55 -18.69 -3.38
N LYS A 57 20.13 -17.49 -3.48
CA LYS A 57 19.95 -16.60 -4.63
C LYS A 57 18.49 -16.17 -4.80
N VAL A 58 17.73 -16.33 -3.73
CA VAL A 58 16.32 -15.96 -3.73
C VAL A 58 16.06 -14.86 -2.72
N VAL A 59 15.66 -13.70 -3.21
CA VAL A 59 15.38 -12.56 -2.34
C VAL A 59 13.93 -12.55 -1.92
N THR A 60 13.70 -12.59 -0.62
CA THR A 60 12.36 -12.58 -0.06
C THR A 60 11.97 -11.17 0.39
N LEU A 61 10.92 -10.64 -0.21
CA LEU A 61 10.42 -9.32 0.15
C LEU A 61 9.27 -9.46 1.12
N SER A 62 9.48 -9.02 2.35
CA SER A 62 8.44 -9.12 3.36
C SER A 62 8.28 -7.83 4.13
N GLY A 63 7.08 -7.55 4.56
CA GLY A 63 6.81 -6.37 5.33
C GLY A 63 5.42 -5.86 5.11
N PHE A 64 5.23 -4.57 5.33
CA PHE A 64 3.93 -3.96 5.17
C PHE A 64 3.99 -2.78 4.21
N VAL A 65 3.14 -2.84 3.20
CA VAL A 65 3.08 -1.79 2.20
C VAL A 65 1.78 -1.02 2.32
N GLU A 66 1.70 0.13 1.65
CA GLU A 66 0.50 0.95 1.73
C GLU A 66 -0.51 0.56 0.66
N SER A 67 -0.03 -0.13 -0.38
CA SER A 67 -0.89 -0.57 -1.46
C SER A 67 -0.24 -1.73 -2.20
N GLN A 68 -1.01 -2.45 -3.01
CA GLN A 68 -0.49 -3.60 -3.78
C GLN A 68 0.67 -3.16 -4.65
N ALA A 69 0.50 -2.04 -5.34
CA ALA A 69 1.53 -1.50 -6.23
C ALA A 69 2.88 -1.37 -5.53
N GLN A 70 2.87 -0.94 -4.27
CA GLN A 70 4.11 -0.77 -3.51
C GLN A 70 4.80 -2.13 -3.35
N ALA A 71 4.00 -3.18 -3.27
CA ALA A 71 4.53 -4.53 -3.14
C ALA A 71 4.98 -5.05 -4.51
N GLU A 72 4.14 -4.85 -5.52
CA GLU A 72 4.44 -5.30 -6.88
C GLU A 72 5.71 -4.66 -7.42
N GLU A 73 5.93 -3.40 -7.09
CA GLU A 73 7.12 -2.70 -7.56
C GLU A 73 8.36 -3.13 -6.79
N ALA A 74 8.20 -3.35 -5.49
CA ALA A 74 9.32 -3.75 -4.64
C ALA A 74 9.99 -5.01 -5.16
N VAL A 75 9.19 -6.03 -5.46
CA VAL A 75 9.71 -7.29 -5.96
C VAL A 75 10.24 -7.16 -7.39
N LYS A 76 9.74 -6.16 -8.09
CA LYS A 76 10.15 -5.90 -9.47
C LYS A 76 11.54 -5.28 -9.48
N VAL A 77 11.75 -4.30 -8.61
CA VAL A 77 13.03 -3.63 -8.52
C VAL A 77 14.09 -4.59 -7.99
N ALA A 78 13.66 -5.48 -7.09
CA ALA A 78 14.54 -6.47 -6.50
C ALA A 78 15.11 -7.40 -7.57
N LYS A 79 14.30 -7.69 -8.58
CA LYS A 79 14.72 -8.57 -9.67
C LYS A 79 15.66 -7.85 -10.63
N GLY A 80 15.76 -6.53 -10.47
CA GLY A 80 16.65 -5.74 -11.31
C GLY A 80 18.06 -5.71 -10.75
N VAL A 81 18.20 -6.18 -9.51
CA VAL A 81 19.49 -6.23 -8.85
C VAL A 81 20.32 -7.40 -9.39
N GLU A 82 21.62 -7.18 -9.55
CA GLU A 82 22.50 -8.22 -10.05
C GLU A 82 22.77 -9.28 -8.97
N GLY A 83 22.64 -10.55 -9.33
CA GLY A 83 22.90 -11.62 -8.39
C GLY A 83 21.67 -12.42 -8.03
N VAL A 84 20.51 -11.78 -8.05
CA VAL A 84 19.27 -12.47 -7.70
C VAL A 84 18.83 -13.40 -8.84
N THR A 85 18.42 -14.60 -8.47
CA THR A 85 17.96 -15.58 -9.44
C THR A 85 16.44 -15.72 -9.37
N SER A 86 15.90 -15.51 -8.17
CA SER A 86 14.46 -15.60 -7.96
C SER A 86 14.04 -14.66 -6.84
N VAL A 87 12.83 -14.13 -6.93
CA VAL A 87 12.33 -13.22 -5.93
C VAL A 87 11.04 -13.76 -5.32
N SER A 88 11.00 -13.79 -4.00
CA SER A 88 9.84 -14.29 -3.28
C SER A 88 9.11 -13.12 -2.64
N ASP A 89 7.83 -13.00 -2.92
CA ASP A 89 7.04 -11.92 -2.35
C ASP A 89 6.24 -12.42 -1.17
N LYS A 90 6.45 -11.77 -0.04
CA LYS A 90 5.75 -12.10 1.19
C LYS A 90 5.28 -10.80 1.84
N LEU A 91 5.30 -9.73 1.03
CA LEU A 91 4.86 -8.42 1.47
C LEU A 91 3.35 -8.43 1.69
N HIS A 92 2.88 -7.58 2.60
CA HIS A 92 1.47 -7.51 2.88
C HIS A 92 0.99 -6.08 3.00
N VAL A 93 -0.13 -5.78 2.37
CA VAL A 93 -0.71 -4.46 2.49
C VAL A 93 -1.26 -4.32 3.90
N ARG A 94 -1.14 -3.16 4.48
CA ARG A 94 -1.63 -2.93 5.83
C ARG A 94 -3.04 -2.41 5.79
N ASP A 95 -3.34 -1.69 4.73
CA ASP A 95 -4.64 -1.09 4.58
C ASP A 95 -5.64 -1.95 3.83
N ALA A 96 -6.91 -1.57 3.96
CA ALA A 96 -7.99 -2.24 3.26
C ALA A 96 -7.93 -1.77 1.81
N LYS A 97 -7.65 -2.68 0.90
CA LYS A 97 -7.56 -2.31 -0.50
C LYS A 97 -8.95 -2.06 -1.08
N GLU A 98 -9.42 -0.85 -0.87
CA GLU A 98 -10.71 -0.41 -1.37
C GLU A 98 -10.47 0.64 -2.47
N GLY A 99 -10.62 1.92 -2.15
CA GLY A 99 -10.39 2.95 -3.13
C GLY A 99 -9.78 4.18 -2.52
N SER A 100 -9.31 4.06 -1.29
CA SER A 100 -8.72 5.19 -0.59
C SER A 100 -7.37 4.81 0.04
N VAL A 101 -6.87 5.74 0.85
CA VAL A 101 -5.60 5.58 1.55
C VAL A 101 -5.74 6.11 2.97
N LYS A 102 -4.84 5.71 3.88
CA LYS A 102 -4.92 6.21 5.25
C LYS A 102 -3.90 7.32 5.48
N GLY A 103 -2.69 7.12 4.96
CA GLY A 103 -1.65 8.11 5.13
C GLY A 103 -1.25 8.27 6.57
N TYR A 104 -0.65 7.22 7.15
CA TYR A 104 -0.24 7.26 8.53
C TYR A 104 1.26 7.06 8.66
N ALA A 105 1.86 7.78 9.60
CA ALA A 105 3.29 7.69 9.83
C ALA A 105 3.60 6.70 10.95
N GLY A 106 3.73 7.19 12.16
CA GLY A 106 4.03 6.34 13.29
C GLY A 106 5.51 6.00 13.37
N ASP A 107 6.33 6.88 12.81
CA ASP A 107 7.76 6.70 12.81
C ASP A 107 8.33 7.08 14.17
N THR A 108 9.64 7.04 14.29
CA THR A 108 10.35 7.38 15.51
C THR A 108 9.96 8.77 16.04
N ALA A 109 9.31 9.57 15.20
CA ALA A 109 8.87 10.91 15.57
C ALA A 109 7.98 10.88 16.82
N THR A 110 7.11 9.88 16.89
CA THR A 110 6.22 9.74 18.04
C THR A 110 7.05 9.51 19.30
N THR A 111 8.06 8.67 19.17
CA THR A 111 8.98 8.37 20.26
C THR A 111 9.75 9.64 20.64
N SER A 112 10.09 10.42 19.61
CA SER A 112 10.82 11.65 19.77
C SER A 112 10.08 12.64 20.66
N GLU A 113 8.82 12.89 20.34
CA GLU A 113 8.02 13.83 21.11
C GLU A 113 7.55 13.23 22.43
N ILE A 114 7.16 11.96 22.41
CA ILE A 114 6.65 11.29 23.60
C ILE A 114 7.64 11.41 24.77
N LYS A 115 8.93 11.31 24.49
CA LYS A 115 9.93 11.40 25.55
C LYS A 115 9.99 12.82 26.09
N ALA A 116 9.78 13.79 25.20
CA ALA A 116 9.78 15.20 25.59
C ALA A 116 8.65 15.50 26.56
N LYS A 117 7.60 14.69 26.51
CA LYS A 117 6.47 14.85 27.41
C LYS A 117 6.72 14.10 28.71
N LEU A 118 7.23 12.88 28.59
CA LEU A 118 7.49 12.03 29.75
C LEU A 118 8.58 12.59 30.66
N LEU A 119 9.63 13.15 30.07
CA LEU A 119 10.74 13.70 30.84
C LEU A 119 10.37 15.03 31.46
N ALA A 120 9.37 15.66 30.89
CA ALA A 120 8.92 16.96 31.35
C ALA A 120 7.83 16.87 32.41
N ASP A 121 7.26 15.69 32.60
CA ASP A 121 6.22 15.51 33.62
C ASP A 121 6.85 15.53 35.01
N ASP A 122 6.04 15.65 36.05
CA ASP A 122 6.53 15.74 37.41
C ASP A 122 6.62 14.36 38.07
N ILE A 123 5.90 13.37 37.53
CA ILE A 123 5.91 12.04 38.13
C ILE A 123 6.51 10.97 37.23
N VAL A 124 6.19 11.00 35.94
CA VAL A 124 6.72 10.00 34.99
C VAL A 124 8.24 9.97 35.02
N PRO A 125 8.82 8.88 35.54
CA PRO A 125 10.28 8.71 35.62
C PRO A 125 10.89 8.28 34.29
N SER A 126 10.94 9.21 33.34
CA SER A 126 11.48 8.94 32.01
C SER A 126 12.96 8.55 32.05
N ARG A 127 13.62 8.73 33.20
CA ARG A 127 15.02 8.37 33.33
C ARG A 127 15.17 6.89 33.66
N HIS A 128 14.06 6.25 34.01
CA HIS A 128 14.08 4.85 34.39
C HIS A 128 13.23 4.00 33.43
N VAL A 129 12.37 4.67 32.67
CA VAL A 129 11.52 3.99 31.71
C VAL A 129 11.77 4.52 30.30
N LYS A 130 11.77 3.62 29.31
CA LYS A 130 12.02 4.02 27.94
C LYS A 130 10.80 3.72 27.08
N VAL A 131 10.67 4.45 25.99
CA VAL A 131 9.55 4.28 25.09
C VAL A 131 10.00 4.19 23.64
N GLU A 132 9.34 3.33 22.88
CA GLU A 132 9.60 3.14 21.48
C GLU A 132 8.27 2.96 20.76
N THR A 133 8.12 3.54 19.59
CA THR A 133 6.89 3.40 18.86
C THR A 133 7.10 2.63 17.57
N THR A 134 6.17 1.73 17.31
CA THR A 134 6.21 0.93 16.11
C THR A 134 4.84 0.97 15.44
N ASP A 135 4.77 1.62 14.29
CA ASP A 135 3.53 1.74 13.53
C ASP A 135 2.51 2.60 14.26
N GLY A 136 2.99 3.39 15.20
CA GLY A 136 2.10 4.23 15.98
C GLY A 136 1.77 3.58 17.30
N VAL A 137 2.29 2.38 17.49
CA VAL A 137 2.11 1.65 18.74
C VAL A 137 3.18 2.10 19.71
N VAL A 138 2.80 2.89 20.69
CA VAL A 138 3.74 3.39 21.68
C VAL A 138 3.94 2.35 22.78
N GLN A 139 5.17 1.88 22.90
CA GLN A 139 5.52 0.86 23.88
C GLN A 139 6.35 1.47 25.02
N LEU A 140 5.90 1.26 26.26
CA LEU A 140 6.62 1.78 27.42
C LEU A 140 7.13 0.63 28.27
N SER A 141 8.45 0.45 28.29
CA SER A 141 9.05 -0.62 29.07
C SER A 141 10.05 -0.01 30.07
N GLY A 142 10.01 -0.46 31.31
CA GLY A 142 10.90 0.06 32.30
C GLY A 142 10.35 -0.12 33.69
N THR A 143 10.57 0.84 34.55
CA THR A 143 10.06 0.74 35.89
C THR A 143 9.64 2.11 36.42
N VAL A 144 8.56 2.12 37.19
CA VAL A 144 8.03 3.32 37.77
C VAL A 144 7.86 3.15 39.28
N ASP A 145 7.70 4.27 39.97
CA ASP A 145 7.54 4.24 41.41
C ASP A 145 6.17 3.72 41.83
N SER A 146 5.14 4.07 41.07
CA SER A 146 3.79 3.63 41.38
C SER A 146 2.89 3.72 40.17
N GLN A 147 1.66 3.22 40.32
CA GLN A 147 0.66 3.21 39.26
C GLN A 147 0.37 4.60 38.73
N ALA A 148 0.39 5.61 39.61
CA ALA A 148 0.12 6.99 39.23
C ALA A 148 1.06 7.48 38.13
N GLN A 149 2.31 7.06 38.21
CA GLN A 149 3.32 7.46 37.23
C GLN A 149 3.20 6.60 35.97
N SER A 150 2.66 5.41 36.15
CA SER A 150 2.45 4.50 35.04
C SER A 150 1.32 5.00 34.14
N ASP A 151 0.19 5.28 34.77
CA ASP A 151 -1.01 5.76 34.07
C ASP A 151 -0.75 7.06 33.31
N ARG A 152 -0.01 7.97 33.94
CA ARG A 152 0.31 9.24 33.30
C ARG A 152 1.08 8.98 32.02
N ALA A 153 2.15 8.18 32.12
CA ALA A 153 2.97 7.83 30.97
C ALA A 153 2.10 7.41 29.78
N GLU A 154 1.18 6.47 30.02
CA GLU A 154 0.27 6.00 28.98
C GLU A 154 -0.66 7.12 28.53
N SER A 155 -1.17 7.87 29.50
CA SER A 155 -2.09 8.97 29.22
C SER A 155 -1.50 9.92 28.18
N ILE A 156 -0.21 10.17 28.27
CA ILE A 156 0.44 11.06 27.32
C ILE A 156 0.79 10.33 26.03
N ALA A 157 1.12 9.05 26.17
CA ALA A 157 1.49 8.23 25.01
C ALA A 157 0.34 8.17 24.00
N LYS A 158 -0.89 8.06 24.50
CA LYS A 158 -2.07 8.00 23.65
C LYS A 158 -2.53 9.40 23.28
N ALA A 159 -2.09 10.38 24.07
CA ALA A 159 -2.45 11.78 23.83
C ALA A 159 -1.64 12.38 22.68
N VAL A 160 -0.56 11.71 22.29
CA VAL A 160 0.29 12.19 21.19
C VAL A 160 -0.36 11.85 19.86
N ASP A 161 -0.44 12.82 18.96
CA ASP A 161 -1.05 12.59 17.65
C ASP A 161 -0.20 11.62 16.84
N GLY A 162 -0.87 10.71 16.15
CA GLY A 162 -0.17 9.72 15.34
C GLY A 162 -0.07 8.37 16.01
N VAL A 163 -0.70 8.23 17.17
CA VAL A 163 -0.69 6.98 17.92
C VAL A 163 -1.94 6.15 17.63
N LYS A 164 -1.77 4.84 17.56
CA LYS A 164 -2.90 3.94 17.32
C LYS A 164 -3.15 3.04 18.52
N SER A 165 -2.09 2.68 19.23
CA SER A 165 -2.22 1.81 20.39
C SER A 165 -1.05 2.05 21.35
N VAL A 166 -1.26 1.75 22.61
CA VAL A 166 -0.23 1.91 23.62
C VAL A 166 0.01 0.59 24.32
N LYS A 167 1.25 0.35 24.69
CA LYS A 167 1.60 -0.87 25.38
C LYS A 167 2.32 -0.53 26.67
N ASN A 168 1.58 -0.56 27.77
CA ASN A 168 2.16 -0.28 29.08
C ASN A 168 2.81 -1.53 29.61
N ASP A 169 4.11 -1.60 29.44
CA ASP A 169 4.87 -2.75 29.84
C ASP A 169 5.86 -2.41 30.96
N LEU A 170 5.78 -1.17 31.45
CA LEU A 170 6.63 -0.72 32.53
C LEU A 170 6.14 -1.36 33.84
N LYS A 171 7.07 -1.70 34.71
CA LYS A 171 6.71 -2.36 35.97
C LYS A 171 6.93 -1.46 37.17
N THR A 172 6.19 -1.72 38.24
CA THR A 172 6.32 -0.93 39.46
C THR A 172 7.36 -1.55 40.38
N LYS A 173 8.16 -0.72 41.02
CA LYS A 173 9.19 -1.18 41.94
C LYS A 173 8.58 -1.90 43.14
N GLU A 1 10.13 -7.95 41.94
CA GLU A 1 10.10 -9.37 42.27
C GLU A 1 11.45 -9.82 42.80
N ASN A 2 12.43 -9.88 41.90
CA ASN A 2 13.80 -10.28 42.23
C ASN A 2 13.84 -11.72 42.73
N ASN A 3 13.78 -12.66 41.80
CA ASN A 3 13.82 -14.07 42.14
C ASN A 3 15.26 -14.53 42.31
N ALA A 4 15.47 -15.56 43.11
CA ALA A 4 16.80 -16.08 43.38
C ALA A 4 17.46 -16.59 42.11
N GLN A 5 16.87 -17.61 41.50
CA GLN A 5 17.43 -18.18 40.28
C GLN A 5 16.59 -17.79 39.06
N THR A 6 17.14 -16.90 38.25
CA THR A 6 16.47 -16.42 37.05
C THR A 6 16.94 -17.20 35.82
N THR A 7 17.86 -18.12 36.03
CA THR A 7 18.39 -18.94 34.93
C THR A 7 18.58 -20.37 35.42
N ASN A 8 18.18 -21.34 34.60
CA ASN A 8 18.31 -22.75 34.97
C ASN A 8 19.14 -23.52 33.95
N GLU A 9 20.28 -24.00 34.39
CA GLU A 9 21.17 -24.78 33.54
C GLU A 9 20.82 -26.27 33.65
N SER A 10 20.39 -26.67 34.84
CA SER A 10 20.01 -28.04 35.12
C SER A 10 18.71 -28.39 34.41
N ALA A 11 18.83 -28.78 33.14
CA ALA A 11 17.67 -29.16 32.34
C ALA A 11 17.99 -30.37 31.46
N GLY A 12 19.23 -30.47 31.02
CA GLY A 12 19.63 -31.58 30.19
C GLY A 12 20.67 -31.17 29.16
N GLN A 13 20.19 -30.72 28.01
CA GLN A 13 21.08 -30.29 26.93
C GLN A 13 20.34 -29.34 26.00
N LYS A 14 21.04 -28.86 24.99
CA LYS A 14 20.47 -27.93 24.01
C LYS A 14 21.38 -27.84 22.80
N VAL A 15 20.99 -27.04 21.83
CA VAL A 15 21.79 -26.84 20.63
C VAL A 15 22.97 -25.94 20.93
N ASP A 16 23.97 -25.96 20.06
CA ASP A 16 25.17 -25.14 20.24
C ASP A 16 24.81 -23.66 20.16
N SER A 17 24.96 -22.98 21.28
CA SER A 17 24.65 -21.56 21.38
C SER A 17 25.41 -20.95 22.54
N SER A 18 26.73 -20.99 22.47
CA SER A 18 27.56 -20.43 23.52
C SER A 18 28.82 -19.79 22.95
N MET A 19 29.54 -19.06 23.79
CA MET A 19 30.78 -18.39 23.40
C MET A 19 30.53 -17.33 22.33
N ASN A 20 31.60 -16.83 21.74
CA ASN A 20 31.49 -15.83 20.70
C ASN A 20 31.78 -16.46 19.35
N LYS A 21 30.74 -16.96 18.71
CA LYS A 21 30.87 -17.62 17.42
C LYS A 21 31.57 -16.73 16.40
N VAL A 22 32.66 -17.23 15.83
CA VAL A 22 33.42 -16.49 14.84
C VAL A 22 33.28 -17.17 13.48
N GLY A 23 33.55 -16.42 12.42
CA GLY A 23 33.44 -16.96 11.08
C GLY A 23 32.07 -16.68 10.48
N ASN A 24 32.00 -16.60 9.17
CA ASN A 24 30.73 -16.34 8.46
C ASN A 24 30.96 -16.36 6.95
N PHE A 25 29.87 -16.44 6.21
CA PHE A 25 29.96 -16.45 4.75
C PHE A 25 29.31 -15.18 4.19
N MET A 26 29.69 -14.79 2.98
CA MET A 26 29.15 -13.59 2.37
C MET A 26 28.71 -13.84 0.95
N ASP A 27 27.68 -14.66 0.80
CA ASP A 27 27.15 -15.00 -0.52
C ASP A 27 25.83 -14.28 -0.78
N ASP A 28 24.75 -14.84 -0.24
CA ASP A 28 23.41 -14.27 -0.41
C ASP A 28 23.34 -12.90 0.26
N SER A 29 24.04 -12.78 1.38
CA SER A 29 24.08 -11.55 2.16
C SER A 29 24.69 -10.41 1.34
N ALA A 30 25.47 -10.75 0.32
CA ALA A 30 26.10 -9.75 -0.53
C ALA A 30 25.11 -9.23 -1.55
N ILE A 31 24.09 -10.03 -1.85
CA ILE A 31 23.07 -9.63 -2.81
C ILE A 31 22.15 -8.60 -2.17
N THR A 32 21.79 -8.85 -0.92
CA THR A 32 20.90 -7.97 -0.15
C THR A 32 21.48 -6.57 -0.03
N ALA A 33 22.81 -6.50 0.08
CA ALA A 33 23.55 -5.25 0.22
C ALA A 33 23.12 -4.20 -0.80
N LYS A 34 22.98 -4.61 -2.06
CA LYS A 34 22.57 -3.69 -3.11
C LYS A 34 21.05 -3.62 -3.27
N VAL A 35 20.36 -4.69 -2.88
CA VAL A 35 18.90 -4.72 -2.99
C VAL A 35 18.27 -3.66 -2.10
N LYS A 36 18.80 -3.49 -0.89
CA LYS A 36 18.28 -2.50 0.04
C LYS A 36 18.51 -1.09 -0.49
N ALA A 37 19.47 -0.96 -1.41
CA ALA A 37 19.78 0.33 -2.00
C ALA A 37 18.83 0.63 -3.15
N ALA A 38 18.38 -0.42 -3.81
CA ALA A 38 17.46 -0.28 -4.94
C ALA A 38 16.06 0.05 -4.45
N LEU A 39 15.68 -0.51 -3.31
CA LEU A 39 14.36 -0.29 -2.75
C LEU A 39 14.19 1.15 -2.24
N VAL A 40 15.19 1.64 -1.52
CA VAL A 40 15.15 2.98 -0.95
C VAL A 40 15.27 4.07 -2.03
N ASP A 41 15.78 3.68 -3.19
CA ASP A 41 15.95 4.61 -4.32
C ASP A 41 14.59 5.04 -4.84
N HIS A 42 13.65 4.11 -4.78
CA HIS A 42 12.32 4.34 -5.27
C HIS A 42 11.44 5.01 -4.23
N ASP A 43 11.13 6.27 -4.49
CA ASP A 43 10.32 7.11 -3.61
C ASP A 43 8.97 6.48 -3.26
N ASN A 44 8.32 5.81 -4.22
CA ASN A 44 7.00 5.22 -3.96
C ASN A 44 7.08 3.93 -3.13
N ILE A 45 8.30 3.43 -2.92
CA ILE A 45 8.46 2.21 -2.14
C ILE A 45 9.00 2.55 -0.77
N LYS A 46 8.20 2.33 0.25
CA LYS A 46 8.63 2.62 1.60
C LYS A 46 9.33 1.41 2.21
N SER A 47 10.65 1.35 2.05
CA SER A 47 11.44 0.24 2.58
C SER A 47 11.49 0.31 4.10
N THR A 48 10.90 1.37 4.64
CA THR A 48 10.83 1.58 6.08
C THR A 48 10.12 0.44 6.78
N ASP A 49 9.11 -0.12 6.10
CA ASP A 49 8.33 -1.23 6.65
C ASP A 49 8.62 -2.51 5.89
N ILE A 50 9.73 -2.53 5.15
CA ILE A 50 10.08 -3.70 4.35
C ILE A 50 11.45 -4.26 4.72
N SER A 51 11.48 -5.56 4.90
CA SER A 51 12.72 -6.25 5.25
C SER A 51 13.21 -7.08 4.07
N VAL A 52 14.42 -6.81 3.62
CA VAL A 52 15.00 -7.54 2.51
C VAL A 52 15.93 -8.65 3.02
N LYS A 53 15.85 -9.82 2.40
CA LYS A 53 16.66 -10.95 2.78
C LYS A 53 16.83 -11.88 1.59
N THR A 54 18.02 -12.42 1.43
CA THR A 54 18.31 -13.32 0.33
C THR A 54 18.60 -14.72 0.85
N ASP A 55 17.95 -15.71 0.25
CA ASP A 55 18.12 -17.09 0.62
C ASP A 55 18.24 -17.94 -0.64
N GLN A 56 19.46 -18.41 -0.90
CA GLN A 56 19.75 -19.26 -2.05
C GLN A 56 19.45 -18.54 -3.36
N LYS A 57 20.04 -17.35 -3.52
CA LYS A 57 19.87 -16.53 -4.72
C LYS A 57 18.42 -16.07 -4.91
N VAL A 58 17.63 -16.18 -3.85
CA VAL A 58 16.23 -15.78 -3.90
C VAL A 58 15.97 -14.67 -2.89
N VAL A 59 15.71 -13.47 -3.39
CA VAL A 59 15.44 -12.33 -2.53
C VAL A 59 13.98 -12.33 -2.10
N THR A 60 13.75 -12.33 -0.80
CA THR A 60 12.41 -12.33 -0.24
C THR A 60 12.04 -10.94 0.25
N LEU A 61 10.92 -10.45 -0.23
CA LEU A 61 10.41 -9.15 0.17
C LEU A 61 9.23 -9.32 1.10
N SER A 62 9.43 -8.98 2.35
CA SER A 62 8.38 -9.11 3.35
C SER A 62 8.29 -7.85 4.21
N GLY A 63 7.09 -7.55 4.68
CA GLY A 63 6.90 -6.39 5.51
C GLY A 63 5.50 -5.82 5.35
N PHE A 64 5.38 -4.52 5.49
CA PHE A 64 4.09 -3.86 5.38
C PHE A 64 4.09 -2.78 4.30
N VAL A 65 3.23 -2.94 3.32
CA VAL A 65 3.14 -1.99 2.23
C VAL A 65 1.82 -1.25 2.33
N GLU A 66 1.69 -0.14 1.61
CA GLU A 66 0.47 0.64 1.65
C GLU A 66 -0.60 0.03 0.75
N SER A 67 -0.18 -0.48 -0.40
CA SER A 67 -1.12 -1.08 -1.33
C SER A 67 -0.45 -2.16 -2.16
N GLN A 68 -1.25 -2.86 -2.95
CA GLN A 68 -0.75 -3.93 -3.81
C GLN A 68 0.31 -3.41 -4.77
N ALA A 69 0.04 -2.25 -5.36
CA ALA A 69 0.96 -1.64 -6.32
C ALA A 69 2.35 -1.38 -5.70
N GLN A 70 2.37 -1.06 -4.41
CA GLN A 70 3.62 -0.79 -3.71
C GLN A 70 4.46 -2.06 -3.58
N ALA A 71 3.78 -3.18 -3.34
CA ALA A 71 4.45 -4.46 -3.18
C ALA A 71 5.00 -4.94 -4.53
N GLU A 72 4.18 -4.81 -5.56
CA GLU A 72 4.56 -5.20 -6.92
C GLU A 72 5.83 -4.49 -7.34
N GLU A 73 5.96 -3.23 -6.92
CA GLU A 73 7.13 -2.43 -7.24
C GLU A 73 8.34 -2.93 -6.45
N ALA A 74 8.10 -3.27 -5.19
CA ALA A 74 9.14 -3.77 -4.30
C ALA A 74 9.89 -4.96 -4.90
N VAL A 75 9.15 -5.98 -5.31
CA VAL A 75 9.75 -7.18 -5.89
C VAL A 75 10.28 -6.92 -7.30
N LYS A 76 9.72 -5.92 -7.98
CA LYS A 76 10.14 -5.60 -9.33
C LYS A 76 11.56 -5.04 -9.32
N VAL A 77 11.84 -4.16 -8.38
CA VAL A 77 13.15 -3.56 -8.27
C VAL A 77 14.18 -4.60 -7.80
N ALA A 78 13.77 -5.43 -6.85
CA ALA A 78 14.64 -6.47 -6.33
C ALA A 78 14.98 -7.47 -7.42
N LYS A 79 14.02 -7.72 -8.30
CA LYS A 79 14.18 -8.63 -9.42
C LYS A 79 15.21 -8.09 -10.42
N GLY A 80 15.45 -6.79 -10.36
CA GLY A 80 16.39 -6.16 -11.26
C GLY A 80 17.81 -6.16 -10.74
N VAL A 81 17.97 -6.39 -9.44
CA VAL A 81 19.28 -6.41 -8.83
C VAL A 81 20.13 -7.56 -9.37
N GLU A 82 21.27 -7.20 -9.97
CA GLU A 82 22.17 -8.20 -10.53
C GLU A 82 22.66 -9.17 -9.47
N GLY A 83 22.62 -10.46 -9.78
CA GLY A 83 23.07 -11.47 -8.86
C GLY A 83 21.96 -12.37 -8.38
N VAL A 84 20.76 -11.83 -8.27
CA VAL A 84 19.60 -12.59 -7.83
C VAL A 84 19.11 -13.52 -8.93
N THR A 85 18.61 -14.68 -8.53
CA THR A 85 18.08 -15.65 -9.48
C THR A 85 16.55 -15.58 -9.50
N SER A 86 15.95 -15.35 -8.35
CA SER A 86 14.50 -15.25 -8.23
C SER A 86 14.10 -14.39 -7.05
N VAL A 87 12.90 -13.84 -7.09
CA VAL A 87 12.40 -12.99 -6.02
C VAL A 87 11.10 -13.58 -5.46
N SER A 88 10.96 -13.56 -4.15
CA SER A 88 9.78 -14.08 -3.50
C SER A 88 9.00 -12.97 -2.83
N ASP A 89 7.80 -12.73 -3.31
CA ASP A 89 6.95 -11.70 -2.73
C ASP A 89 6.27 -12.24 -1.49
N LYS A 90 6.48 -11.57 -0.37
CA LYS A 90 5.88 -11.94 0.89
C LYS A 90 5.41 -10.70 1.63
N LEU A 91 5.30 -9.60 0.87
CA LEU A 91 4.82 -8.34 1.40
C LEU A 91 3.43 -8.51 2.01
N HIS A 92 3.14 -7.73 3.02
CA HIS A 92 1.85 -7.79 3.68
C HIS A 92 1.17 -6.43 3.62
N VAL A 93 0.15 -6.32 2.78
CA VAL A 93 -0.59 -5.09 2.66
C VAL A 93 -1.38 -4.82 3.94
N ARG A 94 -1.38 -3.59 4.41
CA ARG A 94 -2.09 -3.23 5.64
C ARG A 94 -3.32 -2.38 5.35
N ASP A 95 -3.25 -1.53 4.34
CA ASP A 95 -4.36 -0.65 4.00
C ASP A 95 -5.29 -1.31 3.01
N ALA A 96 -6.45 -0.70 2.83
CA ALA A 96 -7.46 -1.20 1.93
C ALA A 96 -7.32 -0.58 0.55
N LYS A 97 -7.26 -1.42 -0.48
CA LYS A 97 -7.14 -0.93 -1.84
C LYS A 97 -8.52 -0.57 -2.40
N GLU A 98 -9.57 -1.09 -1.76
CA GLU A 98 -10.95 -0.87 -2.16
C GLU A 98 -11.13 -1.04 -3.68
N GLY A 99 -11.91 -0.16 -4.30
CA GLY A 99 -12.10 -0.21 -5.74
C GLY A 99 -13.31 -1.02 -6.16
N SER A 100 -13.25 -2.33 -5.97
CA SER A 100 -14.33 -3.21 -6.34
C SER A 100 -15.36 -3.32 -5.22
N VAL A 101 -16.62 -3.42 -5.61
CA VAL A 101 -17.71 -3.52 -4.65
C VAL A 101 -18.54 -4.77 -4.95
N LYS A 102 -18.99 -5.44 -3.90
CA LYS A 102 -19.80 -6.65 -4.05
C LYS A 102 -20.39 -7.06 -2.72
N GLY A 103 -19.51 -7.37 -1.78
CA GLY A 103 -19.93 -7.78 -0.46
C GLY A 103 -18.79 -8.45 0.28
N TYR A 104 -19.05 -9.57 0.93
CA TYR A 104 -18.02 -10.28 1.66
C TYR A 104 -18.05 -11.76 1.34
N ALA A 105 -17.27 -12.54 2.08
CA ALA A 105 -17.19 -13.98 1.85
C ALA A 105 -17.53 -14.76 3.12
N GLY A 106 -18.17 -14.09 4.07
CA GLY A 106 -18.53 -14.76 5.31
C GLY A 106 -18.74 -13.78 6.45
N ASP A 107 -19.89 -13.90 7.10
CA ASP A 107 -20.24 -13.03 8.21
C ASP A 107 -20.43 -13.84 9.48
N THR A 108 -19.42 -13.83 10.33
CA THR A 108 -19.47 -14.59 11.57
C THR A 108 -20.58 -14.12 12.50
N ALA A 109 -20.98 -12.87 12.36
CA ALA A 109 -22.02 -12.29 13.21
C ALA A 109 -23.31 -13.12 13.16
N THR A 110 -23.78 -13.42 11.94
CA THR A 110 -25.00 -14.17 11.77
C THR A 110 -24.83 -15.62 12.20
N THR A 111 -23.76 -16.24 11.73
CA THR A 111 -23.46 -17.63 12.04
C THR A 111 -23.32 -17.86 13.54
N SER A 112 -22.67 -16.93 14.22
CA SER A 112 -22.46 -17.03 15.65
C SER A 112 -23.79 -17.16 16.40
N GLU A 113 -24.75 -16.29 16.10
CA GLU A 113 -26.03 -16.33 16.77
C GLU A 113 -26.92 -17.47 16.26
N ILE A 114 -26.92 -17.69 14.94
CA ILE A 114 -27.74 -18.73 14.34
C ILE A 114 -27.48 -20.08 14.99
N LYS A 115 -26.24 -20.30 15.42
CA LYS A 115 -25.86 -21.55 16.05
C LYS A 115 -26.44 -21.64 17.45
N ALA A 116 -26.43 -20.50 18.14
CA ALA A 116 -26.95 -20.43 19.49
C ALA A 116 -28.46 -20.69 19.49
N LYS A 117 -29.11 -20.40 18.37
CA LYS A 117 -30.53 -20.60 18.24
C LYS A 117 -30.80 -22.10 18.02
N LEU A 118 -30.05 -22.68 17.09
CA LEU A 118 -30.19 -24.10 16.77
C LEU A 118 -29.75 -24.97 17.96
N LEU A 119 -28.95 -24.37 18.83
CA LEU A 119 -28.47 -25.05 20.03
C LEU A 119 -29.56 -25.13 21.08
N ALA A 120 -30.47 -24.17 21.01
CA ALA A 120 -31.57 -24.08 21.95
C ALA A 120 -32.76 -24.94 21.52
N ASP A 121 -32.84 -25.26 20.24
CA ASP A 121 -33.93 -26.08 19.72
C ASP A 121 -33.78 -27.52 20.22
N ASP A 122 -34.89 -28.08 20.70
CA ASP A 122 -34.89 -29.45 21.24
C ASP A 122 -34.96 -30.49 20.13
N ILE A 123 -35.19 -30.03 18.90
CA ILE A 123 -35.30 -30.95 17.77
C ILE A 123 -34.14 -30.77 16.80
N VAL A 124 -33.85 -29.53 16.42
CA VAL A 124 -32.76 -29.24 15.50
C VAL A 124 -31.43 -29.74 16.05
N PRO A 125 -30.84 -30.79 15.43
CA PRO A 125 -29.58 -31.38 15.86
C PRO A 125 -28.36 -30.55 15.43
N SER A 126 -28.24 -29.36 16.00
CA SER A 126 -27.13 -28.46 15.68
C SER A 126 -25.79 -29.05 16.12
N ARG A 127 -25.83 -30.15 16.85
CA ARG A 127 -24.62 -30.81 17.31
C ARG A 127 -24.02 -31.64 16.20
N HIS A 128 -24.85 -31.93 15.20
CA HIS A 128 -24.41 -32.73 14.05
C HIS A 128 -24.49 -31.91 12.76
N VAL A 129 -25.23 -30.81 12.81
CA VAL A 129 -25.39 -29.95 11.65
C VAL A 129 -24.62 -28.65 11.83
N LYS A 130 -23.95 -28.23 10.77
CA LYS A 130 -23.17 -27.02 10.78
C LYS A 130 -23.88 -25.94 9.99
N VAL A 131 -23.63 -24.70 10.33
CA VAL A 131 -24.24 -23.58 9.64
C VAL A 131 -23.21 -22.49 9.41
N GLU A 132 -23.20 -21.94 8.21
CA GLU A 132 -22.29 -20.88 7.85
C GLU A 132 -23.02 -19.86 6.98
N THR A 133 -22.72 -18.59 7.14
CA THR A 133 -23.36 -17.55 6.35
C THR A 133 -22.36 -16.86 5.43
N THR A 134 -22.77 -16.65 4.19
CA THR A 134 -21.92 -15.99 3.20
C THR A 134 -22.63 -14.80 2.58
N ASP A 135 -22.20 -13.60 2.99
CA ASP A 135 -22.78 -12.35 2.47
C ASP A 135 -24.26 -12.25 2.87
N GLY A 136 -24.61 -12.93 3.95
CA GLY A 136 -25.96 -12.89 4.46
C GLY A 136 -26.75 -14.13 4.09
N VAL A 137 -26.11 -15.04 3.39
CA VAL A 137 -26.77 -16.29 2.99
C VAL A 137 -26.42 -17.38 3.99
N VAL A 138 -27.40 -17.75 4.80
CA VAL A 138 -27.20 -18.77 5.80
C VAL A 138 -27.34 -20.16 5.19
N GLN A 139 -26.28 -20.94 5.31
CA GLN A 139 -26.26 -22.28 4.77
C GLN A 139 -26.15 -23.30 5.89
N LEU A 140 -26.92 -24.37 5.80
CA LEU A 140 -26.90 -25.43 6.79
C LEU A 140 -26.48 -26.73 6.14
N SER A 141 -25.38 -27.30 6.62
CA SER A 141 -24.88 -28.55 6.07
C SER A 141 -24.69 -29.58 7.18
N GLY A 142 -25.09 -30.83 6.93
CA GLY A 142 -24.95 -31.85 7.93
C GLY A 142 -25.95 -32.97 7.76
N THR A 143 -26.44 -33.49 8.87
CA THR A 143 -27.42 -34.55 8.83
C THR A 143 -28.40 -34.44 9.99
N VAL A 144 -29.67 -34.61 9.68
CA VAL A 144 -30.73 -34.55 10.68
C VAL A 144 -31.43 -35.90 10.76
N ASP A 145 -32.33 -36.04 11.71
CA ASP A 145 -33.05 -37.29 11.88
C ASP A 145 -34.30 -37.32 11.00
N SER A 146 -34.98 -36.19 10.89
CA SER A 146 -36.18 -36.11 10.08
C SER A 146 -36.34 -34.73 9.47
N GLN A 147 -37.31 -34.60 8.57
CA GLN A 147 -37.60 -33.35 7.88
C GLN A 147 -38.08 -32.27 8.86
N ALA A 148 -38.75 -32.71 9.92
CA ALA A 148 -39.29 -31.79 10.93
C ALA A 148 -38.19 -30.92 11.53
N GLN A 149 -37.04 -31.53 11.79
CA GLN A 149 -35.91 -30.81 12.36
C GLN A 149 -35.23 -29.96 11.29
N SER A 150 -35.17 -30.50 10.08
CA SER A 150 -34.57 -29.82 8.95
C SER A 150 -35.26 -28.49 8.67
N ASP A 151 -36.59 -28.52 8.55
CA ASP A 151 -37.40 -27.32 8.28
C ASP A 151 -37.22 -26.30 9.40
N ARG A 152 -37.33 -26.76 10.65
CA ARG A 152 -37.19 -25.88 11.81
C ARG A 152 -35.88 -25.11 11.75
N ALA A 153 -34.78 -25.82 11.51
CA ALA A 153 -33.47 -25.19 11.41
C ALA A 153 -33.50 -24.00 10.43
N GLU A 154 -34.09 -24.22 9.26
CA GLU A 154 -34.20 -23.18 8.25
C GLU A 154 -35.11 -22.05 8.74
N SER A 155 -36.21 -22.45 9.37
CA SER A 155 -37.18 -21.51 9.91
C SER A 155 -36.51 -20.48 10.82
N ILE A 156 -35.53 -20.93 11.59
CA ILE A 156 -34.82 -20.05 12.50
C ILE A 156 -33.70 -19.29 11.80
N ALA A 157 -33.12 -19.91 10.77
CA ALA A 157 -32.03 -19.30 10.01
C ALA A 157 -32.48 -17.99 9.36
N LYS A 158 -33.72 -17.94 8.88
CA LYS A 158 -34.25 -16.74 8.26
C LYS A 158 -34.83 -15.79 9.30
N ALA A 159 -35.07 -16.32 10.50
CA ALA A 159 -35.62 -15.53 11.59
C ALA A 159 -34.58 -14.55 12.14
N VAL A 160 -33.31 -14.84 11.90
CA VAL A 160 -32.23 -13.98 12.34
C VAL A 160 -32.10 -12.79 11.39
N ASP A 161 -31.77 -11.63 11.92
CA ASP A 161 -31.64 -10.44 11.08
C ASP A 161 -30.31 -10.46 10.33
N GLY A 162 -30.28 -9.82 9.17
CA GLY A 162 -29.07 -9.76 8.38
C GLY A 162 -29.04 -10.80 7.28
N VAL A 163 -29.86 -11.82 7.43
CA VAL A 163 -29.93 -12.90 6.44
C VAL A 163 -30.77 -12.50 5.24
N LYS A 164 -30.32 -12.88 4.05
CA LYS A 164 -31.03 -12.58 2.83
C LYS A 164 -31.66 -13.83 2.25
N SER A 165 -31.05 -14.99 2.53
CA SER A 165 -31.55 -16.27 2.04
C SER A 165 -30.97 -17.41 2.84
N VAL A 166 -31.65 -18.54 2.82
CA VAL A 166 -31.19 -19.72 3.54
C VAL A 166 -30.98 -20.86 2.55
N LYS A 167 -30.03 -21.72 2.86
CA LYS A 167 -29.72 -22.85 2.02
C LYS A 167 -29.71 -24.14 2.83
N ASN A 168 -30.82 -24.85 2.83
CA ASN A 168 -30.94 -26.11 3.56
C ASN A 168 -30.27 -27.23 2.78
N ASP A 169 -29.06 -27.59 3.18
CA ASP A 169 -28.32 -28.64 2.51
C ASP A 169 -28.09 -29.82 3.44
N LEU A 170 -28.60 -29.72 4.66
CA LEU A 170 -28.47 -30.80 5.62
C LEU A 170 -29.31 -31.99 5.13
N LYS A 171 -28.72 -33.17 5.18
CA LYS A 171 -29.41 -34.36 4.70
C LYS A 171 -30.08 -35.08 5.87
N THR A 172 -30.94 -36.03 5.53
CA THR A 172 -31.64 -36.82 6.52
C THR A 172 -30.99 -38.20 6.63
N LYS A 173 -30.95 -38.75 7.83
CA LYS A 173 -30.35 -40.06 8.05
C LYS A 173 -31.02 -41.14 7.19
N GLU A 1 72.63 15.77 -8.21
CA GLU A 1 73.26 17.08 -8.13
C GLU A 1 74.77 16.93 -8.03
N ASN A 2 75.44 18.04 -7.75
CA ASN A 2 76.90 18.04 -7.62
C ASN A 2 77.29 18.00 -6.16
N ASN A 3 76.36 18.35 -5.29
CA ASN A 3 76.60 18.37 -3.85
C ASN A 3 75.28 18.42 -3.09
N ALA A 4 75.05 17.41 -2.26
CA ALA A 4 73.82 17.35 -1.48
C ALA A 4 74.08 16.72 -0.12
N GLN A 5 73.76 17.44 0.94
CA GLN A 5 73.95 16.94 2.30
C GLN A 5 72.60 16.62 2.96
N THR A 6 71.52 17.16 2.41
CA THR A 6 70.20 16.92 2.96
C THR A 6 69.41 15.95 2.10
N THR A 7 68.80 14.95 2.73
CA THR A 7 68.02 13.97 2.03
C THR A 7 66.53 14.30 2.12
N ASN A 8 65.75 13.81 1.17
CA ASN A 8 64.32 14.06 1.15
C ASN A 8 63.59 12.86 0.54
N GLU A 9 64.33 11.77 0.34
CA GLU A 9 63.77 10.58 -0.26
C GLU A 9 63.44 9.54 0.83
N SER A 10 62.78 10.00 1.88
CA SER A 10 62.41 9.13 2.98
C SER A 10 60.99 8.60 2.79
N ALA A 11 60.76 7.91 1.68
CA ALA A 11 59.46 7.37 1.37
C ALA A 11 59.55 5.89 0.99
N GLY A 12 58.98 5.04 1.83
CA GLY A 12 59.01 3.61 1.57
C GLY A 12 57.80 3.18 0.76
N GLN A 13 58.03 2.31 -0.22
CA GLN A 13 56.97 1.83 -1.08
C GLN A 13 56.51 0.45 -0.63
N LYS A 14 55.20 0.25 -0.55
CA LYS A 14 54.63 -1.01 -0.13
C LYS A 14 53.13 -1.05 -0.45
N VAL A 15 52.52 -2.21 -0.27
CA VAL A 15 51.10 -2.36 -0.53
C VAL A 15 50.28 -1.92 0.67
N ASP A 16 48.96 -1.93 0.50
CA ASP A 16 48.05 -1.53 1.55
C ASP A 16 47.98 -2.60 2.63
N SER A 17 47.52 -2.22 3.81
CA SER A 17 47.41 -3.14 4.93
C SER A 17 45.95 -3.49 5.21
N SER A 18 45.23 -3.96 4.17
CA SER A 18 43.82 -4.34 4.30
C SER A 18 43.67 -5.60 5.14
N MET A 19 42.45 -5.81 5.62
CA MET A 19 42.13 -6.98 6.43
C MET A 19 42.11 -8.25 5.57
N ASN A 20 43.05 -9.14 5.85
CA ASN A 20 43.15 -10.41 5.14
C ASN A 20 42.38 -11.49 5.88
N LYS A 21 42.03 -12.56 5.17
CA LYS A 21 41.28 -13.67 5.76
C LYS A 21 41.37 -14.89 4.86
N VAL A 22 40.98 -16.05 5.39
CA VAL A 22 41.02 -17.29 4.62
C VAL A 22 39.65 -17.59 4.04
N GLY A 23 39.41 -17.13 2.82
CA GLY A 23 38.15 -17.37 2.16
C GLY A 23 37.42 -16.09 1.82
N ASN A 24 36.38 -16.21 1.00
CA ASN A 24 35.58 -15.04 0.60
C ASN A 24 34.22 -15.08 1.28
N PHE A 25 33.39 -16.03 0.84
CA PHE A 25 32.03 -16.21 1.36
C PHE A 25 31.19 -14.96 1.13
N MET A 26 30.17 -14.76 1.96
CA MET A 26 29.28 -13.60 1.85
C MET A 26 28.62 -13.55 0.47
N ASP A 27 28.03 -14.66 0.08
CA ASP A 27 27.38 -14.80 -1.23
C ASP A 27 26.04 -14.06 -1.27
N ASP A 28 25.01 -14.70 -0.75
CA ASP A 28 23.67 -14.14 -0.74
C ASP A 28 23.60 -12.84 0.04
N SER A 29 24.37 -12.78 1.12
CA SER A 29 24.42 -11.60 1.96
C SER A 29 24.92 -10.40 1.17
N ALA A 30 25.64 -10.66 0.08
CA ALA A 30 26.17 -9.58 -0.75
C ALA A 30 25.13 -9.05 -1.72
N ILE A 31 24.10 -9.86 -2.01
CA ILE A 31 23.04 -9.45 -2.92
C ILE A 31 22.09 -8.47 -2.23
N THR A 32 21.77 -8.76 -0.97
CA THR A 32 20.88 -7.90 -0.18
C THR A 32 21.42 -6.49 -0.11
N ALA A 33 22.75 -6.38 -0.13
CA ALA A 33 23.44 -5.09 -0.05
C ALA A 33 22.99 -4.14 -1.14
N LYS A 34 22.67 -4.69 -2.31
CA LYS A 34 22.21 -3.89 -3.43
C LYS A 34 20.72 -3.67 -3.34
N VAL A 35 20.02 -4.79 -3.18
CA VAL A 35 18.55 -4.80 -3.09
C VAL A 35 18.02 -3.76 -2.12
N LYS A 36 18.65 -3.64 -0.96
CA LYS A 36 18.19 -2.67 0.04
C LYS A 36 18.30 -1.23 -0.47
N ALA A 37 19.18 -1.01 -1.43
CA ALA A 37 19.36 0.32 -2.00
C ALA A 37 18.36 0.55 -3.13
N ALA A 38 17.99 -0.53 -3.81
CA ALA A 38 17.05 -0.45 -4.92
C ALA A 38 15.66 -0.09 -4.40
N LEU A 39 15.38 -0.43 -3.16
CA LEU A 39 14.10 -0.13 -2.54
C LEU A 39 14.04 1.33 -2.12
N VAL A 40 15.21 1.93 -1.93
CA VAL A 40 15.29 3.33 -1.52
C VAL A 40 15.14 4.24 -2.73
N ASP A 41 15.56 3.73 -3.89
CA ASP A 41 15.48 4.49 -5.16
C ASP A 41 14.04 4.88 -5.48
N HIS A 42 13.11 3.99 -5.19
CA HIS A 42 11.71 4.26 -5.49
C HIS A 42 11.01 4.92 -4.30
N ASP A 43 10.70 6.21 -4.45
CA ASP A 43 10.02 7.00 -3.41
C ASP A 43 8.70 6.36 -2.96
N ASN A 44 8.00 5.73 -3.90
CA ASN A 44 6.72 5.09 -3.62
C ASN A 44 6.88 3.90 -2.66
N ILE A 45 8.10 3.41 -2.52
CA ILE A 45 8.35 2.25 -1.69
C ILE A 45 8.91 2.61 -0.31
N LYS A 46 8.12 2.30 0.71
CA LYS A 46 8.52 2.53 2.10
C LYS A 46 9.34 1.35 2.59
N SER A 47 10.64 1.39 2.38
CA SER A 47 11.50 0.29 2.81
C SER A 47 11.60 0.24 4.33
N THR A 48 11.02 1.25 4.98
CA THR A 48 11.02 1.34 6.43
C THR A 48 10.25 0.18 7.05
N ASP A 49 9.24 -0.28 6.34
CA ASP A 49 8.40 -1.38 6.80
C ASP A 49 8.67 -2.64 5.99
N ILE A 50 9.80 -2.67 5.29
CA ILE A 50 10.15 -3.80 4.46
C ILE A 50 11.46 -4.45 4.87
N SER A 51 11.44 -5.77 4.99
CA SER A 51 12.60 -6.55 5.35
C SER A 51 13.10 -7.35 4.16
N VAL A 52 14.31 -7.03 3.71
CA VAL A 52 14.91 -7.72 2.58
C VAL A 52 15.87 -8.81 3.07
N LYS A 53 15.85 -9.95 2.39
CA LYS A 53 16.70 -11.07 2.76
C LYS A 53 16.91 -11.96 1.54
N THR A 54 18.12 -12.47 1.39
CA THR A 54 18.45 -13.35 0.29
C THR A 54 18.81 -14.74 0.80
N ASP A 55 18.12 -15.73 0.27
CA ASP A 55 18.34 -17.12 0.64
C ASP A 55 18.39 -17.97 -0.61
N GLN A 56 19.58 -18.48 -0.91
CA GLN A 56 19.81 -19.33 -2.07
C GLN A 56 19.49 -18.60 -3.37
N LYS A 57 20.06 -17.40 -3.49
CA LYS A 57 19.90 -16.54 -4.66
C LYS A 57 18.43 -16.14 -4.83
N VAL A 58 17.67 -16.24 -3.76
CA VAL A 58 16.25 -15.90 -3.76
C VAL A 58 16.00 -14.75 -2.78
N VAL A 59 15.66 -13.60 -3.32
CA VAL A 59 15.38 -12.43 -2.50
C VAL A 59 13.92 -12.43 -2.04
N THR A 60 13.72 -12.50 -0.74
CA THR A 60 12.39 -12.50 -0.17
C THR A 60 12.00 -11.11 0.34
N LEU A 61 10.91 -10.57 -0.17
CA LEU A 61 10.42 -9.28 0.25
C LEU A 61 9.28 -9.46 1.23
N SER A 62 9.51 -9.10 2.48
CA SER A 62 8.49 -9.27 3.49
C SER A 62 8.34 -8.02 4.36
N GLY A 63 7.10 -7.71 4.70
CA GLY A 63 6.82 -6.56 5.52
C GLY A 63 5.40 -6.06 5.30
N PHE A 64 5.23 -4.74 5.35
CA PHE A 64 3.93 -4.13 5.18
C PHE A 64 4.01 -2.98 4.18
N VAL A 65 3.15 -3.03 3.17
CA VAL A 65 3.10 -2.01 2.14
C VAL A 65 1.80 -1.23 2.25
N GLU A 66 1.73 -0.08 1.58
CA GLU A 66 0.53 0.73 1.67
C GLU A 66 -0.46 0.37 0.56
N SER A 67 -0.01 -0.46 -0.38
CA SER A 67 -0.84 -0.93 -1.48
C SER A 67 -0.14 -2.08 -2.20
N GLN A 68 -0.91 -2.91 -2.88
CA GLN A 68 -0.37 -4.05 -3.62
C GLN A 68 0.59 -3.59 -4.71
N ALA A 69 0.28 -2.47 -5.33
CA ALA A 69 1.12 -1.89 -6.38
C ALA A 69 2.46 -1.51 -5.81
N GLN A 70 2.43 -1.12 -4.55
CA GLN A 70 3.62 -0.71 -3.84
C GLN A 70 4.59 -1.86 -3.66
N ALA A 71 4.05 -3.04 -3.42
CA ALA A 71 4.86 -4.24 -3.27
C ALA A 71 5.38 -4.67 -4.63
N GLU A 72 4.55 -4.44 -5.64
CA GLU A 72 4.86 -4.75 -7.01
C GLU A 72 6.17 -4.08 -7.44
N GLU A 73 6.38 -2.86 -6.99
CA GLU A 73 7.59 -2.14 -7.34
C GLU A 73 8.78 -2.65 -6.54
N ALA A 74 8.52 -3.11 -5.31
CA ALA A 74 9.57 -3.62 -4.43
C ALA A 74 10.16 -4.91 -4.98
N VAL A 75 9.30 -5.82 -5.41
CA VAL A 75 9.76 -7.09 -5.96
C VAL A 75 10.39 -6.88 -7.34
N LYS A 76 9.93 -5.84 -8.03
CA LYS A 76 10.43 -5.50 -9.34
C LYS A 76 11.87 -5.04 -9.27
N VAL A 77 12.11 -3.98 -8.50
CA VAL A 77 13.46 -3.44 -8.33
C VAL A 77 14.40 -4.49 -7.73
N ALA A 78 13.85 -5.40 -6.92
CA ALA A 78 14.64 -6.45 -6.31
C ALA A 78 15.16 -7.41 -7.37
N LYS A 79 14.30 -7.73 -8.34
CA LYS A 79 14.66 -8.63 -9.42
C LYS A 79 15.64 -7.98 -10.38
N GLY A 80 15.72 -6.66 -10.34
CA GLY A 80 16.63 -5.94 -11.21
C GLY A 80 18.04 -5.95 -10.68
N VAL A 81 18.20 -6.37 -9.45
CA VAL A 81 19.51 -6.44 -8.82
C VAL A 81 20.32 -7.62 -9.33
N GLU A 82 21.59 -7.34 -9.64
CA GLU A 82 22.49 -8.36 -10.13
C GLU A 82 22.79 -9.40 -9.06
N GLY A 83 22.65 -10.67 -9.42
CA GLY A 83 22.91 -11.75 -8.49
C GLY A 83 21.64 -12.48 -8.09
N VAL A 84 20.53 -11.79 -8.18
CA VAL A 84 19.24 -12.37 -7.82
C VAL A 84 18.77 -13.35 -8.89
N THR A 85 18.43 -14.56 -8.48
CA THR A 85 17.95 -15.56 -9.41
C THR A 85 16.42 -15.68 -9.32
N SER A 86 15.90 -15.51 -8.11
CA SER A 86 14.45 -15.59 -7.89
C SER A 86 14.04 -14.60 -6.79
N VAL A 87 12.76 -14.24 -6.77
CA VAL A 87 12.24 -13.32 -5.78
C VAL A 87 10.96 -13.89 -5.19
N SER A 88 10.78 -13.72 -3.89
CA SER A 88 9.60 -14.22 -3.23
C SER A 88 8.82 -13.07 -2.59
N ASP A 89 7.58 -12.91 -3.04
CA ASP A 89 6.71 -11.87 -2.52
C ASP A 89 6.02 -12.34 -1.25
N LYS A 90 6.27 -11.62 -0.17
CA LYS A 90 5.65 -11.93 1.11
C LYS A 90 5.18 -10.65 1.76
N LEU A 91 5.27 -9.56 1.00
CA LEU A 91 4.82 -8.25 1.46
C LEU A 91 3.30 -8.25 1.59
N HIS A 92 2.79 -7.63 2.62
CA HIS A 92 1.37 -7.57 2.82
C HIS A 92 0.88 -6.14 2.91
N VAL A 93 -0.25 -5.86 2.28
CA VAL A 93 -0.84 -4.53 2.33
C VAL A 93 -1.43 -4.29 3.71
N ARG A 94 -1.21 -3.10 4.25
CA ARG A 94 -1.70 -2.75 5.57
C ARG A 94 -3.04 -2.02 5.50
N ASP A 95 -3.30 -1.35 4.39
CA ASP A 95 -4.54 -0.59 4.23
C ASP A 95 -5.66 -1.43 3.63
N ALA A 96 -6.88 -0.99 3.86
CA ALA A 96 -8.07 -1.67 3.35
C ALA A 96 -8.46 -1.11 2.00
N LYS A 97 -8.51 -1.98 1.00
CA LYS A 97 -8.84 -1.55 -0.36
C LYS A 97 -10.29 -1.83 -0.70
N GLU A 98 -11.19 -1.37 0.16
CA GLU A 98 -12.62 -1.57 -0.06
C GLU A 98 -13.19 -0.41 -0.85
N GLY A 99 -13.89 -0.72 -1.94
CA GLY A 99 -14.47 0.31 -2.78
C GLY A 99 -15.97 0.40 -2.63
N SER A 100 -16.45 1.47 -2.03
CA SER A 100 -17.88 1.66 -1.84
C SER A 100 -18.25 3.14 -1.94
N VAL A 101 -19.45 3.42 -2.41
CA VAL A 101 -19.94 4.78 -2.55
C VAL A 101 -20.79 5.16 -1.33
N LYS A 102 -20.72 6.42 -0.92
CA LYS A 102 -21.49 6.89 0.22
C LYS A 102 -22.46 7.98 -0.18
N GLY A 103 -23.73 7.64 -0.24
CA GLY A 103 -24.76 8.59 -0.60
C GLY A 103 -26.15 7.99 -0.49
N TYR A 104 -27.15 8.83 -0.27
CA TYR A 104 -28.51 8.35 -0.16
C TYR A 104 -29.47 9.32 -0.84
N ALA A 105 -30.55 8.79 -1.40
CA ALA A 105 -31.53 9.62 -2.08
C ALA A 105 -32.56 10.17 -1.10
N GLY A 106 -32.28 11.35 -0.57
CA GLY A 106 -33.20 11.96 0.37
C GLY A 106 -33.54 13.38 -0.02
N ASP A 107 -33.36 13.71 -1.29
CA ASP A 107 -33.64 15.06 -1.78
C ASP A 107 -34.27 15.00 -3.18
N THR A 108 -33.81 14.02 -3.97
CA THR A 108 -34.29 13.81 -5.34
C THR A 108 -35.82 13.71 -5.45
N ALA A 109 -36.49 13.50 -4.32
CA ALA A 109 -37.95 13.38 -4.30
C ALA A 109 -38.59 14.61 -4.94
N THR A 110 -38.04 15.78 -4.63
CA THR A 110 -38.53 17.04 -5.18
C THR A 110 -38.42 17.05 -6.70
N THR A 111 -37.26 16.65 -7.20
CA THR A 111 -37.01 16.60 -8.63
C THR A 111 -37.93 15.58 -9.30
N SER A 112 -38.18 14.47 -8.61
CA SER A 112 -39.03 13.42 -9.15
C SER A 112 -40.43 13.94 -9.49
N GLU A 113 -41.03 14.67 -8.55
CA GLU A 113 -42.36 15.20 -8.77
C GLU A 113 -42.33 16.41 -9.70
N ILE A 114 -41.36 17.27 -9.49
CA ILE A 114 -41.23 18.49 -10.28
C ILE A 114 -41.20 18.19 -11.78
N LYS A 115 -40.63 17.05 -12.14
CA LYS A 115 -40.55 16.66 -13.54
C LYS A 115 -41.90 16.21 -14.05
N ALA A 116 -42.63 15.54 -13.18
CA ALA A 116 -43.96 15.06 -13.51
C ALA A 116 -44.92 16.21 -13.71
N LYS A 117 -44.58 17.37 -13.15
CA LYS A 117 -45.41 18.55 -13.29
C LYS A 117 -45.05 19.31 -14.55
N LEU A 118 -43.75 19.53 -14.74
CA LEU A 118 -43.24 20.27 -15.89
C LEU A 118 -43.61 19.63 -17.21
N LEU A 119 -43.43 18.31 -17.32
CA LEU A 119 -43.74 17.60 -18.56
C LEU A 119 -45.22 17.57 -18.84
N ALA A 120 -45.99 17.68 -17.78
CA ALA A 120 -47.44 17.65 -17.87
C ALA A 120 -48.03 19.00 -18.24
N ASP A 121 -47.23 20.06 -18.09
CA ASP A 121 -47.70 21.41 -18.43
C ASP A 121 -47.88 21.54 -19.94
N ASP A 122 -48.63 22.55 -20.35
CA ASP A 122 -48.92 22.78 -21.76
C ASP A 122 -47.86 23.68 -22.40
N ILE A 123 -47.10 24.41 -21.58
CA ILE A 123 -46.10 25.31 -22.11
C ILE A 123 -44.68 24.93 -21.75
N VAL A 124 -44.45 24.57 -20.47
CA VAL A 124 -43.12 24.19 -20.01
C VAL A 124 -42.53 23.04 -20.85
N PRO A 125 -41.53 23.34 -21.67
CA PRO A 125 -40.88 22.33 -22.51
C PRO A 125 -39.92 21.45 -21.72
N SER A 126 -40.48 20.63 -20.84
CA SER A 126 -39.67 19.72 -20.03
C SER A 126 -38.93 18.70 -20.89
N ARG A 127 -39.30 18.60 -22.17
CA ARG A 127 -38.64 17.68 -23.09
C ARG A 127 -37.28 18.24 -23.53
N HIS A 128 -37.07 19.53 -23.30
CA HIS A 128 -35.81 20.18 -23.65
C HIS A 128 -35.14 20.76 -22.42
N VAL A 129 -35.91 20.91 -21.34
CA VAL A 129 -35.40 21.46 -20.10
C VAL A 129 -35.25 20.38 -19.04
N LYS A 130 -34.14 20.42 -18.34
CA LYS A 130 -33.84 19.45 -17.30
C LYS A 130 -33.93 20.13 -15.93
N VAL A 131 -34.20 19.34 -14.91
CA VAL A 131 -34.30 19.87 -13.55
C VAL A 131 -33.62 18.93 -12.57
N GLU A 132 -32.85 19.50 -11.67
CA GLU A 132 -32.14 18.74 -10.66
C GLU A 132 -32.10 19.53 -9.36
N THR A 133 -32.25 18.84 -8.25
CA THR A 133 -32.25 19.45 -6.94
C THR A 133 -30.94 19.15 -6.20
N THR A 134 -30.45 20.14 -5.48
CA THR A 134 -29.23 20.01 -4.70
C THR A 134 -29.38 20.72 -3.36
N ASP A 135 -29.55 19.93 -2.29
CA ASP A 135 -29.69 20.48 -0.93
C ASP A 135 -31.04 21.18 -0.79
N GLY A 136 -32.01 20.72 -1.59
CA GLY A 136 -33.34 21.31 -1.55
C GLY A 136 -33.46 22.44 -2.55
N VAL A 137 -32.38 22.67 -3.28
CA VAL A 137 -32.35 23.71 -4.29
C VAL A 137 -32.70 23.14 -5.67
N VAL A 138 -33.88 23.46 -6.16
CA VAL A 138 -34.32 22.97 -7.46
C VAL A 138 -33.77 23.87 -8.56
N GLN A 139 -32.98 23.28 -9.44
CA GLN A 139 -32.37 24.02 -10.54
C GLN A 139 -32.92 23.53 -11.88
N LEU A 140 -33.28 24.46 -12.74
CA LEU A 140 -33.81 24.13 -14.05
C LEU A 140 -32.86 24.62 -15.13
N SER A 141 -32.29 23.71 -15.89
CA SER A 141 -31.34 24.06 -16.94
C SER A 141 -31.84 23.55 -18.29
N GLY A 142 -31.70 24.38 -19.32
CA GLY A 142 -32.12 23.98 -20.64
C GLY A 142 -32.49 25.17 -21.51
N THR A 143 -33.55 25.03 -22.29
CA THR A 143 -33.97 26.11 -23.17
C THR A 143 -35.48 26.10 -23.35
N VAL A 144 -36.07 27.28 -23.33
CA VAL A 144 -37.50 27.44 -23.52
C VAL A 144 -37.75 28.40 -24.66
N ASP A 145 -38.99 28.49 -25.11
CA ASP A 145 -39.31 29.38 -26.21
C ASP A 145 -39.46 30.83 -25.72
N SER A 146 -40.12 31.03 -24.59
CA SER A 146 -40.33 32.37 -24.08
C SER A 146 -40.34 32.38 -22.55
N GLN A 147 -40.39 33.58 -21.99
CA GLN A 147 -40.40 33.77 -20.54
C GLN A 147 -41.63 33.15 -19.89
N ALA A 148 -42.73 33.09 -20.64
CA ALA A 148 -43.98 32.52 -20.14
C ALA A 148 -43.79 31.08 -19.70
N GLN A 149 -42.99 30.34 -20.46
CA GLN A 149 -42.73 28.94 -20.17
C GLN A 149 -41.65 28.83 -19.11
N SER A 150 -40.76 29.81 -19.08
CA SER A 150 -39.68 29.87 -18.10
C SER A 150 -40.25 30.05 -16.70
N ASP A 151 -41.08 31.08 -16.53
CA ASP A 151 -41.69 31.38 -15.24
C ASP A 151 -42.48 30.20 -14.70
N ARG A 152 -43.34 29.63 -15.52
CA ARG A 152 -44.15 28.48 -15.12
C ARG A 152 -43.28 27.38 -14.54
N ALA A 153 -42.23 27.00 -15.27
CA ALA A 153 -41.30 25.97 -14.82
C ALA A 153 -40.84 26.26 -13.38
N GLU A 154 -40.42 27.51 -13.13
CA GLU A 154 -39.99 27.91 -11.80
C GLU A 154 -41.14 27.88 -10.82
N SER A 155 -42.26 28.47 -11.20
CA SER A 155 -43.44 28.56 -10.37
C SER A 155 -43.86 27.19 -9.82
N ILE A 156 -43.68 26.14 -10.62
CA ILE A 156 -44.02 24.79 -10.17
C ILE A 156 -42.89 24.19 -9.33
N ALA A 157 -41.67 24.68 -9.53
CA ALA A 157 -40.50 24.21 -8.79
C ALA A 157 -40.65 24.48 -7.30
N LYS A 158 -41.14 25.66 -6.93
CA LYS A 158 -41.32 26.00 -5.53
C LYS A 158 -42.68 25.54 -5.03
N ALA A 159 -43.49 25.03 -5.94
CA ALA A 159 -44.83 24.56 -5.60
C ALA A 159 -44.77 23.25 -4.81
N VAL A 160 -43.76 22.44 -5.06
CA VAL A 160 -43.60 21.18 -4.35
C VAL A 160 -42.78 21.39 -3.08
N ASP A 161 -43.35 21.03 -1.94
CA ASP A 161 -42.70 21.17 -0.63
C ASP A 161 -41.33 20.47 -0.62
N GLY A 162 -40.42 20.99 0.20
CA GLY A 162 -39.09 20.43 0.29
C GLY A 162 -38.04 21.33 -0.32
N VAL A 163 -38.44 22.09 -1.33
CA VAL A 163 -37.53 22.99 -2.01
C VAL A 163 -37.31 24.27 -1.19
N LYS A 164 -36.05 24.65 -1.05
CA LYS A 164 -35.70 25.86 -0.29
C LYS A 164 -35.43 27.03 -1.21
N SER A 165 -35.00 26.74 -2.44
CA SER A 165 -34.70 27.79 -3.40
C SER A 165 -34.75 27.23 -4.82
N VAL A 166 -35.15 28.07 -5.76
CA VAL A 166 -35.23 27.70 -7.16
C VAL A 166 -34.19 28.47 -7.96
N LYS A 167 -33.65 27.82 -8.98
CA LYS A 167 -32.67 28.46 -9.84
C LYS A 167 -33.03 28.27 -11.30
N ASN A 168 -33.59 29.32 -11.89
CA ASN A 168 -33.99 29.29 -13.28
C ASN A 168 -32.79 29.55 -14.18
N ASP A 169 -32.19 28.48 -14.69
CA ASP A 169 -31.01 28.57 -15.54
C ASP A 169 -31.36 28.28 -17.00
N LEU A 170 -32.61 27.91 -17.24
CA LEU A 170 -33.06 27.62 -18.60
C LEU A 170 -33.06 28.89 -19.43
N LYS A 171 -32.40 28.83 -20.58
CA LYS A 171 -32.31 29.98 -21.47
C LYS A 171 -33.58 30.13 -22.29
N THR A 172 -33.82 31.34 -22.76
CA THR A 172 -34.99 31.62 -23.56
C THR A 172 -34.62 31.80 -25.04
N LYS A 173 -35.61 31.64 -25.92
CA LYS A 173 -35.41 31.82 -27.35
C LYS A 173 -35.82 33.23 -27.76
N GLU A 1 -15.60 -63.84 21.19
CA GLU A 1 -15.02 -64.15 22.50
C GLU A 1 -13.69 -63.41 22.66
N ASN A 2 -12.89 -63.80 23.65
CA ASN A 2 -11.62 -63.16 23.90
C ASN A 2 -10.57 -63.66 22.92
N ASN A 3 -9.69 -62.76 22.48
CA ASN A 3 -8.66 -63.11 21.52
C ASN A 3 -7.39 -62.31 21.80
N ALA A 4 -6.33 -62.61 21.07
CA ALA A 4 -5.07 -61.92 21.23
C ALA A 4 -4.87 -60.91 20.11
N GLN A 5 -3.91 -60.00 20.28
CA GLN A 5 -3.63 -58.99 19.28
C GLN A 5 -2.14 -58.93 18.97
N THR A 6 -1.79 -59.20 17.73
CA THR A 6 -0.41 -59.16 17.29
C THR A 6 -0.13 -57.87 16.54
N THR A 7 0.24 -56.83 17.28
CA THR A 7 0.54 -55.54 16.68
C THR A 7 2.01 -55.45 16.27
N ASN A 8 2.26 -54.80 15.14
CA ASN A 8 3.62 -54.61 14.65
C ASN A 8 3.73 -53.27 13.96
N GLU A 9 4.84 -52.58 14.19
CA GLU A 9 5.06 -51.27 13.60
C GLU A 9 6.27 -51.29 12.66
N SER A 10 6.82 -50.12 12.40
CA SER A 10 7.98 -49.98 11.52
C SER A 10 8.68 -48.65 11.81
N ALA A 11 9.99 -48.61 11.61
CA ALA A 11 10.76 -47.40 11.86
C ALA A 11 11.19 -46.74 10.55
N GLY A 12 10.60 -45.59 10.27
CA GLY A 12 10.93 -44.86 9.06
C GLY A 12 12.14 -43.96 9.23
N GLN A 13 13.32 -44.53 9.04
CA GLN A 13 14.58 -43.79 9.19
C GLN A 13 14.81 -42.81 8.03
N LYS A 14 15.53 -41.74 8.33
CA LYS A 14 15.86 -40.71 7.35
C LYS A 14 17.19 -40.05 7.72
N VAL A 15 17.64 -39.12 6.87
CA VAL A 15 18.88 -38.40 7.11
C VAL A 15 18.57 -36.92 7.31
N ASP A 16 19.31 -36.26 8.19
CA ASP A 16 19.10 -34.84 8.48
C ASP A 16 19.54 -33.98 7.30
N SER A 17 19.09 -32.74 7.32
CA SER A 17 19.36 -31.76 6.29
C SER A 17 20.82 -31.31 6.28
N SER A 18 21.67 -32.02 5.54
CA SER A 18 23.07 -31.69 5.44
C SER A 18 23.26 -30.36 4.68
N MET A 19 23.92 -29.41 5.31
CA MET A 19 24.16 -28.10 4.70
C MET A 19 25.52 -28.07 3.99
N ASN A 20 26.08 -26.87 3.86
CA ASN A 20 27.37 -26.69 3.19
C ASN A 20 28.52 -26.86 4.18
N LYS A 21 29.73 -26.90 3.65
CA LYS A 21 30.93 -27.05 4.46
C LYS A 21 31.38 -25.69 4.98
N VAL A 22 30.54 -25.09 5.82
CA VAL A 22 30.79 -23.78 6.41
C VAL A 22 30.46 -22.69 5.39
N GLY A 23 29.66 -21.72 5.81
CA GLY A 23 29.28 -20.63 4.92
C GLY A 23 30.40 -19.63 4.69
N ASN A 24 30.41 -18.58 5.51
CA ASN A 24 31.41 -17.53 5.40
C ASN A 24 31.27 -16.80 4.07
N PHE A 25 32.31 -16.08 3.66
CA PHE A 25 32.30 -15.34 2.40
C PHE A 25 31.14 -14.34 2.36
N MET A 26 30.45 -14.26 1.23
CA MET A 26 29.33 -13.34 1.07
C MET A 26 28.69 -13.52 -0.30
N ASP A 27 27.74 -14.43 -0.43
CA ASP A 27 27.08 -14.63 -1.72
C ASP A 27 25.65 -14.06 -1.67
N ASP A 28 24.77 -14.75 -0.96
CA ASP A 28 23.38 -14.30 -0.82
C ASP A 28 23.34 -12.92 -0.18
N SER A 29 24.13 -12.76 0.87
CA SER A 29 24.22 -11.50 1.59
C SER A 29 24.75 -10.39 0.67
N ALA A 30 25.53 -10.77 -0.33
CA ALA A 30 26.10 -9.80 -1.26
C ALA A 30 25.02 -9.23 -2.16
N ILE A 31 23.92 -9.95 -2.30
CA ILE A 31 22.79 -9.52 -3.13
C ILE A 31 21.92 -8.54 -2.34
N THR A 32 21.70 -8.84 -1.07
CA THR A 32 20.90 -8.00 -0.20
C THR A 32 21.48 -6.58 -0.16
N ALA A 33 22.81 -6.51 -0.30
CA ALA A 33 23.54 -5.26 -0.27
C ALA A 33 23.05 -4.28 -1.33
N LYS A 34 22.59 -4.82 -2.45
CA LYS A 34 22.07 -3.99 -3.54
C LYS A 34 20.60 -3.73 -3.31
N VAL A 35 19.88 -4.81 -3.13
CA VAL A 35 18.43 -4.80 -2.92
C VAL A 35 17.96 -3.77 -1.88
N LYS A 36 18.69 -3.65 -0.77
CA LYS A 36 18.29 -2.71 0.28
C LYS A 36 18.34 -1.26 -0.20
N ALA A 37 19.12 -1.02 -1.23
CA ALA A 37 19.24 0.32 -1.79
C ALA A 37 18.15 0.52 -2.82
N ALA A 38 17.94 -0.51 -3.63
CA ALA A 38 16.96 -0.48 -4.70
C ALA A 38 15.55 -0.17 -4.19
N LEU A 39 15.26 -0.65 -2.98
CA LEU A 39 13.97 -0.44 -2.36
C LEU A 39 13.77 1.01 -1.91
N VAL A 40 14.80 1.57 -1.28
CA VAL A 40 14.72 2.93 -0.77
C VAL A 40 14.89 3.96 -1.88
N ASP A 41 15.59 3.57 -2.95
CA ASP A 41 15.80 4.47 -4.09
C ASP A 41 14.45 4.83 -4.71
N HIS A 42 13.49 3.90 -4.62
CA HIS A 42 12.17 4.15 -5.15
C HIS A 42 11.25 4.72 -4.08
N ASP A 43 10.90 5.98 -4.27
CA ASP A 43 10.02 6.72 -3.38
C ASP A 43 8.64 6.06 -3.28
N ASN A 44 8.27 5.32 -4.30
CA ASN A 44 6.97 4.65 -4.34
C ASN A 44 6.96 3.39 -3.48
N ILE A 45 8.08 3.09 -2.83
CA ILE A 45 8.18 1.91 -1.98
C ILE A 45 8.67 2.27 -0.59
N LYS A 46 7.91 1.88 0.43
CA LYS A 46 8.31 2.13 1.81
C LYS A 46 9.25 1.05 2.28
N SER A 47 10.53 1.26 2.04
CA SER A 47 11.56 0.30 2.43
C SER A 47 11.76 0.29 3.94
N THR A 48 11.15 1.24 4.64
CA THR A 48 11.26 1.33 6.09
C THR A 48 10.47 0.22 6.76
N ASP A 49 9.40 -0.20 6.10
CA ASP A 49 8.53 -1.24 6.60
C ASP A 49 8.79 -2.55 5.89
N ILE A 50 9.92 -2.62 5.19
CA ILE A 50 10.25 -3.81 4.44
C ILE A 50 11.54 -4.47 4.92
N SER A 51 11.43 -5.75 5.22
CA SER A 51 12.55 -6.54 5.65
C SER A 51 13.10 -7.32 4.46
N VAL A 52 14.33 -7.02 4.07
CA VAL A 52 14.94 -7.69 2.94
C VAL A 52 15.85 -8.82 3.41
N LYS A 53 15.84 -9.92 2.67
CA LYS A 53 16.65 -11.08 2.99
C LYS A 53 16.84 -11.93 1.75
N THR A 54 17.97 -12.61 1.68
CA THR A 54 18.28 -13.46 0.53
C THR A 54 18.67 -14.86 0.99
N ASP A 55 18.02 -15.85 0.41
CA ASP A 55 18.28 -17.23 0.71
C ASP A 55 18.35 -18.02 -0.59
N GLN A 56 19.53 -18.52 -0.88
CA GLN A 56 19.78 -19.32 -2.08
C GLN A 56 19.52 -18.52 -3.36
N LYS A 57 20.07 -17.31 -3.40
CA LYS A 57 19.95 -16.41 -4.55
C LYS A 57 18.50 -15.95 -4.76
N VAL A 58 17.70 -16.16 -3.74
CA VAL A 58 16.30 -15.76 -3.77
C VAL A 58 16.07 -14.66 -2.75
N VAL A 59 15.64 -13.52 -3.22
CA VAL A 59 15.38 -12.39 -2.36
C VAL A 59 13.92 -12.37 -1.94
N THR A 60 13.68 -12.39 -0.64
CA THR A 60 12.35 -12.38 -0.11
C THR A 60 11.99 -11.01 0.46
N LEU A 61 10.94 -10.41 -0.09
CA LEU A 61 10.49 -9.11 0.39
C LEU A 61 9.28 -9.27 1.28
N SER A 62 9.46 -9.01 2.55
CA SER A 62 8.38 -9.14 3.52
C SER A 62 8.27 -7.89 4.37
N GLY A 63 7.05 -7.45 4.61
CA GLY A 63 6.82 -6.27 5.40
C GLY A 63 5.44 -5.72 5.19
N PHE A 64 5.27 -4.42 5.32
CA PHE A 64 3.97 -3.78 5.14
C PHE A 64 4.04 -2.68 4.09
N VAL A 65 3.09 -2.69 3.18
CA VAL A 65 3.02 -1.70 2.12
C VAL A 65 1.69 -0.96 2.19
N GLU A 66 1.56 0.11 1.42
CA GLU A 66 0.31 0.88 1.44
C GLU A 66 -0.67 0.37 0.41
N SER A 67 -0.17 -0.42 -0.54
CA SER A 67 -1.01 -0.96 -1.60
C SER A 67 -0.27 -2.08 -2.32
N GLN A 68 -1.01 -2.79 -3.17
CA GLN A 68 -0.46 -3.90 -3.93
C GLN A 68 0.72 -3.43 -4.79
N ALA A 69 0.50 -2.34 -5.51
CA ALA A 69 1.52 -1.76 -6.40
C ALA A 69 2.86 -1.56 -5.69
N GLN A 70 2.81 -1.23 -4.41
CA GLN A 70 4.03 -1.02 -3.63
C GLN A 70 4.80 -2.32 -3.47
N ALA A 71 4.08 -3.41 -3.27
CA ALA A 71 4.70 -4.72 -3.12
C ALA A 71 5.18 -5.25 -4.47
N GLU A 72 4.37 -5.06 -5.51
CA GLU A 72 4.70 -5.52 -6.85
C GLU A 72 5.99 -4.85 -7.34
N GLU A 73 6.10 -3.55 -7.11
CA GLU A 73 7.28 -2.80 -7.52
C GLU A 73 8.49 -3.21 -6.70
N ALA A 74 8.27 -3.49 -5.42
CA ALA A 74 9.36 -3.88 -4.52
C ALA A 74 10.11 -5.08 -5.03
N VAL A 75 9.40 -6.13 -5.42
CA VAL A 75 10.03 -7.33 -5.93
C VAL A 75 10.56 -7.10 -7.34
N LYS A 76 9.93 -6.20 -8.08
CA LYS A 76 10.35 -5.89 -9.43
C LYS A 76 11.70 -5.19 -9.42
N VAL A 77 11.83 -4.20 -8.55
CA VAL A 77 13.08 -3.46 -8.43
C VAL A 77 14.16 -4.37 -7.83
N ALA A 78 13.75 -5.27 -6.94
CA ALA A 78 14.67 -6.21 -6.31
C ALA A 78 15.24 -7.17 -7.34
N LYS A 79 14.40 -7.61 -8.28
CA LYS A 79 14.84 -8.52 -9.33
C LYS A 79 15.71 -7.78 -10.34
N GLY A 80 15.82 -6.47 -10.16
CA GLY A 80 16.64 -5.66 -11.06
C GLY A 80 18.09 -5.62 -10.63
N VAL A 81 18.39 -6.13 -9.45
CA VAL A 81 19.74 -6.14 -8.95
C VAL A 81 20.52 -7.34 -9.47
N GLU A 82 21.82 -7.17 -9.61
CA GLU A 82 22.70 -8.21 -10.09
C GLU A 82 22.91 -9.30 -9.04
N GLY A 83 22.95 -10.56 -9.47
CA GLY A 83 23.20 -11.66 -8.56
C GLY A 83 21.97 -12.44 -8.19
N VAL A 84 20.83 -11.77 -8.09
CA VAL A 84 19.59 -12.42 -7.72
C VAL A 84 19.09 -13.34 -8.84
N THR A 85 18.66 -14.54 -8.46
CA THR A 85 18.13 -15.49 -9.42
C THR A 85 16.60 -15.46 -9.38
N SER A 86 16.06 -15.30 -8.17
CA SER A 86 14.61 -15.27 -8.01
C SER A 86 14.23 -14.36 -6.84
N VAL A 87 13.00 -13.87 -6.86
CA VAL A 87 12.51 -12.99 -5.81
C VAL A 87 11.11 -13.43 -5.39
N SER A 88 10.84 -13.40 -4.10
CA SER A 88 9.55 -13.80 -3.57
C SER A 88 8.89 -12.65 -2.83
N ASP A 89 7.60 -12.46 -3.10
CA ASP A 89 6.82 -11.41 -2.46
C ASP A 89 6.10 -11.96 -1.23
N LYS A 90 6.36 -11.36 -0.09
CA LYS A 90 5.72 -11.76 1.15
C LYS A 90 5.24 -10.51 1.89
N LEU A 91 5.28 -9.40 1.17
CA LEU A 91 4.82 -8.11 1.69
C LEU A 91 3.31 -8.09 1.83
N HIS A 92 2.80 -7.38 2.82
CA HIS A 92 1.36 -7.29 3.02
C HIS A 92 0.94 -5.83 3.19
N VAL A 93 -0.15 -5.48 2.54
CA VAL A 93 -0.70 -4.14 2.61
C VAL A 93 -1.34 -3.90 3.98
N ARG A 94 -1.19 -2.69 4.51
CA ARG A 94 -1.76 -2.35 5.80
C ARG A 94 -3.21 -1.89 5.65
N ASP A 95 -3.46 -1.05 4.65
CA ASP A 95 -4.80 -0.54 4.41
C ASP A 95 -5.55 -1.44 3.43
N ALA A 96 -6.58 -2.11 3.94
CA ALA A 96 -7.42 -3.02 3.14
C ALA A 96 -6.61 -4.23 2.66
N LYS A 97 -7.18 -4.98 1.72
CA LYS A 97 -6.53 -6.17 1.18
C LYS A 97 -6.20 -7.13 2.32
N GLU A 98 -7.27 -7.62 2.93
CA GLU A 98 -7.18 -8.52 4.09
C GLU A 98 -6.74 -9.93 3.70
N GLY A 99 -6.76 -10.81 4.70
CA GLY A 99 -6.40 -12.19 4.49
C GLY A 99 -7.62 -13.08 4.56
N SER A 100 -8.76 -12.44 4.80
CA SER A 100 -10.03 -13.13 4.90
C SER A 100 -11.00 -12.55 3.88
N VAL A 101 -11.78 -13.41 3.26
CA VAL A 101 -12.74 -12.99 2.26
C VAL A 101 -13.88 -12.19 2.90
N LYS A 102 -14.37 -11.18 2.21
CA LYS A 102 -15.44 -10.35 2.72
C LYS A 102 -16.78 -10.75 2.11
N GLY A 103 -17.74 -11.04 2.97
CA GLY A 103 -19.06 -11.44 2.52
C GLY A 103 -19.47 -12.77 3.11
N TYR A 104 -19.85 -12.75 4.38
CA TYR A 104 -20.25 -13.96 5.07
C TYR A 104 -21.58 -13.73 5.80
N ALA A 105 -22.10 -14.78 6.43
CA ALA A 105 -23.36 -14.69 7.15
C ALA A 105 -23.16 -14.24 8.61
N GLY A 106 -22.78 -15.18 9.47
CA GLY A 106 -22.58 -14.88 10.87
C GLY A 106 -22.65 -16.12 11.73
N ASP A 107 -21.49 -16.66 12.07
CA ASP A 107 -21.40 -17.88 12.85
C ASP A 107 -21.51 -17.65 14.35
N THR A 108 -20.60 -16.88 14.91
CA THR A 108 -20.61 -16.65 16.34
C THR A 108 -21.73 -15.73 16.80
N ALA A 109 -22.31 -14.99 15.87
CA ALA A 109 -23.40 -14.07 16.19
C ALA A 109 -24.55 -14.82 16.88
N THR A 110 -25.00 -15.89 16.24
CA THR A 110 -26.10 -16.70 16.76
C THR A 110 -25.64 -17.58 17.92
N THR A 111 -24.45 -18.14 17.77
CA THR A 111 -23.89 -19.03 18.77
C THR A 111 -23.75 -18.33 20.12
N SER A 112 -23.14 -17.15 20.12
CA SER A 112 -22.91 -16.42 21.34
C SER A 112 -24.21 -16.02 22.06
N GLU A 113 -25.19 -15.54 21.30
CA GLU A 113 -26.45 -15.12 21.89
C GLU A 113 -27.25 -16.32 22.40
N ILE A 114 -27.29 -17.38 21.61
CA ILE A 114 -28.04 -18.58 21.96
C ILE A 114 -27.50 -19.15 23.27
N LYS A 115 -26.18 -19.06 23.45
CA LYS A 115 -25.55 -19.56 24.66
C LYS A 115 -25.98 -18.71 25.83
N ALA A 116 -26.03 -17.40 25.59
CA ALA A 116 -26.43 -16.44 26.60
C ALA A 116 -27.85 -16.71 27.10
N LYS A 117 -28.66 -17.36 26.28
CA LYS A 117 -30.03 -17.69 26.65
C LYS A 117 -30.08 -19.02 27.39
N LEU A 118 -29.35 -20.01 26.88
CA LEU A 118 -29.34 -21.35 27.46
C LEU A 118 -28.74 -21.37 28.86
N LEU A 119 -27.72 -20.56 29.10
CA LEU A 119 -27.10 -20.51 30.41
C LEU A 119 -27.96 -19.71 31.38
N ALA A 120 -28.82 -18.91 30.80
CA ALA A 120 -29.69 -18.06 31.59
C ALA A 120 -30.93 -18.80 32.06
N ASP A 121 -31.22 -19.95 31.44
CA ASP A 121 -32.38 -20.75 31.82
C ASP A 121 -32.08 -21.52 33.11
N ASP A 122 -33.12 -21.87 33.85
CA ASP A 122 -32.97 -22.56 35.14
C ASP A 122 -32.79 -24.07 34.98
N ILE A 123 -33.18 -24.63 33.84
CA ILE A 123 -33.08 -26.07 33.67
C ILE A 123 -32.00 -26.46 32.65
N VAL A 124 -31.91 -25.74 31.54
CA VAL A 124 -30.92 -26.03 30.51
C VAL A 124 -29.47 -25.94 31.04
N PRO A 125 -28.80 -27.08 31.14
CA PRO A 125 -27.42 -27.13 31.61
C PRO A 125 -26.41 -26.75 30.52
N SER A 126 -26.36 -25.46 30.17
CA SER A 126 -25.43 -24.99 29.14
C SER A 126 -23.98 -25.14 29.60
N ARG A 127 -23.79 -25.53 30.85
CA ARG A 127 -22.46 -25.74 31.39
C ARG A 127 -21.91 -27.09 30.93
N HIS A 128 -22.83 -27.97 30.53
CA HIS A 128 -22.46 -29.29 30.07
C HIS A 128 -22.80 -29.45 28.59
N VAL A 129 -23.64 -28.56 28.08
CA VAL A 129 -24.05 -28.59 26.68
C VAL A 129 -23.45 -27.43 25.90
N LYS A 130 -22.97 -27.70 24.71
CA LYS A 130 -22.36 -26.69 23.85
C LYS A 130 -23.23 -26.46 22.64
N VAL A 131 -23.13 -25.28 22.06
CA VAL A 131 -23.90 -24.93 20.90
C VAL A 131 -23.05 -24.16 19.89
N GLU A 132 -23.20 -24.51 18.63
CA GLU A 132 -22.48 -23.87 17.54
C GLU A 132 -23.42 -23.76 16.35
N THR A 133 -23.42 -22.62 15.69
CA THR A 133 -24.26 -22.43 14.53
C THR A 133 -23.42 -22.38 13.26
N THR A 134 -23.93 -23.01 12.23
CA THR A 134 -23.26 -23.04 10.95
C THR A 134 -24.24 -22.67 9.85
N ASP A 135 -24.04 -21.49 9.26
CA ASP A 135 -24.91 -20.98 8.19
C ASP A 135 -26.33 -20.73 8.75
N GLY A 136 -26.43 -20.63 10.06
CA GLY A 136 -27.70 -20.39 10.70
C GLY A 136 -28.29 -21.66 11.27
N VAL A 137 -27.57 -22.76 11.12
CA VAL A 137 -28.01 -24.03 11.65
C VAL A 137 -27.47 -24.19 13.05
N VAL A 138 -28.33 -24.04 14.05
CA VAL A 138 -27.93 -24.16 15.44
C VAL A 138 -27.80 -25.62 15.84
N GLN A 139 -26.61 -26.01 16.25
CA GLN A 139 -26.32 -27.37 16.65
C GLN A 139 -26.00 -27.43 18.14
N LEU A 140 -26.79 -28.19 18.88
CA LEU A 140 -26.58 -28.34 20.32
C LEU A 140 -26.00 -29.72 20.61
N SER A 141 -24.79 -29.75 21.18
CA SER A 141 -24.15 -31.01 21.49
C SER A 141 -23.72 -31.07 22.95
N GLY A 142 -23.94 -32.20 23.59
CA GLY A 142 -23.57 -32.35 24.98
C GLY A 142 -24.40 -33.38 25.68
N THR A 143 -24.77 -33.10 26.92
CA THR A 143 -25.57 -34.03 27.70
C THR A 143 -26.42 -33.27 28.70
N VAL A 144 -27.66 -33.71 28.86
CA VAL A 144 -28.58 -33.11 29.81
C VAL A 144 -29.05 -34.18 30.77
N ASP A 145 -29.70 -33.77 31.85
CA ASP A 145 -30.19 -34.72 32.85
C ASP A 145 -31.56 -35.29 32.49
N SER A 146 -32.36 -34.52 31.78
CA SER A 146 -33.69 -34.93 31.41
C SER A 146 -34.11 -34.29 30.11
N GLN A 147 -35.13 -34.87 29.48
CA GLN A 147 -35.65 -34.37 28.21
C GLN A 147 -36.18 -32.94 28.36
N ALA A 148 -36.72 -32.64 29.55
CA ALA A 148 -37.26 -31.32 29.84
C ALA A 148 -36.23 -30.23 29.57
N GLN A 149 -34.98 -30.50 29.92
CA GLN A 149 -33.89 -29.55 29.70
C GLN A 149 -33.49 -29.53 28.23
N SER A 150 -33.54 -30.71 27.61
CA SER A 150 -33.19 -30.86 26.21
C SER A 150 -34.14 -30.08 25.31
N ASP A 151 -35.44 -30.33 25.48
CA ASP A 151 -36.49 -29.68 24.70
C ASP A 151 -36.39 -28.16 24.81
N ARG A 152 -36.20 -27.68 26.03
CA ARG A 152 -36.08 -26.24 26.26
C ARG A 152 -34.93 -25.64 25.45
N ALA A 153 -33.75 -26.24 25.58
CA ALA A 153 -32.56 -25.79 24.86
C ALA A 153 -32.87 -25.56 23.37
N GLU A 154 -33.48 -26.55 22.73
CA GLU A 154 -33.83 -26.44 21.32
C GLU A 154 -34.91 -25.40 21.09
N SER A 155 -35.87 -25.34 22.01
CA SER A 155 -36.96 -24.38 21.91
C SER A 155 -36.42 -22.95 21.84
N ILE A 156 -35.35 -22.68 22.58
CA ILE A 156 -34.76 -21.35 22.57
C ILE A 156 -33.85 -21.19 21.36
N ALA A 157 -33.25 -22.29 20.92
CA ALA A 157 -32.36 -22.28 19.77
C ALA A 157 -33.11 -21.82 18.51
N LYS A 158 -34.30 -22.35 18.34
CA LYS A 158 -35.14 -22.00 17.18
C LYS A 158 -35.82 -20.64 17.41
N ALA A 159 -35.91 -20.23 18.67
CA ALA A 159 -36.55 -18.97 19.03
C ALA A 159 -35.65 -17.76 18.81
N VAL A 160 -34.40 -18.00 18.44
CA VAL A 160 -33.45 -16.91 18.19
C VAL A 160 -33.52 -16.51 16.73
N ASP A 161 -33.73 -15.22 16.47
CA ASP A 161 -33.85 -14.71 15.11
C ASP A 161 -32.56 -14.94 14.33
N GLY A 162 -32.72 -15.41 13.10
CA GLY A 162 -31.57 -15.66 12.25
C GLY A 162 -31.29 -17.14 12.07
N VAL A 163 -32.03 -17.99 12.80
CA VAL A 163 -31.83 -19.43 12.70
C VAL A 163 -32.68 -20.02 11.57
N LYS A 164 -32.07 -20.90 10.78
CA LYS A 164 -32.76 -21.55 9.68
C LYS A 164 -33.11 -22.98 10.04
N SER A 165 -32.31 -23.58 10.91
CA SER A 165 -32.53 -24.96 11.34
C SER A 165 -31.81 -25.22 12.66
N VAL A 166 -32.33 -26.15 13.45
CA VAL A 166 -31.72 -26.49 14.72
C VAL A 166 -31.51 -28.01 14.80
N LYS A 167 -30.44 -28.43 15.46
CA LYS A 167 -30.13 -29.84 15.59
C LYS A 167 -29.83 -30.22 17.03
N ASN A 168 -30.74 -30.98 17.62
CA ASN A 168 -30.60 -31.45 18.99
C ASN A 168 -29.74 -32.71 19.03
N ASP A 169 -28.46 -32.52 19.27
CA ASP A 169 -27.52 -33.62 19.32
C ASP A 169 -27.10 -33.91 20.76
N LEU A 170 -27.60 -33.10 21.69
CA LEU A 170 -27.30 -33.29 23.09
C LEU A 170 -27.97 -34.57 23.57
N LYS A 171 -27.23 -35.41 24.27
CA LYS A 171 -27.77 -36.67 24.74
C LYS A 171 -28.37 -36.51 26.14
N THR A 172 -29.31 -37.37 26.47
CA THR A 172 -29.97 -37.31 27.76
C THR A 172 -29.36 -38.31 28.74
N LYS A 173 -29.68 -38.14 30.02
CA LYS A 173 -29.19 -39.05 31.04
C LYS A 173 -30.13 -40.25 31.18
N GLU A 1 -23.97 -13.78 11.94
CA GLU A 1 -22.90 -13.16 12.71
C GLU A 1 -21.53 -13.60 12.17
N ASN A 2 -20.52 -13.67 13.03
CA ASN A 2 -19.18 -14.05 12.59
C ASN A 2 -18.68 -15.26 13.36
N ASN A 3 -18.47 -16.36 12.64
CA ASN A 3 -17.99 -17.59 13.25
C ASN A 3 -16.66 -18.00 12.61
N ALA A 4 -15.56 -17.80 13.35
CA ALA A 4 -14.22 -18.14 12.86
C ALA A 4 -13.19 -17.89 13.95
N GLN A 5 -13.32 -16.73 14.60
CA GLN A 5 -12.41 -16.32 15.69
C GLN A 5 -11.00 -16.05 15.14
N THR A 6 -10.00 -16.19 16.01
CA THR A 6 -8.62 -15.96 15.62
C THR A 6 -7.68 -16.95 16.29
N THR A 7 -7.33 -18.02 15.58
CA THR A 7 -6.44 -19.05 16.09
C THR A 7 -5.00 -18.54 16.12
N ASN A 8 -4.36 -18.62 17.28
CA ASN A 8 -2.99 -18.16 17.45
C ASN A 8 -2.18 -19.19 18.21
N GLU A 9 -0.90 -19.33 17.84
CA GLU A 9 -0.01 -20.29 18.49
C GLU A 9 1.22 -19.59 19.07
N SER A 10 2.21 -20.36 19.49
CA SER A 10 3.43 -19.80 20.07
C SER A 10 4.62 -19.98 19.12
N ALA A 11 5.75 -19.36 19.48
CA ALA A 11 6.95 -19.44 18.68
C ALA A 11 7.71 -20.75 18.94
N GLY A 12 8.40 -20.81 20.07
CA GLY A 12 9.14 -22.01 20.41
C GLY A 12 10.52 -21.71 20.98
N GLN A 13 11.53 -22.42 20.49
CA GLN A 13 12.89 -22.25 20.96
C GLN A 13 13.66 -21.29 20.05
N LYS A 14 14.89 -20.96 20.45
CA LYS A 14 15.73 -20.05 19.70
C LYS A 14 17.17 -20.13 20.20
N VAL A 15 18.13 -19.95 19.31
CA VAL A 15 19.54 -20.01 19.69
C VAL A 15 20.34 -18.93 18.98
N ASP A 16 21.29 -18.34 19.70
CA ASP A 16 22.14 -17.28 19.15
C ASP A 16 23.45 -17.90 18.62
N SER A 17 24.19 -17.14 17.83
CA SER A 17 25.44 -17.62 17.25
C SER A 17 26.52 -16.54 17.32
N SER A 18 27.30 -16.55 18.39
CA SER A 18 28.37 -15.57 18.57
C SER A 18 29.74 -16.22 18.37
N MET A 19 30.39 -15.89 17.26
CA MET A 19 31.71 -16.45 16.96
C MET A 19 32.55 -15.45 16.18
N ASN A 20 33.80 -15.80 15.94
CA ASN A 20 34.73 -14.95 15.19
C ASN A 20 34.49 -15.09 13.70
N LYS A 21 34.70 -14.01 12.95
CA LYS A 21 34.52 -14.02 11.51
C LYS A 21 35.60 -14.88 10.86
N VAL A 22 35.24 -16.07 10.46
CA VAL A 22 36.19 -16.99 9.83
C VAL A 22 35.91 -17.17 8.35
N GLY A 23 36.94 -16.96 7.55
CA GLY A 23 36.79 -17.12 6.11
C GLY A 23 36.38 -15.84 5.42
N ASN A 24 35.09 -15.70 5.18
CA ASN A 24 34.53 -14.52 4.49
C ASN A 24 33.01 -14.60 4.47
N PHE A 25 32.49 -15.44 3.59
CA PHE A 25 31.05 -15.66 3.44
C PHE A 25 30.30 -14.38 3.09
N MET A 26 30.49 -13.92 1.87
CA MET A 26 29.85 -12.71 1.39
C MET A 26 29.22 -12.99 0.03
N ASP A 27 28.34 -13.96 0.00
CA ASP A 27 27.67 -14.34 -1.23
C ASP A 27 26.25 -13.80 -1.30
N ASP A 28 25.33 -14.55 -0.72
CA ASP A 28 23.92 -14.19 -0.70
C ASP A 28 23.69 -12.86 0.01
N SER A 29 24.32 -12.73 1.16
CA SER A 29 24.24 -11.54 1.98
C SER A 29 24.68 -10.29 1.22
N ALA A 30 25.44 -10.48 0.13
CA ALA A 30 25.92 -9.36 -0.67
C ALA A 30 24.85 -8.86 -1.63
N ILE A 31 23.85 -9.70 -1.90
CA ILE A 31 22.78 -9.32 -2.82
C ILE A 31 21.78 -8.41 -2.12
N THR A 32 21.57 -8.67 -0.84
CA THR A 32 20.65 -7.88 -0.03
C THR A 32 21.10 -6.42 0.04
N ALA A 33 22.41 -6.23 -0.07
CA ALA A 33 23.01 -4.89 -0.04
C ALA A 33 22.49 -4.02 -1.18
N LYS A 34 22.21 -4.63 -2.32
CA LYS A 34 21.71 -3.89 -3.47
C LYS A 34 20.20 -3.78 -3.42
N VAL A 35 19.57 -4.92 -3.21
CA VAL A 35 18.11 -5.00 -3.14
C VAL A 35 17.51 -3.96 -2.20
N LYS A 36 18.06 -3.83 -1.01
CA LYS A 36 17.55 -2.85 -0.04
C LYS A 36 17.78 -1.42 -0.52
N ALA A 37 18.74 -1.24 -1.41
CA ALA A 37 19.04 0.07 -1.96
C ALA A 37 18.06 0.39 -3.09
N ALA A 38 17.74 -0.61 -3.89
CA ALA A 38 16.81 -0.46 -5.00
C ALA A 38 15.43 -0.05 -4.51
N LEU A 39 15.11 -0.47 -3.29
CA LEU A 39 13.83 -0.16 -2.68
C LEU A 39 13.78 1.28 -2.16
N VAL A 40 14.80 1.69 -1.39
CA VAL A 40 14.83 3.03 -0.84
C VAL A 40 15.03 4.10 -1.92
N ASP A 41 15.69 3.72 -3.01
CA ASP A 41 15.93 4.64 -4.13
C ASP A 41 14.60 5.07 -4.74
N HIS A 42 13.58 4.24 -4.58
CA HIS A 42 12.26 4.55 -5.08
C HIS A 42 11.46 5.25 -3.98
N ASP A 43 11.23 6.56 -4.16
CA ASP A 43 10.48 7.37 -3.18
C ASP A 43 9.10 6.79 -2.88
N ASN A 44 8.50 6.14 -3.87
CA ASN A 44 7.16 5.57 -3.70
C ASN A 44 7.19 4.20 -3.05
N ILE A 45 8.37 3.72 -2.70
CA ILE A 45 8.49 2.42 -2.04
C ILE A 45 9.06 2.58 -0.64
N LYS A 46 8.28 2.23 0.37
CA LYS A 46 8.74 2.36 1.74
C LYS A 46 9.48 1.10 2.19
N SER A 47 10.80 1.12 2.03
CA SER A 47 11.63 -0.01 2.42
C SER A 47 11.81 -0.04 3.94
N THR A 48 11.35 1.03 4.59
CA THR A 48 11.44 1.16 6.04
C THR A 48 10.70 0.03 6.74
N ASP A 49 9.68 -0.49 6.07
CA ASP A 49 8.87 -1.57 6.62
C ASP A 49 9.04 -2.84 5.82
N ILE A 50 10.07 -2.89 5.00
CA ILE A 50 10.33 -4.06 4.19
C ILE A 50 11.61 -4.75 4.60
N SER A 51 11.48 -5.98 5.05
CA SER A 51 12.60 -6.78 5.48
C SER A 51 13.12 -7.59 4.31
N VAL A 52 14.32 -7.28 3.87
CA VAL A 52 14.95 -7.97 2.76
C VAL A 52 15.90 -9.03 3.27
N LYS A 53 15.89 -10.19 2.62
CA LYS A 53 16.75 -11.29 3.00
C LYS A 53 17.03 -12.18 1.79
N THR A 54 18.26 -12.62 1.64
CA THR A 54 18.63 -13.49 0.53
C THR A 54 19.10 -14.85 1.02
N ASP A 55 18.44 -15.89 0.55
CA ASP A 55 18.78 -17.26 0.90
C ASP A 55 18.79 -18.13 -0.34
N GLN A 56 20.01 -18.54 -0.72
CA GLN A 56 20.26 -19.38 -1.90
C GLN A 56 19.90 -18.63 -3.18
N LYS A 57 20.50 -17.45 -3.31
CA LYS A 57 20.30 -16.55 -4.46
C LYS A 57 18.83 -16.20 -4.63
N VAL A 58 18.07 -16.35 -3.56
CA VAL A 58 16.66 -16.03 -3.55
C VAL A 58 16.39 -14.90 -2.57
N VAL A 59 15.86 -13.80 -3.07
CA VAL A 59 15.57 -12.64 -2.23
C VAL A 59 14.10 -12.67 -1.80
N THR A 60 13.87 -12.72 -0.50
CA THR A 60 12.53 -12.75 0.04
C THR A 60 12.08 -11.35 0.47
N LEU A 61 11.04 -10.85 -0.16
CA LEU A 61 10.50 -9.54 0.17
C LEU A 61 9.36 -9.69 1.15
N SER A 62 9.57 -9.24 2.37
CA SER A 62 8.54 -9.35 3.39
C SER A 62 8.42 -8.07 4.20
N GLY A 63 7.21 -7.57 4.31
CA GLY A 63 6.97 -6.36 5.05
C GLY A 63 5.58 -5.83 4.82
N PHE A 64 5.36 -4.58 5.16
CA PHE A 64 4.04 -3.97 4.99
C PHE A 64 4.11 -2.76 4.07
N VAL A 65 3.24 -2.73 3.09
CA VAL A 65 3.18 -1.63 2.15
C VAL A 65 1.88 -0.87 2.37
N GLU A 66 1.75 0.29 1.75
CA GLU A 66 0.55 1.08 1.95
C GLU A 66 -0.52 0.73 0.91
N SER A 67 -0.07 0.24 -0.23
CA SER A 67 -0.96 -0.14 -1.31
C SER A 67 -0.37 -1.31 -2.08
N GLN A 68 -1.22 -2.01 -2.83
CA GLN A 68 -0.78 -3.15 -3.64
C GLN A 68 0.39 -2.78 -4.53
N ALA A 69 0.25 -1.65 -5.23
CA ALA A 69 1.27 -1.16 -6.16
C ALA A 69 2.66 -1.08 -5.52
N GLN A 70 2.72 -0.73 -4.24
CA GLN A 70 4.00 -0.62 -3.55
C GLN A 70 4.72 -1.96 -3.56
N ALA A 71 3.98 -3.03 -3.31
CA ALA A 71 4.55 -4.37 -3.30
C ALA A 71 4.93 -4.80 -4.72
N GLU A 72 4.10 -4.44 -5.68
CA GLU A 72 4.34 -4.80 -7.08
C GLU A 72 5.62 -4.16 -7.61
N GLU A 73 5.87 -2.92 -7.22
CA GLU A 73 7.08 -2.23 -7.65
C GLU A 73 8.30 -2.78 -6.90
N ALA A 74 8.08 -3.23 -5.67
CA ALA A 74 9.15 -3.78 -4.85
C ALA A 74 9.72 -5.05 -5.47
N VAL A 75 8.84 -5.99 -5.85
CA VAL A 75 9.27 -7.24 -6.46
C VAL A 75 9.91 -7.01 -7.83
N LYS A 76 9.57 -5.88 -8.45
CA LYS A 76 10.11 -5.55 -9.75
C LYS A 76 11.55 -5.07 -9.61
N VAL A 77 11.78 -4.08 -8.74
CA VAL A 77 13.11 -3.55 -8.53
C VAL A 77 14.05 -4.60 -7.93
N ALA A 78 13.48 -5.54 -7.17
CA ALA A 78 14.27 -6.61 -6.56
C ALA A 78 14.88 -7.49 -7.65
N LYS A 79 14.13 -7.68 -8.73
CA LYS A 79 14.59 -8.49 -9.86
C LYS A 79 15.57 -7.70 -10.72
N GLY A 80 15.66 -6.40 -10.46
CA GLY A 80 16.57 -5.55 -11.22
C GLY A 80 17.96 -5.57 -10.63
N VAL A 81 18.10 -6.24 -9.49
CA VAL A 81 19.37 -6.34 -8.81
C VAL A 81 20.18 -7.54 -9.34
N GLU A 82 21.41 -7.27 -9.75
CA GLU A 82 22.29 -8.32 -10.25
C GLU A 82 22.67 -9.28 -9.13
N GLY A 83 22.56 -10.57 -9.41
CA GLY A 83 22.91 -11.58 -8.43
C GLY A 83 21.73 -12.42 -7.99
N VAL A 84 20.55 -11.84 -7.99
CA VAL A 84 19.35 -12.56 -7.56
C VAL A 84 18.89 -13.56 -8.63
N THR A 85 18.60 -14.77 -8.20
CA THR A 85 18.12 -15.80 -9.11
C THR A 85 16.61 -15.91 -9.02
N SER A 86 16.06 -15.70 -7.82
CA SER A 86 14.62 -15.78 -7.63
C SER A 86 14.17 -14.79 -6.54
N VAL A 87 13.00 -14.20 -6.74
CA VAL A 87 12.44 -13.24 -5.79
C VAL A 87 11.14 -13.81 -5.20
N SER A 88 11.13 -13.95 -3.89
CA SER A 88 9.97 -14.47 -3.19
C SER A 88 9.19 -13.30 -2.58
N ASP A 89 7.94 -13.17 -2.96
CA ASP A 89 7.11 -12.08 -2.44
C ASP A 89 6.29 -12.54 -1.25
N LYS A 90 6.54 -11.90 -0.11
CA LYS A 90 5.81 -12.19 1.10
C LYS A 90 5.30 -10.87 1.70
N LEU A 91 5.37 -9.81 0.88
CA LEU A 91 4.90 -8.48 1.27
C LEU A 91 3.41 -8.49 1.56
N HIS A 92 2.99 -7.56 2.38
CA HIS A 92 1.59 -7.47 2.75
C HIS A 92 1.11 -6.03 2.81
N VAL A 93 -0.12 -5.81 2.39
CA VAL A 93 -0.72 -4.48 2.42
C VAL A 93 -1.46 -4.27 3.74
N ARG A 94 -1.34 -3.08 4.29
CA ARG A 94 -2.01 -2.75 5.55
C ARG A 94 -3.43 -2.24 5.30
N ASP A 95 -3.60 -1.56 4.17
CA ASP A 95 -4.88 -0.98 3.77
C ASP A 95 -5.68 -2.00 2.95
N ALA A 96 -6.99 -1.85 2.93
CA ALA A 96 -7.87 -2.75 2.19
C ALA A 96 -7.87 -2.39 0.71
N LYS A 97 -8.23 -1.15 0.42
CA LYS A 97 -8.25 -0.62 -0.95
C LYS A 97 -9.14 -1.43 -1.91
N GLU A 98 -10.27 -1.95 -1.42
CA GLU A 98 -11.16 -2.72 -2.30
C GLU A 98 -11.70 -1.85 -3.42
N GLY A 99 -12.15 -0.66 -3.06
CA GLY A 99 -12.67 0.27 -4.03
C GLY A 99 -13.32 1.47 -3.40
N SER A 100 -13.53 2.51 -4.18
CA SER A 100 -14.15 3.73 -3.69
C SER A 100 -15.63 3.74 -4.05
N VAL A 101 -16.46 4.20 -3.11
CA VAL A 101 -17.91 4.26 -3.32
C VAL A 101 -18.52 2.86 -3.33
N LYS A 102 -19.03 2.44 -2.18
CA LYS A 102 -19.63 1.13 -2.04
C LYS A 102 -21.02 1.10 -2.68
N GLY A 103 -21.11 0.49 -3.86
CA GLY A 103 -22.38 0.40 -4.55
C GLY A 103 -22.46 -0.81 -5.46
N TYR A 104 -23.67 -1.15 -5.87
CA TYR A 104 -23.91 -2.29 -6.74
C TYR A 104 -24.74 -1.86 -7.95
N ALA A 105 -24.70 -0.56 -8.23
CA ALA A 105 -25.46 0.04 -9.33
C ALA A 105 -26.93 0.17 -8.98
N GLY A 106 -27.52 1.30 -9.35
CA GLY A 106 -28.92 1.52 -9.07
C GLY A 106 -29.77 1.31 -10.31
N ASP A 107 -30.36 0.13 -10.39
CA ASP A 107 -31.20 -0.25 -11.52
C ASP A 107 -32.54 0.46 -11.47
N THR A 108 -32.91 0.96 -10.28
CA THR A 108 -34.16 1.68 -10.09
C THR A 108 -34.32 2.85 -11.07
N ALA A 109 -33.19 3.25 -11.67
CA ALA A 109 -33.18 4.33 -12.66
C ALA A 109 -34.11 4.00 -13.81
N THR A 110 -34.12 2.74 -14.22
CA THR A 110 -34.96 2.29 -15.32
C THR A 110 -36.42 2.53 -14.98
N THR A 111 -36.80 2.16 -13.76
CA THR A 111 -38.16 2.33 -13.29
C THR A 111 -38.51 3.81 -13.23
N SER A 112 -37.55 4.62 -12.81
CA SER A 112 -37.75 6.06 -12.72
C SER A 112 -38.14 6.67 -14.06
N GLU A 113 -37.35 6.40 -15.09
CA GLU A 113 -37.61 6.96 -16.41
C GLU A 113 -38.77 6.27 -17.13
N ILE A 114 -38.85 4.95 -17.00
CA ILE A 114 -39.89 4.18 -17.66
C ILE A 114 -41.29 4.69 -17.29
N LYS A 115 -41.44 5.12 -16.04
CA LYS A 115 -42.73 5.64 -15.58
C LYS A 115 -43.03 6.97 -16.25
N ALA A 116 -41.99 7.78 -16.42
CA ALA A 116 -42.12 9.08 -17.05
C ALA A 116 -42.60 8.92 -18.50
N LYS A 117 -42.25 7.80 -19.12
CA LYS A 117 -42.67 7.52 -20.49
C LYS A 117 -44.10 7.02 -20.54
N LEU A 118 -44.44 6.15 -19.59
CA LEU A 118 -45.77 5.56 -19.54
C LEU A 118 -46.86 6.57 -19.21
N LEU A 119 -46.55 7.53 -18.35
CA LEU A 119 -47.53 8.56 -17.99
C LEU A 119 -47.65 9.59 -19.08
N ALA A 120 -46.61 9.69 -19.88
CA ALA A 120 -46.58 10.66 -20.96
C ALA A 120 -47.26 10.15 -22.22
N ASP A 121 -47.53 8.86 -22.25
CA ASP A 121 -48.17 8.23 -23.41
C ASP A 121 -49.66 8.62 -23.45
N ASP A 122 -50.28 8.47 -24.62
CA ASP A 122 -51.68 8.87 -24.79
C ASP A 122 -52.63 7.71 -24.52
N ILE A 123 -52.10 6.49 -24.45
CA ILE A 123 -52.96 5.34 -24.22
C ILE A 123 -52.56 4.56 -22.97
N VAL A 124 -51.26 4.41 -22.71
CA VAL A 124 -50.80 3.68 -21.53
C VAL A 124 -51.30 4.30 -20.22
N PRO A 125 -52.22 3.59 -19.54
CA PRO A 125 -52.79 4.04 -18.27
C PRO A 125 -51.85 3.78 -17.10
N SER A 126 -50.80 4.60 -16.98
CA SER A 126 -49.81 4.45 -15.93
C SER A 126 -50.42 4.59 -14.52
N ARG A 127 -51.65 5.08 -14.45
CA ARG A 127 -52.32 5.24 -13.15
C ARG A 127 -53.03 3.96 -12.73
N HIS A 128 -53.05 2.97 -13.62
CA HIS A 128 -53.71 1.70 -13.32
C HIS A 128 -52.70 0.55 -13.38
N VAL A 129 -51.56 0.80 -14.00
CA VAL A 129 -50.53 -0.22 -14.13
C VAL A 129 -49.24 0.25 -13.48
N LYS A 130 -48.56 -0.68 -12.82
CA LYS A 130 -47.32 -0.38 -12.13
C LYS A 130 -46.14 -1.05 -12.83
N VAL A 131 -44.98 -0.46 -12.68
CA VAL A 131 -43.78 -0.99 -13.30
C VAL A 131 -42.61 -0.91 -12.34
N GLU A 132 -41.87 -2.00 -12.25
CA GLU A 132 -40.72 -2.08 -11.39
C GLU A 132 -39.63 -2.86 -12.11
N THR A 133 -38.38 -2.48 -11.89
CA THR A 133 -37.27 -3.16 -12.52
C THR A 133 -36.39 -3.82 -11.47
N THR A 134 -35.95 -5.03 -11.79
CA THR A 134 -35.09 -5.79 -10.89
C THR A 134 -33.93 -6.37 -11.68
N ASP A 135 -32.73 -5.83 -11.47
CA ASP A 135 -31.51 -6.28 -12.15
C ASP A 135 -31.58 -5.91 -13.64
N GLY A 136 -32.46 -4.97 -13.95
CA GLY A 136 -32.64 -4.52 -15.31
C GLY A 136 -33.84 -5.18 -15.97
N VAL A 137 -34.52 -6.01 -15.19
CA VAL A 137 -35.70 -6.70 -15.68
C VAL A 137 -36.93 -5.87 -15.35
N VAL A 138 -37.51 -5.27 -16.37
CA VAL A 138 -38.68 -4.43 -16.20
C VAL A 138 -39.95 -5.27 -16.18
N GLN A 139 -40.73 -5.12 -15.13
CA GLN A 139 -41.98 -5.84 -14.98
C GLN A 139 -43.13 -4.85 -14.94
N LEU A 140 -44.20 -5.17 -15.65
CA LEU A 140 -45.37 -4.31 -15.68
C LEU A 140 -46.59 -5.09 -15.20
N SER A 141 -47.14 -4.70 -14.06
CA SER A 141 -48.29 -5.39 -13.50
C SER A 141 -49.44 -4.41 -13.25
N GLY A 142 -50.66 -4.84 -13.49
CA GLY A 142 -51.80 -3.97 -13.28
C GLY A 142 -52.93 -4.28 -14.22
N THR A 143 -53.56 -3.24 -14.75
CA THR A 143 -54.67 -3.44 -15.67
C THR A 143 -54.77 -2.28 -16.65
N VAL A 144 -55.04 -2.62 -17.90
CA VAL A 144 -55.21 -1.64 -18.96
C VAL A 144 -56.58 -1.79 -19.59
N ASP A 145 -56.88 -0.94 -20.56
CA ASP A 145 -58.18 -0.98 -21.22
C ASP A 145 -58.20 -2.04 -22.32
N SER A 146 -57.16 -2.03 -23.15
CA SER A 146 -57.09 -2.98 -24.26
C SER A 146 -55.65 -3.42 -24.51
N GLN A 147 -55.49 -4.34 -25.45
CA GLN A 147 -54.18 -4.88 -25.81
C GLN A 147 -53.26 -3.77 -26.34
N ALA A 148 -53.85 -2.79 -27.01
CA ALA A 148 -53.10 -1.68 -27.59
C ALA A 148 -52.29 -0.94 -26.53
N GLN A 149 -52.95 -0.58 -25.44
CA GLN A 149 -52.31 0.14 -24.35
C GLN A 149 -51.33 -0.76 -23.60
N SER A 150 -51.59 -2.06 -23.65
CA SER A 150 -50.73 -3.04 -23.00
C SER A 150 -49.40 -3.18 -23.74
N ASP A 151 -49.47 -3.31 -25.08
CA ASP A 151 -48.27 -3.45 -25.89
C ASP A 151 -47.37 -2.24 -25.78
N ARG A 152 -47.95 -1.05 -25.97
CA ARG A 152 -47.19 0.19 -25.89
C ARG A 152 -46.35 0.25 -24.62
N ALA A 153 -46.98 0.00 -23.48
CA ALA A 153 -46.30 -0.01 -22.19
C ALA A 153 -45.00 -0.83 -22.27
N GLU A 154 -45.12 -2.06 -22.74
CA GLU A 154 -43.98 -2.95 -22.88
C GLU A 154 -43.04 -2.46 -23.97
N SER A 155 -43.63 -2.00 -25.07
CA SER A 155 -42.87 -1.48 -26.21
C SER A 155 -41.90 -0.39 -25.76
N ILE A 156 -42.33 0.44 -24.81
CA ILE A 156 -41.49 1.50 -24.28
C ILE A 156 -40.53 0.95 -23.23
N ALA A 157 -40.98 -0.05 -22.49
CA ALA A 157 -40.17 -0.68 -21.44
C ALA A 157 -38.85 -1.20 -21.99
N LYS A 158 -38.94 -1.97 -23.09
CA LYS A 158 -37.75 -2.54 -23.71
C LYS A 158 -36.99 -1.48 -24.50
N ALA A 159 -37.67 -0.38 -24.80
CA ALA A 159 -37.07 0.72 -25.56
C ALA A 159 -36.16 1.58 -24.68
N VAL A 160 -36.24 1.40 -23.37
CA VAL A 160 -35.41 2.15 -22.44
C VAL A 160 -34.06 1.46 -22.28
N ASP A 161 -32.98 2.22 -22.44
CA ASP A 161 -31.64 1.67 -22.33
C ASP A 161 -31.37 1.15 -20.91
N GLY A 162 -30.69 0.02 -20.82
CA GLY A 162 -30.38 -0.56 -19.53
C GLY A 162 -31.26 -1.74 -19.18
N VAL A 163 -32.28 -1.99 -20.00
CA VAL A 163 -33.18 -3.10 -19.75
C VAL A 163 -32.67 -4.38 -20.40
N LYS A 164 -32.76 -5.50 -19.68
CA LYS A 164 -32.31 -6.78 -20.21
C LYS A 164 -33.51 -7.65 -20.58
N SER A 165 -34.62 -7.47 -19.87
CA SER A 165 -35.82 -8.24 -20.13
C SER A 165 -37.06 -7.49 -19.62
N VAL A 166 -38.19 -7.74 -20.23
CA VAL A 166 -39.45 -7.10 -19.85
C VAL A 166 -40.52 -8.17 -19.67
N LYS A 167 -41.46 -7.93 -18.75
CA LYS A 167 -42.53 -8.88 -18.48
C LYS A 167 -43.89 -8.20 -18.37
N ASN A 168 -44.79 -8.54 -19.28
CA ASN A 168 -46.13 -7.98 -19.30
C ASN A 168 -47.07 -8.83 -18.46
N ASP A 169 -47.33 -8.35 -17.24
CA ASP A 169 -48.20 -9.04 -16.30
C ASP A 169 -49.51 -8.28 -16.15
N LEU A 170 -49.59 -7.11 -16.77
CA LEU A 170 -50.79 -6.29 -16.72
C LEU A 170 -51.93 -6.98 -17.45
N LYS A 171 -53.09 -6.94 -16.84
CA LYS A 171 -54.27 -7.57 -17.40
C LYS A 171 -55.16 -6.56 -18.09
N THR A 172 -56.04 -7.01 -18.94
CA THR A 172 -56.98 -6.13 -19.61
C THR A 172 -58.29 -6.16 -18.85
N LYS A 173 -58.97 -5.02 -18.77
CA LYS A 173 -60.23 -4.94 -18.06
C LYS A 173 -61.28 -5.86 -18.65
N GLU A 1 -27.28 11.89 17.95
CA GLU A 1 -25.98 11.49 17.41
C GLU A 1 -24.91 12.49 17.79
N ASN A 2 -23.70 12.30 17.28
CA ASN A 2 -22.59 13.18 17.57
C ASN A 2 -21.72 13.38 16.34
N ASN A 3 -20.94 14.45 16.34
CA ASN A 3 -20.05 14.76 15.22
C ASN A 3 -19.04 15.82 15.61
N ALA A 4 -17.89 15.80 14.95
CA ALA A 4 -16.83 16.77 15.23
C ALA A 4 -15.91 16.90 14.03
N GLN A 5 -15.49 18.11 13.75
CA GLN A 5 -14.61 18.38 12.62
C GLN A 5 -13.22 18.79 13.10
N THR A 6 -12.20 18.23 12.47
CA THR A 6 -10.81 18.54 12.84
C THR A 6 -9.87 18.02 11.76
N THR A 7 -8.69 18.63 11.68
CA THR A 7 -7.69 18.23 10.70
C THR A 7 -6.50 17.58 11.41
N ASN A 8 -5.46 17.25 10.63
CA ASN A 8 -4.26 16.64 11.19
C ASN A 8 -3.15 16.66 10.14
N GLU A 9 -1.90 16.60 10.59
CA GLU A 9 -0.77 16.63 9.67
C GLU A 9 -0.01 15.32 9.71
N SER A 10 0.70 15.02 8.61
CA SER A 10 1.48 13.79 8.50
C SER A 10 2.33 13.83 7.23
N ALA A 11 3.53 14.39 7.34
CA ALA A 11 4.44 14.48 6.20
C ALA A 11 5.89 14.48 6.65
N GLY A 12 6.80 14.10 5.74
CA GLY A 12 8.20 14.07 6.06
C GLY A 12 9.03 13.43 4.97
N GLN A 13 10.05 14.16 4.49
CA GLN A 13 10.91 13.66 3.42
C GLN A 13 12.30 13.33 3.96
N LYS A 14 13.10 12.66 3.14
CA LYS A 14 14.46 12.27 3.52
C LYS A 14 15.34 12.15 2.28
N VAL A 15 16.63 11.96 2.50
CA VAL A 15 17.59 11.77 1.41
C VAL A 15 18.44 10.54 1.71
N ASP A 16 18.74 9.76 0.67
CA ASP A 16 19.52 8.55 0.88
C ASP A 16 21.01 8.75 0.63
N SER A 17 21.79 8.12 1.48
CA SER A 17 23.24 8.17 1.42
C SER A 17 23.80 7.04 2.28
N SER A 18 23.98 5.86 1.69
CA SER A 18 24.48 4.71 2.42
C SER A 18 25.17 3.70 1.49
N MET A 19 26.47 3.58 1.62
CA MET A 19 27.24 2.65 0.80
C MET A 19 28.15 1.81 1.70
N ASN A 20 28.29 0.53 1.37
CA ASN A 20 29.09 -0.39 2.17
C ASN A 20 29.85 -1.37 1.27
N LYS A 21 30.68 -2.21 1.87
CA LYS A 21 31.44 -3.20 1.13
C LYS A 21 31.12 -4.60 1.66
N VAL A 22 31.47 -5.62 0.88
CA VAL A 22 31.22 -6.99 1.26
C VAL A 22 32.49 -7.63 1.82
N GLY A 23 32.34 -8.71 2.56
CA GLY A 23 33.49 -9.38 3.13
C GLY A 23 33.14 -10.64 3.89
N ASN A 24 34.13 -11.50 4.09
CA ASN A 24 33.97 -12.77 4.81
C ASN A 24 32.92 -13.66 4.15
N PHE A 25 32.13 -14.36 4.95
CA PHE A 25 31.11 -15.26 4.44
C PHE A 25 29.79 -14.50 4.23
N MET A 26 29.48 -14.22 2.97
CA MET A 26 28.26 -13.50 2.63
C MET A 26 27.48 -14.23 1.55
N ASP A 27 27.91 -14.05 0.31
CA ASP A 27 27.32 -14.68 -0.88
C ASP A 27 25.92 -14.16 -1.19
N ASP A 28 24.88 -14.78 -0.64
CA ASP A 28 23.51 -14.34 -0.89
C ASP A 28 23.26 -13.04 -0.15
N SER A 29 23.82 -12.95 1.05
CA SER A 29 23.69 -11.74 1.85
C SER A 29 24.38 -10.58 1.14
N ALA A 30 25.34 -10.91 0.26
CA ALA A 30 26.06 -9.91 -0.51
C ALA A 30 25.14 -9.26 -1.53
N ILE A 31 24.06 -9.95 -1.85
CA ILE A 31 23.08 -9.44 -2.80
C ILE A 31 22.14 -8.49 -2.07
N THR A 32 21.80 -8.84 -0.84
CA THR A 32 20.90 -8.05 0.00
C THR A 32 21.43 -6.62 0.14
N ALA A 33 22.76 -6.49 0.15
CA ALA A 33 23.43 -5.19 0.29
C ALA A 33 22.95 -4.15 -0.72
N LYS A 34 22.81 -4.55 -1.98
CA LYS A 34 22.37 -3.63 -3.02
C LYS A 34 20.85 -3.59 -3.13
N VAL A 35 20.20 -4.68 -2.75
CA VAL A 35 18.74 -4.75 -2.83
C VAL A 35 18.09 -3.72 -1.90
N LYS A 36 18.69 -3.50 -0.72
CA LYS A 36 18.14 -2.53 0.21
C LYS A 36 18.30 -1.11 -0.35
N ALA A 37 19.23 -0.97 -1.28
CA ALA A 37 19.50 0.32 -1.92
C ALA A 37 18.51 0.55 -3.06
N ALA A 38 18.15 -0.51 -3.75
CA ALA A 38 17.22 -0.40 -4.86
C ALA A 38 15.82 -0.09 -4.35
N LEU A 39 15.53 -0.55 -3.13
CA LEU A 39 14.25 -0.34 -2.51
C LEU A 39 14.06 1.11 -2.07
N VAL A 40 15.08 1.70 -1.44
CA VAL A 40 15.00 3.07 -0.98
C VAL A 40 15.12 4.06 -2.14
N ASP A 41 15.85 3.65 -3.18
CA ASP A 41 16.03 4.48 -4.38
C ASP A 41 14.68 4.83 -4.99
N HIS A 42 13.71 3.94 -4.85
CA HIS A 42 12.38 4.18 -5.38
C HIS A 42 11.50 4.89 -4.36
N ASP A 43 11.16 6.11 -4.70
CA ASP A 43 10.30 6.97 -3.89
C ASP A 43 8.98 6.31 -3.46
N ASN A 44 8.32 5.66 -4.41
CA ASN A 44 7.03 5.00 -4.16
C ASN A 44 7.13 3.82 -3.22
N ILE A 45 8.33 3.34 -2.98
CA ILE A 45 8.51 2.18 -2.12
C ILE A 45 9.11 2.57 -0.79
N LYS A 46 8.35 2.37 0.26
CA LYS A 46 8.83 2.71 1.59
C LYS A 46 9.46 1.48 2.21
N SER A 47 10.77 1.36 2.05
CA SER A 47 11.51 0.23 2.57
C SER A 47 11.55 0.23 4.11
N THR A 48 11.03 1.29 4.73
CA THR A 48 11.02 1.39 6.18
C THR A 48 10.20 0.26 6.80
N ASP A 49 9.16 -0.17 6.08
CA ASP A 49 8.29 -1.24 6.56
C ASP A 49 8.57 -2.53 5.79
N ILE A 50 9.69 -2.56 5.08
CA ILE A 50 10.07 -3.72 4.29
C ILE A 50 11.39 -4.30 4.76
N SER A 51 11.41 -5.61 4.89
CA SER A 51 12.59 -6.33 5.31
C SER A 51 13.12 -7.16 4.16
N VAL A 52 14.32 -6.85 3.69
CA VAL A 52 14.93 -7.56 2.59
C VAL A 52 15.89 -8.64 3.10
N LYS A 53 15.84 -9.80 2.46
CA LYS A 53 16.68 -10.91 2.81
C LYS A 53 16.86 -11.79 1.60
N THR A 54 18.00 -12.42 1.50
CA THR A 54 18.27 -13.30 0.39
C THR A 54 18.52 -14.71 0.88
N ASP A 55 17.80 -15.64 0.29
CA ASP A 55 17.90 -17.02 0.63
C ASP A 55 18.27 -17.84 -0.59
N GLN A 56 19.55 -18.24 -0.63
CA GLN A 56 20.07 -19.06 -1.73
C GLN A 56 19.79 -18.44 -3.09
N LYS A 57 20.27 -17.20 -3.27
CA LYS A 57 20.12 -16.44 -4.52
C LYS A 57 18.67 -16.04 -4.78
N VAL A 58 17.82 -16.15 -3.77
CA VAL A 58 16.42 -15.77 -3.89
C VAL A 58 16.13 -14.66 -2.90
N VAL A 59 15.65 -13.53 -3.39
CA VAL A 59 15.36 -12.42 -2.50
C VAL A 59 13.89 -12.44 -2.08
N THR A 60 13.68 -12.53 -0.78
CA THR A 60 12.34 -12.55 -0.22
C THR A 60 11.91 -11.14 0.21
N LEU A 61 10.83 -10.64 -0.36
CA LEU A 61 10.33 -9.32 0.00
C LEU A 61 9.17 -9.46 0.96
N SER A 62 9.38 -9.06 2.20
CA SER A 62 8.33 -9.15 3.19
C SER A 62 8.24 -7.87 4.00
N GLY A 63 7.05 -7.56 4.44
CA GLY A 63 6.84 -6.39 5.25
C GLY A 63 5.45 -5.82 5.08
N PHE A 64 5.31 -4.53 5.33
CA PHE A 64 4.03 -3.87 5.21
C PHE A 64 4.05 -2.74 4.20
N VAL A 65 3.19 -2.84 3.23
CA VAL A 65 3.07 -1.83 2.20
C VAL A 65 1.74 -1.10 2.38
N GLU A 66 1.55 0.03 1.72
CA GLU A 66 0.29 0.76 1.89
C GLU A 66 -0.68 0.43 0.76
N SER A 67 -0.22 -0.39 -0.19
CA SER A 67 -1.04 -0.81 -1.30
C SER A 67 -0.39 -2.00 -1.99
N GLN A 68 -1.18 -2.78 -2.69
CA GLN A 68 -0.69 -3.95 -3.41
C GLN A 68 0.37 -3.55 -4.44
N ALA A 69 0.09 -2.46 -5.17
CA ALA A 69 1.02 -1.96 -6.18
C ALA A 69 2.37 -1.59 -5.57
N GLN A 70 2.32 -1.07 -4.35
CA GLN A 70 3.51 -0.67 -3.62
C GLN A 70 4.43 -1.87 -3.44
N ALA A 71 3.79 -3.02 -3.27
CA ALA A 71 4.52 -4.28 -3.11
C ALA A 71 5.06 -4.74 -4.45
N GLU A 72 4.20 -4.68 -5.48
CA GLU A 72 4.54 -5.09 -6.84
C GLU A 72 5.87 -4.50 -7.30
N GLU A 73 6.05 -3.23 -7.08
CA GLU A 73 7.27 -2.57 -7.49
C GLU A 73 8.46 -3.10 -6.70
N ALA A 74 8.30 -3.25 -5.40
CA ALA A 74 9.36 -3.76 -4.55
C ALA A 74 9.88 -5.12 -5.05
N VAL A 75 8.95 -5.97 -5.47
CA VAL A 75 9.30 -7.30 -5.97
C VAL A 75 10.08 -7.20 -7.28
N LYS A 76 9.62 -6.33 -8.15
CA LYS A 76 10.23 -6.15 -9.44
C LYS A 76 11.60 -5.48 -9.33
N VAL A 77 11.69 -4.51 -8.44
CA VAL A 77 12.93 -3.78 -8.22
C VAL A 77 14.03 -4.72 -7.73
N ALA A 78 13.65 -5.62 -6.82
CA ALA A 78 14.59 -6.59 -6.26
C ALA A 78 15.11 -7.52 -7.36
N LYS A 79 14.23 -7.88 -8.28
CA LYS A 79 14.60 -8.76 -9.39
C LYS A 79 15.58 -8.06 -10.32
N GLY A 80 15.54 -6.73 -10.33
CA GLY A 80 16.41 -5.93 -11.16
C GLY A 80 17.84 -5.91 -10.65
N VAL A 81 18.03 -6.33 -9.41
CA VAL A 81 19.35 -6.36 -8.81
C VAL A 81 20.18 -7.50 -9.39
N GLU A 82 21.37 -7.15 -9.85
CA GLU A 82 22.27 -8.13 -10.42
C GLU A 82 22.77 -9.10 -9.34
N GLY A 83 22.71 -10.39 -9.66
CA GLY A 83 23.15 -11.41 -8.73
C GLY A 83 22.02 -12.27 -8.21
N VAL A 84 20.80 -11.74 -8.25
CA VAL A 84 19.64 -12.47 -7.76
C VAL A 84 19.05 -13.34 -8.87
N THR A 85 18.80 -14.60 -8.54
CA THR A 85 18.25 -15.53 -9.50
C THR A 85 16.73 -15.43 -9.51
N SER A 86 16.13 -15.37 -8.33
CA SER A 86 14.68 -15.30 -8.23
C SER A 86 14.26 -14.40 -7.08
N VAL A 87 13.02 -13.96 -7.10
CA VAL A 87 12.50 -13.09 -6.06
C VAL A 87 11.16 -13.63 -5.57
N SER A 88 10.94 -13.57 -4.28
CA SER A 88 9.72 -14.06 -3.69
C SER A 88 8.94 -12.93 -3.03
N ASP A 89 7.72 -12.73 -3.50
CA ASP A 89 6.85 -11.69 -2.96
C ASP A 89 6.12 -12.21 -1.72
N LYS A 90 6.44 -11.63 -0.56
CA LYS A 90 5.81 -12.04 0.69
C LYS A 90 5.36 -10.82 1.49
N LEU A 91 5.30 -9.68 0.80
CA LEU A 91 4.87 -8.41 1.38
C LEU A 91 3.38 -8.44 1.70
N HIS A 92 2.96 -7.60 2.63
CA HIS A 92 1.56 -7.53 3.02
C HIS A 92 1.13 -6.08 3.20
N VAL A 93 -0.09 -5.77 2.80
CA VAL A 93 -0.61 -4.42 2.95
C VAL A 93 -1.26 -4.26 4.32
N ARG A 94 -0.89 -3.21 5.03
CA ARG A 94 -1.44 -2.94 6.35
C ARG A 94 -2.81 -2.30 6.24
N ASP A 95 -2.98 -1.48 5.22
CA ASP A 95 -4.23 -0.80 4.98
C ASP A 95 -5.10 -1.63 4.06
N ALA A 96 -6.37 -1.24 3.96
CA ALA A 96 -7.30 -1.95 3.11
C ALA A 96 -7.38 -1.27 1.75
N LYS A 97 -8.30 -1.71 0.92
CA LYS A 97 -8.46 -1.12 -0.40
C LYS A 97 -9.60 -0.11 -0.35
N GLU A 98 -9.66 0.76 -1.36
CA GLU A 98 -10.68 1.79 -1.47
C GLU A 98 -10.54 2.80 -0.34
N GLY A 99 -9.69 3.80 -0.57
CA GLY A 99 -9.44 4.81 0.43
C GLY A 99 -9.41 6.21 -0.16
N SER A 100 -8.92 7.17 0.61
CA SER A 100 -8.83 8.55 0.16
C SER A 100 -7.37 9.02 0.10
N VAL A 101 -7.15 10.12 -0.60
CA VAL A 101 -5.80 10.68 -0.74
C VAL A 101 -5.59 11.83 0.25
N LYS A 102 -4.33 12.11 0.57
CA LYS A 102 -3.98 13.17 1.51
C LYS A 102 -2.92 14.08 0.88
N GLY A 103 -2.79 15.30 1.42
CA GLY A 103 -1.80 16.22 0.88
C GLY A 103 -1.22 17.13 1.94
N TYR A 104 -0.83 18.34 1.54
CA TYR A 104 -0.24 19.32 2.45
C TYR A 104 -0.63 20.73 2.00
N ALA A 105 -0.76 21.64 2.96
CA ALA A 105 -1.12 23.02 2.66
C ALA A 105 -0.11 23.98 3.24
N GLY A 106 -0.40 25.27 3.13
CA GLY A 106 0.50 26.28 3.65
C GLY A 106 1.25 27.01 2.55
N ASP A 107 1.11 28.33 2.50
CA ASP A 107 1.77 29.16 1.51
C ASP A 107 2.07 30.52 2.12
N THR A 108 3.31 30.92 2.04
CA THR A 108 3.76 32.19 2.60
C THR A 108 3.26 33.38 1.76
N ALA A 109 2.86 33.15 0.51
CA ALA A 109 2.38 34.24 -0.35
C ALA A 109 1.25 35.01 0.31
N THR A 110 0.41 34.31 1.05
CA THR A 110 -0.70 34.94 1.75
C THR A 110 -0.16 35.96 2.75
N THR A 111 0.90 35.58 3.44
CA THR A 111 1.54 36.45 4.41
C THR A 111 2.24 37.60 3.69
N SER A 112 2.90 37.27 2.59
CA SER A 112 3.58 38.25 1.77
C SER A 112 2.65 39.41 1.37
N GLU A 113 1.49 39.09 0.78
CA GLU A 113 0.55 40.11 0.34
C GLU A 113 -0.19 40.75 1.50
N ILE A 114 -0.56 39.96 2.50
CA ILE A 114 -1.30 40.46 3.65
C ILE A 114 -0.54 41.63 4.29
N LYS A 115 0.79 41.54 4.25
CA LYS A 115 1.63 42.59 4.83
C LYS A 115 1.54 43.85 4.00
N ALA A 116 1.60 43.68 2.69
CA ALA A 116 1.56 44.78 1.75
C ALA A 116 0.22 45.52 1.82
N LYS A 117 -0.81 44.84 2.28
CA LYS A 117 -2.12 45.46 2.39
C LYS A 117 -2.23 46.19 3.73
N LEU A 118 -1.82 45.51 4.79
CA LEU A 118 -1.89 46.06 6.15
C LEU A 118 -1.03 47.31 6.31
N LEU A 119 0.12 47.34 5.67
CA LEU A 119 1.00 48.50 5.78
C LEU A 119 0.52 49.62 4.90
N ALA A 120 -0.28 49.27 3.91
CA ALA A 120 -0.79 50.24 2.98
C ALA A 120 -2.02 50.95 3.50
N ASP A 121 -2.63 50.41 4.55
CA ASP A 121 -3.83 51.00 5.14
C ASP A 121 -3.44 52.27 5.93
N ASP A 122 -4.41 53.13 6.20
CA ASP A 122 -4.17 54.40 6.89
C ASP A 122 -4.21 54.25 8.40
N ILE A 123 -4.82 53.17 8.89
CA ILE A 123 -4.93 52.99 10.33
C ILE A 123 -4.18 51.75 10.83
N VAL A 124 -4.27 50.64 10.11
CA VAL A 124 -3.59 49.41 10.52
C VAL A 124 -2.08 49.62 10.68
N PRO A 125 -1.59 49.61 11.94
CA PRO A 125 -0.16 49.78 12.21
C PRO A 125 0.62 48.49 12.01
N SER A 126 0.81 48.09 10.75
CA SER A 126 1.54 46.87 10.43
C SER A 126 3.01 46.97 10.83
N ARG A 127 3.44 48.16 11.25
CA ARG A 127 4.82 48.36 11.66
C ARG A 127 5.02 47.81 13.07
N HIS A 128 3.91 47.63 13.78
CA HIS A 128 3.95 47.11 15.15
C HIS A 128 3.23 45.77 15.22
N VAL A 129 2.44 45.47 14.19
CA VAL A 129 1.68 44.24 14.13
C VAL A 129 2.27 43.28 13.12
N LYS A 130 2.58 42.08 13.57
CA LYS A 130 3.16 41.06 12.72
C LYS A 130 2.09 40.08 12.29
N VAL A 131 2.25 39.54 11.10
CA VAL A 131 1.30 38.59 10.57
C VAL A 131 2.02 37.43 9.93
N GLU A 132 1.52 36.24 10.21
CA GLU A 132 2.08 35.02 9.66
C GLU A 132 0.95 34.03 9.40
N THR A 133 1.08 33.23 8.36
CA THR A 133 0.05 32.26 8.02
C THR A 133 0.54 30.83 8.21
N THR A 134 -0.34 29.99 8.73
CA THR A 134 -0.03 28.58 8.96
C THR A 134 -1.18 27.71 8.46
N ASP A 135 -0.92 26.94 7.41
CA ASP A 135 -1.93 26.04 6.81
C ASP A 135 -3.13 26.83 6.29
N GLY A 136 -2.94 28.12 6.04
CA GLY A 136 -4.01 28.95 5.54
C GLY A 136 -4.61 29.82 6.62
N VAL A 137 -4.12 29.65 7.83
CA VAL A 137 -4.60 30.43 8.96
C VAL A 137 -3.74 31.68 9.11
N VAL A 138 -4.31 32.84 8.86
CA VAL A 138 -3.59 34.10 8.98
C VAL A 138 -3.66 34.59 10.42
N GLN A 139 -2.51 34.72 11.04
CA GLN A 139 -2.40 35.16 12.41
C GLN A 139 -1.80 36.56 12.48
N LEU A 140 -2.42 37.43 13.27
CA LEU A 140 -1.94 38.79 13.44
C LEU A 140 -1.62 39.04 14.90
N SER A 141 -0.35 39.25 15.21
CA SER A 141 0.07 39.47 16.59
C SER A 141 0.83 40.79 16.72
N GLY A 142 0.55 41.55 17.76
CA GLY A 142 1.23 42.79 17.96
C GLY A 142 0.45 43.72 18.85
N THR A 143 0.43 44.99 18.51
CA THR A 143 -0.28 45.97 19.29
C THR A 143 -0.78 47.11 18.42
N VAL A 144 -2.01 47.54 18.66
CA VAL A 144 -2.61 48.63 17.92
C VAL A 144 -3.12 49.69 18.87
N ASP A 145 -3.52 50.82 18.31
CA ASP A 145 -4.05 51.92 19.12
C ASP A 145 -5.44 51.58 19.64
N SER A 146 -6.33 51.18 18.73
CA SER A 146 -7.71 50.90 19.11
C SER A 146 -8.29 49.75 18.30
N GLN A 147 -9.49 49.36 18.67
CA GLN A 147 -10.18 48.25 18.02
C GLN A 147 -10.45 48.54 16.54
N ALA A 148 -10.57 49.82 16.19
CA ALA A 148 -10.82 50.23 14.81
C ALA A 148 -9.70 49.75 13.88
N GLN A 149 -8.46 49.88 14.34
CA GLN A 149 -7.32 49.47 13.56
C GLN A 149 -7.16 47.96 13.62
N SER A 150 -7.66 47.38 14.70
CA SER A 150 -7.61 45.94 14.90
C SER A 150 -8.53 45.21 13.91
N ASP A 151 -9.79 45.67 13.83
CA ASP A 151 -10.78 45.05 12.93
C ASP A 151 -10.31 45.10 11.48
N ARG A 152 -9.88 46.28 11.03
CA ARG A 152 -9.41 46.45 9.65
C ARG A 152 -8.35 45.42 9.31
N ALA A 153 -7.36 45.27 10.20
CA ALA A 153 -6.30 44.28 10.00
C ALA A 153 -6.89 42.91 9.67
N GLU A 154 -7.79 42.43 10.51
CA GLU A 154 -8.45 41.14 10.29
C GLU A 154 -9.30 41.19 9.03
N SER A 155 -10.01 42.29 8.86
CA SER A 155 -10.88 42.50 7.71
C SER A 155 -10.13 42.24 6.41
N ILE A 156 -8.90 42.73 6.33
CA ILE A 156 -8.09 42.56 5.14
C ILE A 156 -7.44 41.18 5.13
N ALA A 157 -7.18 40.63 6.31
CA ALA A 157 -6.55 39.32 6.44
C ALA A 157 -7.42 38.22 5.81
N LYS A 158 -8.72 38.31 6.01
CA LYS A 158 -9.65 37.32 5.46
C LYS A 158 -10.05 37.70 4.03
N ALA A 159 -9.83 38.97 3.69
CA ALA A 159 -10.15 39.48 2.36
C ALA A 159 -9.21 38.91 1.29
N VAL A 160 -8.10 38.35 1.73
CA VAL A 160 -7.13 37.75 0.81
C VAL A 160 -7.51 36.30 0.53
N ASP A 161 -7.47 35.90 -0.74
CA ASP A 161 -7.83 34.54 -1.11
C ASP A 161 -6.72 33.57 -0.66
N GLY A 162 -7.12 32.35 -0.32
CA GLY A 162 -6.17 31.35 0.13
C GLY A 162 -6.18 31.17 1.64
N VAL A 163 -6.88 32.07 2.32
CA VAL A 163 -6.98 32.02 3.77
C VAL A 163 -8.20 31.23 4.19
N LYS A 164 -8.08 30.47 5.28
CA LYS A 164 -9.19 29.69 5.79
C LYS A 164 -9.71 30.25 7.10
N SER A 165 -8.83 30.86 7.87
CA SER A 165 -9.20 31.42 9.17
C SER A 165 -8.25 32.54 9.58
N VAL A 166 -8.72 33.43 10.43
CA VAL A 166 -7.91 34.54 10.92
C VAL A 166 -7.85 34.50 12.44
N LYS A 167 -6.71 34.89 12.98
CA LYS A 167 -6.52 34.90 14.43
C LYS A 167 -6.00 36.26 14.87
N ASN A 168 -6.90 37.08 15.37
CA ASN A 168 -6.56 38.42 15.85
C ASN A 168 -5.94 38.32 17.24
N ASP A 169 -4.62 38.39 17.29
CA ASP A 169 -3.88 38.31 18.55
C ASP A 169 -3.27 39.65 18.93
N LEU A 170 -3.43 40.64 18.05
CA LEU A 170 -2.91 41.98 18.30
C LEU A 170 -3.66 42.64 19.45
N LYS A 171 -2.90 43.13 20.42
CA LYS A 171 -3.47 43.78 21.59
C LYS A 171 -3.66 45.27 21.35
N THR A 172 -4.40 45.92 22.23
CA THR A 172 -4.63 47.34 22.10
C THR A 172 -3.80 48.09 23.13
N LYS A 173 -3.62 49.37 22.91
CA LYS A 173 -2.85 50.20 23.80
C LYS A 173 -3.77 51.18 24.54
N GLU A 1 61.71 -65.27 17.87
CA GLU A 1 61.66 -64.69 19.20
C GLU A 1 60.20 -64.41 19.59
N ASN A 2 60.00 -63.64 20.64
CA ASN A 2 58.66 -63.30 21.10
C ASN A 2 58.52 -61.78 21.17
N ASN A 3 59.48 -61.12 20.53
CA ASN A 3 59.55 -59.67 20.47
C ASN A 3 58.47 -59.09 19.56
N ALA A 4 58.33 -57.78 19.60
CA ALA A 4 57.35 -57.05 18.79
C ALA A 4 55.92 -57.48 19.11
N GLN A 5 55.50 -57.24 20.34
CA GLN A 5 54.17 -57.60 20.80
C GLN A 5 53.35 -56.36 21.13
N THR A 6 54.00 -55.42 21.81
CA THR A 6 53.36 -54.19 22.22
C THR A 6 53.16 -53.21 21.07
N THR A 7 51.91 -52.86 20.80
CA THR A 7 51.58 -51.91 19.76
C THR A 7 51.62 -50.50 20.34
N ASN A 8 52.07 -49.52 19.56
CA ASN A 8 52.17 -48.16 20.05
C ASN A 8 51.39 -47.21 19.15
N GLU A 9 50.20 -46.82 19.60
CA GLU A 9 49.35 -45.91 18.83
C GLU A 9 49.43 -44.50 19.39
N SER A 10 49.55 -43.53 18.49
CA SER A 10 49.63 -42.12 18.89
C SER A 10 49.35 -41.23 17.70
N ALA A 11 48.31 -40.41 17.79
CA ALA A 11 47.94 -39.51 16.71
C ALA A 11 47.15 -38.32 17.24
N GLY A 12 47.25 -37.19 16.56
CA GLY A 12 46.54 -35.99 16.98
C GLY A 12 47.09 -34.75 16.32
N GLN A 13 46.36 -33.65 16.41
CA GLN A 13 46.79 -32.38 15.83
C GLN A 13 46.55 -31.23 16.81
N LYS A 14 45.35 -31.18 17.39
CA LYS A 14 44.97 -30.16 18.37
C LYS A 14 44.93 -28.76 17.75
N VAL A 15 43.75 -28.34 17.31
CA VAL A 15 43.59 -27.02 16.71
C VAL A 15 42.85 -26.08 17.66
N ASP A 16 43.54 -25.63 18.71
CA ASP A 16 42.95 -24.70 19.68
C ASP A 16 42.84 -23.32 19.07
N SER A 17 41.66 -23.00 18.60
CA SER A 17 41.44 -21.70 18.00
C SER A 17 40.68 -20.79 18.94
N SER A 18 39.45 -21.17 19.27
CA SER A 18 38.58 -20.39 20.15
C SER A 18 38.12 -19.11 19.46
N MET A 19 37.21 -18.39 20.11
CA MET A 19 36.65 -17.15 19.58
C MET A 19 36.10 -17.34 18.16
N ASN A 20 35.17 -18.29 18.04
CA ASN A 20 34.55 -18.59 16.76
C ASN A 20 33.47 -17.56 16.42
N LYS A 21 32.98 -17.61 15.21
CA LYS A 21 31.95 -16.70 14.76
C LYS A 21 30.95 -17.40 13.86
N VAL A 22 29.68 -17.04 13.98
CA VAL A 22 28.63 -17.63 13.16
C VAL A 22 28.62 -17.00 11.78
N GLY A 23 29.44 -17.51 10.89
CA GLY A 23 29.49 -16.99 9.54
C GLY A 23 30.90 -16.60 9.13
N ASN A 24 31.07 -16.27 7.85
CA ASN A 24 32.36 -15.87 7.31
C ASN A 24 32.17 -15.29 5.91
N PHE A 25 31.61 -16.09 5.01
CA PHE A 25 31.35 -15.66 3.65
C PHE A 25 29.96 -15.04 3.55
N MET A 26 29.74 -14.23 2.52
CA MET A 26 28.46 -13.55 2.33
C MET A 26 27.63 -14.19 1.22
N ASP A 27 28.06 -14.00 -0.02
CA ASP A 27 27.38 -14.55 -1.20
C ASP A 27 25.93 -14.05 -1.31
N ASP A 28 24.94 -14.86 -0.91
CA ASP A 28 23.54 -14.47 -1.00
C ASP A 28 23.31 -13.19 -0.24
N SER A 29 23.89 -13.13 0.93
CA SER A 29 23.75 -11.97 1.79
C SER A 29 24.33 -10.73 1.13
N ALA A 30 25.32 -10.92 0.28
CA ALA A 30 25.95 -9.81 -0.42
C ALA A 30 24.99 -9.19 -1.44
N ILE A 31 23.94 -9.94 -1.80
CA ILE A 31 22.96 -9.46 -2.75
C ILE A 31 21.99 -8.50 -2.07
N THR A 32 21.70 -8.75 -0.80
CA THR A 32 20.79 -7.90 -0.05
C THR A 32 21.34 -6.47 0.04
N ALA A 33 22.66 -6.36 0.03
CA ALA A 33 23.34 -5.07 0.12
C ALA A 33 22.93 -4.13 -1.01
N LYS A 34 22.61 -4.69 -2.17
CA LYS A 34 22.21 -3.88 -3.31
C LYS A 34 20.71 -3.65 -3.29
N VAL A 35 20.00 -4.75 -3.12
CA VAL A 35 18.53 -4.74 -3.09
C VAL A 35 17.96 -3.66 -2.17
N LYS A 36 18.56 -3.49 -0.99
CA LYS A 36 18.07 -2.49 -0.05
C LYS A 36 18.26 -1.06 -0.58
N ALA A 37 19.18 -0.91 -1.51
CA ALA A 37 19.45 0.40 -2.10
C ALA A 37 18.50 0.64 -3.27
N ALA A 38 18.13 -0.44 -3.94
CA ALA A 38 17.23 -0.36 -5.08
C ALA A 38 15.82 0.00 -4.62
N LEU A 39 15.47 -0.44 -3.42
CA LEU A 39 14.17 -0.16 -2.86
C LEU A 39 14.07 1.25 -2.30
N VAL A 40 15.13 1.70 -1.63
CA VAL A 40 15.13 3.05 -1.04
C VAL A 40 15.23 4.12 -2.13
N ASP A 41 15.79 3.74 -3.27
CA ASP A 41 15.91 4.64 -4.42
C ASP A 41 14.52 5.11 -4.82
N HIS A 42 13.59 4.18 -4.79
CA HIS A 42 12.23 4.46 -5.17
C HIS A 42 11.45 5.06 -4.01
N ASP A 43 11.14 6.35 -4.12
CA ASP A 43 10.37 7.07 -3.10
C ASP A 43 8.99 6.42 -2.88
N ASN A 44 8.42 5.88 -3.95
CA ASN A 44 7.12 5.23 -3.91
C ASN A 44 7.14 3.90 -3.16
N ILE A 45 8.32 3.50 -2.67
CA ILE A 45 8.45 2.26 -1.93
C ILE A 45 9.02 2.53 -0.55
N LYS A 46 8.22 2.27 0.47
CA LYS A 46 8.63 2.49 1.85
C LYS A 46 9.41 1.28 2.36
N SER A 47 10.72 1.32 2.17
CA SER A 47 11.59 0.22 2.60
C SER A 47 11.75 0.20 4.12
N THR A 48 11.22 1.21 4.80
CA THR A 48 11.30 1.29 6.25
C THR A 48 10.54 0.14 6.91
N ASP A 49 9.47 -0.29 6.26
CA ASP A 49 8.63 -1.38 6.76
C ASP A 49 8.85 -2.64 5.94
N ILE A 50 9.95 -2.68 5.20
CA ILE A 50 10.26 -3.82 4.36
C ILE A 50 11.53 -4.51 4.80
N SER A 51 11.40 -5.78 5.12
CA SER A 51 12.53 -6.60 5.54
C SER A 51 13.10 -7.33 4.33
N VAL A 52 14.36 -7.06 4.02
CA VAL A 52 15.02 -7.69 2.89
C VAL A 52 15.86 -8.88 3.37
N LYS A 53 15.86 -9.95 2.59
CA LYS A 53 16.63 -11.13 2.93
C LYS A 53 16.85 -12.00 1.69
N THR A 54 18.07 -12.47 1.51
CA THR A 54 18.40 -13.34 0.39
C THR A 54 18.74 -14.73 0.88
N ASP A 55 17.98 -15.71 0.41
CA ASP A 55 18.17 -17.10 0.78
C ASP A 55 18.37 -17.92 -0.47
N GLN A 56 19.61 -18.36 -0.65
CA GLN A 56 20.00 -19.16 -1.79
C GLN A 56 19.67 -18.44 -3.11
N LYS A 57 20.28 -17.27 -3.27
CA LYS A 57 20.11 -16.41 -4.44
C LYS A 57 18.65 -15.97 -4.65
N VAL A 58 17.82 -16.22 -3.65
CA VAL A 58 16.41 -15.85 -3.72
C VAL A 58 16.13 -14.74 -2.71
N VAL A 59 15.74 -13.58 -3.21
CA VAL A 59 15.45 -12.44 -2.35
C VAL A 59 13.97 -12.41 -1.97
N THR A 60 13.71 -12.44 -0.67
CA THR A 60 12.35 -12.42 -0.18
C THR A 60 12.00 -11.03 0.35
N LEU A 61 10.93 -10.45 -0.17
CA LEU A 61 10.49 -9.14 0.27
C LEU A 61 9.29 -9.31 1.17
N SER A 62 9.48 -9.05 2.45
CA SER A 62 8.41 -9.20 3.41
C SER A 62 8.29 -7.97 4.28
N GLY A 63 7.07 -7.53 4.52
CA GLY A 63 6.83 -6.37 5.33
C GLY A 63 5.43 -5.85 5.12
N PHE A 64 5.20 -4.61 5.46
CA PHE A 64 3.88 -4.02 5.30
C PHE A 64 3.93 -2.85 4.33
N VAL A 65 3.16 -2.96 3.27
CA VAL A 65 3.11 -1.94 2.25
C VAL A 65 1.77 -1.22 2.29
N GLU A 66 1.66 -0.14 1.53
CA GLU A 66 0.44 0.63 1.50
C GLU A 66 -0.60 0.00 0.59
N SER A 67 -0.15 -0.45 -0.57
CA SER A 67 -1.05 -1.06 -1.53
C SER A 67 -0.39 -2.27 -2.20
N GLN A 68 -1.15 -2.94 -3.05
CA GLN A 68 -0.65 -4.11 -3.77
C GLN A 68 0.43 -3.68 -4.76
N ALA A 69 0.23 -2.50 -5.36
CA ALA A 69 1.17 -1.97 -6.34
C ALA A 69 2.52 -1.67 -5.71
N GLN A 70 2.51 -1.26 -4.45
CA GLN A 70 3.73 -0.95 -3.74
C GLN A 70 4.56 -2.20 -3.51
N ALA A 71 3.87 -3.30 -3.29
CA ALA A 71 4.52 -4.59 -3.06
C ALA A 71 5.08 -5.16 -4.35
N GLU A 72 4.29 -5.14 -5.41
CA GLU A 72 4.74 -5.69 -6.69
C GLU A 72 5.86 -4.82 -7.28
N GLU A 73 5.92 -3.56 -6.86
CA GLU A 73 6.95 -2.67 -7.33
C GLU A 73 8.27 -3.02 -6.67
N ALA A 74 8.21 -3.33 -5.39
CA ALA A 74 9.39 -3.67 -4.61
C ALA A 74 10.10 -4.89 -5.18
N VAL A 75 9.36 -5.97 -5.42
CA VAL A 75 9.97 -7.19 -5.95
C VAL A 75 10.41 -7.02 -7.39
N LYS A 76 9.79 -6.09 -8.10
CA LYS A 76 10.14 -5.83 -9.48
C LYS A 76 11.51 -5.16 -9.53
N VAL A 77 11.73 -4.23 -8.62
CA VAL A 77 13.01 -3.53 -8.56
C VAL A 77 14.08 -4.49 -8.03
N ALA A 78 13.69 -5.33 -7.07
CA ALA A 78 14.59 -6.30 -6.49
C ALA A 78 15.07 -7.29 -7.55
N LYS A 79 14.18 -7.64 -8.47
CA LYS A 79 14.51 -8.56 -9.55
C LYS A 79 15.48 -7.93 -10.55
N GLY A 80 15.69 -6.63 -10.41
CA GLY A 80 16.60 -5.93 -11.30
C GLY A 80 18.03 -5.91 -10.77
N VAL A 81 18.20 -6.35 -9.54
CA VAL A 81 19.52 -6.39 -8.93
C VAL A 81 20.36 -7.55 -9.47
N GLU A 82 21.59 -7.25 -9.87
CA GLU A 82 22.49 -8.28 -10.39
C GLU A 82 22.86 -9.26 -9.28
N GLY A 83 22.63 -10.55 -9.53
CA GLY A 83 22.97 -11.56 -8.56
C GLY A 83 21.77 -12.38 -8.12
N VAL A 84 20.61 -11.76 -8.05
CA VAL A 84 19.40 -12.45 -7.63
C VAL A 84 18.90 -13.38 -8.73
N THR A 85 18.63 -14.61 -8.37
CA THR A 85 18.12 -15.58 -9.33
C THR A 85 16.59 -15.58 -9.32
N SER A 86 16.00 -15.38 -8.15
CA SER A 86 14.56 -15.36 -8.02
C SER A 86 14.14 -14.48 -6.86
N VAL A 87 12.98 -13.85 -6.96
CA VAL A 87 12.48 -12.99 -5.90
C VAL A 87 11.12 -13.47 -5.40
N SER A 88 10.91 -13.42 -4.09
CA SER A 88 9.66 -13.85 -3.48
C SER A 88 8.95 -12.67 -2.83
N ASP A 89 7.69 -12.48 -3.19
CA ASP A 89 6.89 -11.40 -2.63
C ASP A 89 6.08 -11.90 -1.44
N LYS A 90 6.42 -11.40 -0.25
CA LYS A 90 5.73 -11.76 0.97
C LYS A 90 5.20 -10.51 1.64
N LEU A 91 5.31 -9.38 0.94
CA LEU A 91 4.83 -8.10 1.43
C LEU A 91 3.31 -8.12 1.54
N HIS A 92 2.79 -7.53 2.61
CA HIS A 92 1.36 -7.50 2.80
C HIS A 92 0.85 -6.08 2.97
N VAL A 93 -0.33 -5.84 2.43
CA VAL A 93 -0.96 -4.53 2.53
C VAL A 93 -1.45 -4.30 3.95
N ARG A 94 -1.23 -3.10 4.47
CA ARG A 94 -1.66 -2.75 5.82
C ARG A 94 -3.00 -2.03 5.80
N ASP A 95 -3.33 -1.47 4.66
CA ASP A 95 -4.57 -0.74 4.49
C ASP A 95 -5.69 -1.66 4.05
N ALA A 96 -6.92 -1.15 4.09
CA ALA A 96 -8.09 -1.90 3.68
C ALA A 96 -8.38 -1.63 2.20
N LYS A 97 -7.41 -0.96 1.56
CA LYS A 97 -7.49 -0.59 0.16
C LYS A 97 -8.44 0.59 -0.02
N GLU A 98 -8.52 1.41 1.02
CA GLU A 98 -9.38 2.58 1.01
C GLU A 98 -8.60 3.78 0.46
N GLY A 99 -9.07 4.97 0.76
CA GLY A 99 -8.38 6.15 0.28
C GLY A 99 -9.27 7.07 -0.52
N SER A 100 -9.24 8.35 -0.17
CA SER A 100 -10.03 9.35 -0.85
C SER A 100 -9.42 10.73 -0.64
N VAL A 101 -9.69 11.64 -1.56
CA VAL A 101 -9.16 12.99 -1.46
C VAL A 101 -10.22 13.94 -0.93
N LYS A 102 -9.80 14.98 -0.24
CA LYS A 102 -10.73 15.94 0.33
C LYS A 102 -10.32 17.36 0.00
N GLY A 103 -11.32 18.20 -0.27
CA GLY A 103 -11.09 19.59 -0.57
C GLY A 103 -12.15 20.45 0.07
N TYR A 104 -11.80 21.68 0.42
CA TYR A 104 -12.76 22.57 1.05
C TYR A 104 -12.29 24.02 0.96
N ALA A 105 -13.17 24.90 0.49
CA ALA A 105 -12.84 26.31 0.37
C ALA A 105 -13.40 27.08 1.57
N GLY A 106 -12.64 27.12 2.65
CA GLY A 106 -13.09 27.81 3.85
C GLY A 106 -12.15 27.60 5.02
N ASP A 107 -11.31 28.59 5.29
CA ASP A 107 -10.35 28.52 6.38
C ASP A 107 -10.80 29.39 7.56
N THR A 108 -12.03 29.15 8.01
CA THR A 108 -12.64 29.90 9.12
C THR A 108 -11.73 30.02 10.35
N ALA A 109 -10.73 29.17 10.45
CA ALA A 109 -9.79 29.20 11.57
C ALA A 109 -9.07 30.55 11.62
N THR A 110 -8.72 31.07 10.44
CA THR A 110 -8.04 32.35 10.34
C THR A 110 -8.93 33.46 10.87
N THR A 111 -10.22 33.38 10.53
CA THR A 111 -11.20 34.34 10.98
C THR A 111 -11.32 34.31 12.51
N SER A 112 -11.24 33.10 13.06
CA SER A 112 -11.35 32.91 14.49
C SER A 112 -10.25 33.63 15.28
N GLU A 113 -9.01 33.51 14.86
CA GLU A 113 -7.92 34.15 15.59
C GLU A 113 -7.80 35.63 15.21
N ILE A 114 -7.86 35.91 13.91
CA ILE A 114 -7.74 37.28 13.42
C ILE A 114 -8.70 38.22 14.14
N LYS A 115 -9.88 37.73 14.49
CA LYS A 115 -10.86 38.57 15.17
C LYS A 115 -10.44 38.82 16.61
N ALA A 116 -9.83 37.81 17.22
CA ALA A 116 -9.36 37.92 18.59
C ALA A 116 -8.22 38.93 18.69
N LYS A 117 -7.45 39.06 17.61
CA LYS A 117 -6.34 40.01 17.58
C LYS A 117 -6.85 41.42 17.43
N LEU A 118 -7.87 41.59 16.59
CA LEU A 118 -8.47 42.89 16.33
C LEU A 118 -9.27 43.35 17.53
N LEU A 119 -9.81 42.39 18.27
CA LEU A 119 -10.60 42.65 19.45
C LEU A 119 -9.70 43.09 20.60
N ALA A 120 -8.51 42.52 20.63
CA ALA A 120 -7.54 42.81 21.68
C ALA A 120 -6.78 44.12 21.46
N ASP A 121 -6.85 44.68 20.26
CA ASP A 121 -6.15 45.93 19.97
C ASP A 121 -6.90 47.12 20.61
N ASP A 122 -6.17 48.19 20.90
CA ASP A 122 -6.75 49.36 21.57
C ASP A 122 -7.42 50.34 20.60
N ILE A 123 -7.12 50.24 19.32
CA ILE A 123 -7.71 51.19 18.37
C ILE A 123 -8.66 50.53 17.38
N VAL A 124 -8.31 49.34 16.91
CA VAL A 124 -9.15 48.62 15.96
C VAL A 124 -10.54 48.35 16.54
N PRO A 125 -11.56 49.04 16.04
CA PRO A 125 -12.92 48.86 16.50
C PRO A 125 -13.57 47.60 15.91
N SER A 126 -13.08 46.43 16.33
CA SER A 126 -13.61 45.16 15.86
C SER A 126 -15.05 44.95 16.32
N ARG A 127 -15.53 45.85 17.17
CA ARG A 127 -16.89 45.77 17.67
C ARG A 127 -17.87 46.21 16.58
N HIS A 128 -17.37 46.95 15.60
CA HIS A 128 -18.20 47.43 14.50
C HIS A 128 -17.69 46.87 13.18
N VAL A 129 -16.46 46.37 13.19
CA VAL A 129 -15.84 45.81 12.00
C VAL A 129 -15.80 44.29 12.09
N LYS A 130 -16.20 43.64 11.01
CA LYS A 130 -16.21 42.19 10.96
C LYS A 130 -15.14 41.72 10.00
N VAL A 131 -14.67 40.50 10.21
CA VAL A 131 -13.65 39.92 9.35
C VAL A 131 -14.01 38.51 8.98
N GLU A 132 -13.82 38.18 7.72
CA GLU A 132 -14.11 36.85 7.22
C GLU A 132 -13.03 36.46 6.21
N THR A 133 -12.61 35.22 6.28
CA THR A 133 -11.57 34.73 5.38
C THR A 133 -12.17 33.74 4.38
N THR A 134 -11.67 33.80 3.17
CA THR A 134 -12.11 32.92 2.11
C THR A 134 -10.93 32.34 1.37
N ASP A 135 -10.61 31.07 1.68
CA ASP A 135 -9.49 30.38 1.04
C ASP A 135 -8.16 31.05 1.41
N GLY A 136 -8.12 31.65 2.59
CA GLY A 136 -6.91 32.29 3.07
C GLY A 136 -6.93 33.78 2.79
N VAL A 137 -8.01 34.24 2.19
CA VAL A 137 -8.16 35.65 1.89
C VAL A 137 -8.95 36.34 3.00
N VAL A 138 -8.25 37.10 3.82
CA VAL A 138 -8.89 37.80 4.93
C VAL A 138 -9.54 39.10 4.45
N GLN A 139 -10.84 39.20 4.64
CA GLN A 139 -11.59 40.38 4.24
C GLN A 139 -12.12 41.08 5.48
N LEU A 140 -11.95 42.40 5.54
CA LEU A 140 -12.43 43.17 6.67
C LEU A 140 -13.51 44.14 6.22
N SER A 141 -14.72 44.00 6.75
CA SER A 141 -15.82 44.85 6.36
C SER A 141 -16.46 45.50 7.59
N GLY A 142 -16.74 46.79 7.50
CA GLY A 142 -17.35 47.48 8.61
C GLY A 142 -17.11 48.97 8.55
N THR A 143 -16.83 49.56 9.69
CA THR A 143 -16.58 50.99 9.77
C THR A 143 -15.63 51.31 10.92
N VAL A 144 -14.69 52.22 10.68
CA VAL A 144 -13.73 52.63 11.67
C VAL A 144 -13.79 54.13 11.85
N ASP A 145 -13.09 54.65 12.83
CA ASP A 145 -13.11 56.09 13.08
C ASP A 145 -12.06 56.81 12.23
N SER A 146 -10.93 56.16 11.98
CA SER A 146 -9.87 56.78 11.21
C SER A 146 -9.06 55.75 10.44
N GLN A 147 -8.21 56.24 9.53
CA GLN A 147 -7.36 55.37 8.71
C GLN A 147 -6.34 54.62 9.55
N ALA A 148 -5.97 55.21 10.68
CA ALA A 148 -4.99 54.60 11.59
C ALA A 148 -5.51 53.27 12.13
N GLN A 149 -6.77 53.28 12.57
CA GLN A 149 -7.41 52.10 13.12
C GLN A 149 -7.75 51.13 12.00
N SER A 150 -7.86 51.67 10.79
CA SER A 150 -8.17 50.88 9.62
C SER A 150 -6.96 50.04 9.19
N ASP A 151 -5.78 50.66 9.08
CA ASP A 151 -4.58 49.94 8.68
C ASP A 151 -4.22 48.87 9.70
N ARG A 152 -4.25 49.22 10.98
CA ARG A 152 -3.90 48.26 12.03
C ARG A 152 -4.66 46.96 11.84
N ALA A 153 -5.98 47.06 11.69
CA ALA A 153 -6.83 45.90 11.47
C ALA A 153 -6.26 45.02 10.37
N GLU A 154 -5.89 45.64 9.26
CA GLU A 154 -5.33 44.92 8.12
C GLU A 154 -3.90 44.47 8.40
N SER A 155 -3.11 45.34 9.01
CA SER A 155 -1.73 45.02 9.33
C SER A 155 -1.63 43.74 10.14
N ILE A 156 -2.63 43.50 10.99
CA ILE A 156 -2.69 42.30 11.80
C ILE A 156 -3.25 41.14 10.99
N ALA A 157 -4.12 41.45 10.03
CA ALA A 157 -4.74 40.45 9.17
C ALA A 157 -3.69 39.68 8.37
N LYS A 158 -2.79 40.42 7.69
CA LYS A 158 -1.74 39.78 6.90
C LYS A 158 -0.65 39.24 7.81
N ALA A 159 -0.74 39.59 9.08
CA ALA A 159 0.23 39.14 10.08
C ALA A 159 -0.12 37.76 10.65
N VAL A 160 -1.30 37.24 10.31
CA VAL A 160 -1.71 35.93 10.79
C VAL A 160 -1.27 34.85 9.80
N ASP A 161 -0.55 33.85 10.30
CA ASP A 161 -0.04 32.77 9.46
C ASP A 161 -1.17 32.04 8.74
N GLY A 162 -1.01 31.85 7.42
CA GLY A 162 -2.02 31.16 6.64
C GLY A 162 -2.71 32.08 5.64
N VAL A 163 -2.63 33.37 5.87
CA VAL A 163 -3.27 34.34 4.98
C VAL A 163 -2.50 34.50 3.67
N LYS A 164 -3.24 34.58 2.57
CA LYS A 164 -2.62 34.76 1.26
C LYS A 164 -2.86 36.17 0.74
N SER A 165 -3.97 36.76 1.15
CA SER A 165 -4.32 38.12 0.75
C SER A 165 -5.30 38.73 1.74
N VAL A 166 -5.32 40.05 1.79
CA VAL A 166 -6.22 40.76 2.68
C VAL A 166 -6.93 41.88 1.93
N LYS A 167 -8.16 42.19 2.33
CA LYS A 167 -8.94 43.23 1.68
C LYS A 167 -9.57 44.17 2.71
N ASN A 168 -9.07 45.41 2.73
CA ASN A 168 -9.58 46.42 3.64
C ASN A 168 -10.82 47.09 3.05
N ASP A 169 -11.98 46.56 3.40
CA ASP A 169 -13.25 47.07 2.91
C ASP A 169 -13.97 47.93 3.95
N LEU A 170 -13.42 47.97 5.15
CA LEU A 170 -14.00 48.75 6.23
C LEU A 170 -13.97 50.24 5.88
N LYS A 171 -15.09 50.92 6.07
CA LYS A 171 -15.19 52.33 5.76
C LYS A 171 -14.85 53.19 6.98
N THR A 172 -14.57 54.47 6.76
CA THR A 172 -14.21 55.37 7.84
C THR A 172 -15.39 56.23 8.31
N LYS A 173 -15.19 56.91 9.43
CA LYS A 173 -16.22 57.79 9.99
C LYS A 173 -15.60 59.13 10.41
N GLU A 1 46.50 45.00 17.64
CA GLU A 1 45.21 44.49 17.20
C GLU A 1 45.34 43.04 16.74
N ASN A 2 44.31 42.55 16.05
CA ASN A 2 44.30 41.19 15.56
C ASN A 2 44.09 41.16 14.05
N ASN A 3 44.46 42.25 13.40
CA ASN A 3 44.30 42.36 11.95
C ASN A 3 45.53 41.81 11.23
N ALA A 4 45.30 41.04 10.19
CA ALA A 4 46.38 40.44 9.41
C ALA A 4 45.95 40.21 7.97
N GLN A 5 46.91 40.26 7.06
CA GLN A 5 46.64 40.05 5.63
C GLN A 5 46.88 38.60 5.27
N THR A 6 46.35 38.17 4.13
CA THR A 6 46.52 36.81 3.68
C THR A 6 46.39 36.72 2.16
N THR A 7 47.01 35.70 1.57
CA THR A 7 46.97 35.48 0.14
C THR A 7 47.39 34.05 -0.17
N ASN A 8 46.40 33.16 -0.26
CA ASN A 8 46.66 31.75 -0.54
C ASN A 8 45.36 31.09 -1.01
N GLU A 9 45.48 30.20 -1.99
CA GLU A 9 44.33 29.49 -2.53
C GLU A 9 44.41 28.01 -2.18
N SER A 10 43.33 27.28 -2.44
CA SER A 10 43.29 25.87 -2.13
C SER A 10 42.78 25.05 -3.33
N ALA A 11 43.09 23.76 -3.35
CA ALA A 11 42.68 22.89 -4.43
C ALA A 11 42.17 21.57 -3.87
N GLY A 12 41.58 20.74 -4.73
CA GLY A 12 41.05 19.46 -4.29
C GLY A 12 41.39 18.35 -5.27
N GLN A 13 41.52 17.14 -4.75
CA GLN A 13 41.85 15.97 -5.55
C GLN A 13 41.50 14.70 -4.79
N LYS A 14 41.57 13.56 -5.48
CA LYS A 14 41.27 12.28 -4.86
C LYS A 14 42.54 11.50 -4.57
N VAL A 15 42.84 11.30 -3.29
CA VAL A 15 44.04 10.56 -2.90
C VAL A 15 43.68 9.20 -2.30
N ASP A 16 42.48 9.11 -1.74
CA ASP A 16 42.04 7.87 -1.12
C ASP A 16 41.61 6.85 -2.15
N SER A 17 42.32 5.74 -2.18
CA SER A 17 42.04 4.65 -3.10
C SER A 17 42.48 3.32 -2.49
N SER A 18 42.63 3.32 -1.17
CA SER A 18 43.07 2.14 -0.45
C SER A 18 41.95 1.11 -0.31
N MET A 19 42.33 -0.16 -0.44
CA MET A 19 41.38 -1.27 -0.33
C MET A 19 41.87 -2.26 0.72
N ASN A 20 41.08 -3.30 0.97
CA ASN A 20 41.46 -4.31 1.96
C ASN A 20 40.76 -5.63 1.66
N LYS A 21 39.45 -5.67 1.88
CA LYS A 21 38.64 -6.86 1.62
C LYS A 21 39.07 -8.06 2.45
N VAL A 22 38.74 -8.04 3.73
CA VAL A 22 39.10 -9.15 4.61
C VAL A 22 37.89 -10.05 4.87
N GLY A 23 38.09 -11.35 4.72
CA GLY A 23 37.02 -12.29 4.95
C GLY A 23 36.20 -12.56 3.71
N ASN A 24 35.74 -13.79 3.55
CA ASN A 24 34.93 -14.17 2.39
C ASN A 24 33.78 -15.07 2.80
N PHE A 25 32.71 -14.46 3.29
CA PHE A 25 31.53 -15.20 3.72
C PHE A 25 30.26 -14.46 3.31
N MET A 26 30.40 -13.56 2.33
CA MET A 26 29.28 -12.78 1.84
C MET A 26 28.87 -13.21 0.44
N ASP A 27 27.84 -14.03 0.35
CA ASP A 27 27.35 -14.49 -0.95
C ASP A 27 25.93 -13.97 -1.20
N ASP A 28 24.92 -14.66 -0.67
CA ASP A 28 23.54 -14.22 -0.85
C ASP A 28 23.33 -12.94 -0.07
N SER A 29 24.07 -12.80 1.03
CA SER A 29 24.01 -11.61 1.85
C SER A 29 24.56 -10.42 1.06
N ALA A 30 25.44 -10.74 0.12
CA ALA A 30 26.08 -9.75 -0.72
C ALA A 30 25.10 -9.20 -1.76
N ILE A 31 24.00 -9.92 -1.96
CA ILE A 31 22.98 -9.50 -2.90
C ILE A 31 22.00 -8.54 -2.21
N THR A 32 21.62 -8.90 -0.98
CA THR A 32 20.69 -8.09 -0.18
C THR A 32 21.24 -6.68 0.02
N ALA A 33 22.55 -6.57 0.08
CA ALA A 33 23.23 -5.29 0.30
C ALA A 33 22.77 -4.22 -0.68
N LYS A 34 22.62 -4.58 -1.96
CA LYS A 34 22.20 -3.61 -2.97
C LYS A 34 20.68 -3.53 -3.08
N VAL A 35 20.01 -4.66 -2.85
CA VAL A 35 18.55 -4.72 -2.95
C VAL A 35 17.91 -3.69 -2.02
N LYS A 36 18.43 -3.57 -0.80
CA LYS A 36 17.89 -2.61 0.16
C LYS A 36 18.15 -1.18 -0.30
N ALA A 37 19.11 -1.00 -1.20
CA ALA A 37 19.43 0.32 -1.72
C ALA A 37 18.54 0.64 -2.91
N ALA A 38 18.17 -0.40 -3.66
CA ALA A 38 17.32 -0.25 -4.83
C ALA A 38 15.93 0.22 -4.42
N LEU A 39 15.52 -0.18 -3.22
CA LEU A 39 14.21 0.19 -2.71
C LEU A 39 14.18 1.65 -2.28
N VAL A 40 15.36 2.17 -1.92
CA VAL A 40 15.49 3.56 -1.50
C VAL A 40 15.41 4.49 -2.71
N ASP A 41 15.83 3.99 -3.86
CA ASP A 41 15.81 4.76 -5.11
C ASP A 41 14.37 5.14 -5.46
N HIS A 42 13.45 4.26 -5.13
CA HIS A 42 12.05 4.49 -5.41
C HIS A 42 11.35 5.20 -4.27
N ASP A 43 11.03 6.48 -4.49
CA ASP A 43 10.33 7.30 -3.50
C ASP A 43 8.94 6.76 -3.21
N ASN A 44 8.44 5.94 -4.13
CA ASN A 44 7.11 5.35 -4.00
C ASN A 44 7.15 4.05 -3.19
N ILE A 45 8.30 3.73 -2.62
CA ILE A 45 8.44 2.51 -1.84
C ILE A 45 8.98 2.80 -0.44
N LYS A 46 8.19 2.48 0.58
CA LYS A 46 8.60 2.68 1.96
C LYS A 46 9.38 1.47 2.44
N SER A 47 10.69 1.49 2.22
CA SER A 47 11.56 0.40 2.63
C SER A 47 11.64 0.29 4.15
N THR A 48 11.03 1.27 4.82
CA THR A 48 11.00 1.30 6.27
C THR A 48 10.18 0.15 6.84
N ASP A 49 9.24 -0.32 6.04
CA ASP A 49 8.37 -1.41 6.46
C ASP A 49 8.68 -2.67 5.68
N ILE A 50 9.84 -2.69 5.03
CA ILE A 50 10.23 -3.83 4.22
C ILE A 50 11.54 -4.44 4.68
N SER A 51 11.53 -5.75 4.81
CA SER A 51 12.71 -6.49 5.21
C SER A 51 13.21 -7.35 4.06
N VAL A 52 14.44 -7.10 3.62
CA VAL A 52 15.03 -7.85 2.52
C VAL A 52 15.93 -8.95 3.05
N LYS A 53 15.85 -10.12 2.42
CA LYS A 53 16.67 -11.26 2.81
C LYS A 53 16.88 -12.18 1.62
N THR A 54 18.13 -12.56 1.38
CA THR A 54 18.44 -13.45 0.29
C THR A 54 18.81 -14.84 0.82
N ASP A 55 18.13 -15.84 0.29
CA ASP A 55 18.34 -17.21 0.69
C ASP A 55 18.54 -18.05 -0.55
N GLN A 56 19.78 -18.47 -0.80
CA GLN A 56 20.12 -19.29 -1.95
C GLN A 56 19.77 -18.58 -3.25
N LYS A 57 20.31 -17.37 -3.43
CA LYS A 57 20.07 -16.56 -4.62
C LYS A 57 18.61 -16.12 -4.75
N VAL A 58 17.82 -16.33 -3.72
CA VAL A 58 16.42 -15.96 -3.75
C VAL A 58 16.15 -14.81 -2.77
N VAL A 59 15.78 -13.66 -3.31
CA VAL A 59 15.47 -12.50 -2.49
C VAL A 59 14.02 -12.50 -2.07
N THR A 60 13.77 -12.67 -0.79
CA THR A 60 12.42 -12.69 -0.25
C THR A 60 12.03 -11.30 0.25
N LEU A 61 10.91 -10.79 -0.26
CA LEU A 61 10.42 -9.49 0.14
C LEU A 61 9.29 -9.66 1.14
N SER A 62 9.53 -9.29 2.38
CA SER A 62 8.52 -9.41 3.41
C SER A 62 8.39 -8.13 4.22
N GLY A 63 7.15 -7.76 4.51
CA GLY A 63 6.91 -6.58 5.28
C GLY A 63 5.50 -6.06 5.10
N PHE A 64 5.34 -4.76 5.20
CA PHE A 64 4.03 -4.12 5.06
C PHE A 64 4.11 -2.93 4.12
N VAL A 65 3.20 -2.88 3.16
CA VAL A 65 3.17 -1.78 2.21
C VAL A 65 1.87 -1.00 2.31
N GLU A 66 1.78 0.10 1.56
CA GLU A 66 0.60 0.94 1.56
C GLU A 66 -0.51 0.30 0.72
N SER A 67 -0.11 -0.37 -0.35
CA SER A 67 -1.04 -1.03 -1.24
C SER A 67 -0.32 -2.07 -2.10
N GLN A 68 -1.09 -2.89 -2.81
CA GLN A 68 -0.52 -3.93 -3.66
C GLN A 68 0.45 -3.36 -4.70
N ALA A 69 0.06 -2.23 -5.29
CA ALA A 69 0.90 -1.57 -6.31
C ALA A 69 2.27 -1.19 -5.76
N GLN A 70 2.34 -1.04 -4.45
CA GLN A 70 3.58 -0.68 -3.80
C GLN A 70 4.46 -1.92 -3.60
N ALA A 71 3.83 -3.04 -3.29
CA ALA A 71 4.55 -4.29 -3.07
C ALA A 71 5.13 -4.83 -4.37
N GLU A 72 4.34 -4.78 -5.44
CA GLU A 72 4.77 -5.27 -6.74
C GLU A 72 5.95 -4.44 -7.25
N GLU A 73 6.10 -3.23 -6.71
CA GLU A 73 7.21 -2.35 -7.09
C GLU A 73 8.46 -2.76 -6.34
N ALA A 74 8.27 -3.23 -5.11
CA ALA A 74 9.38 -3.66 -4.28
C ALA A 74 10.03 -4.92 -4.85
N VAL A 75 9.21 -5.89 -5.21
CA VAL A 75 9.71 -7.15 -5.77
C VAL A 75 10.23 -6.94 -7.19
N LYS A 76 9.72 -5.89 -7.84
CA LYS A 76 10.10 -5.55 -9.20
C LYS A 76 11.53 -5.04 -9.24
N VAL A 77 11.79 -4.01 -8.45
CA VAL A 77 13.11 -3.40 -8.38
C VAL A 77 14.11 -4.37 -7.75
N ALA A 78 13.60 -5.30 -6.95
CA ALA A 78 14.44 -6.31 -6.31
C ALA A 78 14.99 -7.28 -7.34
N LYS A 79 14.15 -7.58 -8.33
CA LYS A 79 14.51 -8.50 -9.39
C LYS A 79 15.49 -7.84 -10.37
N GLY A 80 15.62 -6.52 -10.29
CA GLY A 80 16.53 -5.81 -11.16
C GLY A 80 17.96 -5.88 -10.69
N VAL A 81 18.15 -6.27 -9.43
CA VAL A 81 19.48 -6.40 -8.84
C VAL A 81 20.27 -7.56 -9.48
N GLU A 82 21.56 -7.33 -9.69
CA GLU A 82 22.41 -8.35 -10.29
C GLU A 82 22.84 -9.38 -9.25
N GLY A 83 22.56 -10.65 -9.55
CA GLY A 83 22.94 -11.72 -8.64
C GLY A 83 21.75 -12.52 -8.16
N VAL A 84 20.57 -11.92 -8.16
CA VAL A 84 19.37 -12.60 -7.72
C VAL A 84 18.87 -13.56 -8.80
N THR A 85 18.55 -14.77 -8.41
CA THR A 85 18.05 -15.77 -9.34
C THR A 85 16.53 -15.84 -9.30
N SER A 86 15.95 -15.58 -8.13
CA SER A 86 14.50 -15.59 -7.98
C SER A 86 14.07 -14.68 -6.83
N VAL A 87 12.86 -14.16 -6.92
CA VAL A 87 12.32 -13.28 -5.89
C VAL A 87 11.06 -13.89 -5.31
N SER A 88 10.90 -13.80 -3.99
CA SER A 88 9.74 -14.35 -3.32
C SER A 88 8.96 -13.24 -2.64
N ASP A 89 7.74 -13.01 -3.08
CA ASP A 89 6.92 -11.96 -2.50
C ASP A 89 6.18 -12.47 -1.29
N LYS A 90 6.45 -11.86 -0.15
CA LYS A 90 5.81 -12.19 1.10
C LYS A 90 5.33 -10.91 1.76
N LEU A 91 5.34 -9.84 0.98
CA LEU A 91 4.89 -8.53 1.42
C LEU A 91 3.40 -8.58 1.76
N HIS A 92 2.97 -7.68 2.61
CA HIS A 92 1.58 -7.64 3.01
C HIS A 92 1.06 -6.21 3.05
N VAL A 93 -0.12 -6.01 2.51
CA VAL A 93 -0.74 -4.70 2.49
C VAL A 93 -1.47 -4.47 3.82
N ARG A 94 -1.38 -3.26 4.35
CA ARG A 94 -2.03 -2.93 5.62
C ARG A 94 -3.20 -1.98 5.41
N ASP A 95 -3.03 -1.02 4.49
CA ASP A 95 -4.08 -0.04 4.22
C ASP A 95 -5.01 -0.50 3.12
N ALA A 96 -6.09 0.24 2.91
CA ALA A 96 -7.08 -0.08 1.89
C ALA A 96 -6.65 0.46 0.53
N LYS A 97 -7.48 0.26 -0.49
CA LYS A 97 -7.18 0.75 -1.83
C LYS A 97 -8.44 1.11 -2.58
N GLU A 98 -8.78 2.39 -2.58
CA GLU A 98 -9.98 2.88 -3.26
C GLU A 98 -9.64 4.08 -4.14
N GLY A 99 -10.67 4.72 -4.69
CA GLY A 99 -10.47 5.88 -5.54
C GLY A 99 -11.66 6.81 -5.52
N SER A 100 -11.49 7.97 -4.91
CA SER A 100 -12.56 8.96 -4.82
C SER A 100 -12.07 10.34 -5.26
N VAL A 101 -12.96 11.11 -5.86
CA VAL A 101 -12.65 12.46 -6.33
C VAL A 101 -13.92 13.29 -6.44
N LYS A 102 -13.80 14.61 -6.24
CA LYS A 102 -14.95 15.51 -6.31
C LYS A 102 -14.55 16.85 -6.90
N GLY A 103 -15.56 17.66 -7.21
CA GLY A 103 -15.33 18.97 -7.77
C GLY A 103 -16.42 19.94 -7.39
N TYR A 104 -16.22 21.23 -7.64
CA TYR A 104 -17.20 22.25 -7.31
C TYR A 104 -17.02 23.46 -8.22
N ALA A 105 -17.98 24.38 -8.17
CA ALA A 105 -17.94 25.58 -8.99
C ALA A 105 -18.71 26.71 -8.32
N GLY A 106 -18.73 27.87 -8.96
CA GLY A 106 -19.43 29.00 -8.41
C GLY A 106 -19.94 29.90 -9.53
N ASP A 107 -21.26 29.96 -9.67
CA ASP A 107 -21.90 30.76 -10.71
C ASP A 107 -21.56 32.24 -10.56
N THR A 108 -21.03 32.64 -9.40
CA THR A 108 -20.64 34.03 -9.16
C THR A 108 -19.71 34.54 -10.27
N ALA A 109 -19.04 33.59 -10.95
CA ALA A 109 -18.12 33.92 -12.04
C ALA A 109 -18.82 34.70 -13.14
N THR A 110 -20.08 34.36 -13.39
CA THR A 110 -20.87 35.04 -14.41
C THR A 110 -21.12 36.48 -13.99
N THR A 111 -21.34 36.68 -12.71
CA THR A 111 -21.60 38.00 -12.15
C THR A 111 -20.33 38.85 -12.17
N SER A 112 -19.19 38.23 -11.84
CA SER A 112 -17.92 38.93 -11.81
C SER A 112 -17.51 39.44 -13.20
N GLU A 113 -17.80 38.68 -14.24
CA GLU A 113 -17.44 39.09 -15.59
C GLU A 113 -18.49 40.02 -16.19
N ILE A 114 -19.78 39.70 -15.99
CA ILE A 114 -20.86 40.49 -16.54
C ILE A 114 -20.74 41.96 -16.14
N LYS A 115 -20.31 42.21 -14.91
CA LYS A 115 -20.16 43.59 -14.43
C LYS A 115 -19.03 44.30 -15.16
N ALA A 116 -17.99 43.55 -15.50
CA ALA A 116 -16.84 44.11 -16.20
C ALA A 116 -17.23 44.61 -17.59
N LYS A 117 -18.28 44.03 -18.16
CA LYS A 117 -18.74 44.46 -19.46
C LYS A 117 -19.74 45.61 -19.33
N LEU A 118 -20.65 45.50 -18.37
CA LEU A 118 -21.68 46.52 -18.13
C LEU A 118 -21.07 47.88 -17.75
N LEU A 119 -20.01 47.87 -16.96
CA LEU A 119 -19.38 49.11 -16.54
C LEU A 119 -18.56 49.71 -17.66
N ALA A 120 -18.19 48.86 -18.58
CA ALA A 120 -17.39 49.27 -19.71
C ALA A 120 -18.26 49.91 -20.79
N ASP A 121 -19.56 49.62 -20.76
CA ASP A 121 -20.52 50.18 -21.70
C ASP A 121 -20.53 51.70 -21.64
N ASP A 122 -20.98 52.31 -22.73
CA ASP A 122 -21.07 53.75 -22.82
C ASP A 122 -22.48 54.21 -22.45
N ILE A 123 -23.39 53.26 -22.37
CA ILE A 123 -24.79 53.56 -22.03
C ILE A 123 -25.26 52.83 -20.79
N VAL A 124 -25.03 51.51 -20.71
CA VAL A 124 -25.46 50.72 -19.56
C VAL A 124 -24.95 51.31 -18.25
N PRO A 125 -25.87 51.85 -17.44
CA PRO A 125 -25.53 52.45 -16.15
C PRO A 125 -25.29 51.39 -15.07
N SER A 126 -24.15 50.70 -15.16
CA SER A 126 -23.79 49.68 -14.19
C SER A 126 -23.66 50.27 -12.79
N ARG A 127 -23.63 51.60 -12.72
CA ARG A 127 -23.50 52.31 -11.46
C ARG A 127 -24.87 52.51 -10.80
N HIS A 128 -25.93 52.27 -11.56
CA HIS A 128 -27.27 52.43 -11.03
C HIS A 128 -28.03 51.10 -11.03
N VAL A 129 -27.55 50.15 -11.82
CA VAL A 129 -28.18 48.85 -11.89
C VAL A 129 -27.21 47.77 -11.41
N LYS A 130 -27.75 46.78 -10.71
CA LYS A 130 -26.96 45.70 -10.16
C LYS A 130 -27.30 44.40 -10.87
N VAL A 131 -26.34 43.50 -10.92
CA VAL A 131 -26.55 42.22 -11.56
C VAL A 131 -26.02 41.07 -10.69
N GLU A 132 -26.83 40.04 -10.55
CA GLU A 132 -26.49 38.87 -9.78
C GLU A 132 -26.97 37.62 -10.52
N THR A 133 -26.15 36.59 -10.56
CA THR A 133 -26.52 35.36 -11.24
C THR A 133 -26.72 34.24 -10.23
N THR A 134 -27.72 33.41 -10.48
CA THR A 134 -28.02 32.30 -9.61
C THR A 134 -28.24 31.02 -10.44
N ASP A 135 -27.31 30.08 -10.30
CA ASP A 135 -27.36 28.80 -11.02
C ASP A 135 -27.24 29.01 -12.53
N GLY A 136 -26.71 30.16 -12.92
CA GLY A 136 -26.54 30.46 -14.33
C GLY A 136 -27.57 31.45 -14.82
N VAL A 137 -28.48 31.84 -13.93
CA VAL A 137 -29.52 32.78 -14.27
C VAL A 137 -29.11 34.19 -13.90
N VAL A 138 -28.89 35.04 -14.90
CA VAL A 138 -28.48 36.41 -14.66
C VAL A 138 -29.69 37.30 -14.39
N GLN A 139 -29.66 37.98 -13.27
CA GLN A 139 -30.74 38.87 -12.88
C GLN A 139 -30.24 40.31 -12.79
N LEU A 140 -30.87 41.21 -13.51
CA LEU A 140 -30.48 42.63 -13.50
C LEU A 140 -31.54 43.46 -12.79
N SER A 141 -31.19 44.07 -11.67
CA SER A 141 -32.15 44.88 -10.91
C SER A 141 -31.58 46.27 -10.66
N GLY A 142 -32.41 47.29 -10.84
CA GLY A 142 -31.96 48.64 -10.63
C GLY A 142 -32.76 49.63 -11.44
N THR A 143 -32.10 50.61 -12.00
CA THR A 143 -32.77 51.61 -12.81
C THR A 143 -31.84 52.13 -13.90
N VAL A 144 -32.42 52.40 -15.06
CA VAL A 144 -31.68 52.92 -16.20
C VAL A 144 -32.29 54.22 -16.69
N ASP A 145 -31.61 54.88 -17.61
CA ASP A 145 -32.10 56.15 -18.15
C ASP A 145 -33.16 55.93 -19.23
N SER A 146 -32.98 54.90 -20.04
CA SER A 146 -33.90 54.60 -21.11
C SER A 146 -33.82 53.13 -21.49
N GLN A 147 -34.76 52.68 -22.32
CA GLN A 147 -34.83 51.29 -22.75
C GLN A 147 -33.57 50.89 -23.51
N ALA A 148 -32.99 51.82 -24.25
CA ALA A 148 -31.79 51.56 -25.03
C ALA A 148 -30.65 51.02 -24.16
N GLN A 149 -30.58 51.50 -22.93
CA GLN A 149 -29.55 51.08 -22.00
C GLN A 149 -29.96 49.79 -21.29
N SER A 150 -31.27 49.63 -21.14
CA SER A 150 -31.83 48.42 -20.50
C SER A 150 -31.58 47.20 -21.38
N ASP A 151 -31.95 47.33 -22.66
CA ASP A 151 -31.81 46.25 -23.63
C ASP A 151 -30.35 45.81 -23.76
N ARG A 152 -29.45 46.77 -23.90
CA ARG A 152 -28.03 46.47 -24.03
C ARG A 152 -27.54 45.61 -22.87
N ALA A 153 -27.85 46.04 -21.65
CA ALA A 153 -27.46 45.30 -20.44
C ALA A 153 -27.83 43.83 -20.55
N GLU A 154 -29.10 43.56 -20.87
CA GLU A 154 -29.58 42.20 -21.02
C GLU A 154 -28.88 41.50 -22.18
N SER A 155 -28.77 42.21 -23.30
CA SER A 155 -28.13 41.70 -24.50
C SER A 155 -26.72 41.17 -24.20
N ILE A 156 -26.03 41.82 -23.27
CA ILE A 156 -24.68 41.40 -22.91
C ILE A 156 -24.73 40.29 -21.86
N ALA A 157 -25.74 40.32 -20.99
CA ALA A 157 -25.90 39.32 -19.95
C ALA A 157 -26.05 37.94 -20.58
N LYS A 158 -26.90 37.85 -21.60
CA LYS A 158 -27.14 36.60 -22.31
C LYS A 158 -26.01 36.28 -23.28
N ALA A 159 -25.05 37.19 -23.39
CA ALA A 159 -23.92 37.00 -24.28
C ALA A 159 -22.70 36.48 -23.53
N VAL A 160 -22.86 36.23 -22.23
CA VAL A 160 -21.79 35.70 -21.42
C VAL A 160 -21.89 34.18 -21.33
N ASP A 161 -20.82 33.51 -21.73
CA ASP A 161 -20.76 32.06 -21.71
C ASP A 161 -21.03 31.50 -20.32
N GLY A 162 -22.05 30.67 -20.20
CA GLY A 162 -22.39 30.09 -18.92
C GLY A 162 -23.78 30.46 -18.46
N VAL A 163 -24.34 31.49 -19.07
CA VAL A 163 -25.67 31.95 -18.71
C VAL A 163 -26.75 31.06 -19.35
N LYS A 164 -27.74 30.68 -18.55
CA LYS A 164 -28.83 29.86 -19.05
C LYS A 164 -30.07 30.71 -19.29
N SER A 165 -30.24 31.75 -18.48
CA SER A 165 -31.38 32.65 -18.61
C SER A 165 -31.03 34.02 -18.03
N VAL A 166 -31.73 35.05 -18.48
CA VAL A 166 -31.52 36.40 -18.00
C VAL A 166 -32.88 37.02 -17.64
N LYS A 167 -32.89 37.89 -16.64
CA LYS A 167 -34.12 38.52 -16.20
C LYS A 167 -33.94 40.04 -16.06
N ASN A 168 -34.59 40.78 -16.95
CA ASN A 168 -34.52 42.23 -16.92
C ASN A 168 -35.50 42.78 -15.88
N ASP A 169 -34.98 42.99 -14.67
CA ASP A 169 -35.79 43.50 -13.57
C ASP A 169 -35.54 44.98 -13.36
N LEU A 170 -34.58 45.52 -14.10
CA LEU A 170 -34.25 46.92 -14.01
C LEU A 170 -35.36 47.77 -14.61
N LYS A 171 -35.63 48.90 -13.98
CA LYS A 171 -36.68 49.79 -14.45
C LYS A 171 -36.09 51.09 -14.99
N THR A 172 -36.91 51.87 -15.66
CA THR A 172 -36.47 53.15 -16.18
C THR A 172 -36.80 54.25 -15.19
N LYS A 173 -36.05 55.34 -15.24
CA LYS A 173 -36.28 56.47 -14.34
C LYS A 173 -37.54 57.24 -14.74
N GLU A 1 -0.26 -25.31 -29.82
CA GLU A 1 -0.58 -24.31 -30.83
C GLU A 1 0.41 -24.39 -32.00
N ASN A 2 0.45 -23.33 -32.80
CA ASN A 2 1.35 -23.28 -33.94
C ASN A 2 2.05 -21.93 -33.99
N ASN A 3 3.38 -21.96 -34.08
CA ASN A 3 4.18 -20.74 -34.13
C ASN A 3 5.63 -21.08 -34.40
N ALA A 4 6.31 -20.22 -35.15
CA ALA A 4 7.72 -20.41 -35.48
C ALA A 4 8.37 -19.07 -35.76
N GLN A 5 9.24 -18.66 -34.85
CA GLN A 5 9.94 -17.38 -34.99
C GLN A 5 11.26 -17.59 -35.73
N THR A 6 11.90 -16.49 -36.11
CA THR A 6 13.17 -16.56 -36.82
C THR A 6 14.06 -15.37 -36.43
N THR A 7 15.33 -15.66 -36.20
CA THR A 7 16.32 -14.65 -35.83
C THR A 7 17.71 -15.14 -36.21
N ASN A 8 18.64 -14.24 -36.41
CA ASN A 8 20.01 -14.62 -36.79
C ASN A 8 20.95 -13.43 -36.72
N GLU A 9 21.48 -13.16 -35.54
CA GLU A 9 22.41 -12.05 -35.35
C GLU A 9 23.75 -12.56 -34.84
N SER A 10 24.81 -11.90 -35.28
CA SER A 10 26.17 -12.26 -34.87
C SER A 10 27.04 -11.01 -34.82
N ALA A 11 27.03 -10.32 -33.69
CA ALA A 11 27.83 -9.12 -33.53
C ALA A 11 28.97 -9.35 -32.55
N GLY A 12 30.17 -8.94 -32.95
CA GLY A 12 31.33 -9.11 -32.09
C GLY A 12 32.13 -7.83 -31.96
N GLN A 13 31.91 -7.09 -30.89
CA GLN A 13 32.62 -5.84 -30.67
C GLN A 13 33.49 -5.96 -29.43
N LYS A 14 34.61 -5.24 -29.42
CA LYS A 14 35.52 -5.26 -28.30
C LYS A 14 35.01 -4.40 -27.16
N VAL A 15 34.84 -5.01 -25.99
CA VAL A 15 34.35 -4.29 -24.82
C VAL A 15 35.33 -4.43 -23.66
N ASP A 16 35.19 -3.55 -22.66
CA ASP A 16 36.05 -3.57 -21.49
C ASP A 16 35.45 -4.43 -20.41
N SER A 17 36.30 -5.05 -19.59
CA SER A 17 35.84 -5.93 -18.53
C SER A 17 36.88 -6.06 -17.42
N SER A 18 37.21 -4.95 -16.76
CA SER A 18 38.18 -4.96 -15.68
C SER A 18 37.49 -5.03 -14.30
N MET A 19 37.19 -6.23 -13.83
CA MET A 19 36.56 -6.42 -12.52
C MET A 19 36.99 -7.73 -11.89
N ASN A 20 38.05 -7.68 -11.09
CA ASN A 20 38.57 -8.87 -10.42
C ASN A 20 37.95 -8.99 -9.03
N LYS A 21 36.93 -9.83 -8.91
CA LYS A 21 36.26 -10.02 -7.63
C LYS A 21 35.63 -11.41 -7.57
N VAL A 22 35.93 -12.12 -6.50
CA VAL A 22 35.40 -13.47 -6.31
C VAL A 22 34.24 -13.46 -5.32
N GLY A 23 33.77 -14.65 -4.95
CA GLY A 23 32.67 -14.77 -4.01
C GLY A 23 33.00 -15.74 -2.89
N ASN A 24 33.21 -15.23 -1.68
CA ASN A 24 33.53 -16.07 -0.54
C ASN A 24 32.83 -15.55 0.72
N PHE A 25 32.13 -16.45 1.41
CA PHE A 25 31.40 -16.12 2.64
C PHE A 25 30.18 -15.24 2.36
N MET A 26 30.43 -14.00 2.00
CA MET A 26 29.37 -13.05 1.69
C MET A 26 28.85 -13.31 0.27
N ASP A 27 27.94 -14.25 0.16
CA ASP A 27 27.37 -14.63 -1.12
C ASP A 27 25.95 -14.08 -1.29
N ASP A 28 25.01 -14.65 -0.53
CA ASP A 28 23.61 -14.22 -0.59
C ASP A 28 23.46 -12.88 0.11
N SER A 29 24.14 -12.74 1.24
CA SER A 29 24.09 -11.50 2.01
C SER A 29 24.63 -10.33 1.19
N ALA A 30 25.50 -10.66 0.24
CA ALA A 30 26.11 -9.65 -0.62
C ALA A 30 25.10 -9.13 -1.64
N ILE A 31 24.03 -9.90 -1.84
CA ILE A 31 23.00 -9.51 -2.79
C ILE A 31 22.03 -8.53 -2.13
N THR A 32 21.74 -8.78 -0.86
CA THR A 32 20.84 -7.92 -0.09
C THR A 32 21.38 -6.49 -0.01
N ALA A 33 22.70 -6.38 -0.03
CA ALA A 33 23.38 -5.08 0.05
C ALA A 33 22.91 -4.13 -1.06
N LYS A 34 22.57 -4.69 -2.21
CA LYS A 34 22.10 -3.89 -3.33
C LYS A 34 20.62 -3.67 -3.24
N VAL A 35 19.92 -4.77 -3.07
CA VAL A 35 18.45 -4.78 -2.98
C VAL A 35 17.92 -3.74 -1.99
N LYS A 36 18.55 -3.62 -0.82
CA LYS A 36 18.09 -2.66 0.18
C LYS A 36 18.21 -1.22 -0.32
N ALA A 37 19.09 -1.00 -1.27
CA ALA A 37 19.29 0.32 -1.85
C ALA A 37 18.31 0.54 -2.98
N ALA A 38 18.07 -0.50 -3.76
CA ALA A 38 17.18 -0.43 -4.90
C ALA A 38 15.75 -0.10 -4.46
N LEU A 39 15.40 -0.55 -3.27
CA LEU A 39 14.08 -0.31 -2.71
C LEU A 39 13.95 1.12 -2.19
N VAL A 40 14.95 1.57 -1.43
CA VAL A 40 14.92 2.92 -0.87
C VAL A 40 15.09 3.99 -1.95
N ASP A 41 15.79 3.63 -3.03
CA ASP A 41 15.98 4.55 -4.15
C ASP A 41 14.64 4.92 -4.76
N HIS A 42 13.67 4.03 -4.60
CA HIS A 42 12.35 4.26 -5.12
C HIS A 42 11.47 4.93 -4.06
N ASP A 43 11.17 6.20 -4.27
CA ASP A 43 10.34 6.97 -3.32
C ASP A 43 8.94 6.34 -3.17
N ASN A 44 8.45 5.77 -4.27
CA ASN A 44 7.13 5.14 -4.30
C ASN A 44 7.10 3.82 -3.52
N ILE A 45 8.24 3.42 -2.99
CA ILE A 45 8.33 2.19 -2.21
C ILE A 45 8.87 2.49 -0.82
N LYS A 46 8.08 2.19 0.20
CA LYS A 46 8.52 2.47 1.55
C LYS A 46 9.42 1.33 2.06
N SER A 47 10.71 1.44 1.78
CA SER A 47 11.68 0.43 2.21
C SER A 47 11.83 0.42 3.72
N THR A 48 11.14 1.35 4.38
CA THR A 48 11.18 1.47 5.83
C THR A 48 10.45 0.32 6.50
N ASP A 49 9.37 -0.13 5.87
CA ASP A 49 8.55 -1.22 6.40
C ASP A 49 8.85 -2.51 5.65
N ILE A 50 9.97 -2.54 4.94
CA ILE A 50 10.35 -3.71 4.17
C ILE A 50 11.56 -4.43 4.75
N SER A 51 11.43 -5.73 4.90
CA SER A 51 12.51 -6.56 5.40
C SER A 51 13.12 -7.35 4.26
N VAL A 52 14.39 -7.10 3.95
CA VAL A 52 15.08 -7.79 2.87
C VAL A 52 15.92 -8.94 3.40
N LYS A 53 15.90 -10.03 2.65
CA LYS A 53 16.66 -11.22 3.01
C LYS A 53 16.85 -12.11 1.78
N THR A 54 18.07 -12.57 1.57
CA THR A 54 18.38 -13.41 0.43
C THR A 54 18.65 -14.84 0.89
N ASP A 55 17.96 -15.78 0.30
CA ASP A 55 18.11 -17.18 0.63
C ASP A 55 18.29 -17.98 -0.64
N GLN A 56 19.51 -18.47 -0.84
CA GLN A 56 19.85 -19.27 -2.01
C GLN A 56 19.65 -18.49 -3.31
N LYS A 57 20.20 -17.27 -3.35
CA LYS A 57 20.11 -16.39 -4.51
C LYS A 57 18.68 -15.93 -4.77
N VAL A 58 17.81 -16.14 -3.80
CA VAL A 58 16.42 -15.75 -3.89
C VAL A 58 16.13 -14.67 -2.86
N VAL A 59 15.73 -13.50 -3.33
CA VAL A 59 15.44 -12.40 -2.43
C VAL A 59 13.98 -12.44 -1.99
N THR A 60 13.76 -12.53 -0.69
CA THR A 60 12.42 -12.56 -0.14
C THR A 60 12.02 -11.17 0.38
N LEU A 61 10.92 -10.67 -0.14
CA LEU A 61 10.41 -9.37 0.26
C LEU A 61 9.26 -9.54 1.22
N SER A 62 9.50 -9.19 2.49
CA SER A 62 8.47 -9.33 3.51
C SER A 62 8.36 -8.05 4.34
N GLY A 63 7.15 -7.60 4.54
CA GLY A 63 6.94 -6.43 5.34
C GLY A 63 5.52 -5.91 5.19
N PHE A 64 5.35 -4.62 5.40
CA PHE A 64 4.03 -4.02 5.30
C PHE A 64 4.05 -2.84 4.32
N VAL A 65 3.14 -2.88 3.37
CA VAL A 65 3.05 -1.81 2.38
C VAL A 65 1.71 -1.10 2.49
N GLU A 66 1.51 -0.07 1.68
CA GLU A 66 0.27 0.69 1.72
C GLU A 66 -0.70 0.23 0.63
N SER A 67 -0.19 -0.54 -0.33
CA SER A 67 -1.01 -1.05 -1.41
C SER A 67 -0.28 -2.17 -2.13
N GLN A 68 -1.02 -2.96 -2.91
CA GLN A 68 -0.42 -4.05 -3.67
C GLN A 68 0.61 -3.50 -4.65
N ALA A 69 0.34 -2.32 -5.18
CA ALA A 69 1.23 -1.66 -6.12
C ALA A 69 2.61 -1.42 -5.50
N GLN A 70 2.62 -1.01 -4.23
CA GLN A 70 3.87 -0.75 -3.52
C GLN A 70 4.68 -2.03 -3.39
N ALA A 71 3.98 -3.16 -3.30
CA ALA A 71 4.65 -4.46 -3.19
C ALA A 71 5.12 -4.93 -4.56
N GLU A 72 4.27 -4.77 -5.57
CA GLU A 72 4.59 -5.16 -6.94
C GLU A 72 5.83 -4.43 -7.43
N GLU A 73 5.96 -3.16 -7.05
CA GLU A 73 7.10 -2.37 -7.44
C GLU A 73 8.36 -2.88 -6.77
N ALA A 74 8.24 -3.27 -5.50
CA ALA A 74 9.35 -3.78 -4.73
C ALA A 74 10.00 -4.98 -5.39
N VAL A 75 9.20 -6.00 -5.73
CA VAL A 75 9.73 -7.21 -6.36
C VAL A 75 10.29 -6.92 -7.75
N LYS A 76 9.73 -5.92 -8.42
CA LYS A 76 10.18 -5.55 -9.75
C LYS A 76 11.60 -4.98 -9.69
N VAL A 77 11.83 -4.11 -8.72
CA VAL A 77 13.13 -3.51 -8.56
C VAL A 77 14.13 -4.51 -7.98
N ALA A 78 13.67 -5.33 -7.04
CA ALA A 78 14.51 -6.33 -6.41
C ALA A 78 15.04 -7.34 -7.42
N LYS A 79 14.19 -7.74 -8.36
CA LYS A 79 14.58 -8.71 -9.38
C LYS A 79 15.62 -8.11 -10.34
N GLY A 80 15.66 -6.79 -10.41
CA GLY A 80 16.60 -6.12 -11.29
C GLY A 80 18.00 -6.11 -10.71
N VAL A 81 18.12 -6.43 -9.43
CA VAL A 81 19.40 -6.46 -8.76
C VAL A 81 20.24 -7.66 -9.23
N GLU A 82 21.49 -7.37 -9.56
CA GLU A 82 22.42 -8.39 -10.00
C GLU A 82 22.66 -9.43 -8.90
N GLY A 83 22.70 -10.69 -9.30
CA GLY A 83 22.90 -11.77 -8.35
C GLY A 83 21.60 -12.41 -7.90
N VAL A 84 20.50 -11.68 -8.04
CA VAL A 84 19.20 -12.20 -7.65
C VAL A 84 18.67 -13.14 -8.71
N THR A 85 18.68 -14.43 -8.42
CA THR A 85 18.19 -15.41 -9.36
C THR A 85 16.66 -15.31 -9.46
N SER A 86 16.02 -15.07 -8.32
CA SER A 86 14.57 -14.94 -8.28
C SER A 86 14.17 -14.13 -7.05
N VAL A 87 12.94 -13.61 -7.05
CA VAL A 87 12.44 -12.82 -5.93
C VAL A 87 11.09 -13.35 -5.49
N SER A 88 10.90 -13.46 -4.17
CA SER A 88 9.65 -13.97 -3.61
C SER A 88 8.91 -12.87 -2.88
N ASP A 89 7.65 -12.68 -3.23
CA ASP A 89 6.85 -11.66 -2.58
C ASP A 89 6.12 -12.23 -1.39
N LYS A 90 6.36 -11.65 -0.23
CA LYS A 90 5.72 -12.05 1.01
C LYS A 90 5.22 -10.81 1.74
N LEU A 91 5.28 -9.68 1.04
CA LEU A 91 4.84 -8.40 1.56
C LEU A 91 3.34 -8.43 1.83
N HIS A 92 2.90 -7.60 2.75
CA HIS A 92 1.48 -7.55 3.08
C HIS A 92 1.03 -6.13 3.28
N VAL A 93 -0.09 -5.77 2.68
CA VAL A 93 -0.63 -4.44 2.81
C VAL A 93 -1.33 -4.29 4.16
N ARG A 94 -1.15 -3.16 4.81
CA ARG A 94 -1.77 -2.92 6.10
C ARG A 94 -3.13 -2.25 5.95
N ASP A 95 -3.27 -1.49 4.87
CA ASP A 95 -4.50 -0.77 4.60
C ASP A 95 -5.47 -1.60 3.77
N ALA A 96 -6.70 -1.13 3.65
CA ALA A 96 -7.71 -1.83 2.90
C ALA A 96 -7.82 -1.27 1.49
N LYS A 97 -8.44 -2.02 0.59
CA LYS A 97 -8.59 -1.58 -0.78
C LYS A 97 -10.06 -1.36 -1.11
N GLU A 98 -10.48 -0.10 -1.01
CA GLU A 98 -11.86 0.27 -1.31
C GLU A 98 -12.11 0.23 -2.82
N GLY A 99 -11.12 0.68 -3.56
CA GLY A 99 -11.23 0.71 -5.01
C GLY A 99 -10.86 2.07 -5.56
N SER A 100 -11.66 3.07 -5.22
CA SER A 100 -11.47 4.45 -5.65
C SER A 100 -11.65 4.60 -7.16
N VAL A 101 -11.39 5.82 -7.65
CA VAL A 101 -11.53 6.15 -9.07
C VAL A 101 -13.00 6.14 -9.50
N LYS A 102 -13.55 7.32 -9.73
CA LYS A 102 -14.94 7.45 -10.14
C LYS A 102 -15.04 7.89 -11.59
N GLY A 103 -16.18 7.60 -12.21
CA GLY A 103 -16.39 7.98 -13.59
C GLY A 103 -17.07 9.33 -13.72
N TYR A 104 -17.72 9.54 -14.85
CA TYR A 104 -18.41 10.79 -15.10
C TYR A 104 -19.75 10.53 -15.81
N ALA A 105 -20.59 11.55 -15.86
CA ALA A 105 -21.89 11.42 -16.50
C ALA A 105 -22.18 12.67 -17.33
N GLY A 106 -22.76 12.47 -18.50
CA GLY A 106 -23.09 13.58 -19.37
C GLY A 106 -23.11 13.18 -20.83
N ASP A 107 -24.24 13.41 -21.50
CA ASP A 107 -24.38 13.04 -22.89
C ASP A 107 -23.88 14.16 -23.80
N THR A 108 -22.62 14.51 -23.66
CA THR A 108 -22.01 15.57 -24.46
C THR A 108 -21.95 15.14 -25.93
N ALA A 109 -22.19 13.85 -26.19
CA ALA A 109 -22.16 13.29 -27.53
C ALA A 109 -23.16 14.01 -28.45
N THR A 110 -24.38 14.19 -27.97
CA THR A 110 -25.42 14.85 -28.76
C THR A 110 -25.01 16.28 -29.12
N THR A 111 -24.47 16.99 -28.14
CA THR A 111 -24.01 18.36 -28.33
C THR A 111 -22.92 18.40 -29.40
N SER A 112 -22.01 17.42 -29.35
CA SER A 112 -20.91 17.33 -30.29
C SER A 112 -21.40 17.28 -31.74
N GLU A 113 -22.36 16.41 -32.01
CA GLU A 113 -22.87 16.26 -33.37
C GLU A 113 -23.84 17.38 -33.74
N ILE A 114 -24.66 17.81 -32.79
CA ILE A 114 -25.64 18.85 -33.04
C ILE A 114 -24.96 20.12 -33.56
N LYS A 115 -23.75 20.37 -33.08
CA LYS A 115 -22.98 21.53 -33.51
C LYS A 115 -22.54 21.35 -34.95
N ALA A 116 -22.11 20.14 -35.26
CA ALA A 116 -21.64 19.78 -36.60
C ALA A 116 -22.74 19.95 -37.63
N LYS A 117 -23.98 19.83 -37.20
CA LYS A 117 -25.11 19.98 -38.11
C LYS A 117 -25.45 21.46 -38.27
N LEU A 118 -25.58 22.15 -37.13
CA LEU A 118 -25.93 23.56 -37.11
C LEU A 118 -24.91 24.44 -37.85
N LEU A 119 -23.65 24.01 -37.86
CA LEU A 119 -22.62 24.78 -38.52
C LEU A 119 -22.61 24.48 -40.00
N ALA A 120 -23.12 23.31 -40.33
CA ALA A 120 -23.18 22.89 -41.71
C ALA A 120 -24.32 23.59 -42.44
N ASP A 121 -25.31 24.04 -41.68
CA ASP A 121 -26.47 24.74 -42.23
C ASP A 121 -26.07 26.00 -42.98
N ASP A 122 -26.83 26.29 -44.04
CA ASP A 122 -26.60 27.46 -44.86
C ASP A 122 -27.30 28.68 -44.27
N ILE A 123 -27.94 28.49 -43.12
CA ILE A 123 -28.66 29.58 -42.47
C ILE A 123 -28.37 29.66 -40.98
N VAL A 124 -28.57 28.54 -40.26
CA VAL A 124 -28.33 28.50 -38.82
C VAL A 124 -26.95 29.05 -38.45
N PRO A 125 -26.93 30.21 -37.80
CA PRO A 125 -25.68 30.85 -37.38
C PRO A 125 -25.05 30.17 -36.17
N SER A 126 -24.57 28.95 -36.37
CA SER A 126 -23.93 28.17 -35.30
C SER A 126 -22.66 28.86 -34.80
N ARG A 127 -22.19 29.85 -35.55
CA ARG A 127 -20.99 30.58 -35.18
C ARG A 127 -21.30 31.58 -34.07
N HIS A 128 -22.58 31.96 -33.95
CA HIS A 128 -23.00 32.91 -32.95
C HIS A 128 -23.91 32.22 -31.91
N VAL A 129 -24.44 31.07 -32.28
CA VAL A 129 -25.32 30.32 -31.40
C VAL A 129 -24.61 29.09 -30.84
N LYS A 130 -24.69 28.93 -29.53
CA LYS A 130 -24.07 27.80 -28.87
C LYS A 130 -25.14 26.83 -28.42
N VAL A 131 -24.79 25.56 -28.37
CA VAL A 131 -25.73 24.53 -27.96
C VAL A 131 -25.09 23.62 -26.94
N GLU A 132 -25.86 23.25 -25.94
CA GLU A 132 -25.41 22.38 -24.88
C GLU A 132 -26.55 21.47 -24.47
N THR A 133 -26.25 20.22 -24.19
CA THR A 133 -27.28 19.27 -23.79
C THR A 133 -27.08 18.86 -22.34
N THR A 134 -28.19 18.74 -21.63
CA THR A 134 -28.16 18.33 -20.24
C THR A 134 -29.09 17.16 -20.01
N ASP A 135 -28.51 15.97 -19.82
CA ASP A 135 -29.28 14.75 -19.61
C ASP A 135 -30.13 14.43 -20.85
N GLY A 136 -29.71 14.95 -21.99
CA GLY A 136 -30.44 14.67 -23.22
C GLY A 136 -31.27 15.86 -23.65
N VAL A 137 -31.30 16.89 -22.83
CA VAL A 137 -32.05 18.10 -23.15
C VAL A 137 -31.16 19.07 -23.91
N VAL A 138 -31.40 19.20 -25.20
CA VAL A 138 -30.60 20.09 -26.02
C VAL A 138 -31.07 21.53 -25.89
N GLN A 139 -30.16 22.40 -25.46
CA GLN A 139 -30.45 23.80 -25.27
C GLN A 139 -29.69 24.65 -26.28
N LEU A 140 -30.40 25.53 -26.98
CA LEU A 140 -29.76 26.39 -27.97
C LEU A 140 -29.85 27.83 -27.52
N SER A 141 -28.71 28.44 -27.21
CA SER A 141 -28.67 29.81 -26.76
C SER A 141 -27.77 30.65 -27.67
N GLY A 142 -28.20 31.86 -27.97
CA GLY A 142 -27.40 32.73 -28.82
C GLY A 142 -28.22 33.80 -29.49
N THR A 143 -27.92 34.03 -30.75
CA THR A 143 -28.64 35.04 -31.52
C THR A 143 -28.66 34.68 -33.01
N VAL A 144 -29.81 34.85 -33.64
CA VAL A 144 -29.97 34.57 -35.05
C VAL A 144 -30.52 35.80 -35.77
N ASP A 145 -30.51 35.76 -37.09
CA ASP A 145 -31.00 36.89 -37.88
C ASP A 145 -32.51 36.90 -37.99
N SER A 146 -33.11 35.71 -38.12
CA SER A 146 -34.56 35.61 -38.26
C SER A 146 -35.05 34.26 -37.74
N GLN A 147 -36.37 34.14 -37.59
CA GLN A 147 -36.99 32.92 -37.08
C GLN A 147 -36.71 31.72 -38.00
N ALA A 148 -36.53 31.99 -39.29
CA ALA A 148 -36.25 30.94 -40.26
C ALA A 148 -34.98 30.16 -39.90
N GLN A 149 -34.00 30.86 -39.36
CA GLN A 149 -32.74 30.24 -38.97
C GLN A 149 -32.87 29.65 -37.57
N SER A 150 -33.76 30.22 -36.78
CA SER A 150 -34.00 29.75 -35.42
C SER A 150 -34.70 28.38 -35.43
N ASP A 151 -35.78 28.27 -36.20
CA ASP A 151 -36.54 27.02 -36.31
C ASP A 151 -35.67 25.86 -36.75
N ARG A 152 -34.95 26.07 -37.85
CA ARG A 152 -34.08 25.03 -38.41
C ARG A 152 -33.16 24.46 -37.35
N ALA A 153 -32.49 25.33 -36.59
CA ALA A 153 -31.60 24.92 -35.52
C ALA A 153 -32.28 23.93 -34.58
N GLU A 154 -33.50 24.27 -34.16
CA GLU A 154 -34.27 23.43 -33.27
C GLU A 154 -34.70 22.15 -33.97
N SER A 155 -35.19 22.31 -35.20
CA SER A 155 -35.64 21.18 -36.00
C SER A 155 -34.57 20.09 -36.08
N ILE A 156 -33.30 20.49 -36.15
CA ILE A 156 -32.22 19.53 -36.21
C ILE A 156 -31.84 19.04 -34.81
N ALA A 157 -31.97 19.93 -33.83
CA ALA A 157 -31.66 19.60 -32.44
C ALA A 157 -32.50 18.42 -31.95
N LYS A 158 -33.77 18.44 -32.33
CA LYS A 158 -34.71 17.38 -31.94
C LYS A 158 -34.66 16.21 -32.93
N ALA A 159 -33.82 16.35 -33.95
CA ALA A 159 -33.67 15.31 -34.96
C ALA A 159 -32.46 14.42 -34.68
N VAL A 160 -31.65 14.82 -33.69
CA VAL A 160 -30.49 14.06 -33.32
C VAL A 160 -30.87 12.98 -32.31
N ASP A 161 -30.53 11.73 -32.64
CA ASP A 161 -30.84 10.59 -31.79
C ASP A 161 -30.23 10.76 -30.39
N GLY A 162 -31.06 10.61 -29.37
CA GLY A 162 -30.59 10.75 -28.01
C GLY A 162 -31.25 11.89 -27.27
N VAL A 163 -31.67 12.90 -28.01
CA VAL A 163 -32.33 14.06 -27.44
C VAL A 163 -33.72 13.71 -26.91
N LYS A 164 -34.03 14.20 -25.71
CA LYS A 164 -35.34 13.96 -25.12
C LYS A 164 -36.21 15.20 -25.22
N SER A 165 -35.55 16.36 -25.19
CA SER A 165 -36.25 17.63 -25.28
C SER A 165 -35.30 18.70 -25.81
N VAL A 166 -35.84 19.67 -26.52
CA VAL A 166 -35.05 20.75 -27.08
C VAL A 166 -35.61 22.09 -26.58
N LYS A 167 -34.73 23.07 -26.40
CA LYS A 167 -35.15 24.38 -25.92
C LYS A 167 -34.56 25.51 -26.76
N ASN A 168 -35.40 26.18 -27.51
CA ASN A 168 -34.98 27.29 -28.34
C ASN A 168 -34.93 28.56 -27.51
N ASP A 169 -33.73 28.91 -27.07
CA ASP A 169 -33.52 30.08 -26.25
C ASP A 169 -32.71 31.14 -27.01
N LEU A 170 -32.32 30.80 -28.24
CA LEU A 170 -31.59 31.73 -29.08
C LEU A 170 -32.54 32.87 -29.50
N LYS A 171 -32.09 34.11 -29.36
CA LYS A 171 -32.94 35.24 -29.70
C LYS A 171 -32.73 35.69 -31.14
N THR A 172 -33.59 36.59 -31.59
CA THR A 172 -33.53 37.13 -32.93
C THR A 172 -33.05 38.58 -32.90
N LYS A 173 -32.54 39.06 -34.02
CA LYS A 173 -32.09 40.44 -34.11
C LYS A 173 -33.25 41.36 -34.45
N GLU A 1 54.42 -38.34 -20.35
CA GLU A 1 54.84 -37.40 -21.37
C GLU A 1 54.02 -36.13 -21.29
N ASN A 2 54.34 -35.18 -22.18
CA ASN A 2 53.64 -33.89 -22.25
C ASN A 2 53.89 -33.07 -20.99
N ASN A 3 53.15 -31.98 -20.84
CA ASN A 3 53.30 -31.11 -19.67
C ASN A 3 52.11 -30.16 -19.56
N ALA A 4 51.96 -29.30 -20.56
CA ALA A 4 50.86 -28.33 -20.61
C ALA A 4 50.86 -27.41 -19.38
N GLN A 5 51.88 -26.57 -19.29
CA GLN A 5 52.01 -25.64 -18.18
C GLN A 5 51.89 -24.20 -18.68
N THR A 6 51.50 -23.30 -17.78
CA THR A 6 51.34 -21.88 -18.11
C THR A 6 50.16 -21.65 -19.04
N THR A 7 49.01 -21.30 -18.46
CA THR A 7 47.79 -21.07 -19.24
C THR A 7 47.89 -19.79 -20.07
N ASN A 8 48.50 -18.74 -19.51
CA ASN A 8 48.65 -17.46 -20.20
C ASN A 8 47.30 -16.78 -20.45
N GLU A 9 47.34 -15.63 -21.12
CA GLU A 9 46.14 -14.86 -21.45
C GLU A 9 45.39 -14.39 -20.21
N SER A 10 45.80 -13.23 -19.71
CA SER A 10 45.19 -12.63 -18.53
C SER A 10 44.51 -11.31 -18.89
N ALA A 11 43.39 -11.02 -18.24
CA ALA A 11 42.66 -9.78 -18.47
C ALA A 11 42.76 -8.86 -17.27
N GLY A 12 42.71 -7.56 -17.52
CA GLY A 12 42.81 -6.59 -16.45
C GLY A 12 41.51 -5.86 -16.18
N GLN A 13 41.23 -5.62 -14.91
CA GLN A 13 40.02 -4.94 -14.50
C GLN A 13 40.32 -3.48 -14.23
N LYS A 14 39.31 -2.62 -14.31
CA LYS A 14 39.49 -1.20 -14.07
C LYS A 14 38.27 -0.63 -13.37
N VAL A 15 38.48 0.47 -12.64
CA VAL A 15 37.43 1.15 -11.88
C VAL A 15 37.01 0.31 -10.67
N ASP A 16 37.62 0.62 -9.53
CA ASP A 16 37.36 -0.09 -8.29
C ASP A 16 36.03 0.36 -7.69
N SER A 17 35.54 -0.41 -6.73
CA SER A 17 34.28 -0.09 -6.07
C SER A 17 34.48 1.12 -5.15
N SER A 18 33.44 1.94 -5.04
CA SER A 18 33.50 3.12 -4.20
C SER A 18 33.29 2.72 -2.73
N MET A 19 34.20 1.88 -2.23
CA MET A 19 34.16 1.38 -0.85
C MET A 19 32.83 0.67 -0.58
N ASN A 20 32.74 -0.57 -1.02
CA ASN A 20 31.54 -1.36 -0.82
C ASN A 20 31.74 -2.38 0.30
N LYS A 21 30.73 -3.19 0.54
CA LYS A 21 30.80 -4.21 1.58
C LYS A 21 31.70 -5.36 1.15
N VAL A 22 32.71 -5.64 1.95
CA VAL A 22 33.65 -6.71 1.64
C VAL A 22 33.71 -7.70 2.79
N GLY A 23 34.27 -8.87 2.52
CA GLY A 23 34.38 -9.90 3.53
C GLY A 23 34.99 -11.16 2.98
N ASN A 24 34.51 -12.30 3.44
CA ASN A 24 35.01 -13.59 2.97
C ASN A 24 33.84 -14.51 2.67
N PHE A 25 33.04 -14.83 3.67
CA PHE A 25 31.91 -15.70 3.49
C PHE A 25 30.61 -14.89 3.44
N MET A 26 30.30 -14.38 2.26
CA MET A 26 29.09 -13.59 2.06
C MET A 26 28.64 -13.72 0.62
N ASP A 27 27.72 -14.63 0.38
CA ASP A 27 27.22 -14.88 -0.97
C ASP A 27 25.87 -14.21 -1.18
N ASP A 28 24.84 -14.80 -0.59
CA ASP A 28 23.48 -14.29 -0.71
C ASP A 28 23.34 -12.99 0.03
N SER A 29 24.02 -12.93 1.16
CA SER A 29 24.01 -11.76 2.03
C SER A 29 24.64 -10.55 1.34
N ALA A 30 25.45 -10.81 0.31
CA ALA A 30 26.10 -9.75 -0.43
C ALA A 30 25.16 -9.14 -1.46
N ILE A 31 24.13 -9.90 -1.84
CA ILE A 31 23.15 -9.41 -2.79
C ILE A 31 22.19 -8.44 -2.11
N THR A 32 21.78 -8.79 -0.90
CA THR A 32 20.87 -7.97 -0.09
C THR A 32 21.42 -6.54 0.05
N ALA A 33 22.74 -6.42 0.01
CA ALA A 33 23.42 -5.14 0.14
C ALA A 33 23.00 -4.15 -0.95
N LYS A 34 22.87 -4.63 -2.18
CA LYS A 34 22.48 -3.75 -3.28
C LYS A 34 20.96 -3.72 -3.42
N VAL A 35 20.31 -4.81 -3.04
CA VAL A 35 18.85 -4.89 -3.12
C VAL A 35 18.20 -3.82 -2.24
N LYS A 36 18.79 -3.54 -1.08
CA LYS A 36 18.24 -2.53 -0.19
C LYS A 36 18.35 -1.14 -0.81
N ALA A 37 19.26 -1.00 -1.77
CA ALA A 37 19.45 0.27 -2.45
C ALA A 37 18.37 0.45 -3.51
N ALA A 38 18.05 -0.64 -4.20
CA ALA A 38 17.04 -0.63 -5.24
C ALA A 38 15.67 -0.28 -4.66
N LEU A 39 15.53 -0.52 -3.36
CA LEU A 39 14.28 -0.25 -2.67
C LEU A 39 14.18 1.20 -2.20
N VAL A 40 15.27 1.74 -1.63
CA VAL A 40 15.27 3.10 -1.14
C VAL A 40 15.31 4.12 -2.27
N ASP A 41 15.83 3.72 -3.42
CA ASP A 41 15.91 4.61 -4.58
C ASP A 41 14.53 5.01 -5.04
N HIS A 42 13.54 4.18 -4.75
CA HIS A 42 12.16 4.44 -5.15
C HIS A 42 11.37 5.13 -4.03
N ASP A 43 11.05 6.41 -4.25
CA ASP A 43 10.30 7.23 -3.29
C ASP A 43 8.94 6.60 -2.93
N ASN A 44 8.35 5.88 -3.87
CA ASN A 44 7.04 5.27 -3.64
C ASN A 44 7.14 3.94 -2.92
N ILE A 45 8.34 3.54 -2.58
CA ILE A 45 8.55 2.29 -1.86
C ILE A 45 9.17 2.58 -0.49
N LYS A 46 8.42 2.28 0.57
CA LYS A 46 8.92 2.53 1.90
C LYS A 46 9.60 1.28 2.46
N SER A 47 10.91 1.23 2.29
CA SER A 47 11.71 0.11 2.76
C SER A 47 11.77 0.09 4.29
N THR A 48 11.22 1.14 4.90
CA THR A 48 11.17 1.25 6.35
C THR A 48 10.27 0.17 6.93
N ASP A 49 9.26 -0.20 6.15
CA ASP A 49 8.30 -1.20 6.55
C ASP A 49 8.57 -2.50 5.81
N ILE A 50 9.68 -2.55 5.11
CA ILE A 50 10.03 -3.72 4.32
C ILE A 50 11.38 -4.30 4.72
N SER A 51 11.39 -5.60 4.92
CA SER A 51 12.60 -6.32 5.28
C SER A 51 13.10 -7.13 4.10
N VAL A 52 14.30 -6.83 3.64
CA VAL A 52 14.90 -7.54 2.51
C VAL A 52 15.84 -8.63 3.02
N LYS A 53 15.79 -9.79 2.39
CA LYS A 53 16.63 -10.91 2.77
C LYS A 53 16.82 -11.85 1.58
N THR A 54 18.06 -12.25 1.35
CA THR A 54 18.37 -13.15 0.25
C THR A 54 18.75 -14.53 0.76
N ASP A 55 18.03 -15.53 0.28
CA ASP A 55 18.26 -16.91 0.66
C ASP A 55 18.36 -17.76 -0.60
N GLN A 56 19.57 -18.23 -0.87
CA GLN A 56 19.83 -19.08 -2.03
C GLN A 56 19.50 -18.39 -3.36
N LYS A 57 20.07 -17.20 -3.52
CA LYS A 57 19.94 -16.34 -4.68
C LYS A 57 18.49 -15.88 -4.86
N VAL A 58 17.69 -16.09 -3.83
CA VAL A 58 16.28 -15.71 -3.85
C VAL A 58 16.02 -14.61 -2.82
N VAL A 59 15.57 -13.47 -3.29
CA VAL A 59 15.29 -12.35 -2.40
C VAL A 59 13.84 -12.36 -1.96
N THR A 60 13.64 -12.46 -0.65
CA THR A 60 12.31 -12.47 -0.08
C THR A 60 11.93 -11.07 0.41
N LEU A 61 10.87 -10.51 -0.16
CA LEU A 61 10.41 -9.20 0.26
C LEU A 61 9.23 -9.37 1.18
N SER A 62 9.45 -9.03 2.43
CA SER A 62 8.42 -9.16 3.44
C SER A 62 8.32 -7.89 4.25
N GLY A 63 7.10 -7.48 4.55
CA GLY A 63 6.89 -6.29 5.33
C GLY A 63 5.48 -5.79 5.19
N PHE A 64 5.29 -4.51 5.45
CA PHE A 64 3.97 -3.92 5.33
C PHE A 64 3.96 -2.81 4.29
N VAL A 65 3.14 -3.00 3.27
CA VAL A 65 3.03 -2.02 2.21
C VAL A 65 1.65 -1.38 2.27
N GLU A 66 1.43 -0.35 1.46
CA GLU A 66 0.14 0.34 1.47
C GLU A 66 -0.80 -0.22 0.40
N SER A 67 -0.25 -0.97 -0.54
CA SER A 67 -1.06 -1.56 -1.61
C SER A 67 -0.24 -2.60 -2.38
N GLN A 68 -0.90 -3.27 -3.31
CA GLN A 68 -0.22 -4.27 -4.12
C GLN A 68 0.72 -3.58 -5.10
N ALA A 69 0.35 -2.36 -5.49
CA ALA A 69 1.16 -1.57 -6.41
C ALA A 69 2.51 -1.25 -5.78
N GLN A 70 2.52 -1.15 -4.46
CA GLN A 70 3.74 -0.87 -3.73
C GLN A 70 4.57 -2.14 -3.60
N ALA A 71 3.87 -3.25 -3.40
CA ALA A 71 4.53 -4.55 -3.26
C ALA A 71 5.14 -5.02 -4.57
N GLU A 72 4.41 -4.88 -5.66
CA GLU A 72 4.91 -5.32 -6.96
C GLU A 72 6.17 -4.54 -7.36
N GLU A 73 6.27 -3.30 -6.93
CA GLU A 73 7.43 -2.48 -7.26
C GLU A 73 8.64 -2.90 -6.43
N ALA A 74 8.39 -3.36 -5.20
CA ALA A 74 9.45 -3.79 -4.31
C ALA A 74 10.13 -5.04 -4.86
N VAL A 75 9.34 -5.98 -5.36
CA VAL A 75 9.90 -7.19 -5.94
C VAL A 75 10.41 -6.93 -7.33
N LYS A 76 9.87 -5.89 -7.98
CA LYS A 76 10.29 -5.52 -9.31
C LYS A 76 11.72 -5.04 -9.30
N VAL A 77 12.00 -4.08 -8.42
CA VAL A 77 13.35 -3.54 -8.30
C VAL A 77 14.30 -4.60 -7.75
N ALA A 78 13.75 -5.50 -6.93
CA ALA A 78 14.54 -6.57 -6.34
C ALA A 78 14.98 -7.57 -7.40
N LYS A 79 14.04 -7.92 -8.28
CA LYS A 79 14.31 -8.87 -9.36
C LYS A 79 15.32 -8.29 -10.36
N GLY A 80 15.44 -6.98 -10.37
CA GLY A 80 16.35 -6.32 -11.29
C GLY A 80 17.76 -6.17 -10.72
N VAL A 81 17.97 -6.63 -9.50
CA VAL A 81 19.28 -6.54 -8.88
C VAL A 81 20.22 -7.65 -9.37
N GLU A 82 21.42 -7.25 -9.79
CA GLU A 82 22.42 -8.20 -10.26
C GLU A 82 22.79 -9.19 -9.16
N GLY A 83 22.53 -10.47 -9.42
CA GLY A 83 22.84 -11.50 -8.45
C GLY A 83 21.59 -12.24 -8.02
N VAL A 84 20.47 -11.56 -8.11
CA VAL A 84 19.20 -12.16 -7.73
C VAL A 84 18.72 -13.11 -8.82
N THR A 85 18.56 -14.37 -8.47
CA THR A 85 18.11 -15.37 -9.41
C THR A 85 16.58 -15.46 -9.38
N SER A 86 16.00 -15.19 -8.22
CA SER A 86 14.55 -15.23 -8.06
C SER A 86 14.13 -14.33 -6.90
N VAL A 87 12.86 -13.97 -6.88
CA VAL A 87 12.33 -13.10 -5.85
C VAL A 87 11.02 -13.66 -5.32
N SER A 88 10.74 -13.41 -4.05
CA SER A 88 9.53 -13.89 -3.42
C SER A 88 8.75 -12.74 -2.79
N ASP A 89 7.54 -12.53 -3.29
CA ASP A 89 6.68 -11.48 -2.79
C ASP A 89 5.90 -11.95 -1.58
N LYS A 90 6.33 -11.50 -0.40
CA LYS A 90 5.67 -11.86 0.84
C LYS A 90 5.18 -10.61 1.55
N LEU A 91 5.23 -9.49 0.81
CA LEU A 91 4.76 -8.20 1.32
C LEU A 91 3.33 -8.31 1.82
N HIS A 92 3.02 -7.61 2.88
CA HIS A 92 1.69 -7.65 3.45
C HIS A 92 1.11 -6.25 3.53
N VAL A 93 0.05 -5.99 2.78
CA VAL A 93 -0.60 -4.70 2.80
C VAL A 93 -1.34 -4.52 4.12
N ARG A 94 -1.14 -3.38 4.76
CA ARG A 94 -1.77 -3.10 6.06
C ARG A 94 -3.11 -2.41 5.90
N ASP A 95 -3.25 -1.62 4.84
CA ASP A 95 -4.48 -0.88 4.61
C ASP A 95 -5.47 -1.66 3.75
N ALA A 96 -6.69 -1.14 3.68
CA ALA A 96 -7.76 -1.76 2.92
C ALA A 96 -7.78 -1.24 1.49
N LYS A 97 -7.37 -2.07 0.54
CA LYS A 97 -7.35 -1.67 -0.86
C LYS A 97 -8.70 -1.95 -1.51
N GLU A 98 -9.72 -2.05 -0.69
CA GLU A 98 -11.06 -2.30 -1.15
C GLU A 98 -11.97 -1.15 -0.74
N GLY A 99 -12.64 -0.56 -1.71
CA GLY A 99 -13.53 0.55 -1.43
C GLY A 99 -13.46 1.60 -2.51
N SER A 100 -13.33 2.86 -2.09
CA SER A 100 -13.26 3.98 -3.01
C SER A 100 -14.57 4.09 -3.80
N VAL A 101 -14.56 4.87 -4.88
CA VAL A 101 -15.72 5.10 -5.74
C VAL A 101 -17.05 5.12 -4.97
N LYS A 102 -17.04 5.78 -3.82
CA LYS A 102 -18.23 5.85 -2.99
C LYS A 102 -19.31 6.68 -3.67
N GLY A 103 -20.40 6.01 -4.02
CA GLY A 103 -21.51 6.67 -4.66
C GLY A 103 -22.18 7.67 -3.76
N TYR A 104 -22.86 8.63 -4.35
CA TYR A 104 -23.54 9.67 -3.59
C TYR A 104 -24.55 10.37 -4.49
N ALA A 105 -25.20 11.37 -3.94
CA ALA A 105 -26.18 12.15 -4.68
C ALA A 105 -26.27 13.55 -4.07
N GLY A 106 -27.02 13.65 -2.98
CA GLY A 106 -27.17 14.91 -2.30
C GLY A 106 -28.03 14.78 -1.08
N ASP A 107 -27.91 15.71 -0.14
CA ASP A 107 -28.73 15.69 1.06
C ASP A 107 -29.98 16.49 0.81
N THR A 108 -31.12 15.86 0.98
CA THR A 108 -32.36 16.54 0.75
C THR A 108 -32.86 17.31 1.97
N ALA A 109 -32.33 17.02 3.15
CA ALA A 109 -32.77 17.72 4.35
C ALA A 109 -32.43 19.20 4.26
N THR A 110 -31.17 19.50 3.97
CA THR A 110 -30.72 20.88 3.87
C THR A 110 -31.32 21.56 2.66
N THR A 111 -31.29 20.87 1.53
CA THR A 111 -31.82 21.41 0.28
C THR A 111 -33.33 21.71 0.40
N SER A 112 -34.06 20.86 1.12
CA SER A 112 -35.49 21.05 1.28
C SER A 112 -35.81 22.33 2.05
N GLU A 113 -35.14 22.53 3.17
CA GLU A 113 -35.39 23.70 3.99
C GLU A 113 -34.84 24.96 3.33
N ILE A 114 -33.63 24.86 2.78
CA ILE A 114 -33.00 25.98 2.14
C ILE A 114 -33.90 26.57 1.05
N LYS A 115 -34.64 25.69 0.36
CA LYS A 115 -35.55 26.13 -0.68
C LYS A 115 -36.69 26.91 -0.07
N ALA A 116 -37.20 26.38 1.05
CA ALA A 116 -38.29 27.03 1.77
C ALA A 116 -37.88 28.41 2.26
N LYS A 117 -36.61 28.57 2.62
CA LYS A 117 -36.11 29.86 3.09
C LYS A 117 -36.03 30.83 1.92
N LEU A 118 -35.58 30.33 0.78
CA LEU A 118 -35.46 31.14 -0.43
C LEU A 118 -36.84 31.47 -0.99
N LEU A 119 -37.81 30.63 -0.65
CA LEU A 119 -39.19 30.81 -1.09
C LEU A 119 -39.90 31.85 -0.23
N ALA A 120 -39.37 32.03 0.97
CA ALA A 120 -39.94 32.96 1.93
C ALA A 120 -39.37 34.37 1.78
N ASP A 121 -38.24 34.50 1.09
CA ASP A 121 -37.65 35.82 0.91
C ASP A 121 -38.37 36.55 -0.22
N ASP A 122 -38.41 37.86 -0.14
CA ASP A 122 -39.13 38.67 -1.12
C ASP A 122 -38.26 39.06 -2.31
N ILE A 123 -36.96 38.85 -2.23
CA ILE A 123 -36.10 39.23 -3.35
C ILE A 123 -35.50 38.03 -4.04
N VAL A 124 -35.04 37.04 -3.27
CA VAL A 124 -34.44 35.84 -3.84
C VAL A 124 -35.42 35.13 -4.78
N PRO A 125 -35.14 35.16 -6.10
CA PRO A 125 -35.99 34.52 -7.08
C PRO A 125 -35.80 33.01 -7.10
N SER A 126 -36.25 32.35 -6.03
CA SER A 126 -36.14 30.90 -5.89
C SER A 126 -37.00 30.16 -6.94
N ARG A 127 -37.72 30.94 -7.74
CA ARG A 127 -38.55 30.40 -8.79
C ARG A 127 -37.71 30.14 -10.04
N HIS A 128 -36.55 30.81 -10.09
CA HIS A 128 -35.64 30.68 -11.23
C HIS A 128 -34.30 30.11 -10.80
N VAL A 129 -34.03 30.15 -9.50
CA VAL A 129 -32.77 29.65 -8.97
C VAL A 129 -32.96 28.29 -8.33
N LYS A 130 -32.05 27.38 -8.62
CA LYS A 130 -32.09 26.03 -8.09
C LYS A 130 -31.00 25.87 -7.04
N VAL A 131 -31.27 25.04 -6.04
CA VAL A 131 -30.31 24.80 -4.99
C VAL A 131 -30.24 23.30 -4.68
N GLU A 132 -29.04 22.83 -4.49
CA GLU A 132 -28.79 21.43 -4.19
C GLU A 132 -27.56 21.34 -3.29
N THR A 133 -27.61 20.46 -2.31
CA THR A 133 -26.48 20.31 -1.40
C THR A 133 -25.85 18.93 -1.58
N THR A 134 -24.53 18.94 -1.68
CA THR A 134 -23.77 17.72 -1.86
C THR A 134 -22.77 17.57 -0.73
N ASP A 135 -23.03 16.59 0.15
CA ASP A 135 -22.16 16.32 1.29
C ASP A 135 -22.11 17.52 2.25
N GLY A 136 -23.11 18.38 2.18
CA GLY A 136 -23.15 19.53 3.04
C GLY A 136 -22.77 20.80 2.31
N VAL A 137 -22.39 20.66 1.06
CA VAL A 137 -22.01 21.78 0.22
C VAL A 137 -23.23 22.29 -0.54
N VAL A 138 -23.73 23.45 -0.16
CA VAL A 138 -24.90 24.03 -0.80
C VAL A 138 -24.49 24.78 -2.06
N GLN A 139 -25.07 24.38 -3.18
CA GLN A 139 -24.78 25.00 -4.46
C GLN A 139 -26.05 25.66 -4.98
N LEU A 140 -25.93 26.91 -5.40
CA LEU A 140 -27.07 27.66 -5.92
C LEU A 140 -26.81 28.07 -7.36
N SER A 141 -27.58 27.53 -8.30
CA SER A 141 -27.40 27.85 -9.70
C SER A 141 -28.71 28.37 -10.31
N GLY A 142 -28.60 29.35 -11.19
CA GLY A 142 -29.79 29.90 -11.81
C GLY A 142 -29.57 31.30 -12.32
N THR A 143 -30.59 32.12 -12.23
CA THR A 143 -30.49 33.49 -12.69
C THR A 143 -31.29 34.44 -11.80
N VAL A 144 -30.67 35.56 -11.44
CA VAL A 144 -31.31 36.55 -10.60
C VAL A 144 -31.30 37.90 -11.31
N ASP A 145 -31.98 38.87 -10.72
CA ASP A 145 -32.03 40.19 -11.31
C ASP A 145 -30.78 41.00 -10.99
N SER A 146 -30.35 40.97 -9.73
CA SER A 146 -29.20 41.74 -9.31
C SER A 146 -28.42 41.01 -8.22
N GLN A 147 -27.25 41.55 -7.90
CA GLN A 147 -26.35 40.98 -6.90
C GLN A 147 -27.02 40.97 -5.52
N ALA A 148 -27.89 41.93 -5.27
CA ALA A 148 -28.59 42.04 -3.99
C ALA A 148 -29.39 40.78 -3.68
N GLN A 149 -30.08 40.25 -4.71
CA GLN A 149 -30.88 39.05 -4.54
C GLN A 149 -29.98 37.82 -4.54
N SER A 150 -28.84 37.95 -5.20
CA SER A 150 -27.88 36.86 -5.28
C SER A 150 -27.23 36.55 -3.92
N ASP A 151 -26.69 37.58 -3.28
CA ASP A 151 -26.03 37.41 -1.97
C ASP A 151 -26.98 36.82 -0.95
N ARG A 152 -28.18 37.40 -0.87
CA ARG A 152 -29.20 36.95 0.06
C ARG A 152 -29.37 35.44 0.02
N ALA A 153 -29.58 34.92 -1.19
CA ALA A 153 -29.73 33.48 -1.41
C ALA A 153 -28.59 32.72 -0.72
N GLU A 154 -27.37 33.17 -0.96
CA GLU A 154 -26.19 32.54 -0.37
C GLU A 154 -26.16 32.75 1.13
N SER A 155 -26.42 33.98 1.56
CA SER A 155 -26.43 34.34 2.97
C SER A 155 -27.34 33.42 3.77
N ILE A 156 -28.47 33.05 3.19
CA ILE A 156 -29.39 32.14 3.87
C ILE A 156 -28.90 30.69 3.77
N ALA A 157 -28.21 30.39 2.67
CA ALA A 157 -27.68 29.04 2.43
C ALA A 157 -26.69 28.63 3.53
N LYS A 158 -25.73 29.51 3.82
CA LYS A 158 -24.73 29.22 4.85
C LYS A 158 -25.34 29.40 6.23
N ALA A 159 -26.52 29.99 6.27
CA ALA A 159 -27.24 30.23 7.53
C ALA A 159 -28.03 29.00 7.98
N VAL A 160 -28.09 27.97 7.14
CA VAL A 160 -28.82 26.74 7.49
C VAL A 160 -27.88 25.75 8.18
N ASP A 161 -28.28 25.31 9.36
CA ASP A 161 -27.47 24.37 10.14
C ASP A 161 -27.20 23.07 9.38
N GLY A 162 -25.93 22.71 9.28
CA GLY A 162 -25.56 21.49 8.57
C GLY A 162 -24.69 21.76 7.35
N VAL A 163 -24.73 22.98 6.86
CA VAL A 163 -23.94 23.36 5.69
C VAL A 163 -22.47 23.53 6.04
N LYS A 164 -21.59 23.04 5.16
CA LYS A 164 -20.15 23.17 5.37
C LYS A 164 -19.56 24.20 4.41
N SER A 165 -20.16 24.31 3.24
CA SER A 165 -19.70 25.26 2.23
C SER A 165 -20.86 25.63 1.31
N VAL A 166 -20.78 26.82 0.73
CA VAL A 166 -21.81 27.30 -0.18
C VAL A 166 -21.16 27.82 -1.46
N LYS A 167 -21.84 27.69 -2.59
CA LYS A 167 -21.30 28.14 -3.86
C LYS A 167 -22.35 28.88 -4.69
N ASN A 168 -22.13 30.18 -4.86
CA ASN A 168 -23.03 31.02 -5.64
C ASN A 168 -22.72 30.88 -7.13
N ASP A 169 -23.57 30.17 -7.85
CA ASP A 169 -23.39 29.94 -9.28
C ASP A 169 -24.45 30.70 -10.08
N LEU A 170 -25.48 31.15 -9.37
CA LEU A 170 -26.57 31.89 -9.99
C LEU A 170 -26.06 33.16 -10.65
N LYS A 171 -26.39 33.31 -11.93
CA LYS A 171 -25.94 34.47 -12.70
C LYS A 171 -26.96 35.60 -12.67
N THR A 172 -26.49 36.81 -12.94
CA THR A 172 -27.35 37.98 -12.96
C THR A 172 -27.86 38.26 -14.36
N LYS A 173 -28.93 39.04 -14.46
CA LYS A 173 -29.50 39.40 -15.75
C LYS A 173 -29.07 40.81 -16.17
N GLU A 1 7.31 -46.35 30.09
CA GLU A 1 6.65 -47.33 30.95
C GLU A 1 6.79 -48.74 30.38
N ASN A 2 6.23 -49.70 31.13
CA ASN A 2 6.24 -51.12 30.75
C ASN A 2 7.65 -51.70 30.87
N ASN A 3 7.79 -52.96 30.44
CA ASN A 3 9.08 -53.65 30.50
C ASN A 3 9.40 -54.28 29.16
N ALA A 4 8.82 -53.72 28.10
CA ALA A 4 9.03 -54.21 26.75
C ALA A 4 9.10 -53.07 25.75
N GLN A 5 10.19 -53.00 25.01
CA GLN A 5 10.38 -51.97 24.02
C GLN A 5 10.93 -52.58 22.74
N THR A 6 10.47 -52.10 21.60
CA THR A 6 10.92 -52.61 20.31
C THR A 6 11.80 -51.59 19.60
N THR A 7 11.28 -50.37 19.43
CA THR A 7 12.00 -49.28 18.75
C THR A 7 12.19 -49.60 17.27
N ASN A 8 11.34 -49.02 16.43
CA ASN A 8 11.42 -49.25 15.00
C ASN A 8 12.14 -48.11 14.30
N GLU A 9 13.45 -48.24 14.18
CA GLU A 9 14.27 -47.24 13.52
C GLU A 9 15.61 -47.87 13.14
N SER A 10 16.02 -47.65 11.89
CA SER A 10 17.28 -48.19 11.36
C SER A 10 17.31 -48.10 9.84
N ALA A 11 16.16 -47.93 9.22
CA ALA A 11 16.09 -47.86 7.76
C ALA A 11 15.05 -46.86 7.28
N GLY A 12 15.42 -46.10 6.26
CA GLY A 12 14.54 -45.10 5.69
C GLY A 12 14.92 -44.78 4.27
N GLN A 13 14.58 -43.59 3.82
CA GLN A 13 14.90 -43.17 2.46
C GLN A 13 16.28 -42.52 2.40
N LYS A 14 16.75 -42.24 1.20
CA LYS A 14 18.05 -41.61 1.04
C LYS A 14 17.87 -40.13 0.79
N VAL A 15 18.15 -39.33 1.80
CA VAL A 15 18.02 -37.88 1.70
C VAL A 15 19.11 -37.29 0.82
N ASP A 16 18.97 -36.00 0.51
CA ASP A 16 19.92 -35.30 -0.35
C ASP A 16 21.36 -35.44 0.15
N SER A 17 22.16 -36.19 -0.59
CA SER A 17 23.56 -36.39 -0.24
C SER A 17 24.48 -35.63 -1.18
N SER A 18 24.64 -34.35 -0.93
CA SER A 18 25.52 -33.52 -1.74
C SER A 18 26.76 -33.13 -0.96
N MET A 19 26.55 -32.67 0.27
CA MET A 19 27.62 -32.23 1.17
C MET A 19 28.29 -30.97 0.65
N ASN A 20 29.39 -30.57 1.28
CA ASN A 20 30.12 -29.38 0.89
C ASN A 20 31.50 -29.39 1.55
N LYS A 21 32.37 -28.48 1.14
CA LYS A 21 33.70 -28.39 1.69
C LYS A 21 34.05 -26.95 1.98
N VAL A 22 33.07 -26.22 2.49
CA VAL A 22 33.25 -24.82 2.83
C VAL A 22 32.48 -24.51 4.11
N GLY A 23 32.86 -23.44 4.79
CA GLY A 23 32.18 -23.06 6.02
C GLY A 23 31.23 -21.90 5.83
N ASN A 24 31.46 -20.83 6.57
CA ASN A 24 30.62 -19.64 6.47
C ASN A 24 31.06 -18.77 5.29
N PHE A 25 30.09 -18.32 4.50
CA PHE A 25 30.38 -17.48 3.35
C PHE A 25 29.49 -16.24 3.35
N MET A 26 29.73 -15.34 2.41
CA MET A 26 28.97 -14.11 2.29
C MET A 26 28.59 -13.86 0.82
N ASP A 27 27.71 -14.71 0.30
CA ASP A 27 27.27 -14.59 -1.08
C ASP A 27 25.86 -14.01 -1.16
N ASP A 28 24.89 -14.72 -0.58
CA ASP A 28 23.51 -14.28 -0.57
C ASP A 28 23.37 -12.96 0.17
N SER A 29 24.12 -12.81 1.26
CA SER A 29 24.09 -11.60 2.04
C SER A 29 24.66 -10.44 1.24
N ALA A 30 25.52 -10.79 0.28
CA ALA A 30 26.14 -9.80 -0.58
C ALA A 30 25.15 -9.26 -1.60
N ILE A 31 24.06 -9.98 -1.81
CA ILE A 31 23.03 -9.54 -2.73
C ILE A 31 22.11 -8.56 -2.02
N THR A 32 21.78 -8.88 -0.78
CA THR A 32 20.91 -8.05 0.06
C THR A 32 21.47 -6.63 0.21
N ALA A 33 22.80 -6.55 0.26
CA ALA A 33 23.50 -5.28 0.42
C ALA A 33 23.02 -4.21 -0.55
N LYS A 34 22.83 -4.57 -1.82
CA LYS A 34 22.38 -3.59 -2.81
C LYS A 34 20.87 -3.55 -2.94
N VAL A 35 20.20 -4.66 -2.65
CA VAL A 35 18.74 -4.71 -2.74
C VAL A 35 18.09 -3.71 -1.80
N LYS A 36 18.58 -3.62 -0.57
CA LYS A 36 18.03 -2.69 0.41
C LYS A 36 18.23 -1.25 -0.05
N ALA A 37 19.18 -1.05 -0.96
CA ALA A 37 19.45 0.26 -1.52
C ALA A 37 18.53 0.55 -2.71
N ALA A 38 18.19 -0.50 -3.46
CA ALA A 38 17.32 -0.38 -4.63
C ALA A 38 15.94 0.12 -4.22
N LEU A 39 15.47 -0.34 -3.07
CA LEU A 39 14.16 0.04 -2.56
C LEU A 39 14.13 1.51 -2.15
N VAL A 40 15.30 2.09 -1.91
CA VAL A 40 15.40 3.49 -1.53
C VAL A 40 15.36 4.39 -2.76
N ASP A 41 15.84 3.85 -3.88
CA ASP A 41 15.83 4.59 -5.14
C ASP A 41 14.40 4.88 -5.57
N HIS A 42 13.51 3.95 -5.27
CA HIS A 42 12.12 4.10 -5.62
C HIS A 42 11.32 4.81 -4.52
N ASP A 43 10.95 6.04 -4.81
CA ASP A 43 10.19 6.90 -3.88
C ASP A 43 8.81 6.32 -3.55
N ASN A 44 8.21 5.64 -4.52
CA ASN A 44 6.88 5.06 -4.32
C ASN A 44 6.92 3.80 -3.48
N ILE A 45 8.11 3.39 -3.07
CA ILE A 45 8.26 2.20 -2.24
C ILE A 45 8.80 2.59 -0.87
N LYS A 46 8.01 2.40 0.17
CA LYS A 46 8.45 2.74 1.52
C LYS A 46 9.26 1.60 2.12
N SER A 47 10.57 1.65 1.88
CA SER A 47 11.49 0.62 2.35
C SER A 47 11.65 0.65 3.88
N THR A 48 11.04 1.64 4.52
CA THR A 48 11.09 1.79 5.97
C THR A 48 10.49 0.58 6.69
N ASP A 49 9.54 -0.07 6.03
CA ASP A 49 8.84 -1.21 6.61
C ASP A 49 9.12 -2.48 5.81
N ILE A 50 10.15 -2.45 4.99
CA ILE A 50 10.48 -3.60 4.18
C ILE A 50 11.71 -4.31 4.69
N SER A 51 11.59 -5.62 4.84
CA SER A 51 12.69 -6.44 5.30
C SER A 51 13.24 -7.26 4.15
N VAL A 52 14.53 -7.08 3.87
CA VAL A 52 15.17 -7.81 2.79
C VAL A 52 15.88 -9.04 3.33
N LYS A 53 15.78 -10.14 2.60
CA LYS A 53 16.42 -11.38 2.99
C LYS A 53 16.65 -12.24 1.76
N THR A 54 17.86 -12.79 1.66
CA THR A 54 18.22 -13.62 0.53
C THR A 54 18.57 -15.03 0.99
N ASP A 55 17.97 -16.00 0.34
CA ASP A 55 18.20 -17.40 0.65
C ASP A 55 18.30 -18.19 -0.63
N GLN A 56 19.51 -18.64 -0.92
CA GLN A 56 19.80 -19.45 -2.09
C GLN A 56 19.52 -18.70 -3.39
N LYS A 57 20.11 -17.51 -3.49
CA LYS A 57 19.97 -16.64 -4.67
C LYS A 57 18.53 -16.20 -4.90
N VAL A 58 17.72 -16.30 -3.85
CA VAL A 58 16.33 -15.90 -3.91
C VAL A 58 16.06 -14.80 -2.91
N VAL A 59 15.71 -13.63 -3.42
CA VAL A 59 15.44 -12.48 -2.57
C VAL A 59 13.97 -12.43 -2.18
N THR A 60 13.71 -12.47 -0.89
CA THR A 60 12.36 -12.43 -0.37
C THR A 60 12.00 -11.03 0.11
N LEU A 61 10.91 -10.50 -0.41
CA LEU A 61 10.44 -9.19 -0.01
C LEU A 61 9.28 -9.34 0.93
N SER A 62 9.51 -9.00 2.17
CA SER A 62 8.48 -9.10 3.17
C SER A 62 8.45 -7.84 4.00
N GLY A 63 7.28 -7.51 4.50
CA GLY A 63 7.12 -6.33 5.31
C GLY A 63 5.73 -5.77 5.16
N PHE A 64 5.57 -4.49 5.40
CA PHE A 64 4.26 -3.87 5.30
C PHE A 64 4.26 -2.72 4.29
N VAL A 65 3.33 -2.78 3.36
CA VAL A 65 3.19 -1.76 2.34
C VAL A 65 1.87 -1.03 2.53
N GLU A 66 1.71 0.09 1.84
CA GLU A 66 0.50 0.88 1.97
C GLU A 66 -0.59 0.38 1.04
N SER A 67 -0.20 -0.08 -0.13
CA SER A 67 -1.15 -0.59 -1.10
C SER A 67 -0.51 -1.71 -1.91
N GLN A 68 -1.34 -2.39 -2.70
CA GLN A 68 -0.90 -3.49 -3.53
C GLN A 68 0.26 -3.08 -4.44
N ALA A 69 0.10 -1.97 -5.15
CA ALA A 69 1.12 -1.47 -6.09
C ALA A 69 2.48 -1.30 -5.42
N GLN A 70 2.48 -0.93 -4.15
CA GLN A 70 3.71 -0.74 -3.40
C GLN A 70 4.43 -2.06 -3.20
N ALA A 71 3.64 -3.12 -3.08
CA ALA A 71 4.18 -4.46 -2.90
C ALA A 71 4.73 -5.01 -4.22
N GLU A 72 3.96 -4.83 -5.29
CA GLU A 72 4.33 -5.33 -6.62
C GLU A 72 5.65 -4.75 -7.12
N GLU A 73 5.87 -3.45 -6.95
CA GLU A 73 7.10 -2.82 -7.43
C GLU A 73 8.28 -3.20 -6.54
N ALA A 74 8.00 -3.55 -5.31
CA ALA A 74 9.05 -3.97 -4.39
C ALA A 74 9.66 -5.28 -4.88
N VAL A 75 8.83 -6.06 -5.55
CA VAL A 75 9.25 -7.33 -6.11
C VAL A 75 10.07 -7.08 -7.37
N LYS A 76 9.57 -6.15 -8.18
CA LYS A 76 10.18 -5.78 -9.43
C LYS A 76 11.55 -5.11 -9.24
N VAL A 77 11.64 -4.18 -8.29
CA VAL A 77 12.88 -3.47 -8.05
C VAL A 77 13.96 -4.42 -7.52
N ALA A 78 13.54 -5.38 -6.69
CA ALA A 78 14.49 -6.34 -6.13
C ALA A 78 14.99 -7.28 -7.23
N LYS A 79 14.09 -7.62 -8.15
CA LYS A 79 14.42 -8.50 -9.26
C LYS A 79 15.36 -7.79 -10.24
N GLY A 80 15.58 -6.50 -10.02
CA GLY A 80 16.44 -5.73 -10.88
C GLY A 80 17.87 -5.73 -10.40
N VAL A 81 18.10 -6.27 -9.21
CA VAL A 81 19.43 -6.34 -8.64
C VAL A 81 20.23 -7.50 -9.23
N GLU A 82 21.36 -7.16 -9.83
CA GLU A 82 22.24 -8.17 -10.43
C GLU A 82 22.77 -9.13 -9.38
N GLY A 83 22.67 -10.41 -9.66
CA GLY A 83 23.15 -11.41 -8.74
C GLY A 83 22.06 -12.35 -8.28
N VAL A 84 20.85 -11.86 -8.21
CA VAL A 84 19.72 -12.66 -7.77
C VAL A 84 19.26 -13.61 -8.88
N THR A 85 18.80 -14.79 -8.50
CA THR A 85 18.32 -15.77 -9.47
C THR A 85 16.79 -15.76 -9.52
N SER A 86 16.18 -15.55 -8.36
CA SER A 86 14.73 -15.53 -8.28
C SER A 86 14.26 -14.59 -7.15
N VAL A 87 13.08 -14.04 -7.31
CA VAL A 87 12.52 -13.12 -6.33
C VAL A 87 11.24 -13.71 -5.73
N SER A 88 11.00 -13.43 -4.45
CA SER A 88 9.82 -13.96 -3.77
C SER A 88 9.01 -12.82 -3.15
N ASP A 89 7.78 -12.68 -3.60
CA ASP A 89 6.88 -11.66 -3.12
C ASP A 89 6.14 -12.12 -1.85
N LYS A 90 6.46 -11.52 -0.71
CA LYS A 90 5.82 -11.89 0.54
C LYS A 90 5.36 -10.64 1.31
N LEU A 91 5.33 -9.51 0.59
CA LEU A 91 4.86 -8.24 1.16
C LEU A 91 3.47 -8.38 1.75
N HIS A 92 3.23 -7.70 2.85
CA HIS A 92 1.93 -7.74 3.50
C HIS A 92 1.28 -6.36 3.47
N VAL A 93 0.23 -6.22 2.68
CA VAL A 93 -0.48 -4.96 2.58
C VAL A 93 -1.35 -4.78 3.83
N ARG A 94 -1.37 -3.56 4.36
CA ARG A 94 -2.16 -3.27 5.56
C ARG A 94 -3.54 -2.72 5.20
N ASP A 95 -3.62 -2.02 4.08
CA ASP A 95 -4.87 -1.42 3.64
C ASP A 95 -5.67 -2.34 2.73
N ALA A 96 -6.90 -1.95 2.46
CA ALA A 96 -7.80 -2.73 1.61
C ALA A 96 -7.66 -2.35 0.14
N LYS A 97 -8.79 -2.39 -0.58
CA LYS A 97 -8.83 -2.07 -2.01
C LYS A 97 -10.28 -2.05 -2.51
N GLU A 98 -10.45 -1.74 -3.79
CA GLU A 98 -11.77 -1.70 -4.44
C GLU A 98 -12.67 -0.62 -3.82
N GLY A 99 -13.98 -0.84 -3.91
CA GLY A 99 -14.93 0.12 -3.38
C GLY A 99 -15.33 1.15 -4.41
N SER A 100 -16.45 0.92 -5.09
CA SER A 100 -16.92 1.86 -6.10
C SER A 100 -18.45 1.93 -6.12
N VAL A 101 -19.00 2.99 -6.71
CA VAL A 101 -20.44 3.19 -6.77
C VAL A 101 -20.86 3.62 -8.18
N LYS A 102 -22.15 3.56 -8.47
CA LYS A 102 -22.68 3.95 -9.77
C LYS A 102 -24.12 4.42 -9.61
N GLY A 103 -24.71 4.92 -10.69
CA GLY A 103 -26.08 5.40 -10.65
C GLY A 103 -26.99 4.64 -11.57
N TYR A 104 -28.22 5.13 -11.72
CA TYR A 104 -29.21 4.48 -12.57
C TYR A 104 -29.51 5.35 -13.79
N ALA A 105 -29.89 4.72 -14.88
CA ALA A 105 -30.19 5.44 -16.11
C ALA A 105 -31.67 5.77 -16.19
N GLY A 106 -31.98 7.01 -16.53
CA GLY A 106 -33.36 7.43 -16.65
C GLY A 106 -33.58 8.80 -16.06
N ASP A 107 -34.60 9.48 -16.55
CA ASP A 107 -34.92 10.81 -16.06
C ASP A 107 -35.80 10.69 -14.85
N THR A 108 -35.18 10.43 -13.74
CA THR A 108 -35.89 10.31 -12.49
C THR A 108 -36.16 11.72 -11.96
N ALA A 109 -35.47 12.70 -12.55
CA ALA A 109 -35.59 14.09 -12.16
C ALA A 109 -36.99 14.63 -12.45
N THR A 110 -37.48 14.39 -13.65
CA THR A 110 -38.81 14.84 -14.03
C THR A 110 -39.85 14.16 -13.14
N THR A 111 -39.57 12.93 -12.79
CA THR A 111 -40.43 12.15 -11.93
C THR A 111 -40.35 12.67 -10.49
N SER A 112 -39.17 13.14 -10.09
CA SER A 112 -38.98 13.65 -8.73
C SER A 112 -39.68 15.00 -8.53
N GLU A 113 -39.73 15.83 -9.56
CA GLU A 113 -40.38 17.13 -9.45
C GLU A 113 -41.88 17.01 -9.69
N ILE A 114 -42.26 16.29 -10.76
CA ILE A 114 -43.66 16.12 -11.11
C ILE A 114 -44.49 15.63 -9.91
N LYS A 115 -43.92 14.74 -9.09
CA LYS A 115 -44.64 14.23 -7.93
C LYS A 115 -44.85 15.33 -6.91
N ALA A 116 -43.84 16.20 -6.76
CA ALA A 116 -43.91 17.31 -5.82
C ALA A 116 -45.01 18.29 -6.21
N LYS A 117 -45.33 18.34 -7.50
CA LYS A 117 -46.37 19.23 -7.99
C LYS A 117 -47.75 18.61 -7.78
N LEU A 118 -47.85 17.33 -8.04
CA LEU A 118 -49.12 16.61 -7.93
C LEU A 118 -49.57 16.44 -6.47
N LEU A 119 -48.62 16.26 -5.56
CA LEU A 119 -48.97 16.10 -4.15
C LEU A 119 -49.28 17.43 -3.52
N ALA A 120 -48.79 18.48 -4.15
CA ALA A 120 -48.99 19.83 -3.65
C ALA A 120 -50.32 20.42 -4.14
N ASP A 121 -50.93 19.75 -5.11
CA ASP A 121 -52.21 20.19 -5.67
C ASP A 121 -53.32 20.02 -4.64
N ASP A 122 -54.45 20.67 -4.86
CA ASP A 122 -55.56 20.62 -3.92
C ASP A 122 -56.56 19.51 -4.29
N ILE A 123 -56.45 18.97 -5.49
CA ILE A 123 -57.37 17.92 -5.92
C ILE A 123 -56.66 16.64 -6.35
N VAL A 124 -55.53 16.77 -7.05
CA VAL A 124 -54.78 15.60 -7.50
C VAL A 124 -54.33 14.72 -6.34
N PRO A 125 -54.93 13.53 -6.22
CA PRO A 125 -54.60 12.58 -5.18
C PRO A 125 -53.33 11.80 -5.49
N SER A 126 -52.18 12.48 -5.44
CA SER A 126 -50.90 11.84 -5.72
C SER A 126 -50.57 10.77 -4.69
N ARG A 127 -51.39 10.65 -3.67
CA ARG A 127 -51.20 9.65 -2.63
C ARG A 127 -51.71 8.29 -3.11
N HIS A 128 -52.55 8.32 -4.13
CA HIS A 128 -53.12 7.10 -4.70
C HIS A 128 -52.73 6.97 -6.17
N VAL A 129 -52.04 7.98 -6.69
CA VAL A 129 -51.61 7.99 -8.07
C VAL A 129 -50.10 8.13 -8.14
N LYS A 130 -49.47 7.24 -8.89
CA LYS A 130 -48.03 7.26 -9.04
C LYS A 130 -47.66 7.73 -10.44
N VAL A 131 -46.53 8.42 -10.53
CA VAL A 131 -46.07 8.92 -11.81
C VAL A 131 -44.62 8.54 -12.06
N GLU A 132 -44.36 8.09 -13.27
CA GLU A 132 -43.04 7.70 -13.68
C GLU A 132 -42.82 8.17 -15.12
N THR A 133 -41.64 8.69 -15.41
CA THR A 133 -41.35 9.19 -16.74
C THR A 133 -40.25 8.38 -17.43
N THR A 134 -40.44 8.15 -18.71
CA THR A 134 -39.47 7.43 -19.50
C THR A 134 -39.06 8.26 -20.70
N ASP A 135 -37.83 8.79 -20.66
CA ASP A 135 -37.28 9.60 -21.75
C ASP A 135 -38.11 10.89 -21.96
N GLY A 136 -38.80 11.35 -20.92
CA GLY A 136 -39.58 12.56 -21.07
C GLY A 136 -41.05 12.28 -21.20
N VAL A 137 -41.39 11.01 -21.30
CA VAL A 137 -42.79 10.60 -21.41
C VAL A 137 -43.32 10.38 -20.00
N VAL A 138 -44.11 11.33 -19.51
CA VAL A 138 -44.65 11.22 -18.16
C VAL A 138 -45.90 10.35 -18.16
N GLN A 139 -45.86 9.29 -17.37
CA GLN A 139 -46.97 8.38 -17.26
C GLN A 139 -47.60 8.48 -15.89
N LEU A 140 -48.92 8.63 -15.85
CA LEU A 140 -49.63 8.73 -14.59
C LEU A 140 -50.55 7.54 -14.43
N SER A 141 -50.28 6.72 -13.44
CA SER A 141 -51.09 5.54 -13.20
C SER A 141 -51.59 5.51 -11.76
N GLY A 142 -52.83 5.12 -11.59
CA GLY A 142 -53.41 5.05 -10.26
C GLY A 142 -54.90 5.19 -10.30
N THR A 143 -55.45 5.92 -9.34
CA THR A 143 -56.89 6.12 -9.30
C THR A 143 -57.23 7.48 -8.70
N VAL A 144 -58.18 8.17 -9.32
CA VAL A 144 -58.62 9.46 -8.84
C VAL A 144 -60.12 9.41 -8.59
N ASP A 145 -60.65 10.40 -7.89
CA ASP A 145 -62.07 10.40 -7.59
C ASP A 145 -62.90 10.88 -8.78
N SER A 146 -62.41 11.87 -9.51
CA SER A 146 -63.14 12.41 -10.64
C SER A 146 -62.20 12.91 -11.72
N GLN A 147 -62.76 13.15 -12.91
CA GLN A 147 -62.00 13.61 -14.07
C GLN A 147 -61.29 14.94 -13.79
N ALA A 148 -61.87 15.76 -12.93
CA ALA A 148 -61.28 17.06 -12.59
C ALA A 148 -59.89 16.88 -12.01
N GLN A 149 -59.73 15.88 -11.15
CA GLN A 149 -58.44 15.61 -10.51
C GLN A 149 -57.51 14.91 -11.50
N SER A 150 -58.11 14.17 -12.42
CA SER A 150 -57.37 13.47 -13.45
C SER A 150 -56.73 14.44 -14.45
N ASP A 151 -57.51 15.44 -14.87
CA ASP A 151 -57.05 16.44 -15.83
C ASP A 151 -55.90 17.27 -15.27
N ARG A 152 -56.08 17.80 -14.07
CA ARG A 152 -55.06 18.62 -13.43
C ARG A 152 -53.72 17.88 -13.41
N ALA A 153 -53.76 16.62 -12.98
CA ALA A 153 -52.56 15.79 -12.91
C ALA A 153 -51.79 15.84 -14.23
N GLU A 154 -52.50 15.66 -15.33
CA GLU A 154 -51.91 15.68 -16.65
C GLU A 154 -51.48 17.09 -17.02
N SER A 155 -52.36 18.05 -16.76
CA SER A 155 -52.08 19.45 -17.07
C SER A 155 -50.75 19.90 -16.44
N ILE A 156 -50.43 19.38 -15.26
CA ILE A 156 -49.18 19.72 -14.60
C ILE A 156 -48.03 18.89 -15.15
N ALA A 157 -48.32 17.64 -15.48
CA ALA A 157 -47.32 16.73 -16.02
C ALA A 157 -46.72 17.29 -17.31
N LYS A 158 -47.58 17.74 -18.22
CA LYS A 158 -47.14 18.31 -19.49
C LYS A 158 -46.65 19.74 -19.31
N ALA A 159 -46.73 20.25 -18.08
CA ALA A 159 -46.29 21.61 -17.78
C ALA A 159 -44.87 21.62 -17.22
N VAL A 160 -44.33 20.43 -16.92
CA VAL A 160 -42.97 20.32 -16.40
C VAL A 160 -41.99 20.26 -17.59
N ASP A 161 -40.91 21.03 -17.51
CA ASP A 161 -39.90 21.08 -18.57
C ASP A 161 -39.23 19.72 -18.77
N GLY A 162 -38.76 19.46 -19.99
CA GLY A 162 -38.11 18.20 -20.30
C GLY A 162 -39.09 17.17 -20.81
N VAL A 163 -40.34 17.32 -20.38
CA VAL A 163 -41.39 16.41 -20.77
C VAL A 163 -41.77 16.59 -22.24
N LYS A 164 -41.80 15.48 -22.97
CA LYS A 164 -42.14 15.49 -24.38
C LYS A 164 -43.58 15.01 -24.60
N SER A 165 -44.02 14.10 -23.74
CA SER A 165 -45.35 13.55 -23.83
C SER A 165 -45.86 13.14 -22.45
N VAL A 166 -47.16 12.94 -22.34
CA VAL A 166 -47.78 12.54 -21.10
C VAL A 166 -48.87 11.51 -21.39
N LYS A 167 -49.09 10.59 -20.46
CA LYS A 167 -50.10 9.56 -20.64
C LYS A 167 -50.97 9.39 -19.40
N ASN A 168 -52.21 9.80 -19.51
CA ASN A 168 -53.17 9.69 -18.41
C ASN A 168 -53.73 8.28 -18.35
N ASP A 169 -53.16 7.47 -17.47
CA ASP A 169 -53.58 6.10 -17.32
C ASP A 169 -54.29 5.88 -15.98
N LEU A 170 -54.29 6.91 -15.14
CA LEU A 170 -54.98 6.84 -13.87
C LEU A 170 -56.48 6.70 -14.11
N LYS A 171 -57.12 5.78 -13.41
CA LYS A 171 -58.55 5.55 -13.59
C LYS A 171 -59.38 6.35 -12.60
N THR A 172 -60.64 6.57 -12.95
CA THR A 172 -61.56 7.30 -12.10
C THR A 172 -62.36 6.32 -11.23
N LYS A 173 -62.91 6.82 -10.14
CA LYS A 173 -63.71 5.99 -9.25
C LYS A 173 -65.20 6.16 -9.57
N GLU A 1 87.28 -11.35 58.27
CA GLU A 1 87.83 -10.88 57.02
C GLU A 1 86.71 -10.35 56.12
N ASN A 2 86.96 -10.35 54.81
CA ASN A 2 85.97 -9.85 53.85
C ASN A 2 85.43 -10.99 53.00
N ASN A 3 84.47 -10.67 52.14
CA ASN A 3 83.87 -11.66 51.27
C ASN A 3 84.67 -11.76 49.97
N ALA A 4 84.81 -12.96 49.44
CA ALA A 4 85.56 -13.16 48.22
C ALA A 4 84.92 -14.25 47.37
N GLN A 5 85.18 -14.19 46.05
CA GLN A 5 84.65 -15.16 45.09
C GLN A 5 83.13 -15.11 45.03
N THR A 6 82.61 -14.25 44.16
CA THR A 6 81.18 -14.10 43.99
C THR A 6 80.84 -13.75 42.55
N THR A 7 79.92 -14.51 41.96
CA THR A 7 79.49 -14.29 40.60
C THR A 7 78.08 -14.86 40.39
N ASN A 8 77.18 -14.06 39.85
CA ASN A 8 75.80 -14.51 39.62
C ASN A 8 75.13 -13.63 38.56
N GLU A 9 74.88 -14.21 37.40
CA GLU A 9 74.25 -13.49 36.30
C GLU A 9 73.24 -14.38 35.60
N SER A 10 72.13 -13.79 35.16
CA SER A 10 71.07 -14.53 34.48
C SER A 10 70.08 -13.57 33.82
N ALA A 11 69.62 -13.92 32.63
CA ALA A 11 68.65 -13.10 31.89
C ALA A 11 67.95 -13.92 30.82
N GLY A 12 66.82 -13.43 30.35
CA GLY A 12 66.07 -14.14 29.33
C GLY A 12 64.80 -13.40 28.94
N GLN A 13 64.42 -13.52 27.67
CA GLN A 13 63.22 -12.85 27.15
C GLN A 13 62.72 -13.58 25.92
N LYS A 14 61.40 -13.66 25.78
CA LYS A 14 60.79 -14.33 24.63
C LYS A 14 59.34 -13.93 24.48
N VAL A 15 58.86 -13.91 23.24
CA VAL A 15 57.49 -13.55 22.95
C VAL A 15 56.99 -14.39 21.77
N ASP A 16 55.69 -14.66 21.75
CA ASP A 16 55.10 -15.45 20.68
C ASP A 16 54.98 -14.61 19.41
N SER A 17 54.88 -15.26 18.26
CA SER A 17 54.75 -14.55 17.00
C SER A 17 53.77 -15.26 16.06
N SER A 18 52.48 -15.12 16.35
CA SER A 18 51.45 -15.74 15.53
C SER A 18 50.54 -14.67 14.92
N MET A 19 49.83 -15.04 13.85
CA MET A 19 48.92 -14.13 13.18
C MET A 19 47.76 -14.91 12.58
N ASN A 20 46.53 -14.44 12.84
CA ASN A 20 45.35 -15.11 12.32
C ASN A 20 44.72 -14.32 11.17
N LYS A 21 43.79 -14.95 10.48
CA LYS A 21 43.10 -14.32 9.36
C LYS A 21 41.64 -14.76 9.30
N VAL A 22 40.79 -13.89 8.81
CA VAL A 22 39.37 -14.18 8.69
C VAL A 22 39.00 -14.38 7.24
N GLY A 23 37.96 -15.19 7.00
CA GLY A 23 37.53 -15.45 5.64
C GLY A 23 36.51 -14.44 5.15
N ASN A 24 35.51 -14.16 5.99
CA ASN A 24 34.44 -13.20 5.67
C ASN A 24 33.72 -13.60 4.38
N PHE A 25 32.83 -14.58 4.48
CA PHE A 25 32.09 -15.06 3.32
C PHE A 25 30.85 -14.20 3.08
N MET A 26 30.67 -13.75 1.85
CA MET A 26 29.54 -12.91 1.46
C MET A 26 29.06 -13.28 0.06
N ASP A 27 28.08 -14.17 -0.02
CA ASP A 27 27.54 -14.61 -1.31
C ASP A 27 26.12 -14.11 -1.52
N ASP A 28 25.14 -14.73 -0.87
CA ASP A 28 23.75 -14.33 -0.98
C ASP A 28 23.51 -13.07 -0.18
N SER A 29 24.18 -12.97 0.96
CA SER A 29 24.08 -11.82 1.82
C SER A 29 24.61 -10.57 1.12
N ALA A 30 25.51 -10.80 0.16
CA ALA A 30 26.11 -9.72 -0.61
C ALA A 30 25.11 -9.14 -1.62
N ILE A 31 24.04 -9.87 -1.89
CA ILE A 31 23.03 -9.41 -2.82
C ILE A 31 22.06 -8.45 -2.15
N THR A 32 21.79 -8.70 -0.88
CA THR A 32 20.88 -7.87 -0.09
C THR A 32 21.39 -6.44 -0.01
N ALA A 33 22.71 -6.29 -0.08
CA ALA A 33 23.36 -4.99 -0.02
C ALA A 33 22.88 -4.07 -1.14
N LYS A 34 22.56 -4.64 -2.29
CA LYS A 34 22.09 -3.86 -3.43
C LYS A 34 20.59 -3.71 -3.37
N VAL A 35 19.93 -4.84 -3.20
CA VAL A 35 18.47 -4.92 -3.14
C VAL A 35 17.88 -3.89 -2.18
N LYS A 36 18.44 -3.79 -0.97
CA LYS A 36 17.92 -2.87 0.02
C LYS A 36 18.13 -1.42 -0.44
N ALA A 37 19.09 -1.21 -1.32
CA ALA A 37 19.37 0.12 -1.84
C ALA A 37 18.43 0.46 -2.98
N ALA A 38 18.09 -0.55 -3.78
CA ALA A 38 17.20 -0.37 -4.91
C ALA A 38 15.79 0.02 -4.46
N LEU A 39 15.46 -0.37 -3.24
CA LEU A 39 14.16 -0.06 -2.67
C LEU A 39 14.08 1.37 -2.15
N VAL A 40 15.07 1.78 -1.36
CA VAL A 40 15.09 3.13 -0.80
C VAL A 40 15.26 4.19 -1.88
N ASP A 41 15.80 3.77 -3.03
CA ASP A 41 16.00 4.67 -4.16
C ASP A 41 14.66 5.10 -4.74
N HIS A 42 13.66 4.24 -4.57
CA HIS A 42 12.32 4.50 -5.06
C HIS A 42 11.47 5.17 -3.99
N ASP A 43 11.16 6.45 -4.16
CA ASP A 43 10.36 7.21 -3.18
C ASP A 43 8.99 6.57 -2.94
N ASN A 44 8.43 5.92 -3.95
CA ASN A 44 7.12 5.29 -3.85
C ASN A 44 7.18 3.96 -3.09
N ILE A 45 8.37 3.53 -2.73
CA ILE A 45 8.53 2.30 -1.99
C ILE A 45 9.17 2.57 -0.65
N LYS A 46 8.42 2.36 0.41
CA LYS A 46 8.93 2.60 1.74
C LYS A 46 9.57 1.34 2.29
N SER A 47 10.89 1.27 2.13
CA SER A 47 11.64 0.13 2.59
C SER A 47 11.70 0.10 4.11
N THR A 48 11.21 1.17 4.73
CA THR A 48 11.18 1.27 6.19
C THR A 48 10.24 0.22 6.77
N ASP A 49 9.23 -0.16 5.98
CA ASP A 49 8.26 -1.17 6.39
C ASP A 49 8.59 -2.49 5.73
N ILE A 50 9.75 -2.57 5.11
CA ILE A 50 10.15 -3.76 4.37
C ILE A 50 11.45 -4.38 4.87
N SER A 51 11.41 -5.69 5.03
CA SER A 51 12.56 -6.48 5.46
C SER A 51 13.12 -7.27 4.28
N VAL A 52 14.37 -7.03 3.94
CA VAL A 52 15.03 -7.73 2.83
C VAL A 52 15.89 -8.88 3.34
N LYS A 53 15.90 -9.97 2.59
CA LYS A 53 16.69 -11.15 2.95
C LYS A 53 16.90 -12.02 1.71
N THR A 54 18.11 -12.57 1.57
CA THR A 54 18.44 -13.42 0.44
C THR A 54 18.82 -14.82 0.91
N ASP A 55 18.14 -15.81 0.36
CA ASP A 55 18.40 -17.20 0.70
C ASP A 55 18.51 -18.00 -0.58
N GLN A 56 19.73 -18.46 -0.85
CA GLN A 56 20.01 -19.27 -2.04
C GLN A 56 19.70 -18.49 -3.31
N LYS A 57 20.23 -17.27 -3.39
CA LYS A 57 20.04 -16.39 -4.56
C LYS A 57 18.58 -15.98 -4.72
N VAL A 58 17.77 -16.23 -3.70
CA VAL A 58 16.37 -15.88 -3.72
C VAL A 58 16.10 -14.78 -2.70
N VAL A 59 15.69 -13.62 -3.19
CA VAL A 59 15.41 -12.49 -2.32
C VAL A 59 13.93 -12.47 -1.92
N THR A 60 13.70 -12.48 -0.62
CA THR A 60 12.35 -12.46 -0.08
C THR A 60 11.99 -11.07 0.42
N LEU A 61 10.90 -10.53 -0.10
CA LEU A 61 10.44 -9.21 0.31
C LEU A 61 9.24 -9.35 1.22
N SER A 62 9.43 -9.03 2.48
CA SER A 62 8.37 -9.14 3.46
C SER A 62 8.23 -7.85 4.25
N GLY A 63 7.00 -7.53 4.61
CA GLY A 63 6.76 -6.34 5.37
C GLY A 63 5.36 -5.81 5.14
N PHE A 64 5.20 -4.51 5.24
CA PHE A 64 3.91 -3.89 5.05
C PHE A 64 3.99 -2.73 4.07
N VAL A 65 3.08 -2.71 3.12
CA VAL A 65 3.06 -1.67 2.11
C VAL A 65 1.73 -0.91 2.15
N GLU A 66 1.63 0.16 1.36
CA GLU A 66 0.41 0.95 1.32
C GLU A 66 -0.65 0.28 0.47
N SER A 67 -0.22 -0.27 -0.65
CA SER A 67 -1.13 -0.95 -1.57
C SER A 67 -0.43 -2.14 -2.22
N GLN A 68 -1.19 -3.00 -2.86
CA GLN A 68 -0.64 -4.18 -3.54
C GLN A 68 0.40 -3.77 -4.58
N ALA A 69 0.12 -2.68 -5.29
CA ALA A 69 1.02 -2.17 -6.32
C ALA A 69 2.40 -1.82 -5.74
N GLN A 70 2.42 -1.38 -4.49
CA GLN A 70 3.67 -1.02 -3.82
C GLN A 70 4.51 -2.26 -3.59
N ALA A 71 3.84 -3.35 -3.25
CA ALA A 71 4.50 -4.62 -2.98
C ALA A 71 5.10 -5.22 -4.25
N GLU A 72 4.33 -5.22 -5.32
CA GLU A 72 4.79 -5.78 -6.60
C GLU A 72 5.91 -4.92 -7.17
N GLU A 73 5.92 -3.64 -6.83
CA GLU A 73 6.94 -2.73 -7.29
C GLU A 73 8.27 -3.05 -6.61
N ALA A 74 8.18 -3.37 -5.32
CA ALA A 74 9.36 -3.70 -4.53
C ALA A 74 10.10 -4.91 -5.08
N VAL A 75 9.37 -6.00 -5.33
CA VAL A 75 9.99 -7.21 -5.87
C VAL A 75 10.44 -7.01 -7.30
N LYS A 76 9.78 -6.08 -7.99
CA LYS A 76 10.10 -5.75 -9.36
C LYS A 76 11.50 -5.15 -9.42
N VAL A 77 11.72 -4.14 -8.57
CA VAL A 77 13.01 -3.48 -8.50
C VAL A 77 14.08 -4.44 -7.98
N ALA A 78 13.68 -5.26 -7.01
CA ALA A 78 14.59 -6.24 -6.41
C ALA A 78 15.07 -7.25 -7.44
N LYS A 79 14.19 -7.62 -8.36
CA LYS A 79 14.51 -8.59 -9.39
C LYS A 79 15.47 -7.98 -10.42
N GLY A 80 15.64 -6.67 -10.37
CA GLY A 80 16.54 -5.99 -11.29
C GLY A 80 17.98 -5.98 -10.80
N VAL A 81 18.18 -6.37 -9.54
CA VAL A 81 19.52 -6.41 -8.95
C VAL A 81 20.34 -7.57 -9.50
N GLU A 82 21.58 -7.29 -9.88
CA GLU A 82 22.47 -8.31 -10.40
C GLU A 82 22.87 -9.28 -9.28
N GLY A 83 22.64 -10.57 -9.50
CA GLY A 83 23.00 -11.56 -8.51
C GLY A 83 21.82 -12.38 -8.03
N VAL A 84 20.62 -11.81 -8.11
CA VAL A 84 19.42 -12.52 -7.68
C VAL A 84 18.92 -13.44 -8.79
N THR A 85 18.50 -14.63 -8.40
CA THR A 85 17.99 -15.61 -9.36
C THR A 85 16.46 -15.61 -9.34
N SER A 86 15.88 -15.38 -8.17
CA SER A 86 14.44 -15.34 -8.02
C SER A 86 14.04 -14.48 -6.83
N VAL A 87 12.91 -13.80 -6.94
CA VAL A 87 12.43 -12.95 -5.86
C VAL A 87 11.07 -13.44 -5.38
N SER A 88 10.85 -13.41 -4.07
CA SER A 88 9.60 -13.86 -3.49
C SER A 88 8.88 -12.71 -2.80
N ASP A 89 7.65 -12.47 -3.22
CA ASP A 89 6.83 -11.42 -2.65
C ASP A 89 6.05 -11.96 -1.45
N LYS A 90 6.35 -11.42 -0.29
CA LYS A 90 5.67 -11.81 0.94
C LYS A 90 5.19 -10.57 1.66
N LEU A 91 5.30 -9.44 0.96
CA LEU A 91 4.86 -8.15 1.48
C LEU A 91 3.35 -8.14 1.65
N HIS A 92 2.87 -7.49 2.69
CA HIS A 92 1.44 -7.43 2.94
C HIS A 92 0.96 -6.00 3.02
N VAL A 93 -0.19 -5.75 2.43
CA VAL A 93 -0.79 -4.43 2.45
C VAL A 93 -1.31 -4.13 3.86
N ARG A 94 -1.23 -2.87 4.26
CA ARG A 94 -1.68 -2.43 5.57
C ARG A 94 -3.16 -2.74 5.77
N ASP A 95 -3.99 -2.00 5.05
CA ASP A 95 -5.45 -2.16 5.14
C ASP A 95 -5.95 -3.22 4.17
N ALA A 96 -7.22 -3.58 4.33
CA ALA A 96 -7.85 -4.58 3.47
C ALA A 96 -8.22 -4.01 2.12
N LYS A 97 -8.24 -4.86 1.11
CA LYS A 97 -8.57 -4.44 -0.25
C LYS A 97 -10.06 -4.66 -0.55
N GLU A 98 -10.91 -4.01 0.23
CA GLU A 98 -12.36 -4.13 0.06
C GLU A 98 -13.08 -2.97 0.75
N GLY A 99 -14.41 -2.96 0.66
CA GLY A 99 -15.18 -1.88 1.27
C GLY A 99 -16.33 -1.42 0.40
N SER A 100 -17.47 -1.13 1.00
CA SER A 100 -18.65 -0.67 0.26
C SER A 100 -19.61 0.09 1.17
N VAL A 101 -20.38 1.01 0.57
CA VAL A 101 -21.36 1.81 1.31
C VAL A 101 -22.30 2.52 0.33
N LYS A 102 -23.60 2.27 0.46
CA LYS A 102 -24.60 2.90 -0.40
C LYS A 102 -26.01 2.64 0.11
N GLY A 103 -26.76 3.71 0.33
CA GLY A 103 -28.13 3.59 0.80
C GLY A 103 -28.50 4.68 1.79
N TYR A 104 -29.42 5.55 1.39
CA TYR A 104 -29.87 6.65 2.24
C TYR A 104 -31.10 7.32 1.64
N ALA A 105 -31.71 8.23 2.41
CA ALA A 105 -32.89 8.96 1.96
C ALA A 105 -33.12 10.18 2.84
N GLY A 106 -33.63 11.26 2.24
CA GLY A 106 -33.90 12.47 2.98
C GLY A 106 -34.83 13.39 2.22
N ASP A 107 -35.91 13.83 2.85
CA ASP A 107 -36.90 14.70 2.21
C ASP A 107 -37.60 15.57 3.25
N THR A 108 -37.85 14.98 4.42
CA THR A 108 -38.54 15.63 5.53
C THR A 108 -38.01 17.04 5.85
N ALA A 109 -36.80 17.36 5.41
CA ALA A 109 -36.20 18.68 5.65
C ALA A 109 -37.10 19.79 5.11
N THR A 110 -37.62 19.58 3.90
CA THR A 110 -38.51 20.56 3.27
C THR A 110 -39.74 20.79 4.13
N THR A 111 -40.31 19.70 4.63
CA THR A 111 -41.49 19.77 5.47
C THR A 111 -41.15 20.49 6.78
N SER A 112 -39.99 20.19 7.35
CA SER A 112 -39.56 20.80 8.59
C SER A 112 -39.57 22.32 8.52
N GLU A 113 -38.98 22.89 7.48
CA GLU A 113 -38.91 24.33 7.35
C GLU A 113 -40.24 24.90 6.86
N ILE A 114 -40.89 24.21 5.92
CA ILE A 114 -42.15 24.68 5.37
C ILE A 114 -43.17 24.92 6.47
N LYS A 115 -43.10 24.10 7.52
CA LYS A 115 -44.01 24.23 8.64
C LYS A 115 -43.67 25.48 9.44
N ALA A 116 -42.38 25.72 9.56
CA ALA A 116 -41.88 26.88 10.29
C ALA A 116 -42.30 28.17 9.60
N LYS A 117 -42.53 28.11 8.29
CA LYS A 117 -42.94 29.28 7.53
C LYS A 117 -44.45 29.49 7.64
N LEU A 118 -45.20 28.39 7.54
CA LEU A 118 -46.66 28.45 7.60
C LEU A 118 -47.17 28.84 8.97
N LEU A 119 -46.49 28.40 10.02
CA LEU A 119 -46.90 28.72 11.38
C LEU A 119 -46.50 30.13 11.73
N ALA A 120 -45.48 30.61 11.05
CA ALA A 120 -44.98 31.94 11.29
C ALA A 120 -45.81 33.00 10.58
N ASP A 121 -46.66 32.54 9.67
CA ASP A 121 -47.53 33.44 8.91
C ASP A 121 -48.65 33.97 9.81
N ASP A 122 -49.19 35.12 9.45
CA ASP A 122 -50.25 35.76 10.24
C ASP A 122 -51.64 35.30 9.81
N ILE A 123 -51.74 34.70 8.62
CA ILE A 123 -53.04 34.26 8.12
C ILE A 123 -53.13 32.74 8.01
N VAL A 124 -52.13 32.10 7.43
CA VAL A 124 -52.13 30.66 7.26
C VAL A 124 -52.22 29.91 8.60
N PRO A 125 -53.35 29.22 8.83
CA PRO A 125 -53.58 28.45 10.05
C PRO A 125 -52.86 27.09 10.04
N SER A 126 -51.55 27.12 10.24
CA SER A 126 -50.75 25.89 10.25
C SER A 126 -51.11 25.00 11.45
N ARG A 127 -51.95 25.50 12.35
CA ARG A 127 -52.35 24.72 13.50
C ARG A 127 -53.51 23.80 13.13
N HIS A 128 -54.14 24.11 12.00
CA HIS A 128 -55.28 23.33 11.52
C HIS A 128 -54.92 22.64 10.21
N VAL A 129 -53.85 23.08 9.59
CA VAL A 129 -53.40 22.52 8.33
C VAL A 129 -52.05 21.81 8.49
N LYS A 130 -51.93 20.67 7.84
CA LYS A 130 -50.70 19.88 7.90
C LYS A 130 -50.04 19.87 6.54
N VAL A 131 -48.74 19.63 6.53
CA VAL A 131 -47.98 19.60 5.28
C VAL A 131 -46.96 18.47 5.33
N GLU A 132 -46.89 17.72 4.24
CA GLU A 132 -45.96 16.60 4.14
C GLU A 132 -45.34 16.55 2.75
N THR A 133 -44.06 16.23 2.69
CA THR A 133 -43.35 16.14 1.42
C THR A 133 -43.03 14.69 1.07
N THR A 134 -43.14 14.38 -0.20
CA THR A 134 -42.86 13.05 -0.71
C THR A 134 -42.15 13.17 -2.05
N ASP A 135 -40.83 12.95 -2.07
CA ASP A 135 -40.01 13.04 -3.29
C ASP A 135 -39.86 14.52 -3.69
N GLY A 136 -39.94 15.39 -2.70
CA GLY A 136 -39.81 16.80 -2.95
C GLY A 136 -41.13 17.42 -3.32
N VAL A 137 -42.16 16.60 -3.23
CA VAL A 137 -43.51 17.03 -3.52
C VAL A 137 -44.19 17.44 -2.23
N VAL A 138 -44.35 18.73 -2.02
CA VAL A 138 -44.98 19.24 -0.81
C VAL A 138 -46.51 19.19 -0.95
N GLN A 139 -47.15 18.52 -0.02
CA GLN A 139 -48.60 18.36 -0.03
C GLN A 139 -49.19 19.03 1.22
N LEU A 140 -50.22 19.85 1.02
CA LEU A 140 -50.87 20.54 2.13
C LEU A 140 -52.27 20.00 2.34
N SER A 141 -52.55 19.51 3.53
CA SER A 141 -53.87 18.96 3.83
C SER A 141 -54.41 19.53 5.14
N GLY A 142 -55.67 19.91 5.15
CA GLY A 142 -56.25 20.45 6.35
C GLY A 142 -57.44 21.33 6.07
N THR A 143 -57.61 22.37 6.87
CA THR A 143 -58.73 23.27 6.71
C THR A 143 -58.34 24.68 7.14
N VAL A 144 -58.76 25.66 6.35
CA VAL A 144 -58.49 27.06 6.65
C VAL A 144 -59.81 27.80 6.72
N ASP A 145 -59.76 29.09 7.00
CA ASP A 145 -60.97 29.88 7.09
C ASP A 145 -61.32 30.53 5.75
N SER A 146 -60.30 30.89 4.97
CA SER A 146 -60.54 31.54 3.67
C SER A 146 -59.45 31.15 2.68
N GLN A 147 -59.76 31.26 1.39
CA GLN A 147 -58.82 30.88 0.33
C GLN A 147 -57.53 31.71 0.41
N ALA A 148 -57.63 32.93 0.93
CA ALA A 148 -56.46 33.81 1.07
C ALA A 148 -55.35 33.09 1.86
N GLN A 149 -55.76 32.35 2.89
CA GLN A 149 -54.82 31.61 3.71
C GLN A 149 -54.34 30.38 2.96
N SER A 150 -55.30 29.68 2.37
CA SER A 150 -55.04 28.47 1.60
C SER A 150 -54.02 28.71 0.48
N ASP A 151 -54.22 29.79 -0.26
CA ASP A 151 -53.33 30.16 -1.37
C ASP A 151 -51.94 30.52 -0.85
N ARG A 152 -51.89 31.34 0.19
CA ARG A 152 -50.62 31.75 0.79
C ARG A 152 -49.81 30.53 1.20
N ALA A 153 -50.48 29.58 1.85
CA ALA A 153 -49.84 28.34 2.28
C ALA A 153 -49.04 27.71 1.14
N GLU A 154 -49.65 27.56 -0.04
CA GLU A 154 -48.95 26.97 -1.18
C GLU A 154 -47.87 27.92 -1.66
N SER A 155 -48.19 29.22 -1.68
CA SER A 155 -47.26 30.24 -2.13
C SER A 155 -45.90 30.06 -1.46
N ILE A 156 -45.92 29.78 -0.17
CA ILE A 156 -44.68 29.58 0.58
C ILE A 156 -44.13 28.17 0.35
N ALA A 157 -45.02 27.20 0.15
CA ALA A 157 -44.63 25.82 -0.07
C ALA A 157 -43.75 25.66 -1.31
N LYS A 158 -44.09 26.38 -2.37
CA LYS A 158 -43.30 26.30 -3.60
C LYS A 158 -42.11 27.26 -3.53
N ALA A 159 -42.17 28.21 -2.60
CA ALA A 159 -41.11 29.19 -2.42
C ALA A 159 -39.92 28.61 -1.66
N VAL A 160 -40.10 27.45 -1.04
CA VAL A 160 -39.03 26.79 -0.29
C VAL A 160 -38.13 26.02 -1.25
N ASP A 161 -36.83 26.24 -1.15
CA ASP A 161 -35.87 25.56 -2.03
C ASP A 161 -35.88 24.06 -1.79
N GLY A 162 -35.75 23.28 -2.86
CA GLY A 162 -35.74 21.84 -2.74
C GLY A 162 -37.04 21.19 -3.21
N VAL A 163 -38.12 21.96 -3.20
CA VAL A 163 -39.42 21.44 -3.62
C VAL A 163 -39.52 21.36 -5.15
N LYS A 164 -40.08 20.26 -5.65
CA LYS A 164 -40.25 20.09 -7.08
C LYS A 164 -41.70 20.37 -7.47
N SER A 165 -42.62 20.07 -6.57
CA SER A 165 -44.04 20.28 -6.84
C SER A 165 -44.80 20.45 -5.53
N VAL A 166 -45.89 21.19 -5.57
CA VAL A 166 -46.72 21.42 -4.41
C VAL A 166 -48.18 21.09 -4.74
N LYS A 167 -48.92 20.61 -3.76
CA LYS A 167 -50.32 20.27 -3.96
C LYS A 167 -51.20 20.88 -2.88
N ASN A 168 -52.07 21.79 -3.30
CA ASN A 168 -53.00 22.47 -2.40
C ASN A 168 -54.24 21.61 -2.19
N ASP A 169 -54.20 20.76 -1.17
CA ASP A 169 -55.31 19.86 -0.88
C ASP A 169 -56.08 20.30 0.36
N LEU A 170 -55.66 21.41 0.96
CA LEU A 170 -56.35 21.95 2.13
C LEU A 170 -57.70 22.54 1.70
N LYS A 171 -58.69 22.51 2.59
CA LYS A 171 -60.00 23.03 2.24
C LYS A 171 -60.36 24.25 3.08
N THR A 172 -61.36 24.99 2.64
CA THR A 172 -61.81 26.18 3.35
C THR A 172 -63.05 25.88 4.18
N LYS A 173 -63.38 26.77 5.10
CA LYS A 173 -64.56 26.61 5.93
C LYS A 173 -65.78 27.22 5.24
N GLU A 1 53.02 -11.78 5.05
CA GLU A 1 53.39 -11.87 3.64
C GLU A 1 52.61 -10.87 2.82
N ASN A 2 52.99 -10.74 1.55
CA ASN A 2 52.35 -9.84 0.59
C ASN A 2 52.63 -8.38 0.94
N ASN A 3 52.36 -7.49 -0.01
CA ASN A 3 52.57 -6.07 0.18
C ASN A 3 51.60 -5.26 -0.67
N ALA A 4 50.31 -5.50 -0.43
CA ALA A 4 49.23 -4.81 -1.15
C ALA A 4 49.24 -5.17 -2.63
N GLN A 5 48.67 -4.30 -3.46
CA GLN A 5 48.60 -4.52 -4.89
C GLN A 5 48.65 -3.19 -5.63
N THR A 6 49.13 -3.22 -6.86
CA THR A 6 49.21 -2.02 -7.67
C THR A 6 47.83 -1.61 -8.19
N THR A 7 47.41 -0.39 -7.85
CA THR A 7 46.13 0.11 -8.29
C THR A 7 46.31 1.11 -9.42
N ASN A 8 45.32 1.19 -10.31
CA ASN A 8 45.38 2.10 -11.45
C ASN A 8 44.31 3.18 -11.32
N GLU A 9 43.05 2.79 -11.52
CA GLU A 9 41.91 3.71 -11.44
C GLU A 9 41.98 4.77 -12.53
N SER A 10 41.05 5.73 -12.47
CA SER A 10 40.99 6.84 -13.43
C SER A 10 40.90 6.35 -14.89
N ALA A 11 39.73 5.89 -15.29
CA ALA A 11 39.52 5.40 -16.65
C ALA A 11 38.13 5.80 -17.15
N GLY A 12 38.07 6.36 -18.36
CA GLY A 12 36.79 6.77 -18.91
C GLY A 12 36.85 7.01 -20.41
N GLN A 13 36.30 6.08 -21.18
CA GLN A 13 36.26 6.19 -22.64
C GLN A 13 35.38 5.10 -23.22
N LYS A 14 35.92 3.89 -23.27
CA LYS A 14 35.19 2.75 -23.79
C LYS A 14 35.61 1.49 -23.04
N VAL A 15 34.81 1.10 -22.07
CA VAL A 15 35.09 -0.08 -21.26
C VAL A 15 33.86 -0.99 -21.22
N ASP A 16 34.10 -2.27 -21.01
CA ASP A 16 33.02 -3.26 -20.95
C ASP A 16 32.41 -3.32 -19.55
N SER A 17 31.29 -4.02 -19.44
CA SER A 17 30.59 -4.15 -18.18
C SER A 17 31.37 -5.02 -17.18
N SER A 18 31.56 -4.47 -15.98
CA SER A 18 32.27 -5.17 -14.90
C SER A 18 31.28 -5.90 -14.00
N MET A 19 31.65 -7.08 -13.53
CA MET A 19 30.77 -7.87 -12.68
C MET A 19 31.36 -8.07 -11.27
N ASN A 20 32.64 -8.46 -11.22
CA ASN A 20 33.34 -8.71 -9.95
C ASN A 20 32.85 -9.99 -9.30
N LYS A 21 31.62 -9.93 -8.77
CA LYS A 21 30.97 -11.08 -8.12
C LYS A 21 31.84 -11.68 -7.03
N VAL A 22 32.19 -10.87 -6.04
CA VAL A 22 33.01 -11.33 -4.93
C VAL A 22 32.13 -11.80 -3.77
N GLY A 23 32.59 -12.85 -3.11
CA GLY A 23 31.85 -13.40 -1.99
C GLY A 23 32.64 -13.28 -0.70
N ASN A 24 33.76 -14.00 -0.65
CA ASN A 24 34.67 -13.99 0.49
C ASN A 24 34.02 -14.63 1.72
N PHE A 25 33.11 -13.90 2.35
CA PHE A 25 32.42 -14.40 3.53
C PHE A 25 30.92 -14.11 3.41
N MET A 26 30.51 -13.51 2.29
CA MET A 26 29.12 -13.17 2.06
C MET A 26 28.69 -13.45 0.61
N ASP A 27 27.76 -14.38 0.43
CA ASP A 27 27.28 -14.72 -0.91
C ASP A 27 25.84 -14.26 -1.12
N ASP A 28 24.89 -14.91 -0.47
CA ASP A 28 23.48 -14.55 -0.60
C ASP A 28 23.26 -13.19 0.04
N SER A 29 23.93 -12.97 1.15
CA SER A 29 23.84 -11.71 1.86
C SER A 29 24.41 -10.58 0.99
N ALA A 30 25.30 -10.96 0.07
CA ALA A 30 25.91 -9.99 -0.83
C ALA A 30 24.89 -9.45 -1.82
N ILE A 31 23.81 -10.21 -2.03
CA ILE A 31 22.77 -9.79 -2.95
C ILE A 31 21.86 -8.76 -2.28
N THR A 32 21.56 -8.98 -1.01
CA THR A 32 20.71 -8.08 -0.23
C THR A 32 21.31 -6.67 -0.17
N ALA A 33 22.64 -6.60 -0.20
CA ALA A 33 23.39 -5.35 -0.11
C ALA A 33 22.92 -4.31 -1.14
N LYS A 34 22.69 -4.75 -2.37
CA LYS A 34 22.27 -3.82 -3.42
C LYS A 34 20.75 -3.67 -3.45
N VAL A 35 20.05 -4.68 -2.95
CA VAL A 35 18.59 -4.65 -2.95
C VAL A 35 18.07 -3.58 -2.00
N LYS A 36 18.68 -3.47 -0.81
CA LYS A 36 18.24 -2.47 0.17
C LYS A 36 18.48 -1.06 -0.38
N ALA A 37 19.37 -0.96 -1.37
CA ALA A 37 19.68 0.32 -1.98
C ALA A 37 18.68 0.66 -3.07
N ALA A 38 18.14 -0.38 -3.69
CA ALA A 38 17.16 -0.21 -4.76
C ALA A 38 15.78 0.11 -4.20
N LEU A 39 15.48 -0.48 -3.05
CA LEU A 39 14.20 -0.26 -2.40
C LEU A 39 14.10 1.19 -1.91
N VAL A 40 15.19 1.71 -1.36
CA VAL A 40 15.20 3.07 -0.86
C VAL A 40 15.36 4.07 -2.02
N ASP A 41 15.84 3.58 -3.15
CA ASP A 41 16.01 4.40 -4.35
C ASP A 41 14.65 4.86 -4.83
N HIS A 42 13.69 3.96 -4.73
CA HIS A 42 12.34 4.24 -5.16
C HIS A 42 11.55 4.90 -4.04
N ASP A 43 11.28 6.19 -4.21
CA ASP A 43 10.50 6.97 -3.23
C ASP A 43 9.14 6.30 -2.98
N ASN A 44 8.56 5.77 -4.05
CA ASN A 44 7.27 5.11 -4.01
C ASN A 44 7.30 3.86 -3.12
N ILE A 45 8.48 3.26 -2.98
CA ILE A 45 8.62 2.06 -2.18
C ILE A 45 9.21 2.39 -0.81
N LYS A 46 8.40 2.22 0.22
CA LYS A 46 8.85 2.52 1.57
C LYS A 46 9.61 1.33 2.15
N SER A 47 10.91 1.31 1.93
CA SER A 47 11.76 0.22 2.40
C SER A 47 11.88 0.21 3.93
N THR A 48 11.50 1.30 4.58
CA THR A 48 11.55 1.39 6.03
C THR A 48 10.59 0.39 6.67
N ASP A 49 9.57 0.02 5.90
CA ASP A 49 8.56 -0.91 6.36
C ASP A 49 8.75 -2.25 5.67
N ILE A 50 9.87 -2.39 5.00
CA ILE A 50 10.17 -3.61 4.27
C ILE A 50 11.47 -4.25 4.74
N SER A 51 11.42 -5.55 4.87
CA SER A 51 12.57 -6.33 5.30
C SER A 51 13.08 -7.18 4.15
N VAL A 52 14.28 -6.90 3.69
CA VAL A 52 14.87 -7.63 2.59
C VAL A 52 15.80 -8.71 3.12
N LYS A 53 15.77 -9.87 2.48
CA LYS A 53 16.60 -10.99 2.86
C LYS A 53 16.79 -11.92 1.67
N THR A 54 17.99 -12.46 1.52
CA THR A 54 18.29 -13.36 0.43
C THR A 54 18.57 -14.77 0.95
N ASP A 55 17.89 -15.73 0.37
CA ASP A 55 18.04 -17.14 0.74
C ASP A 55 18.23 -17.95 -0.53
N GLN A 56 19.45 -18.44 -0.71
CA GLN A 56 19.81 -19.26 -1.87
C GLN A 56 19.59 -18.51 -3.19
N LYS A 57 20.19 -17.32 -3.29
CA LYS A 57 20.10 -16.48 -4.49
C LYS A 57 18.67 -15.98 -4.74
N VAL A 58 17.80 -16.16 -3.76
CA VAL A 58 16.41 -15.73 -3.86
C VAL A 58 16.13 -14.62 -2.85
N VAL A 59 15.73 -13.46 -3.33
CA VAL A 59 15.44 -12.33 -2.46
C VAL A 59 13.97 -12.32 -2.04
N THR A 60 13.75 -12.33 -0.74
CA THR A 60 12.41 -12.31 -0.18
C THR A 60 12.03 -10.90 0.26
N LEU A 61 10.88 -10.44 -0.18
CA LEU A 61 10.38 -9.13 0.20
C LEU A 61 9.22 -9.28 1.15
N SER A 62 9.45 -8.90 2.39
CA SER A 62 8.42 -9.00 3.40
C SER A 62 8.33 -7.71 4.19
N GLY A 63 7.19 -7.46 4.79
CA GLY A 63 7.01 -6.26 5.57
C GLY A 63 5.61 -5.72 5.40
N PHE A 64 5.48 -4.41 5.30
CA PHE A 64 4.18 -3.78 5.13
C PHE A 64 4.23 -2.76 4.01
N VAL A 65 3.33 -2.89 3.06
CA VAL A 65 3.28 -1.96 1.94
C VAL A 65 1.97 -1.19 1.95
N GLU A 66 1.96 -0.05 1.28
CA GLU A 66 0.79 0.80 1.23
C GLU A 66 -0.38 0.07 0.57
N SER A 67 -0.10 -0.55 -0.56
CA SER A 67 -1.11 -1.28 -1.29
C SER A 67 -0.46 -2.40 -2.09
N GLN A 68 -1.28 -3.21 -2.75
CA GLN A 68 -0.79 -4.32 -3.54
C GLN A 68 0.13 -3.84 -4.66
N ALA A 69 -0.20 -2.69 -5.24
CA ALA A 69 0.60 -2.12 -6.33
C ALA A 69 2.01 -1.78 -5.83
N GLN A 70 2.11 -1.34 -4.59
CA GLN A 70 3.38 -0.99 -3.99
C GLN A 70 4.26 -2.23 -3.86
N ALA A 71 3.62 -3.34 -3.54
CA ALA A 71 4.32 -4.63 -3.39
C ALA A 71 4.87 -5.09 -4.74
N GLU A 72 4.08 -4.88 -5.79
CA GLU A 72 4.47 -5.26 -7.15
C GLU A 72 5.73 -4.51 -7.60
N GLU A 73 5.99 -3.36 -6.99
CA GLU A 73 7.18 -2.59 -7.31
C GLU A 73 8.34 -3.05 -6.45
N ALA A 74 8.05 -3.44 -5.22
CA ALA A 74 9.06 -3.91 -4.28
C ALA A 74 9.77 -5.15 -4.81
N VAL A 75 9.00 -6.13 -5.27
CA VAL A 75 9.56 -7.36 -5.79
C VAL A 75 10.23 -7.15 -7.15
N LYS A 76 9.75 -6.16 -7.88
CA LYS A 76 10.28 -5.86 -9.20
C LYS A 76 11.60 -5.10 -9.11
N VAL A 77 11.70 -4.21 -8.12
CA VAL A 77 12.91 -3.43 -7.94
C VAL A 77 14.02 -4.28 -7.33
N ALA A 78 13.63 -5.28 -6.55
CA ALA A 78 14.60 -6.18 -5.93
C ALA A 78 15.24 -7.05 -6.98
N LYS A 79 14.42 -7.46 -7.95
CA LYS A 79 14.87 -8.28 -9.05
C LYS A 79 15.62 -7.43 -10.07
N GLY A 80 15.67 -6.13 -9.82
CA GLY A 80 16.36 -5.22 -10.71
C GLY A 80 17.86 -5.28 -10.51
N VAL A 81 18.29 -5.75 -9.35
CA VAL A 81 19.69 -5.86 -9.06
C VAL A 81 20.26 -7.15 -9.66
N GLU A 82 21.51 -7.10 -10.09
CA GLU A 82 22.16 -8.27 -10.65
C GLU A 82 22.63 -9.19 -9.54
N GLY A 83 22.53 -10.49 -9.76
CA GLY A 83 22.95 -11.45 -8.77
C GLY A 83 21.81 -12.29 -8.24
N VAL A 84 20.62 -11.69 -8.20
CA VAL A 84 19.43 -12.39 -7.71
C VAL A 84 18.88 -13.32 -8.80
N THR A 85 18.67 -14.58 -8.43
CA THR A 85 18.15 -15.56 -9.37
C THR A 85 16.62 -15.53 -9.40
N SER A 86 16.00 -15.28 -8.25
CA SER A 86 14.55 -15.24 -8.15
C SER A 86 14.11 -14.42 -6.94
N VAL A 87 12.88 -13.94 -6.97
CA VAL A 87 12.34 -13.13 -5.87
C VAL A 87 11.10 -13.79 -5.28
N SER A 88 10.98 -13.74 -3.96
CA SER A 88 9.85 -14.32 -3.27
C SER A 88 9.02 -13.22 -2.63
N ASP A 89 7.79 -13.08 -3.09
CA ASP A 89 6.89 -12.06 -2.57
C ASP A 89 6.24 -12.48 -1.26
N LYS A 90 6.48 -11.70 -0.21
CA LYS A 90 5.89 -11.95 1.10
C LYS A 90 5.41 -10.65 1.72
N LEU A 91 5.30 -9.62 0.87
CA LEU A 91 4.82 -8.31 1.29
C LEU A 91 3.44 -8.41 1.94
N HIS A 92 3.14 -7.49 2.84
CA HIS A 92 1.86 -7.49 3.51
C HIS A 92 1.16 -6.15 3.34
N VAL A 93 0.06 -6.17 2.62
CA VAL A 93 -0.72 -4.96 2.39
C VAL A 93 -1.47 -4.56 3.66
N ARG A 94 -1.38 -3.29 4.00
CA ARG A 94 -2.03 -2.76 5.19
C ARG A 94 -3.48 -2.34 4.91
N ASP A 95 -3.77 -2.08 3.65
CA ASP A 95 -5.10 -1.63 3.24
C ASP A 95 -6.01 -2.80 2.95
N ALA A 96 -7.31 -2.60 3.19
CA ALA A 96 -8.30 -3.64 2.97
C ALA A 96 -8.92 -3.49 1.58
N LYS A 97 -8.38 -4.24 0.62
CA LYS A 97 -8.88 -4.19 -0.74
C LYS A 97 -10.25 -4.82 -0.84
N GLU A 98 -11.23 -4.00 -1.17
CA GLU A 98 -12.62 -4.42 -1.30
C GLU A 98 -12.77 -5.59 -2.28
N GLY A 99 -13.70 -6.47 -1.95
CA GLY A 99 -13.95 -7.64 -2.77
C GLY A 99 -14.03 -8.89 -1.94
N SER A 100 -13.12 -9.00 -0.97
CA SER A 100 -13.05 -10.14 -0.05
C SER A 100 -12.61 -11.42 -0.76
N VAL A 101 -12.36 -11.29 -2.06
CA VAL A 101 -11.95 -12.40 -2.89
C VAL A 101 -10.43 -12.45 -3.00
N LYS A 102 -9.89 -13.65 -3.00
CA LYS A 102 -8.45 -13.85 -3.10
C LYS A 102 -8.16 -15.27 -3.56
N GLY A 103 -7.21 -15.42 -4.47
CA GLY A 103 -6.86 -16.74 -4.96
C GLY A 103 -5.74 -17.34 -4.16
N TYR A 104 -6.01 -18.48 -3.53
CA TYR A 104 -5.00 -19.16 -2.73
C TYR A 104 -5.39 -20.62 -2.54
N ALA A 105 -4.47 -21.41 -2.00
CA ALA A 105 -4.73 -22.83 -1.78
C ALA A 105 -5.36 -23.07 -0.41
N GLY A 106 -4.59 -22.85 0.65
CA GLY A 106 -5.09 -23.07 1.98
C GLY A 106 -4.97 -24.54 2.36
N ASP A 107 -5.93 -25.33 1.92
CA ASP A 107 -5.95 -26.77 2.19
C ASP A 107 -5.05 -27.48 1.19
N THR A 108 -3.81 -27.02 1.10
CA THR A 108 -2.84 -27.59 0.17
C THR A 108 -2.66 -29.10 0.36
N ALA A 109 -3.04 -29.60 1.55
CA ALA A 109 -2.93 -31.02 1.84
C ALA A 109 -3.78 -31.84 0.88
N THR A 110 -4.98 -31.33 0.59
CA THR A 110 -5.88 -32.01 -0.34
C THR A 110 -5.25 -32.07 -1.72
N THR A 111 -4.65 -30.95 -2.11
CA THR A 111 -3.98 -30.83 -3.39
C THR A 111 -2.74 -31.74 -3.42
N SER A 112 -2.12 -31.90 -2.26
CA SER A 112 -0.93 -32.71 -2.13
C SER A 112 -1.22 -34.19 -2.39
N GLU A 113 -2.32 -34.68 -1.87
CA GLU A 113 -2.67 -36.07 -2.07
C GLU A 113 -3.38 -36.28 -3.40
N ILE A 114 -4.29 -35.36 -3.73
CA ILE A 114 -5.06 -35.43 -4.97
C ILE A 114 -4.13 -35.59 -6.18
N LYS A 115 -2.97 -34.96 -6.14
CA LYS A 115 -2.02 -35.06 -7.24
C LYS A 115 -1.38 -36.43 -7.27
N ALA A 116 -1.10 -36.96 -6.08
CA ALA A 116 -0.49 -38.27 -5.93
C ALA A 116 -1.41 -39.38 -6.46
N LYS A 117 -2.70 -39.10 -6.50
CA LYS A 117 -3.66 -40.08 -6.98
C LYS A 117 -3.80 -39.97 -8.50
N LEU A 118 -3.87 -38.74 -8.97
CA LEU A 118 -4.04 -38.47 -10.39
C LEU A 118 -2.81 -38.91 -11.18
N LEU A 119 -1.62 -38.75 -10.62
CA LEU A 119 -0.40 -39.14 -11.29
C LEU A 119 -0.20 -40.64 -11.21
N ALA A 120 -0.81 -41.24 -10.23
CA ALA A 120 -0.70 -42.67 -10.04
C ALA A 120 -1.67 -43.44 -10.92
N ASP A 121 -2.63 -42.73 -11.49
CA ASP A 121 -3.63 -43.33 -12.37
C ASP A 121 -2.98 -43.67 -13.71
N ASP A 122 -3.55 -44.62 -14.45
CA ASP A 122 -2.96 -45.03 -15.72
C ASP A 122 -3.47 -44.22 -16.90
N ILE A 123 -4.54 -43.45 -16.72
CA ILE A 123 -5.08 -42.65 -17.81
C ILE A 123 -5.02 -41.16 -17.53
N VAL A 124 -5.29 -40.75 -16.29
CA VAL A 124 -5.24 -39.34 -15.92
C VAL A 124 -3.85 -38.75 -16.13
N PRO A 125 -3.70 -37.89 -17.14
CA PRO A 125 -2.42 -37.24 -17.42
C PRO A 125 -2.12 -36.07 -16.49
N SER A 126 -1.87 -36.38 -15.22
CA SER A 126 -1.57 -35.35 -14.22
C SER A 126 -0.25 -34.63 -14.57
N ARG A 127 0.47 -35.16 -15.54
CA ARG A 127 1.73 -34.56 -15.97
C ARG A 127 1.45 -33.34 -16.85
N HIS A 128 0.22 -33.24 -17.34
CA HIS A 128 -0.20 -32.12 -18.20
C HIS A 128 -1.35 -31.37 -17.54
N VAL A 129 -1.95 -31.98 -16.54
CA VAL A 129 -3.07 -31.37 -15.83
C VAL A 129 -2.67 -31.00 -14.41
N LYS A 130 -2.94 -29.76 -14.05
CA LYS A 130 -2.63 -29.26 -12.72
C LYS A 130 -3.89 -29.24 -11.88
N VAL A 131 -3.73 -29.38 -10.58
CA VAL A 131 -4.85 -29.38 -9.67
C VAL A 131 -4.52 -28.54 -8.44
N GLU A 132 -5.46 -27.70 -8.05
CA GLU A 132 -5.31 -26.85 -6.90
C GLU A 132 -6.64 -26.76 -6.17
N THR A 133 -6.59 -26.68 -4.86
CA THR A 133 -7.80 -26.59 -4.05
C THR A 133 -7.89 -25.23 -3.37
N THR A 134 -9.10 -24.70 -3.30
CA THR A 134 -9.36 -23.42 -2.66
C THR A 134 -10.60 -23.52 -1.80
N ASP A 135 -10.41 -23.39 -0.49
CA ASP A 135 -11.50 -23.42 0.45
C ASP A 135 -12.21 -24.79 0.43
N GLY A 136 -11.48 -25.81 -0.01
CA GLY A 136 -12.02 -27.15 -0.07
C GLY A 136 -12.51 -27.49 -1.47
N VAL A 137 -12.38 -26.55 -2.37
CA VAL A 137 -12.81 -26.73 -3.74
C VAL A 137 -11.63 -27.15 -4.62
N VAL A 138 -11.66 -28.38 -5.12
CA VAL A 138 -10.59 -28.87 -5.97
C VAL A 138 -10.83 -28.47 -7.43
N GLN A 139 -9.86 -27.78 -8.01
CA GLN A 139 -9.95 -27.33 -9.39
C GLN A 139 -8.90 -28.02 -10.24
N LEU A 140 -9.32 -28.53 -11.40
CA LEU A 140 -8.41 -29.20 -12.31
C LEU A 140 -8.27 -28.40 -13.60
N SER A 141 -7.05 -27.98 -13.93
CA SER A 141 -6.83 -27.22 -15.13
C SER A 141 -5.66 -27.80 -15.92
N GLY A 142 -5.84 -27.94 -17.23
CA GLY A 142 -4.78 -28.49 -18.05
C GLY A 142 -5.31 -29.08 -19.33
N THR A 143 -4.64 -30.11 -19.83
CA THR A 143 -5.07 -30.74 -21.06
C THR A 143 -4.90 -32.25 -20.97
N VAL A 144 -5.93 -32.96 -21.42
CA VAL A 144 -5.93 -34.41 -21.41
C VAL A 144 -6.05 -34.91 -22.83
N ASP A 145 -6.12 -36.22 -22.99
CA ASP A 145 -6.25 -36.81 -24.31
C ASP A 145 -7.71 -36.96 -24.71
N SER A 146 -8.51 -37.51 -23.79
CA SER A 146 -9.89 -37.78 -24.06
C SER A 146 -10.74 -37.59 -22.81
N GLN A 147 -12.06 -37.57 -23.00
CA GLN A 147 -13.01 -37.38 -21.91
C GLN A 147 -12.84 -38.40 -20.77
N ALA A 148 -12.61 -39.65 -21.13
CA ALA A 148 -12.44 -40.73 -20.14
C ALA A 148 -11.40 -40.37 -19.06
N GLN A 149 -10.27 -39.84 -19.50
CA GLN A 149 -9.19 -39.46 -18.58
C GLN A 149 -9.59 -38.21 -17.81
N SER A 150 -10.38 -37.36 -18.45
CA SER A 150 -10.86 -36.13 -17.85
C SER A 150 -11.80 -36.43 -16.67
N ASP A 151 -12.83 -37.24 -16.92
CA ASP A 151 -13.81 -37.60 -15.91
C ASP A 151 -13.16 -38.31 -14.73
N ARG A 152 -12.24 -39.22 -15.02
CA ARG A 152 -11.56 -39.97 -13.99
C ARG A 152 -10.87 -39.02 -13.02
N ALA A 153 -10.12 -38.06 -13.57
CA ALA A 153 -9.44 -37.06 -12.76
C ALA A 153 -10.40 -36.42 -11.76
N GLU A 154 -11.56 -35.99 -12.24
CA GLU A 154 -12.57 -35.37 -11.39
C GLU A 154 -13.14 -36.39 -10.40
N SER A 155 -13.35 -37.61 -10.88
CA SER A 155 -13.87 -38.70 -10.07
C SER A 155 -13.03 -38.89 -8.81
N ILE A 156 -11.72 -38.82 -8.97
CA ILE A 156 -10.81 -38.99 -7.83
C ILE A 156 -10.74 -37.73 -6.98
N ALA A 157 -10.93 -36.57 -7.62
CA ALA A 157 -10.87 -35.29 -6.91
C ALA A 157 -11.95 -35.21 -5.83
N LYS A 158 -13.15 -35.65 -6.17
CA LYS A 158 -14.26 -35.63 -5.21
C LYS A 158 -14.17 -36.83 -4.27
N ALA A 159 -13.41 -37.83 -4.69
CA ALA A 159 -13.22 -39.04 -3.90
C ALA A 159 -12.26 -38.82 -2.73
N VAL A 160 -11.49 -37.74 -2.78
CA VAL A 160 -10.53 -37.44 -1.71
C VAL A 160 -11.27 -36.79 -0.54
N ASP A 161 -11.10 -37.35 0.65
CA ASP A 161 -11.76 -36.83 1.84
C ASP A 161 -11.32 -35.39 2.12
N GLY A 162 -12.27 -34.56 2.52
CA GLY A 162 -11.96 -33.17 2.80
C GLY A 162 -12.40 -32.22 1.71
N VAL A 163 -12.76 -32.76 0.56
CA VAL A 163 -13.18 -31.94 -0.56
C VAL A 163 -14.67 -31.60 -0.47
N LYS A 164 -15.03 -30.37 -0.80
CA LYS A 164 -16.42 -29.96 -0.78
C LYS A 164 -16.98 -29.81 -2.19
N SER A 165 -16.12 -29.45 -3.13
CA SER A 165 -16.55 -29.29 -4.51
C SER A 165 -15.37 -29.50 -5.47
N VAL A 166 -15.68 -29.86 -6.71
CA VAL A 166 -14.65 -30.09 -7.72
C VAL A 166 -15.02 -29.38 -9.02
N LYS A 167 -14.03 -28.91 -9.77
CA LYS A 167 -14.27 -28.22 -11.03
C LYS A 167 -13.38 -28.76 -12.15
N ASN A 168 -14.01 -29.34 -13.16
CA ASN A 168 -13.30 -29.89 -14.30
C ASN A 168 -13.10 -28.82 -15.36
N ASP A 169 -11.96 -28.14 -15.29
CA ASP A 169 -11.64 -27.07 -16.22
C ASP A 169 -10.58 -27.50 -17.24
N LEU A 170 -10.09 -28.73 -17.10
CA LEU A 170 -9.10 -29.26 -18.02
C LEU A 170 -9.72 -29.41 -19.41
N LYS A 171 -8.91 -29.31 -20.45
CA LYS A 171 -9.41 -29.41 -21.82
C LYS A 171 -8.87 -30.66 -22.51
N THR A 172 -9.52 -31.04 -23.61
CA THR A 172 -9.11 -32.21 -24.36
C THR A 172 -8.22 -31.83 -25.52
N LYS A 173 -7.48 -32.80 -26.03
CA LYS A 173 -6.59 -32.58 -27.17
C LYS A 173 -7.16 -33.23 -28.42
N GLU A 1 -35.63 3.81 21.38
CA GLU A 1 -34.36 3.47 21.98
C GLU A 1 -33.30 3.29 20.89
N ASN A 2 -32.09 2.98 21.30
CA ASN A 2 -30.99 2.78 20.36
C ASN A 2 -30.96 1.33 19.90
N ASN A 3 -31.25 0.40 20.84
CA ASN A 3 -31.29 -1.03 20.54
C ASN A 3 -29.93 -1.59 20.13
N ALA A 4 -29.86 -2.92 19.99
CA ALA A 4 -28.62 -3.60 19.60
C ALA A 4 -27.52 -3.35 20.63
N GLN A 5 -26.28 -3.62 20.23
CA GLN A 5 -25.12 -3.42 21.09
C GLN A 5 -23.84 -3.42 20.26
N THR A 6 -23.67 -4.44 19.42
CA THR A 6 -22.51 -4.58 18.56
C THR A 6 -21.24 -4.88 19.38
N THR A 7 -20.14 -5.15 18.68
CA THR A 7 -18.86 -5.47 19.33
C THR A 7 -17.70 -4.95 18.48
N ASN A 8 -17.59 -5.47 17.26
CA ASN A 8 -16.52 -5.10 16.33
C ASN A 8 -15.16 -5.62 16.80
N GLU A 9 -14.10 -5.21 16.11
CA GLU A 9 -12.74 -5.65 16.42
C GLU A 9 -11.73 -4.76 15.70
N SER A 10 -10.46 -4.93 16.02
CA SER A 10 -9.40 -4.13 15.43
C SER A 10 -8.37 -5.00 14.72
N ALA A 11 -8.20 -4.75 13.42
CA ALA A 11 -7.25 -5.51 12.61
C ALA A 11 -5.84 -4.95 12.74
N GLY A 12 -4.86 -5.83 12.63
CA GLY A 12 -3.46 -5.43 12.73
C GLY A 12 -2.72 -6.25 13.76
N GLN A 13 -2.27 -7.43 13.35
CA GLN A 13 -1.56 -8.32 14.26
C GLN A 13 -0.17 -8.68 13.73
N LYS A 14 0.80 -8.77 14.65
CA LYS A 14 2.21 -9.12 14.37
C LYS A 14 3.09 -7.89 14.41
N VAL A 15 4.38 -8.11 14.54
CA VAL A 15 5.36 -7.04 14.58
C VAL A 15 6.40 -7.25 13.48
N ASP A 16 6.92 -6.18 12.92
CA ASP A 16 7.90 -6.28 11.85
C ASP A 16 9.27 -6.61 12.43
N SER A 17 10.01 -7.45 11.74
CA SER A 17 11.33 -7.84 12.18
C SER A 17 12.34 -7.68 11.05
N SER A 18 13.07 -6.55 11.08
CA SER A 18 14.07 -6.27 10.07
C SER A 18 15.22 -7.28 10.15
N MET A 19 15.84 -7.37 11.33
CA MET A 19 16.95 -8.29 11.58
C MET A 19 18.15 -7.97 10.68
N ASN A 20 19.17 -8.83 10.72
CA ASN A 20 20.37 -8.64 9.91
C ASN A 20 21.30 -9.86 10.03
N LYS A 21 22.39 -9.81 9.26
CA LYS A 21 23.39 -10.87 9.26
C LYS A 21 24.78 -10.24 9.09
N VAL A 22 25.71 -10.59 9.96
CA VAL A 22 27.07 -10.05 9.89
C VAL A 22 28.09 -11.17 9.78
N GLY A 23 29.22 -10.89 9.15
CA GLY A 23 30.26 -11.88 8.99
C GLY A 23 31.33 -11.43 8.01
N ASN A 24 32.40 -12.21 7.92
CA ASN A 24 33.51 -11.89 7.01
C ASN A 24 33.19 -12.34 5.60
N PHE A 25 32.51 -13.48 5.49
CA PHE A 25 32.13 -14.03 4.20
C PHE A 25 30.65 -13.82 3.94
N MET A 26 30.33 -13.33 2.76
CA MET A 26 28.93 -13.08 2.39
C MET A 26 28.70 -13.37 0.93
N ASP A 27 27.79 -14.30 0.66
CA ASP A 27 27.44 -14.67 -0.70
C ASP A 27 26.03 -14.19 -1.03
N ASP A 28 25.06 -14.81 -0.37
CA ASP A 28 23.65 -14.45 -0.56
C ASP A 28 23.36 -13.11 0.08
N SER A 29 23.87 -12.93 1.30
CA SER A 29 23.70 -11.71 2.05
C SER A 29 24.26 -10.51 1.28
N ALA A 30 25.25 -10.77 0.45
CA ALA A 30 25.87 -9.73 -0.36
C ALA A 30 24.87 -9.18 -1.38
N ILE A 31 23.91 -10.03 -1.76
CA ILE A 31 22.90 -9.63 -2.72
C ILE A 31 21.92 -8.65 -2.08
N THR A 32 21.56 -8.93 -0.83
CA THR A 32 20.64 -8.09 -0.08
C THR A 32 21.19 -6.66 0.09
N ALA A 33 22.50 -6.56 0.20
CA ALA A 33 23.19 -5.28 0.37
C ALA A 33 22.75 -4.26 -0.68
N LYS A 34 22.63 -4.68 -1.93
CA LYS A 34 22.24 -3.77 -3.00
C LYS A 34 20.71 -3.72 -3.17
N VAL A 35 20.03 -4.81 -2.82
CA VAL A 35 18.57 -4.87 -2.92
C VAL A 35 17.90 -3.80 -2.06
N LYS A 36 18.41 -3.62 -0.84
CA LYS A 36 17.84 -2.62 0.06
C LYS A 36 18.01 -1.20 -0.50
N ALA A 37 18.95 -1.04 -1.43
CA ALA A 37 19.18 0.25 -2.04
C ALA A 37 18.19 0.48 -3.17
N ALA A 38 17.83 -0.60 -3.85
CA ALA A 38 16.88 -0.53 -4.96
C ALA A 38 15.49 -0.16 -4.47
N LEU A 39 15.20 -0.48 -3.21
CA LEU A 39 13.91 -0.19 -2.62
C LEU A 39 13.85 1.24 -2.10
N VAL A 40 14.90 1.66 -1.40
CA VAL A 40 14.95 3.01 -0.83
C VAL A 40 15.08 4.08 -1.92
N ASP A 41 15.65 3.69 -3.06
CA ASP A 41 15.84 4.58 -4.20
C ASP A 41 14.49 5.08 -4.73
N HIS A 42 13.48 4.24 -4.61
CA HIS A 42 12.15 4.54 -5.10
C HIS A 42 11.26 5.16 -4.02
N ASP A 43 10.91 6.42 -4.20
CA ASP A 43 10.06 7.15 -3.27
C ASP A 43 8.68 6.50 -3.13
N ASN A 44 8.25 5.78 -4.18
CA ASN A 44 6.93 5.13 -4.17
C ASN A 44 6.95 3.87 -3.32
N ILE A 45 8.12 3.50 -2.84
CA ILE A 45 8.27 2.29 -2.02
C ILE A 45 8.83 2.64 -0.65
N LYS A 46 8.07 2.37 0.39
CA LYS A 46 8.51 2.65 1.74
C LYS A 46 9.39 1.50 2.24
N SER A 47 10.69 1.64 2.00
CA SER A 47 11.64 0.62 2.41
C SER A 47 11.81 0.55 3.93
N THR A 48 11.31 1.56 4.64
CA THR A 48 11.40 1.59 6.09
C THR A 48 10.63 0.43 6.70
N ASP A 49 9.57 0.03 6.02
CA ASP A 49 8.69 -1.03 6.46
C ASP A 49 8.94 -2.32 5.66
N ILE A 50 10.10 -2.40 5.02
CA ILE A 50 10.43 -3.56 4.21
C ILE A 50 11.64 -4.31 4.74
N SER A 51 11.52 -5.63 4.75
CA SER A 51 12.60 -6.50 5.20
C SER A 51 13.17 -7.29 4.04
N VAL A 52 14.45 -7.09 3.77
CA VAL A 52 15.13 -7.77 2.67
C VAL A 52 15.99 -8.91 3.19
N LYS A 53 15.86 -10.08 2.58
CA LYS A 53 16.62 -11.24 2.97
C LYS A 53 16.84 -12.18 1.78
N THR A 54 18.08 -12.53 1.53
CA THR A 54 18.42 -13.43 0.43
C THR A 54 18.78 -14.81 0.97
N ASP A 55 18.13 -15.81 0.41
CA ASP A 55 18.38 -17.19 0.81
C ASP A 55 18.43 -18.07 -0.42
N GLN A 56 19.63 -18.55 -0.71
CA GLN A 56 19.87 -19.43 -1.85
C GLN A 56 19.61 -18.72 -3.18
N LYS A 57 20.19 -17.52 -3.33
CA LYS A 57 20.05 -16.73 -4.55
C LYS A 57 18.60 -16.28 -4.78
N VAL A 58 17.81 -16.32 -3.71
CA VAL A 58 16.41 -15.92 -3.77
C VAL A 58 16.16 -14.74 -2.83
N VAL A 59 15.79 -13.60 -3.39
CA VAL A 59 15.53 -12.40 -2.60
C VAL A 59 14.06 -12.35 -2.16
N THR A 60 13.84 -12.39 -0.86
CA THR A 60 12.51 -12.35 -0.30
C THR A 60 12.15 -10.93 0.13
N LEU A 61 11.05 -10.43 -0.41
CA LEU A 61 10.58 -9.10 -0.08
C LEU A 61 9.39 -9.21 0.83
N SER A 62 9.58 -8.82 2.07
CA SER A 62 8.51 -8.88 3.03
C SER A 62 8.42 -7.59 3.82
N GLY A 63 7.34 -7.44 4.56
CA GLY A 63 7.15 -6.25 5.36
C GLY A 63 5.74 -5.72 5.25
N PHE A 64 5.61 -4.40 5.32
CA PHE A 64 4.31 -3.73 5.23
C PHE A 64 4.30 -2.68 4.13
N VAL A 65 3.34 -2.79 3.23
CA VAL A 65 3.22 -1.83 2.14
C VAL A 65 1.85 -1.17 2.22
N GLU A 66 1.70 -0.04 1.54
CA GLU A 66 0.45 0.69 1.58
C GLU A 66 -0.64 0.00 0.74
N SER A 67 -0.22 -0.62 -0.34
CA SER A 67 -1.15 -1.32 -1.22
C SER A 67 -0.38 -2.27 -2.13
N GLN A 68 -1.11 -3.11 -2.87
CA GLN A 68 -0.51 -4.07 -3.77
C GLN A 68 0.41 -3.40 -4.79
N ALA A 69 0.01 -2.22 -5.25
CA ALA A 69 0.80 -1.46 -6.22
C ALA A 69 2.19 -1.14 -5.66
N GLN A 70 2.29 -1.04 -4.34
CA GLN A 70 3.55 -0.75 -3.68
C GLN A 70 4.37 -2.01 -3.50
N ALA A 71 3.66 -3.12 -3.33
CA ALA A 71 4.31 -4.41 -3.14
C ALA A 71 4.93 -4.91 -4.43
N GLU A 72 4.16 -4.84 -5.51
CA GLU A 72 4.62 -5.31 -6.81
C GLU A 72 5.90 -4.59 -7.26
N GLU A 73 6.01 -3.31 -6.94
CA GLU A 73 7.19 -2.53 -7.32
C GLU A 73 8.40 -3.00 -6.52
N ALA A 74 8.16 -3.36 -5.27
CA ALA A 74 9.21 -3.83 -4.38
C ALA A 74 9.83 -5.13 -4.91
N VAL A 75 9.00 -5.93 -5.57
CA VAL A 75 9.46 -7.19 -6.14
C VAL A 75 10.25 -6.93 -7.41
N LYS A 76 9.74 -6.02 -8.21
CA LYS A 76 10.35 -5.65 -9.48
C LYS A 76 11.74 -5.06 -9.28
N VAL A 77 11.86 -4.05 -8.42
CA VAL A 77 13.16 -3.43 -8.17
C VAL A 77 14.16 -4.43 -7.60
N ALA A 78 13.65 -5.40 -6.86
CA ALA A 78 14.50 -6.43 -6.26
C ALA A 78 14.99 -7.39 -7.33
N LYS A 79 14.10 -7.79 -8.23
CA LYS A 79 14.45 -8.71 -9.29
C LYS A 79 15.49 -8.10 -10.23
N GLY A 80 15.50 -6.78 -10.30
CA GLY A 80 16.42 -6.06 -11.15
C GLY A 80 17.84 -6.04 -10.59
N VAL A 81 17.98 -6.50 -9.36
CA VAL A 81 19.28 -6.52 -8.72
C VAL A 81 20.14 -7.64 -9.27
N GLU A 82 21.28 -7.26 -9.83
CA GLU A 82 22.22 -8.21 -10.41
C GLU A 82 22.70 -9.22 -9.37
N GLY A 83 22.56 -10.50 -9.70
CA GLY A 83 23.00 -11.54 -8.79
C GLY A 83 21.87 -12.43 -8.31
N VAL A 84 20.67 -11.87 -8.18
CA VAL A 84 19.53 -12.64 -7.72
C VAL A 84 19.05 -13.58 -8.82
N THR A 85 18.72 -14.80 -8.43
CA THR A 85 18.25 -15.80 -9.37
C THR A 85 16.72 -15.78 -9.43
N SER A 86 16.10 -15.63 -8.27
CA SER A 86 14.65 -15.59 -8.19
C SER A 86 14.19 -14.63 -7.09
N VAL A 87 13.04 -14.02 -7.28
CA VAL A 87 12.51 -13.07 -6.33
C VAL A 87 11.21 -13.62 -5.71
N SER A 88 11.03 -13.37 -4.42
CA SER A 88 9.85 -13.85 -3.73
C SER A 88 9.05 -12.71 -3.14
N ASP A 89 7.83 -12.55 -3.63
CA ASP A 89 6.96 -11.50 -3.13
C ASP A 89 6.24 -12.00 -1.88
N LYS A 90 6.54 -11.37 -0.74
CA LYS A 90 5.91 -11.74 0.50
C LYS A 90 5.46 -10.49 1.24
N LEU A 91 5.46 -9.36 0.53
CA LEU A 91 5.01 -8.09 1.07
C LEU A 91 3.60 -8.21 1.65
N HIS A 92 3.30 -7.39 2.64
CA HIS A 92 1.99 -7.43 3.28
C HIS A 92 1.37 -6.05 3.32
N VAL A 93 0.14 -5.95 2.82
CA VAL A 93 -0.57 -4.68 2.83
C VAL A 93 -1.07 -4.39 4.24
N ARG A 94 -1.03 -3.11 4.63
CA ARG A 94 -1.48 -2.72 5.97
C ARG A 94 -2.99 -2.90 6.13
N ASP A 95 -3.73 -2.15 5.34
CA ASP A 95 -5.19 -2.20 5.36
C ASP A 95 -5.70 -3.28 4.41
N ALA A 96 -6.93 -3.70 4.61
CA ALA A 96 -7.55 -4.73 3.79
C ALA A 96 -8.23 -4.12 2.56
N LYS A 97 -8.10 -4.78 1.41
CA LYS A 97 -8.71 -4.31 0.18
C LYS A 97 -10.20 -4.63 0.16
N GLU A 98 -10.98 -3.68 -0.34
CA GLU A 98 -12.44 -3.79 -0.43
C GLU A 98 -13.09 -3.63 0.94
N GLY A 99 -14.03 -2.72 1.00
CA GLY A 99 -14.73 -2.45 2.24
C GLY A 99 -15.29 -1.05 2.26
N SER A 100 -15.79 -0.59 1.12
CA SER A 100 -16.36 0.74 1.01
C SER A 100 -17.53 0.75 0.03
N VAL A 101 -18.63 1.36 0.44
CA VAL A 101 -19.80 1.43 -0.40
C VAL A 101 -20.63 2.68 -0.07
N LYS A 102 -21.20 3.29 -1.10
CA LYS A 102 -22.03 4.48 -0.94
C LYS A 102 -22.99 4.59 -2.13
N GLY A 103 -24.15 5.17 -1.87
CA GLY A 103 -25.15 5.32 -2.92
C GLY A 103 -26.49 5.72 -2.35
N TYR A 104 -26.93 6.93 -2.68
CA TYR A 104 -28.21 7.45 -2.20
C TYR A 104 -28.44 8.84 -2.78
N ALA A 105 -29.64 9.36 -2.58
CA ALA A 105 -30.00 10.68 -3.07
C ALA A 105 -31.20 11.23 -2.31
N GLY A 106 -32.33 10.54 -2.44
CA GLY A 106 -33.54 10.97 -1.77
C GLY A 106 -34.53 9.84 -1.64
N ASP A 107 -35.56 10.04 -0.82
CA ASP A 107 -36.60 9.03 -0.60
C ASP A 107 -35.99 7.68 -0.19
N THR A 108 -35.01 7.75 0.71
CA THR A 108 -34.32 6.55 1.20
C THR A 108 -35.31 5.51 1.74
N ALA A 109 -36.51 5.97 2.09
CA ALA A 109 -37.55 5.08 2.62
C ALA A 109 -37.88 3.96 1.63
N THR A 110 -37.81 4.27 0.34
CA THR A 110 -38.07 3.28 -0.69
C THR A 110 -36.93 2.28 -0.76
N THR A 111 -35.71 2.78 -0.63
CA THR A 111 -34.53 1.96 -0.68
C THR A 111 -34.46 1.02 0.53
N SER A 112 -34.79 1.55 1.71
CA SER A 112 -34.76 0.77 2.94
C SER A 112 -35.71 -0.44 2.90
N GLU A 113 -36.89 -0.26 2.32
CA GLU A 113 -37.85 -1.35 2.25
C GLU A 113 -37.51 -2.29 1.11
N ILE A 114 -37.11 -1.72 -0.03
CA ILE A 114 -36.77 -2.51 -1.21
C ILE A 114 -35.73 -3.57 -0.84
N LYS A 115 -34.85 -3.21 0.09
CA LYS A 115 -33.80 -4.13 0.56
C LYS A 115 -34.42 -5.29 1.31
N ALA A 116 -35.38 -5.00 2.17
CA ALA A 116 -36.06 -6.01 2.95
C ALA A 116 -36.78 -7.00 2.04
N LYS A 117 -37.22 -6.52 0.88
CA LYS A 117 -37.92 -7.37 -0.08
C LYS A 117 -36.93 -8.24 -0.85
N LEU A 118 -35.81 -7.65 -1.24
CA LEU A 118 -34.79 -8.38 -1.98
C LEU A 118 -34.03 -9.32 -1.07
N LEU A 119 -34.03 -9.00 0.21
CA LEU A 119 -33.36 -9.80 1.21
C LEU A 119 -34.17 -11.04 1.51
N ALA A 120 -35.48 -10.87 1.57
CA ALA A 120 -36.39 -11.97 1.86
C ALA A 120 -36.61 -12.86 0.65
N ASP A 121 -36.19 -12.43 -0.53
CA ASP A 121 -36.34 -13.25 -1.71
C ASP A 121 -35.33 -14.38 -1.65
N ASP A 122 -35.74 -15.56 -2.09
CA ASP A 122 -34.89 -16.73 -2.05
C ASP A 122 -33.97 -16.81 -3.27
N ILE A 123 -34.24 -16.01 -4.30
CA ILE A 123 -33.42 -16.05 -5.50
C ILE A 123 -32.64 -14.78 -5.74
N VAL A 124 -33.25 -13.61 -5.49
CA VAL A 124 -32.56 -12.33 -5.66
C VAL A 124 -31.36 -12.21 -4.75
N PRO A 125 -30.14 -12.26 -5.31
CA PRO A 125 -28.91 -12.16 -4.52
C PRO A 125 -28.63 -10.73 -4.08
N SER A 126 -29.46 -10.23 -3.17
CA SER A 126 -29.34 -8.87 -2.66
C SER A 126 -28.06 -8.70 -1.84
N ARG A 127 -27.38 -9.79 -1.55
CA ARG A 127 -26.14 -9.72 -0.78
C ARG A 127 -25.00 -9.21 -1.65
N HIS A 128 -25.17 -9.35 -2.97
CA HIS A 128 -24.14 -8.89 -3.91
C HIS A 128 -24.67 -7.73 -4.75
N VAL A 129 -25.99 -7.57 -4.77
CA VAL A 129 -26.63 -6.50 -5.52
C VAL A 129 -27.11 -5.40 -4.60
N LYS A 130 -26.76 -4.18 -4.93
CA LYS A 130 -27.16 -3.03 -4.11
C LYS A 130 -28.19 -2.19 -4.85
N VAL A 131 -29.11 -1.62 -4.09
CA VAL A 131 -30.16 -0.80 -4.66
C VAL A 131 -30.22 0.56 -3.99
N GLU A 132 -30.49 1.58 -4.78
CA GLU A 132 -30.61 2.95 -4.29
C GLU A 132 -31.68 3.68 -5.10
N THR A 133 -32.44 4.56 -4.47
CA THR A 133 -33.49 5.29 -5.15
C THR A 133 -33.16 6.78 -5.21
N THR A 134 -33.48 7.38 -6.34
CA THR A 134 -33.23 8.79 -6.56
C THR A 134 -34.46 9.44 -7.17
N ASP A 135 -35.12 10.32 -6.39
CA ASP A 135 -36.32 11.02 -6.86
C ASP A 135 -37.44 10.01 -7.16
N GLY A 136 -37.38 8.86 -6.51
CA GLY A 136 -38.41 7.85 -6.70
C GLY A 136 -37.97 6.81 -7.71
N VAL A 137 -36.80 7.02 -8.28
CA VAL A 137 -36.25 6.10 -9.27
C VAL A 137 -35.38 5.06 -8.58
N VAL A 138 -35.83 3.82 -8.55
CA VAL A 138 -35.09 2.75 -7.92
C VAL A 138 -34.07 2.17 -8.87
N GLN A 139 -32.82 2.18 -8.48
CA GLN A 139 -31.73 1.67 -9.30
C GLN A 139 -31.08 0.46 -8.64
N LEU A 140 -30.98 -0.64 -9.38
CA LEU A 140 -30.37 -1.85 -8.86
C LEU A 140 -29.06 -2.10 -9.58
N SER A 141 -27.96 -2.12 -8.84
CA SER A 141 -26.66 -2.36 -9.44
C SER A 141 -25.95 -3.49 -8.72
N GLY A 142 -25.27 -4.33 -9.47
CA GLY A 142 -24.56 -5.43 -8.87
C GLY A 142 -24.41 -6.59 -9.84
N THR A 143 -24.59 -7.80 -9.35
CA THR A 143 -24.45 -8.97 -10.20
C THR A 143 -25.34 -10.12 -9.71
N VAL A 144 -26.00 -10.78 -10.65
CA VAL A 144 -26.86 -11.92 -10.36
C VAL A 144 -26.36 -13.11 -11.15
N ASP A 145 -26.81 -14.31 -10.82
CA ASP A 145 -26.34 -15.49 -11.54
C ASP A 145 -27.23 -15.85 -12.73
N SER A 146 -28.49 -15.41 -12.71
CA SER A 146 -29.40 -15.71 -13.81
C SER A 146 -30.43 -14.60 -13.97
N GLN A 147 -31.05 -14.54 -15.15
CA GLN A 147 -32.06 -13.53 -15.46
C GLN A 147 -33.26 -13.66 -14.53
N ALA A 148 -33.52 -14.88 -14.09
CA ALA A 148 -34.64 -15.15 -13.18
C ALA A 148 -34.52 -14.32 -11.91
N GLN A 149 -33.30 -14.18 -11.43
CA GLN A 149 -33.04 -13.41 -10.21
C GLN A 149 -33.07 -11.91 -10.52
N SER A 150 -32.59 -11.57 -11.70
CA SER A 150 -32.56 -10.17 -12.14
C SER A 150 -33.98 -9.61 -12.25
N ASP A 151 -34.84 -10.33 -12.99
CA ASP A 151 -36.23 -9.94 -13.20
C ASP A 151 -36.96 -9.74 -11.86
N ARG A 152 -36.87 -10.75 -10.99
CA ARG A 152 -37.51 -10.71 -9.68
C ARG A 152 -37.15 -9.44 -8.93
N ALA A 153 -35.86 -9.16 -8.82
CA ALA A 153 -35.37 -7.97 -8.13
C ALA A 153 -36.08 -6.71 -8.64
N GLU A 154 -36.12 -6.55 -9.96
CA GLU A 154 -36.76 -5.41 -10.58
C GLU A 154 -38.27 -5.45 -10.36
N SER A 155 -38.86 -6.62 -10.55
CA SER A 155 -40.29 -6.81 -10.37
C SER A 155 -40.74 -6.30 -9.00
N ILE A 156 -39.93 -6.53 -7.98
CA ILE A 156 -40.27 -6.08 -6.63
C ILE A 156 -39.98 -4.59 -6.47
N ALA A 157 -38.93 -4.11 -7.13
CA ALA A 157 -38.54 -2.70 -7.06
C ALA A 157 -39.67 -1.80 -7.54
N LYS A 158 -40.26 -2.18 -8.66
CA LYS A 158 -41.35 -1.42 -9.26
C LYS A 158 -42.68 -1.71 -8.57
N ALA A 159 -42.65 -2.63 -7.61
CA ALA A 159 -43.85 -3.01 -6.88
C ALA A 159 -43.95 -2.28 -5.54
N VAL A 160 -42.86 -1.61 -5.16
CA VAL A 160 -42.84 -0.85 -3.91
C VAL A 160 -43.53 0.51 -4.10
N ASP A 161 -44.54 0.76 -3.29
CA ASP A 161 -45.30 2.00 -3.36
C ASP A 161 -44.40 3.21 -3.21
N GLY A 162 -44.44 4.11 -4.19
CA GLY A 162 -43.62 5.30 -4.14
C GLY A 162 -42.64 5.36 -5.29
N VAL A 163 -42.32 4.23 -5.88
CA VAL A 163 -41.39 4.18 -6.99
C VAL A 163 -42.04 4.71 -8.27
N LYS A 164 -41.29 5.51 -9.03
CA LYS A 164 -41.79 6.05 -10.28
C LYS A 164 -41.19 5.33 -11.46
N SER A 165 -39.96 4.88 -11.30
CA SER A 165 -39.24 4.18 -12.36
C SER A 165 -38.17 3.28 -11.74
N VAL A 166 -37.94 2.13 -12.37
CA VAL A 166 -36.92 1.19 -11.89
C VAL A 166 -35.87 0.99 -12.99
N LYS A 167 -34.61 0.76 -12.60
CA LYS A 167 -33.54 0.56 -13.57
C LYS A 167 -32.69 -0.64 -13.21
N ASN A 168 -32.79 -1.68 -14.01
CA ASN A 168 -32.02 -2.89 -13.80
C ASN A 168 -30.63 -2.73 -14.37
N ASP A 169 -29.69 -2.40 -13.50
CA ASP A 169 -28.30 -2.19 -13.90
C ASP A 169 -27.45 -3.38 -13.49
N LEU A 170 -28.01 -4.24 -12.64
CA LEU A 170 -27.31 -5.42 -12.18
C LEU A 170 -26.97 -6.33 -13.35
N LYS A 171 -25.73 -6.79 -13.40
CA LYS A 171 -25.28 -7.66 -14.48
C LYS A 171 -25.52 -9.12 -14.15
N THR A 172 -25.54 -9.95 -15.18
CA THR A 172 -25.77 -11.37 -15.02
C THR A 172 -24.47 -12.15 -15.18
N LYS A 173 -24.40 -13.33 -14.58
CA LYS A 173 -23.20 -14.16 -14.66
C LYS A 173 -23.02 -14.71 -16.07
#